data_8XSD
#
_entry.id   8XSD
#
_cell.length_a   1.00
_cell.length_b   1.00
_cell.length_c   1.00
_cell.angle_alpha   90.00
_cell.angle_beta   90.00
_cell.angle_gamma   90.00
#
_symmetry.space_group_name_H-M   'P 1'
#
loop_
_entity.id
_entity.type
_entity.pdbx_description
1 polymer 'Spike glycoprotein'
2 polymer 'CR9 heavy chain'
3 polymer 'CR9 light chain'
#
loop_
_entity_poly.entity_id
_entity_poly.type
_entity_poly.pdbx_seq_one_letter_code
_entity_poly.pdbx_strand_id
1 'polypeptide(L)'
;MFVFLVLLPLVSSQCVNLITRTQSYTNSFTRGVYYPDKVFRSSVLHSTQDLFLPFFSNVTWFHAISGTNGTKRFDNPVLP
FNDGVYFASTEKSNIIRGWIFGTTLDSKTQSLLIVNNATNVVIKVCEFQFCNDPFLDVYYHKNNKSWMESEFRVYSSANN
CTFEYVSQPFLMDLEGKQGNFKNLREFVFKNIDGYFKIYSKHTPINLGRDLPQGFSALEPLVDLPIGINITRFQTLLALH
RSYLTPGDSSSGWTAGAAAYYVGYLQPRTFLLKYNENGTITDAVDCALDPLSETKCTLKSFTVEKGIYQTSNFRVQPTES
IVRFPNITNLCPFDEVFNATRFASVYAWNRKRISNCVADYSVLYNFAPFFAFKCYGVSPTKLNDLCFTNVYADSFVIRGN
EVSQIAPGQTGNIADYNYKLPDDFTGCVIAWNSNKLDSKVGGNYNYRYRLFRKSNLKPFERDISTEIYQAGNKPCNGVAG
VNCYFPLQSYGFRPTYGVGHQPYRVVVLSFELLHAPATVCGPKKSTNLVKNKCVNFNFNGLTGTGVLTESNKKFLPFQQF
GRDIADTTDAVRDPQTLEILDITPCSFGGVSVITPGTNTSNQVAVLYQGVNCTEVPVAIHADQLTPTWRVYSTGSNVFQT
RAGCLIGAEYVNSSYECDIPIGAGICASYQTQTKSHRAAASVASQSIIAYTMSLGAENSVAYSNNSIAIPTNFTISVTTE
ILPVSMTKTSVDCTMYICGDSTECSNLLLQYGSFCTQLKRALTGIAVEQDKNTQEVFAQVKQIYKTPPIKYFGGFNFSQI
LPDPSKPSKRSPIEDLLFNKVTLADAGFIKQYGDCLGDIAARDLICAQKFNGLTVLPPLLTDEMIAQYTSALLAGTITSG
WTFGAGPALQIPFPMQMAYRFNGIGVTQNVLYENQKLIANQFNSAIGKIQDSLSSTPSALGKLQDVVNHNAQALNTLVKQ
LSSKFGAISSVLNDILSRLDPPEAEVQIDRLITGRLQSLQTYVTQQLIRAAEIRASANLAATKMSECVLGQSKRVDFCGK
GYHLMSFPQSAPHGVVFLHVTYVPAQEKNFTTAPAICHDGKAHFPREGVFVSNGTHWFVTQRNFYEPQIITTDNTFVSGN
CDVVIGIVNNTVYDPLQPELDSFKEELDKYFKNHTSPDVDLGDISGINASVVNIQKEIDRLNEVAKNLNESLIDLQELGK
YEQYIKWPGGSGGSYIPEAPRDGQAYVRKDGEWVLLSTFLGRSLEVLFQGPGWSHPQFEKGGGSGGGSGGSSAWSHPQFE
KHHHHHHHH
;
A,B,C
2 'polypeptide(L)'
;VQLVQSGGGLVQPGGSLRLSCAASGITVSANYMNWVRQAPGKGLEWVSLIYAGGSTFYADSVKGRFTISRHNSNNTLYLQ
MNSLRPEDTAMYYCARDLLEAGGMDVWGQGTAVTV
;
H,G,I
3 'polypeptide(L)'
;ELVLTQSPGTLSLSPGERATLSCRASLSVSSNFLAWYQQKPGQAPRLLVYGASSRATDIPDRISGSGSGTDFTLNISRLE
PEDFAVYYCQYSDGSSWTFGQGTRLEI
;
L,J,K
#
# COMPACT_ATOMS: atom_id res chain seq x y z
N THR A 26 34.80 -31.36 27.66
CA THR A 26 35.89 -30.57 27.09
C THR A 26 35.36 -29.26 26.51
N ASN A 27 35.67 -28.15 27.16
CA ASN A 27 35.17 -26.84 26.76
C ASN A 27 35.96 -26.33 25.56
N SER A 28 35.26 -26.14 24.44
CA SER A 28 35.92 -25.64 23.24
C SER A 28 36.26 -24.17 23.37
N PHE A 29 37.38 -23.79 22.77
CA PHE A 29 37.83 -22.40 22.75
C PHE A 29 37.24 -21.71 21.52
N THR A 30 37.79 -20.56 21.14
CA THR A 30 37.24 -19.71 20.09
C THR A 30 37.37 -20.29 18.68
N ARG A 31 37.86 -21.52 18.52
CA ARG A 31 37.96 -22.13 17.20
C ARG A 31 36.58 -22.43 16.63
N GLY A 32 36.49 -22.46 15.30
CA GLY A 32 35.26 -22.83 14.65
C GLY A 32 34.62 -21.74 13.81
N VAL A 33 35.44 -20.90 13.17
CA VAL A 33 34.96 -19.79 12.36
C VAL A 33 35.36 -20.05 10.91
N TYR A 34 34.53 -19.57 9.98
CA TYR A 34 34.78 -19.75 8.55
C TYR A 34 34.33 -18.50 7.82
N TYR A 35 34.85 -18.33 6.61
CA TYR A 35 34.43 -17.22 5.76
C TYR A 35 32.99 -17.42 5.32
N PRO A 36 32.08 -16.48 5.60
CA PRO A 36 30.67 -16.70 5.24
C PRO A 36 30.41 -16.65 3.75
N ASP A 37 31.19 -15.89 2.99
CA ASP A 37 31.00 -15.77 1.55
C ASP A 37 32.37 -15.52 0.92
N LYS A 38 32.36 -15.03 -0.32
CA LYS A 38 33.59 -14.76 -1.06
C LYS A 38 33.60 -13.29 -1.47
N VAL A 39 34.05 -12.43 -0.55
CA VAL A 39 34.22 -11.00 -0.82
C VAL A 39 35.48 -10.53 -0.12
N PHE A 40 36.11 -9.50 -0.68
CA PHE A 40 37.31 -8.91 -0.12
C PHE A 40 36.94 -7.67 0.69
N ARG A 41 37.54 -7.56 1.88
CA ARG A 41 37.28 -6.43 2.77
C ARG A 41 38.57 -6.13 3.52
N SER A 42 38.96 -4.87 3.55
CA SER A 42 40.23 -4.44 4.14
C SER A 42 39.97 -3.50 5.30
N SER A 43 40.42 -3.90 6.50
CA SER A 43 40.35 -3.13 7.74
C SER A 43 38.94 -2.63 8.02
N VAL A 44 38.02 -3.57 8.23
CA VAL A 44 36.63 -3.22 8.43
C VAL A 44 35.98 -4.27 9.32
N LEU A 45 34.91 -3.87 10.00
CA LEU A 45 34.13 -4.76 10.85
C LEU A 45 32.83 -5.10 10.12
N HIS A 46 32.49 -6.39 10.09
CA HIS A 46 31.28 -6.85 9.43
C HIS A 46 30.51 -7.79 10.34
N SER A 47 29.19 -7.60 10.40
CA SER A 47 28.33 -8.41 11.24
C SER A 47 27.55 -9.39 10.37
N THR A 48 27.60 -10.67 10.72
CA THR A 48 26.94 -11.72 9.97
C THR A 48 25.99 -12.51 10.86
N GLN A 49 24.99 -13.12 10.23
CA GLN A 49 23.95 -13.86 10.94
C GLN A 49 23.86 -15.27 10.37
N ASP A 50 25.00 -15.94 10.22
CA ASP A 50 25.06 -17.27 9.65
C ASP A 50 25.17 -18.31 10.76
N LEU A 51 25.26 -19.58 10.37
CA LEU A 51 25.44 -20.67 11.31
C LEU A 51 26.89 -20.73 11.76
N PHE A 52 27.10 -20.79 13.07
CA PHE A 52 28.45 -20.89 13.62
C PHE A 52 28.43 -21.76 14.87
N LEU A 53 29.60 -22.28 15.22
CA LEU A 53 29.75 -22.99 16.47
C LEU A 53 29.76 -21.98 17.61
N PRO A 54 28.89 -22.12 18.63
CA PRO A 54 28.87 -21.16 19.73
C PRO A 54 30.17 -21.16 20.52
N PHE A 55 30.56 -19.96 20.97
CA PHE A 55 31.81 -19.80 21.71
C PHE A 55 31.67 -20.37 23.12
N PHE A 56 32.75 -21.03 23.57
CA PHE A 56 32.86 -21.60 24.92
C PHE A 56 31.75 -22.61 25.21
N SER A 57 31.75 -23.68 24.43
CA SER A 57 30.80 -24.77 24.58
C SER A 57 31.55 -26.08 24.71
N ASN A 58 30.89 -27.06 25.34
CA ASN A 58 31.50 -28.36 25.56
C ASN A 58 31.27 -29.28 24.37
N VAL A 59 32.28 -30.07 24.05
CA VAL A 59 32.22 -31.00 22.93
C VAL A 59 32.70 -32.37 23.40
N THR A 60 32.10 -33.42 22.84
CA THR A 60 32.43 -34.79 23.23
C THR A 60 33.82 -35.15 22.71
N TRP A 61 34.61 -35.81 23.57
CA TRP A 61 35.99 -36.14 23.22
C TRP A 61 36.07 -37.29 22.22
N PHE A 62 35.15 -38.25 22.30
CA PHE A 62 35.06 -39.41 21.39
C PHE A 62 36.37 -40.19 21.35
N HIS A 63 36.70 -40.79 22.49
CA HIS A 63 37.85 -41.68 22.56
C HIS A 63 37.41 -43.09 22.17
N ALA A 64 37.74 -43.50 20.95
CA ALA A 64 37.53 -44.87 20.52
C ALA A 64 38.67 -45.73 21.07
N ILE A 65 38.34 -46.96 21.45
CA ILE A 65 39.34 -47.83 22.09
C ILE A 65 40.44 -48.23 21.10
N SER A 66 40.06 -48.47 19.83
CA SER A 66 40.99 -48.63 18.70
C SER A 66 41.99 -49.77 18.94
N GLY A 67 41.46 -50.96 19.17
CA GLY A 67 42.32 -52.08 19.49
C GLY A 67 42.41 -53.17 18.44
N THR A 68 41.28 -53.45 17.77
CA THR A 68 41.10 -54.55 16.81
C THR A 68 41.39 -55.93 17.44
N ASN A 69 41.24 -56.98 16.62
CA ASN A 69 41.56 -58.38 16.92
C ASN A 69 40.62 -59.01 17.94
N GLY A 70 40.32 -60.31 17.76
CA GLY A 70 39.42 -61.03 18.63
C GLY A 70 38.03 -60.42 18.67
N THR A 71 37.29 -60.54 17.56
CA THR A 71 36.01 -59.89 17.25
C THR A 71 36.25 -58.39 17.09
N LYS A 72 35.33 -57.65 16.45
CA LYS A 72 35.52 -56.23 16.19
C LYS A 72 35.65 -55.46 17.50
N ARG A 73 36.77 -54.74 17.63
CA ARG A 73 37.09 -54.04 18.88
C ARG A 73 36.94 -52.54 18.67
N PHE A 74 35.85 -52.15 18.01
CA PHE A 74 35.44 -50.77 17.89
C PHE A 74 34.05 -50.63 18.47
N ASP A 75 33.65 -49.38 18.71
CA ASP A 75 32.29 -49.08 19.16
C ASP A 75 31.90 -47.72 18.57
N ASN A 76 31.29 -47.76 17.38
CA ASN A 76 31.03 -46.56 16.59
C ASN A 76 29.53 -46.33 16.52
N PRO A 77 28.97 -45.43 17.32
CA PRO A 77 27.55 -45.10 17.18
C PRO A 77 27.34 -44.15 16.02
N VAL A 78 26.07 -43.93 15.69
CA VAL A 78 25.68 -43.02 14.63
C VAL A 78 25.29 -41.68 15.24
N LEU A 79 25.69 -40.58 14.58
CA LEU A 79 25.54 -39.24 15.15
C LEU A 79 24.45 -38.46 14.43
N PRO A 80 23.71 -37.59 15.13
CA PRO A 80 22.44 -37.07 14.60
C PRO A 80 22.57 -35.88 13.64
N PHE A 81 23.76 -35.34 13.40
CA PHE A 81 24.01 -34.29 12.39
C PHE A 81 23.09 -33.08 12.58
N ASN A 82 23.32 -32.37 13.67
CA ASN A 82 22.47 -31.23 14.02
C ASN A 82 23.05 -29.96 13.40
N ASP A 83 22.51 -29.58 12.23
CA ASP A 83 22.80 -28.32 11.53
C ASP A 83 24.29 -28.16 11.22
N GLY A 84 24.83 -29.15 10.51
CA GLY A 84 26.24 -29.13 10.15
C GLY A 84 27.13 -29.59 11.28
N VAL A 85 28.34 -30.05 10.96
CA VAL A 85 29.23 -30.63 11.96
C VAL A 85 30.60 -30.00 11.85
N TYR A 86 31.14 -29.54 12.98
CA TYR A 86 32.55 -29.19 13.09
C TYR A 86 33.32 -30.42 13.58
N PHE A 87 34.44 -30.71 12.92
CA PHE A 87 35.20 -31.92 13.15
C PHE A 87 36.66 -31.53 13.31
N ALA A 88 37.31 -32.04 14.35
CA ALA A 88 38.71 -31.76 14.61
C ALA A 88 39.44 -33.06 14.87
N SER A 89 40.71 -33.11 14.45
CA SER A 89 41.50 -34.31 14.65
C SER A 89 42.98 -33.94 14.73
N THR A 90 43.73 -34.80 15.41
CA THR A 90 45.17 -34.70 15.51
C THR A 90 45.73 -36.10 15.30
N GLU A 91 45.95 -36.47 14.04
CA GLU A 91 46.44 -37.79 13.69
C GLU A 91 47.97 -37.76 13.60
N LYS A 92 48.56 -38.84 13.14
CA LYS A 92 50.01 -38.86 12.90
C LYS A 92 50.29 -38.48 11.45
N SER A 93 49.86 -39.32 10.50
CA SER A 93 49.83 -38.92 9.10
C SER A 93 48.45 -39.08 8.48
N ASN A 94 47.89 -40.28 8.48
CA ASN A 94 46.67 -40.59 7.72
C ASN A 94 45.78 -41.56 8.48
N ILE A 95 45.57 -41.31 9.77
CA ILE A 95 44.87 -42.27 10.62
C ILE A 95 43.39 -42.35 10.28
N ILE A 96 42.72 -41.19 10.17
CA ILE A 96 41.30 -41.13 9.87
C ILE A 96 41.11 -41.10 8.35
N ARG A 97 40.09 -41.81 7.85
CA ARG A 97 40.00 -42.03 6.41
C ARG A 97 38.87 -41.28 5.73
N GLY A 98 37.68 -41.22 6.32
CA GLY A 98 36.59 -40.58 5.63
C GLY A 98 35.35 -40.42 6.48
N TRP A 99 34.25 -40.12 5.81
CA TRP A 99 32.97 -39.87 6.45
C TRP A 99 31.85 -40.42 5.58
N ILE A 100 30.74 -40.79 6.24
CA ILE A 100 29.51 -41.18 5.55
C ILE A 100 28.33 -40.49 6.22
N PHE A 101 27.43 -39.97 5.40
CA PHE A 101 26.27 -39.18 5.82
C PHE A 101 25.00 -39.87 5.35
N GLY A 102 23.88 -39.17 5.46
CA GLY A 102 22.62 -39.66 4.94
C GLY A 102 21.57 -39.82 6.01
N THR A 103 20.53 -40.58 5.66
CA THR A 103 19.41 -40.83 6.55
C THR A 103 19.28 -42.30 6.93
N THR A 104 19.21 -43.20 5.95
CA THR A 104 18.99 -44.62 6.23
C THR A 104 20.27 -45.41 6.33
N LEU A 105 21.39 -44.87 5.82
CA LEU A 105 22.73 -45.44 5.91
C LEU A 105 22.88 -46.76 5.18
N ASP A 106 21.93 -47.12 4.32
CA ASP A 106 21.96 -48.37 3.58
C ASP A 106 21.46 -48.06 2.17
N SER A 107 21.12 -49.10 1.42
CA SER A 107 20.67 -48.94 0.03
C SER A 107 19.25 -48.39 -0.09
N LYS A 108 18.60 -48.00 1.01
CA LYS A 108 17.25 -47.46 0.92
C LYS A 108 17.24 -46.08 0.24
N THR A 109 18.21 -45.23 0.59
CA THR A 109 18.31 -43.90 0.02
C THR A 109 19.75 -43.66 -0.43
N GLN A 110 19.98 -42.51 -1.07
CA GLN A 110 21.32 -42.12 -1.45
C GLN A 110 22.15 -41.77 -0.23
N SER A 111 23.38 -42.26 -0.20
CA SER A 111 24.31 -42.02 0.91
C SER A 111 25.59 -41.40 0.38
N LEU A 112 26.07 -40.35 1.05
CA LEU A 112 27.26 -39.61 0.64
C LEU A 112 28.45 -40.22 1.35
N LEU A 113 29.42 -40.71 0.58
CA LEU A 113 30.63 -41.31 1.10
C LEU A 113 31.85 -40.50 0.67
N ILE A 114 32.78 -40.29 1.59
CA ILE A 114 34.02 -39.59 1.31
C ILE A 114 35.16 -40.42 1.90
N VAL A 115 36.11 -40.82 1.05
CA VAL A 115 37.28 -41.57 1.50
C VAL A 115 38.53 -40.92 0.90
N ASN A 116 39.48 -40.59 1.77
CA ASN A 116 40.72 -39.92 1.36
C ASN A 116 41.79 -40.96 1.12
N ASN A 117 42.11 -41.22 -0.14
CA ASN A 117 43.21 -42.10 -0.49
C ASN A 117 44.54 -41.41 -0.16
N ALA A 118 45.62 -42.19 -0.22
CA ALA A 118 46.95 -41.64 0.04
C ALA A 118 47.37 -40.62 -1.00
N THR A 119 46.81 -40.70 -2.21
CA THR A 119 47.11 -39.72 -3.25
C THR A 119 45.86 -39.27 -4.01
N ASN A 120 44.67 -39.50 -3.45
CA ASN A 120 43.43 -39.15 -4.14
C ASN A 120 42.33 -38.98 -3.10
N VAL A 121 41.18 -38.49 -3.55
CA VAL A 121 39.96 -38.44 -2.76
C VAL A 121 38.83 -38.99 -3.62
N VAL A 122 38.08 -39.94 -3.08
CA VAL A 122 36.88 -40.42 -3.74
C VAL A 122 35.67 -39.92 -2.97
N ILE A 123 34.81 -39.17 -3.67
CA ILE A 123 33.56 -38.66 -3.13
C ILE A 123 32.43 -39.24 -3.96
N LYS A 124 31.50 -39.92 -3.31
CA LYS A 124 30.47 -40.69 -3.99
C LYS A 124 29.11 -40.35 -3.38
N VAL A 125 28.08 -40.43 -4.22
CA VAL A 125 26.72 -40.12 -3.81
C VAL A 125 25.79 -41.31 -3.92
N CYS A 126 26.13 -42.31 -4.73
CA CYS A 126 25.27 -43.45 -5.07
C CYS A 126 24.83 -44.25 -3.84
N GLU A 127 23.77 -45.03 -4.01
CA GLU A 127 23.27 -45.86 -2.93
C GLU A 127 24.25 -47.00 -2.65
N PHE A 128 24.63 -47.16 -1.38
CA PHE A 128 25.48 -48.28 -0.97
C PHE A 128 24.85 -48.99 0.21
N GLN A 129 24.88 -50.33 0.18
CA GLN A 129 24.37 -51.13 1.28
C GLN A 129 25.19 -50.94 2.54
N PHE A 130 26.44 -51.39 2.53
CA PHE A 130 27.25 -51.40 3.75
C PHE A 130 28.71 -51.49 3.32
N CYS A 131 29.41 -50.36 3.33
CA CYS A 131 30.76 -50.28 2.75
C CYS A 131 31.88 -50.47 3.77
N ASN A 132 31.85 -51.60 4.48
CA ASN A 132 33.03 -52.21 5.09
C ASN A 132 33.74 -51.28 6.08
N ASP A 133 33.04 -51.01 7.17
CA ASP A 133 33.69 -50.42 8.35
C ASP A 133 34.83 -51.36 8.78
N PRO A 134 36.01 -50.83 9.14
CA PRO A 134 37.19 -51.68 9.28
C PRO A 134 37.07 -52.72 10.37
N PHE A 135 37.61 -53.91 10.08
CA PHE A 135 37.56 -55.05 10.99
C PHE A 135 38.81 -55.91 10.73
N LEU A 136 38.74 -57.18 11.11
CA LEU A 136 39.89 -58.06 11.27
C LEU A 136 40.37 -58.62 9.94
N ASP A 137 40.11 -57.90 8.83
CA ASP A 137 40.62 -58.29 7.51
C ASP A 137 42.13 -58.52 7.52
N VAL A 138 42.87 -57.67 8.23
CA VAL A 138 44.27 -57.93 8.52
C VAL A 138 44.31 -58.67 9.86
N TYR A 139 45.31 -59.56 10.01
CA TYR A 139 45.43 -60.44 11.17
C TYR A 139 45.55 -59.63 12.46
N TYR A 140 46.59 -58.83 12.58
CA TYR A 140 46.71 -57.81 13.61
C TYR A 140 46.92 -56.49 12.89
N HIS A 141 46.46 -55.39 13.50
CA HIS A 141 46.11 -54.20 12.72
C HIS A 141 47.32 -53.57 12.01
N LYS A 142 48.53 -53.74 12.54
CA LYS A 142 49.73 -53.30 11.84
C LYS A 142 50.89 -54.27 12.01
N ASN A 143 50.62 -55.56 12.17
CA ASN A 143 51.67 -56.56 12.36
C ASN A 143 51.96 -57.38 11.11
N ASN A 144 50.96 -58.08 10.57
CA ASN A 144 51.15 -59.03 9.49
C ASN A 144 50.87 -58.44 8.12
N LYS A 145 51.00 -57.12 7.97
CA LYS A 145 50.80 -56.47 6.68
C LYS A 145 52.04 -56.67 5.81
N SER A 146 52.07 -57.76 5.04
CA SER A 146 53.27 -58.11 4.28
C SER A 146 53.50 -57.18 3.10
N TRP A 147 52.42 -56.66 2.53
CA TRP A 147 52.44 -55.82 1.34
C TRP A 147 51.51 -54.64 1.63
N MET A 148 51.07 -53.95 0.59
CA MET A 148 49.95 -53.02 0.76
C MET A 148 48.65 -53.81 0.90
N GLU A 149 48.52 -54.51 2.03
CA GLU A 149 47.44 -55.45 2.27
C GLU A 149 46.30 -54.73 2.98
N SER A 150 45.21 -55.47 3.22
CA SER A 150 44.03 -54.98 3.94
C SER A 150 43.47 -53.71 3.30
N GLU A 151 43.26 -53.76 1.99
CA GLU A 151 42.68 -52.65 1.25
C GLU A 151 41.23 -52.41 1.67
N PHE A 152 40.65 -51.35 1.13
CA PHE A 152 39.32 -50.92 1.56
C PHE A 152 38.26 -51.96 1.23
N ARG A 153 38.24 -52.41 -0.02
CA ARG A 153 37.38 -53.52 -0.48
C ARG A 153 35.92 -53.27 -0.16
N VAL A 154 35.37 -52.19 -0.73
CA VAL A 154 33.99 -51.81 -0.45
C VAL A 154 33.04 -52.86 -1.01
N TYR A 155 32.03 -53.21 -0.20
CA TYR A 155 31.12 -54.30 -0.53
C TYR A 155 29.71 -53.71 -0.60
N SER A 156 29.37 -53.16 -1.77
CA SER A 156 28.06 -52.57 -2.02
C SER A 156 27.89 -52.41 -3.52
N SER A 157 26.64 -52.25 -3.95
CA SER A 157 26.32 -52.08 -5.36
C SER A 157 24.92 -51.48 -5.49
N ALA A 158 24.75 -50.68 -6.55
CA ALA A 158 23.46 -50.13 -6.92
C ALA A 158 23.54 -49.65 -8.37
N ASN A 159 22.45 -49.85 -9.11
CA ASN A 159 22.40 -49.36 -10.48
C ASN A 159 22.12 -47.86 -10.53
N ASN A 160 21.28 -47.35 -9.63
CA ASN A 160 20.94 -45.94 -9.60
C ASN A 160 22.04 -45.17 -8.89
N CYS A 161 22.95 -44.57 -9.66
CA CYS A 161 24.12 -43.91 -9.11
C CYS A 161 24.21 -42.46 -9.58
N THR A 162 24.88 -41.65 -8.76
CA THR A 162 25.12 -40.24 -9.03
C THR A 162 26.63 -40.04 -9.14
N PHE A 163 27.03 -39.04 -9.93
CA PHE A 163 28.41 -38.88 -10.37
C PHE A 163 29.36 -38.65 -9.20
N GLU A 164 30.62 -39.02 -9.40
CA GLU A 164 31.70 -38.75 -8.47
C GLU A 164 32.40 -37.45 -8.83
N TYR A 165 33.08 -36.88 -7.84
CA TYR A 165 33.72 -35.56 -7.96
C TYR A 165 35.13 -35.62 -7.40
N VAL A 166 35.91 -36.61 -7.86
CA VAL A 166 37.25 -36.85 -7.34
C VAL A 166 38.18 -35.66 -7.63
N SER A 167 39.13 -35.44 -6.73
CA SER A 167 40.05 -34.32 -6.82
C SER A 167 41.37 -34.73 -6.17
N GLN A 168 42.22 -33.75 -5.88
CA GLN A 168 43.49 -33.98 -5.21
C GLN A 168 43.27 -34.27 -3.73
N PRO A 169 44.20 -34.98 -3.09
CA PRO A 169 44.04 -35.26 -1.64
C PRO A 169 44.30 -34.02 -0.80
N PHE A 170 43.34 -33.69 0.06
CA PHE A 170 43.51 -32.58 1.00
C PHE A 170 44.03 -33.11 2.35
N LEU A 171 45.23 -33.67 2.29
CA LEU A 171 45.92 -34.16 3.47
C LEU A 171 47.38 -33.69 3.39
N MET A 172 47.56 -32.40 3.13
CA MET A 172 48.90 -31.80 3.13
C MET A 172 49.47 -31.73 4.54
N PHE A 181 55.80 -31.96 18.42
CA PHE A 181 54.90 -31.26 17.50
C PHE A 181 53.73 -32.14 17.13
N LYS A 182 52.70 -31.54 16.52
CA LYS A 182 51.53 -32.28 16.08
C LYS A 182 50.83 -31.47 14.99
N ASN A 183 49.99 -32.14 14.23
CA ASN A 183 49.27 -31.54 13.11
C ASN A 183 47.78 -31.47 13.45
N LEU A 184 47.20 -30.28 13.34
CA LEU A 184 45.77 -30.10 13.56
C LEU A 184 45.03 -30.12 12.24
N ARG A 185 43.92 -30.86 12.18
CA ARG A 185 43.06 -30.89 11.01
C ARG A 185 41.65 -30.52 11.45
N GLU A 186 41.06 -29.53 10.78
CA GLU A 186 39.70 -29.12 11.13
C GLU A 186 38.86 -28.90 9.89
N PHE A 187 37.63 -29.39 9.95
CA PHE A 187 36.72 -29.44 8.80
C PHE A 187 35.30 -29.16 9.26
N VAL A 188 34.59 -28.31 8.54
CA VAL A 188 33.21 -27.96 8.83
C VAL A 188 32.34 -28.38 7.65
N PHE A 189 31.29 -29.14 7.93
CA PHE A 189 30.38 -29.64 6.91
C PHE A 189 29.02 -28.98 7.09
N LYS A 190 28.45 -28.47 5.99
CA LYS A 190 27.22 -27.70 6.07
C LYS A 190 26.36 -27.95 4.83
N ASN A 191 25.04 -27.81 5.00
CA ASN A 191 24.04 -27.97 3.95
C ASN A 191 23.16 -26.74 3.87
N ILE A 192 23.23 -26.02 2.75
CA ILE A 192 22.37 -24.87 2.53
C ILE A 192 21.69 -25.02 1.17
N ASP A 193 20.35 -25.02 1.18
CA ASP A 193 19.46 -25.24 0.04
C ASP A 193 19.92 -26.37 -0.89
N GLY A 194 20.36 -27.47 -0.27
CA GLY A 194 20.79 -28.63 -1.02
C GLY A 194 22.27 -28.62 -1.35
N TYR A 195 22.85 -27.43 -1.45
CA TYR A 195 24.28 -27.31 -1.71
C TYR A 195 25.07 -27.78 -0.49
N PHE A 196 26.15 -28.52 -0.76
CA PHE A 196 27.00 -29.13 0.25
C PHE A 196 28.31 -28.36 0.31
N LYS A 197 28.64 -27.84 1.48
CA LYS A 197 29.86 -27.05 1.66
C LYS A 197 30.77 -27.71 2.69
N ILE A 198 32.08 -27.69 2.38
CA ILE A 198 33.12 -28.19 3.25
C ILE A 198 34.17 -27.09 3.40
N TYR A 199 34.48 -26.73 4.64
CA TYR A 199 35.57 -25.79 4.93
C TYR A 199 36.67 -26.54 5.65
N SER A 200 37.91 -26.23 5.31
CA SER A 200 39.04 -27.03 5.77
C SER A 200 40.20 -26.13 6.21
N LYS A 201 40.99 -26.64 7.15
CA LYS A 201 42.28 -26.05 7.47
C LYS A 201 43.19 -27.09 8.11
N HIS A 202 44.45 -27.06 7.71
CA HIS A 202 45.51 -27.91 8.25
C HIS A 202 46.57 -27.01 8.87
N THR A 203 46.80 -27.16 10.17
CA THR A 203 47.68 -26.27 10.91
C THR A 203 48.60 -27.10 11.81
N PRO A 204 49.86 -27.29 11.41
CA PRO A 204 50.82 -28.07 12.22
C PRO A 204 51.62 -27.22 13.21
N ILE A 205 50.92 -26.46 14.05
CA ILE A 205 51.56 -25.60 15.04
C ILE A 205 51.37 -26.09 16.46
N ASN A 206 50.79 -27.28 16.64
CA ASN A 206 50.56 -27.80 17.98
C ASN A 206 51.89 -28.13 18.65
N LEU A 207 52.00 -27.76 19.93
CA LEU A 207 53.17 -28.08 20.72
C LEU A 207 52.71 -28.69 22.04
N GLY A 208 53.20 -29.89 22.32
CA GLY A 208 52.86 -30.59 23.54
C GLY A 208 51.54 -31.31 23.48
N ARG A 209 50.43 -30.59 23.69
CA ARG A 209 49.12 -31.19 23.84
C ARG A 209 48.10 -30.04 23.77
N ASP A 210 46.80 -30.37 23.77
CA ASP A 210 45.65 -29.47 23.93
C ASP A 210 45.30 -28.70 22.66
N LEU A 211 44.10 -28.13 22.66
CA LEU A 211 43.61 -27.24 21.63
C LEU A 211 44.16 -25.85 21.92
N PRO A 212 45.10 -25.35 21.11
CA PRO A 212 45.86 -24.17 21.50
C PRO A 212 45.04 -22.89 21.44
N GLN A 213 45.42 -21.94 22.28
CA GLN A 213 44.86 -20.60 22.17
C GLN A 213 45.34 -19.93 20.89
N GLY A 214 44.43 -19.20 20.26
CA GLY A 214 44.73 -18.59 18.98
C GLY A 214 43.44 -18.41 18.19
N PHE A 215 43.61 -18.18 16.89
CA PHE A 215 42.45 -17.92 16.04
C PHE A 215 42.80 -18.20 14.59
N SER A 216 41.99 -19.03 13.92
CA SER A 216 42.27 -19.40 12.54
C SER A 216 40.96 -19.66 11.82
N ALA A 217 40.69 -18.90 10.76
CA ALA A 217 39.47 -19.06 9.98
C ALA A 217 39.61 -20.23 9.01
N LEU A 218 38.49 -20.58 8.38
CA LEU A 218 38.41 -21.71 7.48
C LEU A 218 38.08 -21.24 6.08
N GLU A 219 38.93 -21.59 5.12
CA GLU A 219 38.69 -21.28 3.73
C GLU A 219 37.71 -22.27 3.12
N PRO A 220 36.93 -21.85 2.13
CA PRO A 220 36.14 -22.81 1.36
C PRO A 220 37.04 -23.72 0.55
N LEU A 221 36.61 -24.97 0.41
CA LEU A 221 37.39 -25.95 -0.35
C LEU A 221 36.65 -26.41 -1.60
N VAL A 222 35.46 -26.99 -1.46
CA VAL A 222 34.68 -27.52 -2.57
C VAL A 222 33.21 -27.21 -2.33
N ASP A 223 32.41 -27.36 -3.38
CA ASP A 223 30.96 -27.31 -3.27
C ASP A 223 30.37 -28.46 -4.06
N LEU A 224 29.34 -29.09 -3.49
CA LEU A 224 28.69 -30.23 -4.12
C LEU A 224 27.23 -29.91 -4.40
N PRO A 225 26.76 -30.06 -5.64
CA PRO A 225 25.33 -29.87 -5.97
C PRO A 225 24.53 -31.16 -5.85
N ILE A 226 24.37 -31.62 -4.60
CA ILE A 226 23.71 -32.89 -4.31
C ILE A 226 22.48 -32.59 -3.45
N GLY A 227 21.31 -32.58 -4.08
CA GLY A 227 20.11 -32.32 -3.30
C GLY A 227 19.54 -33.58 -2.71
N ILE A 228 19.92 -33.87 -1.47
CA ILE A 228 19.45 -35.03 -0.72
C ILE A 228 19.23 -34.61 0.72
N ASN A 229 18.26 -35.24 1.38
CA ASN A 229 18.03 -34.98 2.79
C ASN A 229 19.11 -35.66 3.62
N ILE A 230 19.59 -34.98 4.64
CA ILE A 230 20.64 -35.49 5.52
C ILE A 230 20.10 -35.54 6.94
N THR A 231 20.26 -36.69 7.59
CA THR A 231 19.78 -36.84 8.97
C THR A 231 20.81 -37.48 9.90
N ARG A 232 21.70 -38.34 9.43
CA ARG A 232 22.64 -39.02 10.31
C ARG A 232 24.07 -38.82 9.82
N PHE A 233 25.02 -38.95 10.75
CA PHE A 233 26.43 -38.69 10.48
C PHE A 233 27.27 -39.78 11.13
N GLN A 234 28.30 -40.24 10.41
CA GLN A 234 29.19 -41.27 10.90
C GLN A 234 30.60 -41.03 10.36
N THR A 235 31.58 -41.64 11.02
CA THR A 235 33.00 -41.38 10.77
C THR A 235 33.71 -42.68 10.41
N LEU A 236 34.68 -42.59 9.50
CA LEU A 236 35.48 -43.73 9.07
C LEU A 236 36.88 -43.61 9.65
N LEU A 237 37.21 -44.50 10.58
CA LEU A 237 38.53 -44.58 11.17
C LEU A 237 39.11 -45.92 10.75
N ALA A 238 39.69 -45.95 9.55
CA ALA A 238 40.12 -47.20 8.94
C ALA A 238 41.58 -47.47 9.31
N LEU A 239 41.78 -48.19 10.41
CA LEU A 239 43.09 -48.69 10.80
C LEU A 239 43.19 -50.20 10.68
N HIS A 240 42.09 -50.89 10.37
CA HIS A 240 41.94 -52.36 10.27
C HIS A 240 42.76 -53.18 11.28
N ALA A 259 40.98 -40.60 17.99
CA ALA A 259 40.31 -39.56 18.76
C ALA A 259 40.00 -38.36 17.87
N TYR A 260 38.85 -37.73 18.11
CA TYR A 260 38.34 -36.66 17.25
C TYR A 260 37.29 -35.86 18.00
N TYR A 261 37.32 -34.54 17.80
CA TYR A 261 36.37 -33.63 18.42
C TYR A 261 35.21 -33.40 17.46
N VAL A 262 34.00 -33.41 18.00
CA VAL A 262 32.78 -33.17 17.22
C VAL A 262 31.97 -32.09 17.90
N GLY A 263 31.56 -31.08 17.13
CA GLY A 263 30.71 -30.02 17.64
C GLY A 263 29.59 -29.73 16.67
N TYR A 264 28.51 -29.17 17.22
CA TYR A 264 27.30 -28.87 16.46
C TYR A 264 27.10 -27.37 16.37
N LEU A 265 26.74 -26.90 15.18
CA LEU A 265 26.59 -25.48 14.92
C LEU A 265 25.24 -24.98 15.43
N GLN A 266 25.03 -23.66 15.30
CA GLN A 266 23.85 -23.01 15.82
C GLN A 266 23.69 -21.68 15.09
N PRO A 267 22.47 -21.28 14.74
CA PRO A 267 22.29 -19.96 14.12
C PRO A 267 22.44 -18.83 15.12
N ARG A 268 23.59 -18.15 15.06
CA ARG A 268 23.90 -17.03 15.95
C ARG A 268 24.29 -15.83 15.10
N THR A 269 24.74 -14.77 15.78
CA THR A 269 25.17 -13.55 15.12
C THR A 269 26.58 -13.21 15.59
N PHE A 270 27.50 -13.05 14.66
CA PHE A 270 28.89 -12.75 14.98
C PHE A 270 29.31 -11.43 14.37
N LEU A 271 30.35 -10.84 14.96
CA LEU A 271 31.02 -9.67 14.40
C LEU A 271 32.47 -10.04 14.11
N LEU A 272 32.93 -9.75 12.90
CA LEU A 272 34.23 -10.18 12.42
C LEU A 272 35.05 -8.97 12.01
N LYS A 273 36.36 -9.04 12.26
CA LYS A 273 37.30 -7.99 11.89
C LYS A 273 38.17 -8.49 10.76
N TYR A 274 38.27 -7.71 9.68
CA TYR A 274 39.07 -8.08 8.52
C TYR A 274 40.43 -7.40 8.59
N ASN A 275 41.48 -8.15 8.27
CA ASN A 275 42.81 -7.58 8.16
C ASN A 275 42.91 -6.78 6.86
N GLU A 276 43.94 -5.94 6.78
CA GLU A 276 44.19 -5.17 5.55
C GLU A 276 44.44 -6.09 4.36
N ASN A 277 45.20 -7.16 4.57
CA ASN A 277 45.47 -8.10 3.49
C ASN A 277 44.24 -8.94 3.13
N GLY A 278 43.26 -9.02 4.02
CA GLY A 278 42.04 -9.76 3.74
C GLY A 278 41.91 -11.05 4.52
N THR A 279 42.41 -11.05 5.75
CA THR A 279 42.41 -12.23 6.61
C THR A 279 41.50 -11.98 7.81
N ILE A 280 40.67 -12.96 8.15
CA ILE A 280 39.85 -12.87 9.35
C ILE A 280 40.75 -12.96 10.56
N THR A 281 40.93 -11.85 11.27
CA THR A 281 41.89 -11.75 12.36
C THR A 281 41.26 -11.91 13.74
N ASP A 282 40.02 -11.47 13.92
CA ASP A 282 39.34 -11.63 15.19
C ASP A 282 37.83 -11.69 14.94
N ALA A 283 37.13 -12.28 15.90
CA ALA A 283 35.68 -12.33 15.85
C ALA A 283 35.15 -12.32 17.28
N VAL A 284 33.89 -11.91 17.42
CA VAL A 284 33.27 -11.78 18.73
C VAL A 284 31.80 -12.16 18.62
N ASP A 285 31.31 -12.84 19.67
CA ASP A 285 29.90 -13.18 19.76
C ASP A 285 29.09 -11.95 20.15
N CYS A 286 27.82 -11.95 19.75
CA CYS A 286 26.89 -10.89 20.10
C CYS A 286 25.91 -11.28 21.19
N ALA A 287 26.01 -12.51 21.73
CA ALA A 287 25.08 -12.96 22.74
C ALA A 287 25.72 -13.76 23.87
N LEU A 288 27.05 -13.88 23.90
CA LEU A 288 27.69 -14.71 24.93
C LEU A 288 27.58 -14.06 26.31
N ASP A 289 27.91 -12.77 26.40
CA ASP A 289 27.92 -12.05 27.66
C ASP A 289 27.52 -10.60 27.37
N PRO A 290 27.02 -9.87 28.38
CA PRO A 290 26.58 -8.49 28.11
C PRO A 290 27.65 -7.55 27.60
N LEU A 291 28.91 -7.74 27.99
CA LEU A 291 29.97 -6.88 27.45
C LEU A 291 30.17 -7.14 25.95
N SER A 292 30.12 -8.40 25.53
CA SER A 292 30.22 -8.71 24.11
C SER A 292 29.02 -8.20 23.35
N GLU A 293 27.83 -8.24 23.97
CA GLU A 293 26.64 -7.65 23.36
C GLU A 293 26.80 -6.14 23.19
N THR A 294 27.37 -5.48 24.19
CA THR A 294 27.58 -4.04 24.10
C THR A 294 28.56 -3.68 22.99
N LYS A 295 29.68 -4.40 22.92
CA LYS A 295 30.65 -4.10 21.88
C LYS A 295 30.18 -4.56 20.50
N CYS A 296 29.23 -5.50 20.44
CA CYS A 296 28.61 -5.83 19.16
C CYS A 296 27.65 -4.76 18.71
N THR A 297 26.89 -4.17 19.64
CA THR A 297 25.98 -3.10 19.29
C THR A 297 26.74 -1.83 18.90
N LEU A 298 27.78 -1.49 19.64
CA LEU A 298 28.54 -0.27 19.40
C LEU A 298 29.46 -0.35 18.19
N LYS A 299 29.64 -1.55 17.63
CA LYS A 299 30.39 -1.79 16.39
C LYS A 299 31.86 -1.37 16.55
N SER A 300 32.51 -1.96 17.55
CA SER A 300 33.95 -1.80 17.79
C SER A 300 34.38 -2.89 18.77
N PHE A 301 35.68 -3.10 18.85
CA PHE A 301 36.26 -3.98 19.87
C PHE A 301 36.70 -3.23 21.12
N THR A 302 36.63 -1.90 21.12
CA THR A 302 37.03 -1.11 22.28
C THR A 302 35.91 -0.16 22.61
N VAL A 303 35.53 -0.12 23.88
CA VAL A 303 34.46 0.75 24.36
C VAL A 303 35.02 1.64 25.46
N GLU A 304 34.51 2.86 25.53
CA GLU A 304 34.89 3.78 26.58
C GLU A 304 33.94 3.66 27.77
N LYS A 305 34.33 4.26 28.89
CA LYS A 305 33.52 4.18 30.09
C LYS A 305 32.22 4.96 29.91
N GLY A 306 31.21 4.55 30.67
CA GLY A 306 29.90 5.15 30.60
C GLY A 306 28.83 4.08 30.61
N ILE A 307 27.64 4.46 30.19
CA ILE A 307 26.49 3.55 30.13
C ILE A 307 26.07 3.41 28.67
N TYR A 308 25.56 2.23 28.32
CA TYR A 308 25.18 1.93 26.95
C TYR A 308 23.95 1.02 26.97
N GLN A 309 22.84 1.51 26.40
CA GLN A 309 21.65 0.68 26.27
C GLN A 309 21.83 -0.31 25.13
N THR A 310 21.55 -1.59 25.40
CA THR A 310 21.76 -2.65 24.43
C THR A 310 20.46 -3.21 23.89
N SER A 311 19.57 -3.67 24.76
CA SER A 311 18.33 -4.30 24.33
C SER A 311 17.26 -4.02 25.37
N ASN A 312 16.17 -4.78 25.34
CA ASN A 312 15.07 -4.60 26.26
C ASN A 312 14.67 -5.95 26.87
N PHE A 313 14.11 -5.87 28.08
CA PHE A 313 13.76 -7.04 28.87
C PHE A 313 12.25 -7.22 28.89
N ARG A 314 11.79 -8.44 28.58
CA ARG A 314 10.37 -8.76 28.60
C ARG A 314 10.17 -10.14 29.22
N VAL A 315 9.23 -10.24 30.16
CA VAL A 315 8.91 -11.51 30.78
C VAL A 315 7.95 -12.27 29.86
N GLN A 316 7.73 -13.55 30.15
CA GLN A 316 6.99 -14.39 29.23
C GLN A 316 5.80 -15.05 29.93
N PRO A 317 4.73 -15.34 29.19
CA PRO A 317 3.59 -16.04 29.79
C PRO A 317 3.95 -17.48 30.14
N THR A 318 3.19 -18.05 31.09
CA THR A 318 3.47 -19.38 31.60
C THR A 318 2.41 -20.41 31.22
N GLU A 319 1.13 -20.13 31.44
CA GLU A 319 0.08 -21.02 30.96
C GLU A 319 -1.08 -20.18 30.46
N SER A 320 -2.22 -20.82 30.19
CA SER A 320 -3.41 -20.16 29.69
C SER A 320 -4.60 -20.49 30.58
N ILE A 321 -5.52 -19.54 30.69
CA ILE A 321 -6.71 -19.67 31.53
C ILE A 321 -7.94 -19.37 30.68
N VAL A 322 -8.87 -20.32 30.59
CA VAL A 322 -10.14 -19.99 29.89
C VAL A 322 -11.29 -20.30 30.82
N ARG A 323 -12.01 -19.28 31.28
CA ARG A 323 -13.22 -19.52 32.09
C ARG A 323 -14.41 -19.10 31.22
N PHE A 324 -15.00 -20.03 30.47
CA PHE A 324 -16.21 -19.74 29.66
C PHE A 324 -17.39 -19.60 30.62
N PRO A 325 -18.60 -19.25 30.15
CA PRO A 325 -19.71 -18.97 31.07
C PRO A 325 -19.93 -19.94 32.24
N ASN A 326 -20.68 -19.49 33.24
CA ASN A 326 -20.98 -20.32 34.45
C ASN A 326 -22.15 -21.27 34.19
N ILE A 327 -22.69 -21.85 35.26
CA ILE A 327 -21.99 -23.03 35.80
C ILE A 327 -21.82 -23.97 34.62
N THR A 328 -22.93 -24.31 33.94
CA THR A 328 -22.91 -25.19 32.74
C THR A 328 -24.35 -25.63 32.42
N ASN A 329 -24.63 -26.04 31.17
CA ASN A 329 -25.99 -26.56 30.81
C ASN A 329 -25.94 -28.09 30.81
N LEU A 330 -27.03 -28.78 31.13
CA LEU A 330 -26.89 -30.26 31.25
C LEU A 330 -28.19 -31.02 30.95
N CYS A 331 -28.08 -32.32 30.65
CA CYS A 331 -29.24 -33.18 30.23
C CYS A 331 -29.78 -34.08 31.33
N PRO A 332 -31.08 -34.47 31.26
CA PRO A 332 -31.65 -35.42 32.22
C PRO A 332 -31.81 -36.84 31.63
N PHE A 333 -31.39 -37.03 30.37
CA PHE A 333 -31.53 -38.36 29.71
C PHE A 333 -30.68 -39.38 30.47
N ASP A 334 -29.64 -38.90 31.16
CA ASP A 334 -28.78 -39.81 31.97
C ASP A 334 -29.61 -40.40 33.10
N GLU A 335 -30.65 -39.68 33.57
CA GLU A 335 -31.55 -40.25 34.61
C GLU A 335 -32.24 -41.51 34.06
N VAL A 336 -32.64 -41.52 32.78
CA VAL A 336 -33.29 -42.72 32.16
C VAL A 336 -32.48 -43.94 32.57
N PHE A 337 -31.15 -43.84 32.49
CA PHE A 337 -30.28 -45.03 32.77
C PHE A 337 -30.56 -45.59 34.16
N ASN A 338 -30.97 -44.76 35.12
CA ASN A 338 -31.13 -45.31 36.49
C ASN A 338 -32.62 -45.50 36.81
N ALA A 339 -33.45 -45.82 35.82
CA ALA A 339 -34.87 -46.13 36.10
C ALA A 339 -34.96 -47.52 36.76
N THR A 340 -35.24 -48.59 35.99
CA THR A 340 -35.21 -49.98 36.53
C THR A 340 -35.57 -51.04 35.46
N ARG A 341 -36.81 -51.09 34.94
CA ARG A 341 -37.25 -52.22 34.05
C ARG A 341 -37.47 -51.82 32.57
N PHE A 342 -37.54 -52.82 31.67
CA PHE A 342 -37.72 -52.57 30.20
C PHE A 342 -39.04 -53.20 29.72
N ALA A 343 -39.13 -53.66 28.46
CA ALA A 343 -40.46 -54.11 27.96
C ALA A 343 -40.43 -55.30 26.99
N SER A 344 -41.42 -55.37 26.06
CA SER A 344 -41.57 -56.52 25.12
C SER A 344 -40.65 -56.44 23.90
N VAL A 345 -40.68 -57.46 23.02
CA VAL A 345 -39.74 -57.55 21.85
C VAL A 345 -40.39 -56.94 20.61
N TYR A 346 -41.71 -56.98 20.54
CA TYR A 346 -42.38 -56.21 19.46
C TYR A 346 -42.54 -54.78 20.00
N ALA A 347 -42.15 -54.56 21.28
CA ALA A 347 -42.34 -53.25 21.95
C ALA A 347 -40.98 -52.67 22.37
N TRP A 348 -40.03 -52.58 21.44
CA TRP A 348 -38.75 -51.89 21.75
C TRP A 348 -39.10 -50.49 22.24
N ASN A 349 -38.42 -49.99 23.26
CA ASN A 349 -38.76 -48.67 23.83
C ASN A 349 -38.17 -47.59 22.93
N ARG A 350 -38.75 -46.39 22.95
CA ARG A 350 -38.26 -45.28 22.09
C ARG A 350 -38.35 -43.95 22.85
N LYS A 351 -37.32 -43.09 22.74
CA LYS A 351 -37.31 -41.81 23.49
C LYS A 351 -36.62 -40.72 22.67
N ARG A 352 -36.62 -39.47 23.18
CA ARG A 352 -35.95 -38.32 22.50
C ARG A 352 -35.36 -37.37 23.56
N ILE A 353 -34.43 -36.47 23.16
CA ILE A 353 -33.72 -35.56 24.12
C ILE A 353 -34.13 -34.10 23.89
N SER A 354 -34.31 -33.31 24.97
CA SER A 354 -34.70 -31.87 24.85
C SER A 354 -33.46 -30.97 24.90
N ASN A 355 -33.63 -29.67 25.18
CA ASN A 355 -32.48 -28.77 25.13
C ASN A 355 -31.72 -28.84 26.46
N CYS A 356 -30.54 -29.46 26.38
CA CYS A 356 -29.67 -29.66 27.57
C CYS A 356 -28.27 -30.09 27.05
N VAL A 357 -27.57 -30.99 27.73
CA VAL A 357 -26.25 -31.49 27.23
C VAL A 357 -25.99 -32.91 27.75
N ALA A 358 -25.58 -33.81 26.86
CA ALA A 358 -25.35 -35.23 27.23
C ALA A 358 -23.87 -35.57 27.20
N ASP A 359 -23.23 -35.61 28.36
CA ASP A 359 -21.85 -36.06 28.36
C ASP A 359 -21.81 -37.58 28.42
N TYR A 360 -20.99 -38.18 27.55
CA TYR A 360 -20.84 -39.62 27.52
C TYR A 360 -19.75 -40.13 28.47
N SER A 361 -19.10 -39.22 29.21
CA SER A 361 -18.12 -39.65 30.19
C SER A 361 -18.77 -40.40 31.35
N VAL A 362 -19.92 -39.90 31.83
CA VAL A 362 -20.65 -40.60 32.89
C VAL A 362 -21.27 -41.88 32.35
N LEU A 363 -21.64 -41.88 31.06
CA LEU A 363 -22.13 -43.12 30.44
C LEU A 363 -21.02 -44.16 30.34
N TYR A 364 -19.81 -43.72 29.99
CA TYR A 364 -18.65 -44.61 29.94
C TYR A 364 -18.19 -45.05 31.32
N ASN A 365 -18.63 -44.37 32.38
CA ASN A 365 -18.32 -44.75 33.75
C ASN A 365 -19.33 -45.71 34.35
N PHE A 366 -20.42 -46.00 33.63
CA PHE A 366 -21.48 -46.83 34.20
C PHE A 366 -21.07 -48.30 34.26
N ALA A 367 -20.80 -48.90 33.11
CA ALA A 367 -20.56 -50.33 33.02
C ALA A 367 -19.85 -50.61 31.69
N PRO A 368 -19.07 -51.72 31.62
CA PRO A 368 -18.53 -52.13 30.33
C PRO A 368 -19.61 -52.71 29.42
N PHE A 369 -20.00 -51.94 28.40
CA PHE A 369 -21.09 -52.36 27.53
C PHE A 369 -20.66 -53.50 26.62
N PHE A 370 -21.64 -54.33 26.25
CA PHE A 370 -21.38 -55.52 25.45
C PHE A 370 -21.09 -55.18 24.00
N ALA A 371 -21.86 -54.25 23.43
CA ALA A 371 -21.80 -54.01 21.99
C ALA A 371 -20.75 -52.97 21.60
N PHE A 372 -20.93 -51.72 22.07
CA PHE A 372 -20.11 -50.57 21.68
C PHE A 372 -20.04 -50.40 20.17
N LYS A 373 -21.12 -50.73 19.46
CA LYS A 373 -21.13 -50.69 18.00
C LYS A 373 -21.47 -49.28 17.50
N CYS A 374 -20.49 -48.38 17.68
CA CYS A 374 -20.64 -47.00 17.25
C CYS A 374 -19.95 -46.83 15.89
N TYR A 375 -20.60 -47.41 14.88
CA TYR A 375 -20.05 -47.49 13.53
C TYR A 375 -20.14 -46.19 12.74
N GLY A 376 -20.75 -45.15 13.31
CA GLY A 376 -20.86 -43.88 12.62
C GLY A 376 -19.68 -42.98 12.88
N VAL A 377 -19.93 -41.81 13.47
CA VAL A 377 -18.84 -40.89 13.80
C VAL A 377 -17.97 -41.50 14.91
N SER A 378 -16.70 -41.09 14.93
CA SER A 378 -15.72 -41.67 15.83
C SER A 378 -16.07 -41.38 17.29
N PRO A 379 -15.83 -42.33 18.20
CA PRO A 379 -16.16 -42.08 19.63
C PRO A 379 -15.37 -40.97 20.27
N THR A 380 -14.17 -40.67 19.77
CA THR A 380 -13.36 -39.61 20.37
C THR A 380 -13.98 -38.24 20.12
N LYS A 381 -14.53 -38.01 18.94
CA LYS A 381 -15.15 -36.74 18.59
C LYS A 381 -16.65 -36.73 18.81
N LEU A 382 -17.14 -37.46 19.81
CA LEU A 382 -18.56 -37.41 20.14
C LEU A 382 -18.92 -36.08 20.80
N ASN A 383 -18.06 -35.58 21.68
CA ASN A 383 -18.34 -34.33 22.37
C ASN A 383 -18.06 -33.10 21.50
N ASP A 384 -17.32 -33.26 20.40
CA ASP A 384 -17.01 -32.14 19.53
C ASP A 384 -18.16 -31.77 18.61
N LEU A 385 -19.00 -32.75 18.25
CA LEU A 385 -20.13 -32.52 17.36
C LEU A 385 -21.44 -32.73 18.12
N CYS A 386 -22.39 -31.83 17.91
CA CYS A 386 -23.66 -31.87 18.60
C CYS A 386 -24.80 -31.43 17.69
N PHE A 387 -26.00 -31.84 18.06
CA PHE A 387 -27.18 -31.80 17.21
C PHE A 387 -28.35 -31.18 17.96
N THR A 388 -29.44 -30.93 17.22
CA THR A 388 -30.63 -30.36 17.82
C THR A 388 -31.45 -31.40 18.59
N ASN A 389 -31.58 -32.61 18.05
CA ASN A 389 -32.44 -33.63 18.63
C ASN A 389 -31.71 -34.95 18.68
N VAL A 390 -32.01 -35.72 19.73
CA VAL A 390 -31.46 -37.05 19.94
C VAL A 390 -32.62 -38.00 20.24
N TYR A 391 -32.65 -39.14 19.55
CA TYR A 391 -33.62 -40.20 19.81
C TYR A 391 -32.96 -41.28 20.65
N ALA A 392 -33.58 -41.64 21.76
CA ALA A 392 -33.09 -42.69 22.65
C ALA A 392 -34.07 -43.86 22.58
N ASP A 393 -33.69 -44.91 21.86
CA ASP A 393 -34.46 -46.15 21.80
C ASP A 393 -33.76 -47.15 22.69
N SER A 394 -34.12 -47.15 23.97
CA SER A 394 -33.52 -48.01 24.97
C SER A 394 -34.50 -49.14 25.30
N PHE A 395 -34.13 -50.36 24.94
CA PHE A 395 -35.00 -51.51 25.10
C PHE A 395 -34.15 -52.72 25.48
N VAL A 396 -34.75 -53.90 25.39
CA VAL A 396 -34.09 -55.16 25.76
C VAL A 396 -34.31 -56.17 24.65
N ILE A 397 -33.30 -57.00 24.40
CA ILE A 397 -33.36 -58.03 23.37
C ILE A 397 -32.69 -59.29 23.91
N ARG A 398 -33.00 -60.43 23.29
CA ARG A 398 -32.37 -61.69 23.68
C ARG A 398 -30.92 -61.71 23.24
N GLY A 399 -30.12 -62.53 23.93
CA GLY A 399 -28.68 -62.56 23.68
C GLY A 399 -28.32 -63.09 22.30
N ASN A 400 -29.08 -64.06 21.79
CA ASN A 400 -28.81 -64.59 20.46
C ASN A 400 -29.22 -63.64 19.34
N GLU A 401 -29.97 -62.59 19.65
CA GLU A 401 -30.42 -61.62 18.65
C GLU A 401 -29.66 -60.31 18.71
N VAL A 402 -28.57 -60.25 19.49
CA VAL A 402 -27.72 -59.07 19.48
C VAL A 402 -26.87 -59.04 18.21
N SER A 403 -26.63 -60.21 17.61
CA SER A 403 -25.80 -60.27 16.40
C SER A 403 -26.50 -59.61 15.22
N GLN A 404 -27.78 -59.89 15.01
CA GLN A 404 -28.49 -59.40 13.84
C GLN A 404 -29.20 -58.08 14.08
N ILE A 405 -29.03 -57.44 15.25
CA ILE A 405 -29.73 -56.19 15.52
C ILE A 405 -29.07 -55.02 14.78
N ALA A 406 -27.86 -55.23 14.24
CA ALA A 406 -27.18 -54.20 13.49
C ALA A 406 -27.93 -53.89 12.19
N PRO A 407 -27.79 -52.65 11.67
CA PRO A 407 -28.47 -52.32 10.40
C PRO A 407 -28.01 -53.16 9.21
N GLY A 408 -26.76 -53.67 9.23
CA GLY A 408 -26.27 -54.47 8.13
C GLY A 408 -26.82 -55.88 8.10
N GLN A 409 -27.46 -56.32 9.18
CA GLN A 409 -28.01 -57.67 9.26
C GLN A 409 -29.51 -57.60 9.50
N THR A 410 -30.23 -58.61 9.03
CA THR A 410 -31.69 -58.64 9.10
C THR A 410 -32.15 -60.03 9.52
N GLY A 411 -33.36 -60.08 10.05
CA GLY A 411 -33.91 -61.34 10.51
C GLY A 411 -35.38 -61.18 10.85
N ASN A 412 -35.92 -62.22 11.51
CA ASN A 412 -37.32 -62.19 11.93
C ASN A 412 -37.56 -61.10 12.97
N ILE A 413 -36.64 -60.95 13.90
CA ILE A 413 -36.76 -59.87 14.90
C ILE A 413 -36.56 -58.51 14.24
N ALA A 414 -35.64 -58.43 13.26
CA ALA A 414 -35.34 -57.15 12.63
C ALA A 414 -36.46 -56.69 11.71
N ASP A 415 -36.96 -57.57 10.86
CA ASP A 415 -37.89 -57.16 9.82
C ASP A 415 -39.34 -57.07 10.30
N TYR A 416 -39.67 -57.65 11.44
CA TYR A 416 -41.05 -57.67 11.90
C TYR A 416 -41.31 -56.85 13.14
N ASN A 417 -40.29 -56.57 13.96
CA ASN A 417 -40.49 -55.88 15.23
C ASN A 417 -39.78 -54.53 15.28
N TYR A 418 -38.46 -54.50 15.05
CA TYR A 418 -37.70 -53.27 15.10
C TYR A 418 -36.56 -53.34 14.10
N LYS A 419 -36.51 -52.36 13.19
CA LYS A 419 -35.50 -52.33 12.15
C LYS A 419 -34.75 -51.00 12.19
N LEU A 420 -33.45 -51.06 11.89
CA LEU A 420 -32.62 -49.88 11.80
C LEU A 420 -32.23 -49.65 10.35
N PRO A 421 -32.32 -48.41 9.84
CA PRO A 421 -32.00 -48.18 8.43
C PRO A 421 -30.50 -48.19 8.20
N ASP A 422 -30.08 -48.90 7.14
CA ASP A 422 -28.66 -48.99 6.82
C ASP A 422 -28.12 -47.67 6.29
N ASP A 423 -28.94 -46.93 5.54
CA ASP A 423 -28.53 -45.64 5.01
C ASP A 423 -28.74 -44.53 6.05
N PHE A 424 -28.15 -44.71 7.23
CA PHE A 424 -28.33 -43.81 8.35
C PHE A 424 -27.21 -44.09 9.35
N THR A 425 -26.57 -43.02 9.82
CA THR A 425 -25.46 -43.13 10.75
C THR A 425 -26.00 -43.17 12.18
N GLY A 426 -25.58 -44.17 12.94
CA GLY A 426 -26.12 -44.39 14.27
C GLY A 426 -25.08 -44.94 15.21
N CYS A 427 -25.37 -44.82 16.50
CA CYS A 427 -24.47 -45.26 17.57
C CYS A 427 -25.31 -46.02 18.60
N VAL A 428 -25.03 -47.31 18.76
CA VAL A 428 -25.80 -48.17 19.65
C VAL A 428 -24.89 -48.70 20.75
N ILE A 429 -25.49 -48.93 21.92
CA ILE A 429 -24.79 -49.48 23.08
C ILE A 429 -25.71 -50.49 23.77
N ALA A 430 -25.11 -51.55 24.29
CA ALA A 430 -25.88 -52.62 24.92
C ALA A 430 -25.07 -53.24 26.04
N TRP A 431 -25.76 -53.63 27.11
CA TRP A 431 -25.12 -54.28 28.25
C TRP A 431 -25.99 -55.44 28.72
N ASN A 432 -25.36 -56.38 29.42
CA ASN A 432 -26.04 -57.58 29.90
C ASN A 432 -26.70 -57.30 31.24
N SER A 433 -28.03 -57.36 31.26
CA SER A 433 -28.82 -57.21 32.47
C SER A 433 -29.60 -58.48 32.80
N ASN A 434 -29.00 -59.65 32.56
CA ASN A 434 -29.68 -60.91 32.81
C ASN A 434 -29.91 -61.14 34.30
N LYS A 435 -28.92 -60.79 35.13
CA LYS A 435 -29.08 -60.93 36.57
C LYS A 435 -29.91 -59.81 37.17
N LEU A 436 -30.19 -58.75 36.40
CA LEU A 436 -31.03 -57.67 36.90
C LEU A 436 -32.46 -58.13 37.14
N ASP A 437 -33.00 -58.97 36.25
CA ASP A 437 -34.31 -59.56 36.43
C ASP A 437 -34.32 -60.99 35.86
N SER A 438 -34.70 -61.95 36.71
CA SER A 438 -34.73 -63.35 36.32
C SER A 438 -35.92 -64.02 36.99
N LYS A 439 -36.65 -64.83 36.23
CA LYS A 439 -37.79 -65.57 36.73
C LYS A 439 -37.59 -67.05 36.41
N VAL A 440 -37.77 -67.90 37.42
CA VAL A 440 -37.50 -69.33 37.28
C VAL A 440 -38.50 -69.96 36.31
N GLY A 441 -39.79 -69.63 36.46
CA GLY A 441 -40.79 -70.14 35.55
C GLY A 441 -40.76 -69.52 34.18
N GLY A 442 -40.12 -68.35 34.04
CA GLY A 442 -40.03 -67.69 32.76
C GLY A 442 -40.56 -66.27 32.80
N ASN A 443 -39.85 -65.34 32.16
CA ASN A 443 -40.29 -63.96 32.10
C ASN A 443 -41.46 -63.83 31.13
N TYR A 444 -42.64 -63.50 31.67
CA TYR A 444 -43.85 -63.38 30.87
C TYR A 444 -44.07 -61.96 30.35
N ASN A 445 -43.16 -61.03 30.65
CA ASN A 445 -43.25 -59.67 30.12
C ASN A 445 -42.52 -59.50 28.80
N TYR A 446 -41.74 -60.50 28.36
CA TYR A 446 -40.92 -60.40 27.17
C TYR A 446 -41.52 -61.13 25.98
N ARG A 447 -42.84 -61.12 25.86
CA ARG A 447 -43.51 -61.65 24.69
C ARG A 447 -43.21 -60.77 23.48
N TYR A 448 -43.06 -61.38 22.31
CA TYR A 448 -42.84 -60.66 21.07
C TYR A 448 -43.76 -61.19 19.99
N ARG A 449 -44.10 -60.33 19.03
CA ARG A 449 -44.97 -60.70 17.93
C ARG A 449 -44.26 -61.69 17.00
N LEU A 450 -45.00 -62.72 16.58
CA LEU A 450 -44.46 -63.69 15.64
C LEU A 450 -44.51 -63.17 14.21
N PHE A 451 -45.66 -62.67 13.77
CA PHE A 451 -45.84 -62.31 12.37
C PHE A 451 -46.75 -61.11 12.23
N ARG A 452 -46.40 -60.25 11.28
CA ARG A 452 -47.29 -59.21 10.78
C ARG A 452 -47.37 -59.36 9.27
N LYS A 453 -48.50 -58.90 8.70
CA LYS A 453 -48.84 -59.24 7.31
C LYS A 453 -47.86 -58.61 6.32
N SER A 454 -47.34 -57.43 6.62
CA SER A 454 -46.40 -56.74 5.75
C SER A 454 -45.11 -56.47 6.51
N ASN A 455 -44.00 -56.40 5.78
CA ASN A 455 -42.72 -56.10 6.38
C ASN A 455 -42.69 -54.67 6.91
N LEU A 456 -41.95 -54.47 7.99
CA LEU A 456 -41.96 -53.21 8.73
C LEU A 456 -40.84 -52.29 8.26
N LYS A 457 -41.20 -51.04 7.97
CA LYS A 457 -40.22 -50.02 7.70
C LYS A 457 -39.45 -49.69 8.98
N PRO A 458 -38.17 -49.34 8.86
CA PRO A 458 -37.40 -48.93 10.05
C PRO A 458 -37.98 -47.68 10.71
N PHE A 459 -37.89 -47.66 12.05
CA PHE A 459 -38.32 -46.54 12.90
C PHE A 459 -39.83 -46.29 12.84
N GLU A 460 -40.60 -47.38 12.98
CA GLU A 460 -42.03 -47.28 13.28
C GLU A 460 -42.41 -48.37 14.27
N ARG A 461 -43.40 -48.08 15.11
CA ARG A 461 -43.92 -49.00 16.10
C ARG A 461 -45.42 -49.16 15.88
N ASP A 462 -45.90 -50.40 15.94
CA ASP A 462 -47.31 -50.68 15.67
C ASP A 462 -47.78 -51.81 16.55
N ILE A 463 -48.82 -51.57 17.35
CA ILE A 463 -49.45 -52.57 18.18
C ILE A 463 -50.92 -52.68 17.78
N SER A 464 -51.41 -53.91 17.65
CA SER A 464 -52.78 -54.17 17.24
C SER A 464 -53.24 -55.48 17.85
N THR A 465 -54.51 -55.81 17.62
CA THR A 465 -55.11 -57.07 18.05
C THR A 465 -55.89 -57.63 16.87
N GLU A 466 -55.21 -58.41 16.03
CA GLU A 466 -55.82 -59.08 14.90
C GLU A 466 -55.22 -60.48 14.78
N ILE A 467 -55.88 -61.32 14.00
CA ILE A 467 -55.52 -62.73 13.89
C ILE A 467 -54.94 -62.98 12.51
N TYR A 468 -53.74 -63.56 12.49
CA TYR A 468 -53.12 -63.98 11.24
C TYR A 468 -53.94 -65.11 10.62
N GLN A 469 -54.27 -64.95 9.34
CA GLN A 469 -55.05 -65.94 8.59
C GLN A 469 -54.13 -66.82 7.78
N ALA A 470 -54.36 -68.14 7.87
CA ALA A 470 -53.58 -69.14 7.15
C ALA A 470 -54.45 -69.95 6.21
N GLY A 471 -55.42 -69.30 5.58
CA GLY A 471 -56.29 -69.97 4.62
C GLY A 471 -57.28 -68.98 4.05
N ASN A 472 -58.00 -69.46 3.03
CA ASN A 472 -59.02 -68.64 2.36
C ASN A 472 -60.33 -68.66 3.17
N LYS A 473 -60.26 -68.07 4.36
CA LYS A 473 -61.38 -68.02 5.29
C LYS A 473 -61.14 -66.85 6.25
N PRO A 474 -62.20 -66.15 6.66
CA PRO A 474 -62.02 -65.03 7.59
C PRO A 474 -61.63 -65.52 8.98
N CYS A 475 -60.91 -64.65 9.69
CA CYS A 475 -60.47 -64.93 11.06
C CYS A 475 -60.99 -63.86 12.02
N ASN A 476 -62.25 -63.45 11.83
CA ASN A 476 -62.86 -62.52 12.77
C ASN A 476 -63.08 -63.15 14.13
N GLY A 477 -63.45 -64.43 14.16
CA GLY A 477 -63.64 -65.15 15.40
C GLY A 477 -62.37 -65.81 15.89
N VAL A 478 -62.53 -66.60 16.94
CA VAL A 478 -61.41 -67.31 17.57
C VAL A 478 -61.27 -68.67 16.92
N ALA A 479 -60.03 -69.03 16.58
CA ALA A 479 -59.74 -70.33 15.99
C ALA A 479 -58.34 -70.75 16.40
N GLY A 480 -58.07 -72.05 16.29
CA GLY A 480 -56.78 -72.60 16.68
C GLY A 480 -56.16 -73.50 15.64
N VAL A 481 -56.91 -73.80 14.58
CA VAL A 481 -56.44 -74.63 13.48
C VAL A 481 -56.51 -73.80 12.20
N ASN A 482 -55.40 -73.74 11.47
CA ASN A 482 -55.14 -72.95 10.26
C ASN A 482 -55.61 -71.50 10.35
N CYS A 483 -55.66 -70.96 11.57
CA CYS A 483 -55.96 -69.55 11.81
C CYS A 483 -55.39 -69.22 13.19
N TYR A 484 -54.20 -68.61 13.21
CA TYR A 484 -53.43 -68.49 14.43
C TYR A 484 -53.20 -67.02 14.77
N PHE A 485 -53.38 -66.68 16.04
CA PHE A 485 -52.94 -65.38 16.54
C PHE A 485 -51.43 -65.41 16.73
N PRO A 486 -50.69 -64.45 16.17
CA PRO A 486 -49.22 -64.48 16.32
C PRO A 486 -48.80 -64.14 17.74
N LEU A 487 -48.36 -65.16 18.48
CA LEU A 487 -47.93 -64.99 19.86
C LEU A 487 -46.67 -65.81 20.08
N GLN A 488 -45.64 -65.17 20.64
CA GLN A 488 -44.39 -65.85 20.97
C GLN A 488 -43.83 -65.23 22.23
N SER A 489 -43.77 -66.02 23.30
CA SER A 489 -43.16 -65.62 24.56
C SER A 489 -41.88 -66.40 24.76
N TYR A 490 -40.78 -65.71 25.08
CA TYR A 490 -39.51 -66.38 25.27
C TYR A 490 -39.54 -67.27 26.51
N GLY A 491 -39.99 -66.73 27.64
CA GLY A 491 -39.91 -67.45 28.89
C GLY A 491 -38.47 -67.62 29.34
N PHE A 492 -37.85 -66.51 29.73
CA PHE A 492 -36.42 -66.51 30.07
C PHE A 492 -36.16 -67.35 31.31
N ARG A 493 -35.24 -68.31 31.17
CA ARG A 493 -34.86 -69.18 32.27
C ARG A 493 -33.47 -68.80 32.74
N PRO A 494 -33.25 -68.62 34.06
CA PRO A 494 -31.90 -68.26 34.54
C PRO A 494 -30.87 -69.35 34.33
N THR A 495 -31.30 -70.60 34.16
CA THR A 495 -30.38 -71.73 33.95
C THR A 495 -30.11 -71.93 32.46
N TYR A 496 -29.57 -70.88 31.84
CA TYR A 496 -29.15 -70.94 30.44
C TYR A 496 -27.87 -70.14 30.29
N GLY A 497 -27.08 -70.49 29.28
CA GLY A 497 -25.87 -69.75 28.95
C GLY A 497 -26.12 -68.40 28.30
N VAL A 498 -25.15 -67.95 27.50
CA VAL A 498 -25.15 -66.59 26.98
C VAL A 498 -26.19 -66.37 25.88
N GLY A 499 -26.71 -67.44 25.28
CA GLY A 499 -27.54 -67.30 24.09
C GLY A 499 -28.89 -66.64 24.36
N HIS A 500 -29.52 -66.97 25.49
CA HIS A 500 -30.87 -66.50 25.76
C HIS A 500 -30.89 -65.63 27.01
N GLN A 501 -29.96 -64.68 27.11
CA GLN A 501 -30.01 -63.77 28.22
C GLN A 501 -30.50 -62.40 27.76
N PRO A 502 -31.25 -61.67 28.59
CA PRO A 502 -31.76 -60.36 28.17
C PRO A 502 -30.68 -59.29 28.19
N TYR A 503 -30.22 -58.91 27.00
CA TYR A 503 -29.24 -57.85 26.83
C TYR A 503 -29.98 -56.56 26.54
N ARG A 504 -30.00 -55.64 27.51
CA ARG A 504 -30.67 -54.37 27.32
C ARG A 504 -29.88 -53.51 26.34
N VAL A 505 -30.56 -53.00 25.32
CA VAL A 505 -29.92 -52.30 24.20
C VAL A 505 -30.43 -50.86 24.17
N VAL A 506 -29.49 -49.92 24.12
CA VAL A 506 -29.79 -48.50 23.99
C VAL A 506 -29.36 -48.06 22.60
N VAL A 507 -30.31 -47.55 21.82
CA VAL A 507 -30.06 -47.06 20.47
C VAL A 507 -30.15 -45.55 20.50
N LEU A 508 -29.08 -44.88 20.08
CA LEU A 508 -29.00 -43.42 20.08
C LEU A 508 -28.94 -42.93 18.65
N SER A 509 -29.86 -42.03 18.30
CA SER A 509 -29.95 -41.45 16.97
C SER A 509 -29.62 -39.97 17.01
N PHE A 510 -29.25 -39.43 15.85
CA PHE A 510 -28.88 -38.03 15.75
C PHE A 510 -29.06 -37.55 14.32
N GLU A 511 -29.52 -36.31 14.17
CA GLU A 511 -29.72 -35.71 12.86
C GLU A 511 -29.58 -34.21 12.98
N LEU A 512 -29.28 -33.56 11.86
CA LEU A 512 -29.12 -32.12 11.80
C LEU A 512 -30.48 -31.44 11.59
N LEU A 513 -30.51 -30.14 11.81
CA LEU A 513 -31.71 -29.33 11.67
C LEU A 513 -31.25 -27.87 11.49
N HIS A 514 -32.20 -26.97 11.25
CA HIS A 514 -31.91 -25.55 11.10
C HIS A 514 -31.79 -24.83 12.44
N ALA A 515 -32.05 -25.51 13.56
CA ALA A 515 -31.95 -24.96 14.90
C ALA A 515 -30.52 -25.06 15.41
N PRO A 516 -30.16 -24.25 16.41
CA PRO A 516 -28.87 -24.47 17.09
C PRO A 516 -28.88 -25.76 17.90
N ALA A 517 -27.70 -26.35 18.03
CA ALA A 517 -27.54 -27.66 18.66
C ALA A 517 -27.58 -27.55 20.19
N THR A 518 -27.74 -28.69 20.85
CA THR A 518 -27.92 -28.73 22.29
C THR A 518 -26.81 -29.46 23.03
N VAL A 519 -26.53 -30.72 22.69
CA VAL A 519 -25.77 -31.58 23.61
C VAL A 519 -24.34 -31.86 23.13
N CYS A 520 -23.43 -30.95 23.52
CA CYS A 520 -21.97 -31.12 23.29
C CYS A 520 -21.28 -30.26 24.35
N GLY A 521 -21.75 -29.02 24.55
CA GLY A 521 -21.23 -28.14 25.61
C GLY A 521 -19.73 -27.90 25.53
N PRO A 522 -19.23 -27.00 24.66
CA PRO A 522 -17.79 -26.81 24.48
C PRO A 522 -17.21 -26.06 25.67
N LYS A 523 -18.01 -25.87 26.72
CA LYS A 523 -17.53 -25.06 27.87
C LYS A 523 -16.13 -25.51 28.24
N LYS A 524 -15.19 -24.57 28.25
CA LYS A 524 -13.82 -24.90 28.72
C LYS A 524 -13.58 -24.07 29.98
N SER A 525 -13.42 -24.73 31.11
CA SER A 525 -13.22 -23.99 32.38
C SER A 525 -11.89 -24.39 33.01
N THR A 526 -11.03 -23.43 33.33
CA THR A 526 -9.69 -23.78 33.88
C THR A 526 -9.63 -23.47 35.37
N ASN A 527 -8.44 -23.36 35.98
CA ASN A 527 -8.27 -23.17 37.41
C ASN A 527 -8.15 -21.71 37.82
N LEU A 528 -7.78 -20.82 36.90
CA LEU A 528 -7.71 -19.37 37.12
C LEU A 528 -6.74 -19.02 38.26
N VAL A 529 -5.45 -19.21 37.96
CA VAL A 529 -4.40 -18.78 38.88
C VAL A 529 -4.48 -17.26 39.09
N LYS A 530 -4.05 -16.82 40.28
CA LYS A 530 -4.39 -15.49 40.75
C LYS A 530 -3.29 -14.46 40.57
N ASN A 531 -2.02 -14.85 40.45
CA ASN A 531 -0.95 -13.85 40.35
C ASN A 531 0.17 -14.41 39.46
N LYS A 532 0.08 -14.12 38.17
CA LYS A 532 1.06 -14.51 37.15
C LYS A 532 0.73 -13.73 35.88
N CYS A 533 1.72 -13.64 34.98
CA CYS A 533 1.47 -13.15 33.63
C CYS A 533 1.04 -14.35 32.79
N VAL A 534 -0.25 -14.45 32.52
CA VAL A 534 -0.83 -15.59 31.81
C VAL A 534 -1.75 -15.08 30.71
N ASN A 535 -2.05 -15.96 29.76
CA ASN A 535 -2.98 -15.65 28.69
C ASN A 535 -4.40 -16.04 29.09
N PHE A 536 -5.37 -15.45 28.40
CA PHE A 536 -6.76 -15.76 28.69
C PHE A 536 -7.62 -15.54 27.46
N ASN A 537 -8.79 -16.17 27.47
CA ASN A 537 -9.77 -16.07 26.40
C ASN A 537 -11.16 -15.87 26.98
N PHE A 538 -11.28 -14.90 27.89
CA PHE A 538 -12.53 -14.63 28.60
C PHE A 538 -13.62 -14.15 27.64
N ASN A 539 -14.57 -15.04 27.35
CA ASN A 539 -15.69 -14.77 26.42
C ASN A 539 -15.19 -14.29 25.06
N GLY A 540 -14.12 -14.93 24.57
CA GLY A 540 -13.57 -14.60 23.28
C GLY A 540 -12.65 -13.39 23.25
N LEU A 541 -12.21 -12.90 24.40
CA LEU A 541 -11.29 -11.76 24.46
C LEU A 541 -9.87 -12.29 24.53
N THR A 542 -9.15 -12.19 23.42
CA THR A 542 -7.76 -12.62 23.35
C THR A 542 -6.88 -11.55 23.98
N GLY A 543 -6.35 -11.83 25.16
CA GLY A 543 -5.52 -10.86 25.85
C GLY A 543 -4.59 -11.51 26.84
N THR A 544 -3.54 -10.77 27.20
CA THR A 544 -2.56 -11.21 28.18
C THR A 544 -2.46 -10.16 29.28
N GLY A 545 -1.87 -10.56 30.41
CA GLY A 545 -1.66 -9.64 31.50
C GLY A 545 -1.55 -10.39 32.81
N VAL A 546 -1.69 -9.65 33.90
CA VAL A 546 -1.62 -10.20 35.25
C VAL A 546 -2.97 -9.96 35.92
N LEU A 547 -3.66 -11.05 36.25
CA LEU A 547 -4.90 -10.94 37.01
C LEU A 547 -4.60 -10.57 38.45
N THR A 548 -5.52 -9.83 39.06
CA THR A 548 -5.42 -9.47 40.47
C THR A 548 -6.79 -9.07 40.98
N GLU A 549 -6.93 -9.05 42.30
CA GLU A 549 -8.20 -8.73 42.93
C GLU A 549 -8.57 -7.27 42.72
N SER A 550 -9.86 -7.02 42.49
CA SER A 550 -10.37 -5.68 42.24
C SER A 550 -11.31 -5.27 43.35
N ASN A 551 -11.18 -4.02 43.81
CA ASN A 551 -12.08 -3.48 44.81
C ASN A 551 -13.17 -2.59 44.22
N LYS A 552 -13.04 -2.22 42.95
CA LYS A 552 -14.03 -1.34 42.33
C LYS A 552 -15.34 -2.05 42.12
N LYS A 553 -16.44 -1.39 42.49
CA LYS A 553 -17.77 -1.99 42.43
C LYS A 553 -18.37 -1.75 41.06
N PHE A 554 -18.86 -2.83 40.43
CA PHE A 554 -19.51 -2.74 39.14
C PHE A 554 -21.01 -2.64 39.30
N LEU A 555 -21.65 -2.09 38.31
CA LEU A 555 -23.10 -2.27 38.24
C LEU A 555 -23.42 -3.60 37.59
N PRO A 556 -24.56 -4.22 37.96
CA PRO A 556 -24.83 -5.60 37.51
C PRO A 556 -24.87 -5.82 36.01
N PHE A 557 -25.36 -4.84 35.22
CA PHE A 557 -25.56 -5.10 33.80
C PHE A 557 -24.24 -5.11 33.04
N GLN A 558 -23.34 -4.17 33.32
CA GLN A 558 -22.12 -4.05 32.54
C GLN A 558 -21.09 -5.10 32.96
N GLN A 559 -20.23 -5.47 32.02
CA GLN A 559 -19.25 -6.54 32.21
C GLN A 559 -17.82 -6.05 32.15
N PHE A 560 -17.45 -5.31 31.11
CA PHE A 560 -16.06 -4.91 30.90
C PHE A 560 -15.67 -3.80 31.86
N GLY A 561 -14.42 -3.35 31.76
CA GLY A 561 -13.92 -2.32 32.64
C GLY A 561 -13.02 -1.30 31.98
N ARG A 562 -13.27 -0.99 30.71
CA ARG A 562 -12.38 -0.14 29.91
C ARG A 562 -12.32 1.27 30.49
N ASP A 563 -11.21 1.95 30.21
CA ASP A 563 -10.89 3.22 30.85
C ASP A 563 -10.44 4.20 29.77
N ILE A 564 -9.76 5.28 30.21
CA ILE A 564 -9.18 6.26 29.31
C ILE A 564 -8.33 5.56 28.24
N ALA A 565 -8.41 6.06 27.01
CA ALA A 565 -7.88 5.48 25.76
C ALA A 565 -8.62 4.15 25.55
N ASP A 566 -7.96 3.10 25.07
CA ASP A 566 -8.64 1.89 24.63
C ASP A 566 -8.22 0.64 25.38
N THR A 567 -7.57 0.79 26.54
CA THR A 567 -7.05 -0.35 27.27
C THR A 567 -8.15 -0.96 28.13
N THR A 568 -8.27 -2.29 28.08
CA THR A 568 -9.15 -2.99 29.02
C THR A 568 -8.52 -2.98 30.40
N ASP A 569 -9.31 -2.64 31.42
CA ASP A 569 -8.78 -2.48 32.76
C ASP A 569 -9.37 -3.45 33.78
N ALA A 570 -10.59 -3.94 33.58
CA ALA A 570 -11.18 -4.86 34.53
C ALA A 570 -12.16 -5.77 33.81
N VAL A 571 -12.36 -6.96 34.38
CA VAL A 571 -13.29 -7.95 33.86
C VAL A 571 -14.07 -8.56 35.02
N ARG A 572 -15.04 -9.39 34.66
CA ARG A 572 -15.83 -10.14 35.63
C ARG A 572 -15.73 -11.62 35.32
N ASP A 573 -15.86 -12.44 36.36
CA ASP A 573 -15.75 -13.88 36.19
C ASP A 573 -17.00 -14.42 35.49
N PRO A 574 -16.85 -15.15 34.39
CA PRO A 574 -18.02 -15.79 33.77
C PRO A 574 -18.68 -16.85 34.64
N GLN A 575 -17.96 -17.43 35.60
CA GLN A 575 -18.53 -18.34 36.59
C GLN A 575 -18.31 -17.74 37.97
N THR A 576 -19.36 -17.82 38.81
CA THR A 576 -19.46 -17.28 40.18
C THR A 576 -19.48 -15.76 40.24
N LEU A 577 -19.32 -15.10 39.09
CA LEU A 577 -19.59 -13.67 38.90
C LEU A 577 -18.77 -12.78 39.85
N GLU A 578 -17.45 -12.85 39.69
CA GLU A 578 -16.52 -12.10 40.51
C GLU A 578 -15.74 -11.12 39.65
N ILE A 579 -15.64 -9.88 40.14
CA ILE A 579 -14.95 -8.82 39.42
C ILE A 579 -13.45 -8.95 39.66
N LEU A 580 -12.67 -8.92 38.58
CA LEU A 580 -11.22 -9.01 38.66
C LEU A 580 -10.59 -7.74 38.11
N ASP A 581 -9.28 -7.64 38.30
CA ASP A 581 -8.50 -6.50 37.84
C ASP A 581 -7.33 -7.00 37.01
N ILE A 582 -6.91 -6.19 36.03
CA ILE A 582 -5.85 -6.58 35.11
C ILE A 582 -4.74 -5.55 35.18
N THR A 583 -3.52 -6.00 34.82
CA THR A 583 -2.37 -5.14 34.64
C THR A 583 -1.38 -5.88 33.74
N PRO A 584 -0.69 -5.19 32.84
CA PRO A 584 0.32 -5.87 32.03
C PRO A 584 1.51 -6.32 32.87
N CYS A 585 2.07 -7.47 32.53
CA CYS A 585 3.26 -7.93 33.22
C CYS A 585 4.46 -7.09 32.79
N SER A 586 5.46 -7.04 33.66
CA SER A 586 6.49 -6.00 33.62
C SER A 586 7.40 -6.16 32.40
N PHE A 587 7.95 -5.02 31.97
CA PHE A 587 8.93 -4.97 30.90
C PHE A 587 9.83 -3.77 31.13
N GLY A 588 10.84 -3.63 30.29
CA GLY A 588 11.75 -2.50 30.41
C GLY A 588 12.98 -2.71 29.57
N GLY A 589 13.81 -1.68 29.55
CA GLY A 589 15.05 -1.71 28.81
C GLY A 589 16.23 -2.06 29.71
N VAL A 590 17.27 -2.60 29.10
CA VAL A 590 18.48 -3.00 29.82
C VAL A 590 19.62 -2.11 29.35
N SER A 591 20.60 -1.91 30.22
CA SER A 591 21.78 -1.11 29.89
C SER A 591 22.97 -1.69 30.63
N VAL A 592 24.16 -1.42 30.10
CA VAL A 592 25.40 -1.99 30.61
C VAL A 592 26.30 -0.86 31.09
N ILE A 593 26.77 -0.97 32.32
CA ILE A 593 27.69 -0.01 32.91
C ILE A 593 29.08 -0.63 32.91
N THR A 594 30.00 -0.03 32.16
CA THR A 594 31.35 -0.55 32.05
C THR A 594 32.36 0.57 32.24
N PRO A 595 33.53 0.27 32.80
CA PRO A 595 34.62 1.26 32.87
C PRO A 595 35.57 1.25 31.70
N GLY A 596 35.23 0.56 30.60
CA GLY A 596 36.08 0.52 29.44
C GLY A 596 36.91 -0.75 29.35
N THR A 597 37.20 -1.20 28.13
CA THR A 597 38.01 -2.39 27.95
C THR A 597 39.48 -2.15 28.24
N ASN A 598 39.89 -0.88 28.37
CA ASN A 598 41.28 -0.57 28.67
C ASN A 598 41.66 -1.02 30.08
N THR A 599 40.77 -0.84 31.04
CA THR A 599 41.15 -1.07 32.44
C THR A 599 40.68 -2.43 32.97
N SER A 600 39.55 -2.96 32.52
CA SER A 600 39.01 -4.19 33.07
C SER A 600 38.00 -4.77 32.09
N ASN A 601 37.28 -5.80 32.55
CA ASN A 601 36.26 -6.45 31.75
C ASN A 601 34.94 -6.71 32.50
N GLN A 602 34.90 -6.45 33.80
CA GLN A 602 33.66 -6.65 34.54
C GLN A 602 32.64 -5.57 34.22
N VAL A 603 31.37 -5.96 34.20
CA VAL A 603 30.27 -5.05 33.91
C VAL A 603 29.24 -5.18 35.02
N ALA A 604 28.25 -4.29 35.00
CA ALA A 604 27.16 -4.32 35.97
C ALA A 604 25.90 -3.82 35.26
N VAL A 605 25.07 -4.76 34.82
CA VAL A 605 23.89 -4.42 34.02
C VAL A 605 22.79 -3.84 34.91
N LEU A 606 21.79 -3.25 34.29
CA LEU A 606 20.70 -2.61 35.01
C LEU A 606 19.40 -2.79 34.24
N TYR A 607 18.33 -3.10 34.96
CA TYR A 607 16.99 -3.21 34.39
C TYR A 607 16.18 -2.01 34.83
N GLN A 608 15.54 -1.33 33.88
CA GLN A 608 14.87 -0.06 34.14
C GLN A 608 13.43 -0.30 34.57
N GLY A 609 13.07 0.24 35.73
CA GLY A 609 11.70 0.21 36.22
C GLY A 609 11.18 -1.18 36.54
N VAL A 610 12.00 -2.02 37.16
CA VAL A 610 11.60 -3.37 37.53
C VAL A 610 11.86 -3.55 39.02
N ASN A 611 10.80 -3.87 39.77
CA ASN A 611 10.91 -4.18 41.19
C ASN A 611 11.48 -5.59 41.31
N CYS A 612 12.81 -5.68 41.36
CA CYS A 612 13.45 -6.99 41.39
C CYS A 612 13.23 -7.71 42.71
N THR A 613 12.93 -6.96 43.77
CA THR A 613 12.50 -7.60 45.01
C THR A 613 11.14 -8.27 44.84
N GLU A 614 10.23 -7.63 44.10
CA GLU A 614 8.90 -8.19 43.90
C GLU A 614 8.94 -9.38 42.95
N VAL A 615 9.65 -9.24 41.82
CA VAL A 615 9.75 -10.30 40.82
C VAL A 615 11.21 -10.60 40.53
N PRO A 616 11.63 -11.86 40.57
CA PRO A 616 13.02 -12.18 40.19
C PRO A 616 13.26 -11.90 38.71
N VAL A 617 14.47 -11.43 38.40
CA VAL A 617 14.83 -11.16 37.02
C VAL A 617 15.09 -12.46 36.27
N ALA A 618 15.47 -13.51 36.99
CA ALA A 618 15.76 -14.80 36.37
C ALA A 618 15.01 -15.92 37.07
N GLY A 634 24.03 -12.43 40.63
CA GLY A 634 25.43 -12.13 40.43
C GLY A 634 26.16 -11.81 41.71
N SER A 635 26.88 -10.68 41.71
CA SER A 635 27.61 -10.25 42.90
C SER A 635 26.65 -9.81 44.00
N ASN A 636 25.68 -8.96 43.66
CA ASN A 636 24.74 -8.44 44.65
C ASN A 636 23.50 -7.94 43.92
N VAL A 637 22.49 -7.59 44.70
CA VAL A 637 21.26 -6.99 44.21
C VAL A 637 21.02 -5.70 44.98
N PHE A 638 20.46 -4.71 44.31
CA PHE A 638 20.19 -3.42 44.92
C PHE A 638 18.96 -2.81 44.29
N GLN A 639 18.21 -2.05 45.10
CA GLN A 639 17.00 -1.39 44.65
C GLN A 639 17.24 0.10 44.50
N THR A 640 16.78 0.65 43.37
CA THR A 640 16.96 2.06 43.05
C THR A 640 15.68 2.51 42.35
N ARG A 641 15.36 3.81 42.50
CA ARG A 641 14.17 4.35 41.85
C ARG A 641 14.25 4.25 40.33
N ALA A 642 15.47 4.23 39.78
CA ALA A 642 15.61 3.99 38.35
C ALA A 642 15.31 2.54 37.99
N GLY A 643 15.70 1.60 38.86
CA GLY A 643 15.48 0.20 38.58
C GLY A 643 16.35 -0.65 39.49
N CYS A 644 16.63 -1.88 39.03
CA CYS A 644 17.44 -2.82 39.77
C CYS A 644 18.84 -2.89 39.18
N LEU A 645 19.84 -2.80 40.04
CA LEU A 645 21.25 -2.84 39.64
C LEU A 645 21.89 -4.09 40.23
N ILE A 646 22.48 -4.92 39.37
CA ILE A 646 23.17 -6.13 39.79
C ILE A 646 24.59 -6.07 39.27
N GLY A 647 25.53 -6.48 40.11
CA GLY A 647 26.95 -6.39 39.79
C GLY A 647 27.69 -5.32 40.56
N ALA A 648 27.05 -4.63 41.50
CA ALA A 648 27.72 -3.61 42.30
C ALA A 648 27.09 -3.57 43.68
N GLU A 649 27.86 -3.06 44.64
CA GLU A 649 27.42 -2.95 46.02
C GLU A 649 27.26 -1.48 46.40
N TYR A 650 26.26 -1.21 47.25
CA TYR A 650 25.92 0.16 47.62
C TYR A 650 26.82 0.60 48.77
N VAL A 651 27.95 1.23 48.42
CA VAL A 651 28.83 1.77 49.45
C VAL A 651 28.19 3.02 50.07
N ASN A 652 28.52 3.27 51.34
CA ASN A 652 27.86 4.30 52.11
C ASN A 652 28.53 5.67 52.01
N SER A 653 29.80 5.73 51.58
CA SER A 653 30.47 7.00 51.44
C SER A 653 30.02 7.72 50.17
N SER A 654 30.52 8.94 49.97
CA SER A 654 30.12 9.77 48.84
C SER A 654 31.35 10.34 48.16
N TYR A 655 31.31 10.37 46.82
CA TYR A 655 32.36 10.95 46.00
C TYR A 655 31.71 11.71 44.86
N GLU A 656 32.51 12.10 43.87
CA GLU A 656 31.98 12.76 42.68
C GLU A 656 31.43 11.73 41.71
N CYS A 657 30.81 12.21 40.64
CA CYS A 657 30.10 11.35 39.70
C CYS A 657 30.97 10.99 38.52
N ASP A 658 30.97 9.70 38.16
CA ASP A 658 31.68 9.19 37.00
C ASP A 658 30.73 8.69 35.92
N ILE A 659 29.86 7.76 36.25
CA ILE A 659 28.86 7.24 35.31
C ILE A 659 27.48 7.48 35.92
N PRO A 660 26.66 8.34 35.31
CA PRO A 660 25.33 8.59 35.88
C PRO A 660 24.38 7.42 35.64
N ILE A 661 23.48 7.21 36.58
CA ILE A 661 22.43 6.22 36.45
C ILE A 661 21.07 6.90 36.49
N GLY A 662 20.77 7.57 37.60
CA GLY A 662 19.48 8.19 37.78
C GLY A 662 19.07 8.30 39.23
N ALA A 663 18.29 9.33 39.55
CA ALA A 663 17.85 9.64 40.91
C ALA A 663 19.03 9.78 41.87
N GLY A 664 20.07 10.48 41.40
CA GLY A 664 21.23 10.76 42.23
C GLY A 664 22.07 9.57 42.59
N ILE A 665 22.29 8.64 41.64
CA ILE A 665 23.17 7.50 41.84
C ILE A 665 24.23 7.54 40.77
N CYS A 666 25.50 7.48 41.18
CA CYS A 666 26.62 7.51 40.27
C CYS A 666 27.58 6.37 40.61
N ALA A 667 28.07 5.70 39.58
CA ALA A 667 28.92 4.52 39.75
C ALA A 667 30.32 4.80 39.19
N SER A 668 31.31 4.08 39.73
CA SER A 668 32.68 4.26 39.29
C SER A 668 33.46 2.99 39.58
N TYR A 669 34.63 2.88 38.93
CA TYR A 669 35.53 1.74 39.10
C TYR A 669 36.62 2.17 40.07
N GLN A 670 36.41 1.92 41.36
CA GLN A 670 37.33 2.33 42.40
C GLN A 670 37.65 1.16 43.30
N THR A 671 38.82 1.22 43.92
CA THR A 671 39.26 0.17 44.83
C THR A 671 38.54 0.29 46.18
N GLN A 672 38.86 -0.62 47.08
CA GLN A 672 38.24 -0.65 48.40
C GLN A 672 38.67 0.54 49.25
N SER A 684 41.47 -6.51 43.98
CA SER A 684 41.20 -5.36 44.83
C SER A 684 40.47 -4.25 44.05
N GLN A 685 39.97 -4.60 42.88
CA GLN A 685 39.22 -3.68 42.03
C GLN A 685 37.81 -4.21 41.83
N SER A 686 36.83 -3.32 41.95
CA SER A 686 35.44 -3.71 41.82
C SER A 686 34.62 -2.49 41.42
N ILE A 687 33.39 -2.73 40.97
CA ILE A 687 32.47 -1.69 40.56
C ILE A 687 31.55 -1.39 41.73
N ILE A 688 31.45 -0.11 42.10
CA ILE A 688 30.64 0.32 43.23
C ILE A 688 29.66 1.39 42.76
N ALA A 689 28.56 1.50 43.49
CA ALA A 689 27.56 2.54 43.24
C ALA A 689 27.29 3.27 44.55
N TYR A 690 27.32 4.59 44.49
CA TYR A 690 27.18 5.41 45.69
C TYR A 690 26.12 6.48 45.45
N THR A 691 26.04 7.43 46.38
CA THR A 691 25.16 8.58 46.28
C THR A 691 25.98 9.80 45.86
N MET A 692 25.42 10.60 44.96
CA MET A 692 26.11 11.77 44.43
C MET A 692 26.35 12.80 45.53
N SER A 693 27.52 13.42 45.48
CA SER A 693 27.88 14.50 46.41
C SER A 693 28.13 15.76 45.58
N LEU A 694 27.48 16.85 45.96
CA LEU A 694 27.51 18.07 45.17
C LEU A 694 28.81 18.84 45.29
N GLY A 695 29.70 18.43 46.20
CA GLY A 695 30.96 19.12 46.37
C GLY A 695 31.39 19.19 47.82
N ALA A 696 32.55 19.78 48.09
CA ALA A 696 33.01 19.91 49.46
C ALA A 696 32.14 20.89 50.21
N GLU A 697 31.70 20.49 51.41
CA GLU A 697 30.88 21.36 52.23
C GLU A 697 31.74 22.48 52.82
N ASN A 698 31.29 23.72 52.65
CA ASN A 698 32.05 24.88 53.08
C ASN A 698 31.13 25.85 53.78
N SER A 699 31.68 26.61 54.72
CA SER A 699 30.96 27.62 55.45
C SER A 699 31.71 28.94 55.36
N VAL A 700 30.99 30.03 55.59
CA VAL A 700 31.56 31.37 55.63
C VAL A 700 31.19 32.02 56.95
N ALA A 701 32.00 32.98 57.37
CA ALA A 701 31.83 33.63 58.67
C ALA A 701 31.20 35.01 58.45
N TYR A 702 29.88 35.03 58.38
CA TYR A 702 29.16 36.29 58.37
C TYR A 702 29.26 36.95 59.74
N SER A 703 29.33 38.27 59.74
CA SER A 703 29.45 39.02 60.99
C SER A 703 28.93 40.43 60.78
N ASN A 704 28.73 41.14 61.90
CA ASN A 704 28.31 42.53 61.84
C ASN A 704 29.39 43.40 61.24
N ASN A 705 30.65 43.06 61.46
CA ASN A 705 31.78 43.83 60.94
C ASN A 705 32.95 42.89 60.65
N SER A 706 33.04 42.43 59.40
CA SER A 706 34.12 41.53 59.00
C SER A 706 34.28 41.63 57.49
N ILE A 707 35.47 42.04 57.05
CA ILE A 707 35.78 42.14 55.63
C ILE A 707 37.07 41.38 55.37
N ALA A 708 37.19 40.83 54.16
CA ALA A 708 38.37 40.08 53.76
C ALA A 708 38.83 40.61 52.42
N ILE A 709 39.99 41.26 52.40
CA ILE A 709 40.54 41.89 51.20
C ILE A 709 41.68 41.01 50.69
N PRO A 710 41.65 40.61 49.41
CA PRO A 710 42.77 39.83 48.87
C PRO A 710 44.04 40.65 48.74
N THR A 711 45.18 39.96 48.81
CA THR A 711 46.48 40.61 48.73
C THR A 711 47.29 40.22 47.50
N ASN A 712 46.96 39.12 46.84
CA ASN A 712 47.71 38.68 45.67
C ASN A 712 46.72 38.07 44.68
N PHE A 713 47.12 38.05 43.40
CA PHE A 713 46.20 37.59 42.37
C PHE A 713 46.82 36.51 41.50
N THR A 714 46.14 36.17 40.41
CA THR A 714 46.62 35.15 39.49
C THR A 714 46.03 35.42 38.12
N ILE A 715 46.89 35.52 37.11
CA ILE A 715 46.47 35.74 35.73
C ILE A 715 46.36 34.37 35.08
N SER A 716 45.13 33.91 34.91
CA SER A 716 44.87 32.60 34.32
C SER A 716 44.45 32.75 32.87
N VAL A 717 44.52 31.63 32.14
CA VAL A 717 44.11 31.57 30.74
C VAL A 717 43.26 30.32 30.58
N THR A 718 41.97 30.51 30.31
CA THR A 718 41.07 29.38 30.07
C THR A 718 41.00 29.13 28.56
N THR A 719 40.03 28.34 28.12
CA THR A 719 39.81 28.11 26.70
C THR A 719 38.32 27.83 26.48
N GLU A 720 37.88 28.00 25.23
CA GLU A 720 36.48 27.81 24.90
C GLU A 720 36.36 27.48 23.43
N ILE A 721 35.55 26.47 23.11
CA ILE A 721 35.40 25.96 21.76
C ILE A 721 34.00 26.28 21.27
N LEU A 722 33.90 26.70 20.01
CA LEU A 722 32.60 27.07 19.46
C LEU A 722 32.48 26.65 18.00
N PRO A 723 31.48 25.84 17.65
CA PRO A 723 31.26 25.52 16.24
C PRO A 723 30.78 26.75 15.47
N VAL A 724 31.09 26.78 14.17
CA VAL A 724 30.78 27.94 13.36
C VAL A 724 29.88 27.54 12.19
N SER A 725 30.29 26.54 11.43
CA SER A 725 29.53 26.15 10.24
C SER A 725 29.74 24.66 9.97
N MET A 726 28.72 24.02 9.41
CA MET A 726 28.79 22.62 9.05
C MET A 726 29.30 22.50 7.61
N THR A 727 29.19 21.30 7.03
CA THR A 727 29.68 21.04 5.68
C THR A 727 28.55 21.20 4.68
N LYS A 728 28.80 21.97 3.64
CA LYS A 728 27.79 22.17 2.59
C LYS A 728 27.59 20.89 1.80
N THR A 729 26.32 20.57 1.52
CA THR A 729 25.98 19.39 0.75
C THR A 729 24.92 19.74 -0.27
N SER A 730 24.77 18.89 -1.27
CA SER A 730 23.73 19.04 -2.28
C SER A 730 23.37 17.66 -2.81
N VAL A 731 22.15 17.54 -3.33
CA VAL A 731 21.62 16.27 -3.80
C VAL A 731 21.09 16.45 -5.22
N ASP A 732 20.96 15.34 -5.92
CA ASP A 732 20.31 15.27 -7.21
C ASP A 732 19.13 14.32 -7.07
N CYS A 733 17.91 14.88 -7.08
CA CYS A 733 16.72 14.10 -6.73
C CYS A 733 16.44 13.01 -7.75
N THR A 734 16.63 13.30 -9.04
CA THR A 734 16.33 12.32 -10.07
C THR A 734 17.36 11.20 -10.08
N MET A 735 18.64 11.54 -9.94
CA MET A 735 19.70 10.54 -10.03
C MET A 735 19.69 9.60 -8.82
N TYR A 736 19.44 10.15 -7.63
CA TYR A 736 19.43 9.32 -6.43
C TYR A 736 18.26 8.35 -6.43
N ILE A 737 17.06 8.86 -6.66
CA ILE A 737 15.86 8.03 -6.53
C ILE A 737 15.79 7.02 -7.67
N CYS A 738 16.01 7.47 -8.90
CA CYS A 738 15.92 6.63 -10.08
C CYS A 738 17.34 6.39 -10.60
N GLY A 739 17.77 5.14 -10.60
CA GLY A 739 19.09 4.78 -11.06
C GLY A 739 19.21 4.78 -12.57
N ASP A 740 19.21 5.99 -13.16
CA ASP A 740 19.34 6.25 -14.61
C ASP A 740 18.43 5.37 -15.46
N SER A 741 17.23 5.11 -14.96
CA SER A 741 16.20 4.37 -15.69
C SER A 741 15.13 5.34 -16.14
N THR A 742 14.80 5.31 -17.43
CA THR A 742 13.83 6.25 -17.99
C THR A 742 12.40 5.96 -17.53
N GLU A 743 12.13 4.74 -17.07
CA GLU A 743 10.78 4.42 -16.60
C GLU A 743 10.51 5.07 -15.25
N CYS A 744 11.52 5.08 -14.37
CA CYS A 744 11.34 5.67 -13.04
C CYS A 744 11.18 7.19 -13.13
N SER A 745 11.90 7.82 -14.06
CA SER A 745 11.85 9.28 -14.16
C SER A 745 10.49 9.77 -14.63
N ASN A 746 9.76 8.95 -15.39
CA ASN A 746 8.43 9.34 -15.84
C ASN A 746 7.44 9.32 -14.69
N LEU A 747 7.52 8.31 -13.83
CA LEU A 747 6.61 8.23 -12.69
C LEU A 747 6.93 9.30 -11.65
N LEU A 748 8.22 9.61 -11.47
CA LEU A 748 8.61 10.64 -10.51
C LEU A 748 8.15 12.02 -10.98
N LEU A 749 8.21 12.28 -12.28
CA LEU A 749 7.71 13.55 -12.83
C LEU A 749 6.21 13.66 -12.62
N GLN A 750 5.49 12.54 -12.68
CA GLN A 750 4.05 12.54 -12.51
C GLN A 750 3.61 12.89 -11.09
N TYR A 751 4.45 12.61 -10.07
CA TYR A 751 4.04 12.84 -8.69
C TYR A 751 3.93 14.32 -8.36
N GLY A 752 4.75 15.16 -8.98
CA GLY A 752 4.66 16.58 -8.74
C GLY A 752 6.00 17.27 -8.61
N SER A 753 6.03 18.37 -7.87
CA SER A 753 7.24 19.17 -7.71
C SER A 753 7.92 18.92 -6.37
N PHE A 754 7.88 17.67 -5.88
CA PHE A 754 8.51 17.35 -4.60
C PHE A 754 10.02 17.54 -4.65
N CYS A 755 10.63 17.21 -5.78
CA CYS A 755 12.08 17.37 -5.89
C CYS A 755 12.48 18.84 -6.03
N THR A 756 11.52 19.73 -6.31
CA THR A 756 11.85 21.14 -6.49
C THR A 756 12.20 21.81 -5.17
N GLN A 757 11.42 21.56 -4.12
CA GLN A 757 11.73 22.16 -2.83
C GLN A 757 12.99 21.55 -2.22
N LEU A 758 13.21 20.25 -2.43
CA LEU A 758 14.34 19.59 -1.82
C LEU A 758 15.68 20.04 -2.41
N LYS A 759 15.66 20.66 -3.59
CA LYS A 759 16.86 21.31 -4.11
C LYS A 759 16.99 22.74 -3.59
N ARG A 760 15.87 23.46 -3.49
CA ARG A 760 15.91 24.83 -3.02
C ARG A 760 16.20 24.90 -1.52
N ALA A 761 15.70 23.93 -0.75
CA ALA A 761 15.96 23.92 0.69
C ALA A 761 17.43 23.69 1.00
N LEU A 762 18.08 22.80 0.26
CA LEU A 762 19.50 22.58 0.46
C LEU A 762 20.34 23.72 -0.09
N THR A 763 19.81 24.46 -1.08
CA THR A 763 20.49 25.64 -1.57
C THR A 763 20.55 26.73 -0.51
N GLY A 764 19.44 26.92 0.22
CA GLY A 764 19.43 27.91 1.29
C GLY A 764 20.35 27.55 2.43
N ILE A 765 20.51 26.24 2.69
CA ILE A 765 21.45 25.79 3.72
C ILE A 765 22.88 26.11 3.30
N ALA A 766 23.22 25.82 2.04
CA ALA A 766 24.59 25.96 1.57
C ALA A 766 25.04 27.42 1.56
N VAL A 767 24.15 28.32 1.18
CA VAL A 767 24.46 29.75 1.21
C VAL A 767 24.61 30.22 2.65
N GLU A 768 23.85 29.64 3.58
CA GLU A 768 23.84 30.11 4.97
C GLU A 768 25.18 29.86 5.64
N GLN A 769 25.86 28.76 5.32
CA GLN A 769 27.15 28.47 5.93
C GLN A 769 28.21 29.45 5.44
N ASP A 770 28.05 29.99 4.24
CA ASP A 770 28.96 31.02 3.76
C ASP A 770 28.80 32.31 4.57
N LYS A 771 27.57 32.63 4.94
CA LYS A 771 27.33 33.85 5.70
C LYS A 771 27.81 33.73 7.15
N ASN A 772 27.74 32.52 7.71
CA ASN A 772 28.16 32.32 9.09
C ASN A 772 29.65 32.56 9.27
N THR A 773 30.46 32.07 8.33
CA THR A 773 31.90 32.30 8.39
C THR A 773 32.23 33.77 8.17
N GLN A 774 31.48 34.43 7.28
CA GLN A 774 31.78 35.83 6.96
C GLN A 774 31.39 36.76 8.10
N GLU A 775 30.38 36.42 8.89
CA GLU A 775 29.98 37.29 9.99
C GLU A 775 30.95 37.21 11.15
N VAL A 776 31.71 36.12 11.27
CA VAL A 776 32.60 35.93 12.41
C VAL A 776 33.96 36.55 12.14
N PHE A 777 34.62 36.13 11.07
CA PHE A 777 36.01 36.50 10.84
C PHE A 777 36.18 37.83 10.13
N ALA A 778 35.20 38.26 9.33
CA ALA A 778 35.36 39.45 8.50
C ALA A 778 34.80 40.71 9.14
N GLN A 779 34.94 40.84 10.46
CA GLN A 779 34.54 42.08 11.13
C GLN A 779 35.43 43.23 10.72
N VAL A 780 36.72 42.98 10.53
CA VAL A 780 37.68 44.02 10.18
C VAL A 780 37.48 44.45 8.74
N LYS A 781 38.07 45.59 8.38
CA LYS A 781 37.95 46.15 7.04
C LYS A 781 39.26 46.12 6.26
N GLN A 782 40.40 46.23 6.93
CA GLN A 782 41.70 46.21 6.29
C GLN A 782 42.58 45.15 6.95
N ILE A 783 43.34 44.43 6.13
CA ILE A 783 44.23 43.39 6.64
C ILE A 783 45.45 44.07 7.26
N TYR A 784 45.56 44.01 8.58
CA TYR A 784 46.71 44.57 9.25
C TYR A 784 47.92 43.65 9.11
N LYS A 785 49.09 44.17 9.42
CA LYS A 785 50.34 43.45 9.24
C LYS A 785 51.06 43.31 10.57
N THR A 786 51.69 42.16 10.78
CA THR A 786 52.52 41.94 11.95
C THR A 786 53.71 42.89 11.92
N PRO A 787 54.06 43.51 13.03
CA PRO A 787 55.22 44.39 13.05
C PRO A 787 56.50 43.59 12.81
N PRO A 788 57.54 44.23 12.24
CA PRO A 788 58.77 43.49 11.88
C PRO A 788 59.49 42.89 13.07
N ILE A 789 59.84 43.71 14.05
CA ILE A 789 60.50 43.24 15.25
C ILE A 789 59.43 42.94 16.30
N LYS A 790 59.73 41.98 17.17
CA LYS A 790 58.77 41.52 18.17
C LYS A 790 59.37 41.67 19.56
N TYR A 791 58.99 42.74 20.26
CA TYR A 791 59.31 42.90 21.68
C TYR A 791 58.15 43.65 22.31
N PHE A 792 57.20 42.91 22.86
CA PHE A 792 55.99 43.50 23.42
C PHE A 792 56.08 43.57 24.93
N GLY A 793 57.07 44.34 25.40
CA GLY A 793 57.25 44.59 26.81
C GLY A 793 57.54 43.36 27.65
N GLY A 794 58.24 42.38 27.09
CA GLY A 794 58.54 41.15 27.80
C GLY A 794 57.48 40.08 27.70
N PHE A 795 56.38 40.34 27.00
CA PHE A 795 55.31 39.36 26.84
C PHE A 795 55.64 38.48 25.64
N ASN A 796 55.60 37.16 25.85
CA ASN A 796 55.95 36.22 24.79
C ASN A 796 54.68 35.88 24.00
N PHE A 797 54.66 36.29 22.73
CA PHE A 797 53.51 36.09 21.86
C PHE A 797 53.80 35.11 20.72
N SER A 798 54.85 34.30 20.84
CA SER A 798 55.28 33.47 19.71
C SER A 798 54.30 32.34 19.43
N GLN A 799 53.54 31.91 20.44
CA GLN A 799 52.66 30.76 20.27
C GLN A 799 51.43 31.06 19.41
N ILE A 800 51.00 32.32 19.34
CA ILE A 800 49.77 32.66 18.65
C ILE A 800 50.01 33.45 17.37
N LEU A 801 51.12 34.19 17.26
CA LEU A 801 51.44 34.85 16.01
C LEU A 801 51.88 33.84 14.97
N PRO A 802 51.61 34.09 13.69
CA PRO A 802 52.01 33.14 12.64
C PRO A 802 53.53 32.97 12.55
N ASP A 803 53.95 31.74 12.24
CA ASP A 803 55.35 31.40 12.13
C ASP A 803 55.71 31.24 10.65
N PRO A 804 56.56 32.11 10.09
CA PRO A 804 56.85 32.02 8.65
C PRO A 804 57.73 30.84 8.26
N SER A 805 58.33 30.15 9.22
CA SER A 805 59.24 29.06 8.90
C SER A 805 58.52 27.88 8.24
N LYS A 806 57.34 27.55 8.74
CA LYS A 806 56.58 26.44 8.18
C LYS A 806 56.00 26.81 6.81
N PRO A 807 55.84 25.83 5.91
CA PRO A 807 55.23 26.14 4.61
C PRO A 807 53.80 26.64 4.70
N SER A 808 53.03 26.14 5.65
CA SER A 808 51.69 26.64 5.91
C SER A 808 51.78 27.75 6.95
N LYS A 809 51.41 28.97 6.56
CA LYS A 809 51.54 30.13 7.43
C LYS A 809 50.47 30.07 8.50
N ARG A 810 50.82 29.48 9.65
CA ARG A 810 49.90 29.29 10.75
C ARG A 810 50.65 29.38 12.06
N SER A 811 49.91 29.46 13.15
CA SER A 811 50.45 29.53 14.49
C SER A 811 50.72 28.13 15.04
N PRO A 812 51.65 28.00 16.00
CA PRO A 812 51.88 26.69 16.61
C PRO A 812 50.67 26.11 17.32
N ILE A 813 49.82 26.96 17.92
CA ILE A 813 48.60 26.45 18.56
C ILE A 813 47.62 25.94 17.51
N GLU A 814 47.52 26.65 16.38
CA GLU A 814 46.61 26.23 15.31
C GLU A 814 47.06 24.93 14.68
N ASP A 815 48.38 24.71 14.61
CA ASP A 815 48.90 23.47 14.02
C ASP A 815 48.56 22.26 14.87
N LEU A 816 48.59 22.42 16.19
CA LEU A 816 48.20 21.34 17.09
C LEU A 816 46.73 21.00 16.92
N LEU A 817 45.88 22.02 16.77
CA LEU A 817 44.46 21.79 16.54
C LEU A 817 44.21 21.18 15.16
N PHE A 818 45.10 21.44 14.21
CA PHE A 818 44.93 20.91 12.86
C PHE A 818 45.10 19.39 12.84
N ASN A 819 46.10 18.88 13.57
CA ASN A 819 46.35 17.44 13.59
C ASN A 819 45.36 16.69 14.46
N LYS A 820 44.86 17.31 15.52
CA LYS A 820 44.02 16.61 16.49
C LYS A 820 42.61 16.32 15.98
N VAL A 821 42.22 16.89 14.85
CA VAL A 821 40.89 16.65 14.28
C VAL A 821 41.06 15.77 13.05
N THR A 822 40.44 14.58 13.08
CA THR A 822 40.52 13.62 11.99
C THR A 822 39.27 13.78 11.12
N LEU A 823 39.45 14.35 9.94
CA LEU A 823 38.34 14.56 9.01
C LEU A 823 38.05 13.29 8.22
N LEU A 844 33.74 5.15 2.34
CA LEU A 844 34.67 6.16 2.81
C LEU A 844 34.23 7.56 2.39
N ILE A 845 35.11 8.54 2.56
CA ILE A 845 34.82 9.92 2.16
C ILE A 845 34.62 9.99 0.65
N CYS A 846 35.49 9.31 -0.11
CA CYS A 846 35.38 9.32 -1.55
C CYS A 846 34.16 8.56 -2.05
N ALA A 847 33.64 7.63 -1.24
CA ALA A 847 32.47 6.86 -1.65
C ALA A 847 31.20 7.71 -1.62
N GLN A 848 31.17 8.77 -0.83
CA GLN A 848 29.98 9.61 -0.73
C GLN A 848 29.75 10.43 -1.99
N LYS A 849 30.78 10.63 -2.80
CA LYS A 849 30.67 11.45 -4.01
C LYS A 849 30.10 10.68 -5.19
N PHE A 850 29.51 9.51 -4.94
CA PHE A 850 29.19 8.56 -5.99
C PHE A 850 27.70 8.43 -6.29
N ASN A 851 26.86 8.34 -5.27
CA ASN A 851 25.44 8.03 -5.46
C ASN A 851 24.56 9.26 -5.65
N GLY A 852 25.12 10.35 -6.18
CA GLY A 852 24.38 11.58 -6.36
C GLY A 852 24.63 12.63 -5.29
N LEU A 853 25.30 12.25 -4.20
CA LEU A 853 25.61 13.18 -3.14
C LEU A 853 26.89 13.94 -3.50
N THR A 854 26.85 15.27 -3.36
CA THR A 854 27.99 16.11 -3.68
C THR A 854 28.34 16.97 -2.47
N VAL A 855 29.63 17.26 -2.32
CA VAL A 855 30.14 18.05 -1.21
C VAL A 855 30.78 19.29 -1.82
N LEU A 856 30.07 20.41 -1.81
CA LEU A 856 30.59 21.65 -2.32
C LEU A 856 31.60 22.24 -1.33
N PRO A 857 32.68 22.84 -1.82
CA PRO A 857 33.70 23.37 -0.92
C PRO A 857 33.30 24.73 -0.38
N PRO A 858 33.85 25.14 0.76
CA PRO A 858 33.59 26.49 1.26
C PRO A 858 34.24 27.54 0.38
N LEU A 859 33.64 28.73 0.36
CA LEU A 859 34.18 29.83 -0.44
C LEU A 859 35.51 30.31 0.12
N LEU A 860 35.61 30.48 1.43
CA LEU A 860 36.82 30.96 2.07
C LEU A 860 37.69 29.77 2.45
N THR A 861 38.82 29.61 1.75
CA THR A 861 39.70 28.49 2.05
C THR A 861 40.49 28.78 3.33
N ASP A 862 41.18 27.74 3.82
CA ASP A 862 41.78 27.80 5.14
C ASP A 862 42.96 28.78 5.18
N GLU A 863 43.71 28.87 4.08
CA GLU A 863 44.89 29.74 4.09
C GLU A 863 44.55 31.22 4.05
N MET A 864 43.31 31.58 3.73
CA MET A 864 42.87 32.98 3.77
C MET A 864 41.96 33.27 4.95
N ILE A 865 41.39 32.23 5.56
CA ILE A 865 40.78 32.39 6.89
C ILE A 865 41.82 32.78 7.91
N ALA A 866 42.99 32.13 7.88
CA ALA A 866 44.05 32.38 8.84
C ALA A 866 44.69 33.75 8.69
N GLN A 867 44.42 34.47 7.61
CA GLN A 867 44.91 35.83 7.48
C GLN A 867 43.97 36.84 8.14
N TYR A 868 42.67 36.54 8.16
CA TYR A 868 41.75 37.29 9.01
C TYR A 868 42.13 37.15 10.48
N THR A 869 42.51 35.94 10.90
CA THR A 869 42.87 35.72 12.29
C THR A 869 44.13 36.50 12.66
N SER A 870 45.14 36.48 11.79
CA SER A 870 46.38 37.21 12.06
C SER A 870 46.15 38.72 12.06
N ALA A 871 45.20 39.19 11.26
CA ALA A 871 44.85 40.61 11.27
C ALA A 871 44.21 41.01 12.59
N LEU A 872 43.38 40.13 13.15
CA LEU A 872 42.70 40.45 14.40
C LEU A 872 43.66 40.50 15.58
N LEU A 873 44.70 39.67 15.57
CA LEU A 873 45.73 39.78 16.60
C LEU A 873 46.61 41.00 16.38
N ALA A 874 46.81 41.41 15.13
CA ALA A 874 47.67 42.56 14.86
C ALA A 874 47.06 43.85 15.38
N GLY A 875 45.76 44.03 15.22
CA GLY A 875 45.10 45.21 15.75
C GLY A 875 44.86 45.17 17.24
N THR A 876 44.81 43.99 17.84
CA THR A 876 44.54 43.87 19.26
C THR A 876 45.76 44.22 20.09
N ILE A 877 46.95 43.81 19.65
CA ILE A 877 48.17 43.98 20.44
C ILE A 877 48.92 45.27 20.13
N THR A 878 48.54 45.99 19.08
CA THR A 878 49.16 47.27 18.78
C THR A 878 48.21 48.45 18.87
N SER A 879 46.96 48.30 18.44
CA SER A 879 46.01 49.40 18.39
C SER A 879 45.02 49.39 19.55
N GLY A 880 45.19 48.47 20.50
CA GLY A 880 44.22 48.37 21.58
C GLY A 880 42.90 47.86 21.06
N TRP A 881 41.83 48.59 21.35
CA TRP A 881 40.51 48.26 20.86
C TRP A 881 39.91 49.32 19.96
N THR A 882 40.64 50.41 19.69
CA THR A 882 40.07 51.50 18.91
C THR A 882 39.94 51.16 17.44
N PHE A 883 40.62 50.13 16.95
CA PHE A 883 40.50 49.76 15.54
C PHE A 883 39.15 49.12 15.24
N GLY A 884 38.47 48.59 16.24
CA GLY A 884 37.13 48.07 16.02
C GLY A 884 36.11 49.16 15.74
N ALA A 885 36.25 50.30 16.42
CA ALA A 885 35.27 51.37 16.36
C ALA A 885 35.70 52.53 15.47
N GLY A 886 36.79 52.37 14.71
CA GLY A 886 37.27 53.43 13.87
C GLY A 886 38.66 53.16 13.34
N PRO A 887 39.39 54.21 12.99
CA PRO A 887 40.77 54.03 12.51
C PRO A 887 41.68 53.54 13.63
N ALA A 888 42.65 52.72 13.26
CA ALA A 888 43.57 52.16 14.24
C ALA A 888 44.56 53.22 14.71
N LEU A 889 44.71 53.31 16.03
CA LEU A 889 45.65 54.24 16.65
C LEU A 889 46.62 53.43 17.52
N GLN A 890 47.92 53.58 17.25
CA GLN A 890 48.90 52.75 17.94
C GLN A 890 49.07 53.21 19.38
N ILE A 891 49.50 52.26 20.22
CA ILE A 891 49.73 52.45 21.64
C ILE A 891 50.59 51.29 22.13
N PRO A 892 51.66 51.55 22.90
CA PRO A 892 52.51 50.44 23.36
C PRO A 892 51.78 49.50 24.29
N PHE A 893 52.17 48.23 24.24
CA PHE A 893 51.44 47.17 24.96
C PHE A 893 51.41 47.31 26.48
N PRO A 894 52.50 47.65 27.19
CA PRO A 894 52.37 47.84 28.65
C PRO A 894 51.43 48.98 29.03
N MET A 895 51.28 49.99 28.17
CA MET A 895 50.30 51.02 28.44
C MET A 895 48.88 50.54 28.19
N GLN A 896 48.71 49.54 27.32
CA GLN A 896 47.37 49.03 27.05
C GLN A 896 46.86 48.18 28.20
N MET A 897 47.72 47.33 28.77
CA MET A 897 47.33 46.48 29.89
C MET A 897 46.98 47.29 31.12
N ALA A 898 47.62 48.44 31.32
CA ALA A 898 47.25 49.31 32.43
C ALA A 898 45.88 49.91 32.23
N TYR A 899 45.46 50.07 30.98
CA TYR A 899 44.14 50.59 30.66
C TYR A 899 43.08 49.50 30.58
N ARG A 900 43.46 48.23 30.80
CA ARG A 900 42.50 47.16 30.97
C ARG A 900 42.30 46.76 32.43
N PHE A 901 43.32 46.96 33.27
CA PHE A 901 43.10 46.88 34.71
C PHE A 901 42.18 47.99 35.20
N ASN A 902 42.16 49.12 34.49
CA ASN A 902 41.30 50.23 34.89
C ASN A 902 39.82 49.93 34.70
N GLY A 903 39.47 48.87 33.99
CA GLY A 903 38.08 48.49 33.83
C GLY A 903 37.55 47.62 34.95
N ILE A 904 38.42 46.83 35.59
CA ILE A 904 37.97 45.89 36.61
C ILE A 904 38.12 46.49 38.00
N GLY A 905 38.34 47.80 38.08
CA GLY A 905 38.33 48.47 39.36
C GLY A 905 39.62 48.40 40.15
N VAL A 906 40.76 48.21 39.49
CA VAL A 906 42.06 48.26 40.14
C VAL A 906 42.90 49.33 39.44
N THR A 907 43.62 50.13 40.22
CA THR A 907 44.27 51.32 39.70
C THR A 907 45.47 50.98 38.83
N GLN A 908 46.05 52.02 38.23
CA GLN A 908 47.12 51.83 37.24
C GLN A 908 48.41 51.40 37.89
N ASN A 909 48.62 51.76 39.16
CA ASN A 909 49.92 51.58 39.80
C ASN A 909 50.28 50.12 40.05
N VAL A 910 49.30 49.21 39.99
CA VAL A 910 49.57 47.81 40.28
C VAL A 910 50.42 47.19 39.19
N LEU A 911 50.12 47.48 37.92
CA LEU A 911 50.81 46.85 36.81
C LEU A 911 52.27 47.30 36.72
N TYR A 912 52.51 48.61 36.78
CA TYR A 912 53.86 49.13 36.55
C TYR A 912 54.79 48.77 37.70
N GLU A 913 54.24 48.65 38.90
CA GLU A 913 55.05 48.18 40.03
C GLU A 913 55.37 46.70 39.95
N ASN A 914 54.67 45.95 39.10
CA ASN A 914 54.90 44.51 39.00
C ASN A 914 54.97 44.06 37.54
N GLN A 915 55.51 44.90 36.66
CA GLN A 915 55.45 44.62 35.22
C GLN A 915 56.22 43.36 34.85
N LYS A 916 57.36 43.13 35.50
CA LYS A 916 58.16 41.94 35.20
C LYS A 916 57.44 40.66 35.59
N LEU A 917 56.70 40.69 36.70
CA LEU A 917 56.06 39.47 37.19
C LEU A 917 54.83 39.10 36.38
N ILE A 918 54.09 40.10 35.87
CA ILE A 918 52.88 39.82 35.10
C ILE A 918 53.25 39.14 33.78
N ALA A 919 54.35 39.58 33.15
CA ALA A 919 54.78 38.98 31.91
C ALA A 919 55.20 37.53 32.11
N ASN A 920 55.81 37.22 33.25
CA ASN A 920 56.22 35.86 33.53
C ASN A 920 55.03 34.94 33.78
N GLN A 921 53.98 35.46 34.42
CA GLN A 921 52.78 34.64 34.66
C GLN A 921 52.04 34.36 33.35
N PHE A 922 51.96 35.35 32.47
CA PHE A 922 51.35 35.12 31.16
C PHE A 922 52.21 34.19 30.31
N ASN A 923 53.52 34.27 30.46
CA ASN A 923 54.41 33.42 29.67
C ASN A 923 54.24 31.95 30.04
N SER A 924 54.14 31.65 31.33
CA SER A 924 53.99 30.27 31.77
C SER A 924 52.59 29.74 31.49
N ALA A 925 51.58 30.62 31.58
CA ALA A 925 50.21 30.18 31.36
C ALA A 925 49.94 29.85 29.89
N ILE A 926 50.56 30.60 28.98
CA ILE A 926 50.34 30.35 27.56
C ILE A 926 51.04 29.07 27.12
N GLY A 927 52.07 28.65 27.86
CA GLY A 927 52.72 27.37 27.58
C GLY A 927 51.96 26.18 28.09
N LYS A 928 51.09 26.39 29.09
CA LYS A 928 50.30 25.30 29.64
C LYS A 928 49.18 24.88 28.68
N ILE A 929 48.78 25.79 27.79
CA ILE A 929 47.67 25.52 26.88
C ILE A 929 48.06 24.43 25.88
N GLN A 930 49.32 24.43 25.44
CA GLN A 930 49.78 23.44 24.48
C GLN A 930 49.73 22.03 25.05
N ASP A 931 50.14 21.86 26.31
CA ASP A 931 50.10 20.53 26.93
C ASP A 931 48.70 20.14 27.35
N SER A 932 47.83 21.12 27.62
CA SER A 932 46.48 20.81 28.09
C SER A 932 45.64 20.18 26.98
N LEU A 933 45.74 20.70 25.76
CA LEU A 933 44.95 20.17 24.65
C LEU A 933 45.46 18.79 24.23
N SER A 934 46.78 18.58 24.28
CA SER A 934 47.34 17.31 23.85
C SER A 934 46.99 16.19 24.83
N SER A 935 47.05 16.48 26.14
CA SER A 935 46.82 15.45 27.14
C SER A 935 45.36 15.01 27.17
N THR A 936 44.44 15.96 27.21
CA THR A 936 43.03 15.64 27.30
C THR A 936 42.47 15.32 25.92
N PRO A 937 41.91 14.13 25.70
CA PRO A 937 41.32 13.83 24.40
C PRO A 937 39.91 14.36 24.22
N SER A 938 39.26 14.80 25.29
CA SER A 938 37.89 15.30 25.23
C SER A 938 37.83 16.82 25.17
N ALA A 939 38.96 17.49 24.95
CA ALA A 939 38.95 18.95 24.86
C ALA A 939 38.22 19.42 23.61
N LEU A 940 38.54 18.83 22.46
CA LEU A 940 37.90 19.20 21.19
C LEU A 940 36.72 18.27 20.94
N GLY A 941 35.72 18.39 21.79
CA GLY A 941 34.56 17.54 21.72
C GLY A 941 33.52 18.00 20.72
N LYS A 942 33.18 19.29 20.76
CA LYS A 942 32.07 19.80 19.96
C LYS A 942 32.41 19.79 18.47
N LEU A 943 33.64 20.16 18.11
CA LEU A 943 34.03 20.16 16.70
C LEU A 943 34.09 18.75 16.13
N GLN A 944 34.53 17.78 16.93
CA GLN A 944 34.55 16.40 16.47
C GLN A 944 33.15 15.83 16.33
N ASP A 945 32.20 16.31 17.13
CA ASP A 945 30.84 15.81 17.03
C ASP A 945 30.10 16.36 15.81
N VAL A 946 30.47 17.54 15.34
CA VAL A 946 29.81 18.13 14.17
C VAL A 946 30.13 17.32 12.92
N VAL A 947 31.41 17.01 12.71
CA VAL A 947 31.81 16.26 11.54
C VAL A 947 31.33 14.81 11.64
N ASN A 948 31.26 14.26 12.85
CA ASN A 948 30.77 12.91 13.03
C ASN A 948 29.27 12.82 12.79
N HIS A 949 28.53 13.85 13.18
CA HIS A 949 27.08 13.85 12.98
C HIS A 949 26.73 13.92 11.50
N ASN A 950 27.45 14.73 10.73
CA ASN A 950 27.13 14.90 9.32
C ASN A 950 27.56 13.68 8.51
N ALA A 951 28.73 13.12 8.82
CA ALA A 951 29.21 11.97 8.05
C ALA A 951 28.38 10.73 8.33
N GLN A 952 27.91 10.56 9.57
CA GLN A 952 27.07 9.42 9.89
C GLN A 952 25.71 9.51 9.20
N ALA A 953 25.16 10.71 9.06
CA ALA A 953 23.86 10.88 8.43
C ALA A 953 23.89 10.51 6.95
N LEU A 954 25.03 10.73 6.30
CA LEU A 954 25.16 10.34 4.90
C LEU A 954 25.21 8.82 4.75
N ASN A 955 25.82 8.14 5.73
CA ASN A 955 25.96 6.69 5.63
C ASN A 955 24.61 5.98 5.76
N THR A 956 23.72 6.49 6.61
CA THR A 956 22.39 5.90 6.72
C THR A 956 21.58 6.17 5.45
N LEU A 957 21.85 7.29 4.78
CA LEU A 957 21.14 7.60 3.55
C LEU A 957 21.56 6.66 2.43
N VAL A 958 22.83 6.28 2.38
CA VAL A 958 23.31 5.37 1.36
C VAL A 958 22.78 3.95 1.61
N LYS A 959 22.76 3.53 2.87
CA LYS A 959 22.30 2.18 3.21
C LYS A 959 20.81 2.00 2.94
N GLN A 960 20.06 3.10 2.87
CA GLN A 960 18.62 3.00 2.63
C GLN A 960 18.28 2.62 1.19
N LEU A 961 19.25 2.65 0.27
CA LEU A 961 19.01 2.18 -1.08
C LEU A 961 18.72 0.68 -1.10
N SER A 962 19.45 -0.08 -0.28
CA SER A 962 19.30 -1.53 -0.25
C SER A 962 18.03 -1.99 0.47
N SER A 963 17.29 -1.07 1.09
CA SER A 963 16.05 -1.44 1.76
C SER A 963 15.01 -1.92 0.75
N LYS A 964 14.35 -3.04 1.09
CA LYS A 964 13.38 -3.61 0.16
C LYS A 964 12.09 -2.82 0.11
N PHE A 965 11.70 -2.21 1.23
CA PHE A 965 10.49 -1.39 1.35
C PHE A 965 9.22 -2.15 0.98
N GLY A 966 9.22 -3.47 1.22
CA GLY A 966 8.08 -4.29 0.86
C GLY A 966 8.04 -4.72 -0.59
N ALA A 967 9.00 -4.32 -1.41
CA ALA A 967 9.02 -4.71 -2.81
C ALA A 967 9.66 -6.09 -2.97
N ILE A 968 9.65 -6.58 -4.21
CA ILE A 968 10.23 -7.89 -4.50
C ILE A 968 11.73 -7.88 -4.31
N SER A 969 12.41 -6.86 -4.85
CA SER A 969 13.85 -6.79 -4.78
C SER A 969 14.29 -5.33 -4.76
N SER A 970 15.45 -5.09 -4.14
CA SER A 970 15.99 -3.74 -4.09
C SER A 970 16.60 -3.32 -5.41
N VAL A 971 17.07 -4.29 -6.20
CA VAL A 971 17.66 -3.97 -7.50
C VAL A 971 16.56 -3.53 -8.45
N LEU A 972 16.67 -2.27 -8.92
CA LEU A 972 15.60 -1.68 -9.72
C LEU A 972 15.51 -2.31 -11.10
N ASN A 973 16.62 -2.84 -11.62
CA ASN A 973 16.60 -3.44 -12.96
C ASN A 973 15.91 -4.79 -12.97
N ASP A 974 15.80 -5.45 -11.81
CA ASP A 974 15.25 -6.81 -11.77
C ASP A 974 13.75 -6.78 -12.06
N ILE A 975 13.03 -5.82 -11.48
CA ILE A 975 11.58 -5.73 -11.68
C ILE A 975 11.26 -5.38 -13.13
N LEU A 976 12.11 -4.54 -13.74
CA LEU A 976 11.89 -4.15 -15.13
C LEU A 976 12.06 -5.32 -16.08
N SER A 977 13.03 -6.20 -15.80
CA SER A 977 13.43 -7.23 -16.74
C SER A 977 12.95 -8.63 -16.36
N ARG A 978 12.07 -8.75 -15.37
CA ARG A 978 11.57 -10.09 -15.04
C ARG A 978 10.05 -10.06 -14.93
N LEU A 979 9.52 -8.89 -14.57
CA LEU A 979 8.07 -8.68 -14.51
C LEU A 979 7.66 -7.82 -15.70
N ASP A 980 6.43 -8.02 -16.15
CA ASP A 980 5.97 -7.33 -17.36
C ASP A 980 5.72 -5.83 -17.16
N PRO A 981 6.20 -4.99 -18.06
CA PRO A 981 6.06 -3.51 -17.92
C PRO A 981 4.62 -2.99 -17.95
N PRO A 982 3.60 -3.73 -18.51
CA PRO A 982 2.21 -3.25 -18.32
C PRO A 982 1.77 -3.05 -16.88
N GLU A 983 2.31 -3.83 -15.94
CA GLU A 983 1.97 -3.65 -14.53
C GLU A 983 3.21 -3.66 -13.66
N ALA A 984 4.32 -3.10 -14.16
CA ALA A 984 5.52 -2.95 -13.34
C ALA A 984 5.35 -1.88 -12.28
N GLU A 985 4.52 -0.85 -12.54
CA GLU A 985 4.42 0.30 -11.66
C GLU A 985 3.65 0.01 -10.37
N VAL A 986 2.98 -1.14 -10.25
CA VAL A 986 2.21 -1.41 -9.05
C VAL A 986 3.14 -1.79 -7.89
N GLN A 987 4.37 -2.15 -8.20
CA GLN A 987 5.38 -2.43 -7.18
C GLN A 987 6.52 -1.43 -7.19
N ILE A 988 6.73 -0.75 -8.31
CA ILE A 988 7.75 0.31 -8.36
C ILE A 988 7.31 1.50 -7.51
N ASP A 989 6.00 1.80 -7.52
CA ASP A 989 5.50 2.96 -6.78
C ASP A 989 5.66 2.77 -5.27
N ARG A 990 5.64 1.53 -4.81
CA ARG A 990 5.90 1.27 -3.39
C ARG A 990 7.35 1.56 -3.04
N LEU A 991 8.28 1.29 -3.97
CA LEU A 991 9.69 1.50 -3.68
C LEU A 991 10.05 2.97 -3.74
N ILE A 992 9.45 3.72 -4.67
CA ILE A 992 9.82 5.12 -4.86
C ILE A 992 9.34 5.97 -3.68
N THR A 993 8.21 5.60 -3.06
CA THR A 993 7.74 6.33 -1.90
C THR A 993 8.61 6.05 -0.69
N GLY A 994 9.19 4.86 -0.60
CA GLY A 994 10.14 4.57 0.45
C GLY A 994 11.42 5.37 0.31
N ARG A 995 11.90 5.54 -0.92
CA ARG A 995 13.13 6.29 -1.14
C ARG A 995 12.89 7.80 -1.06
N LEU A 996 11.73 8.27 -1.52
CA LEU A 996 11.43 9.69 -1.41
C LEU A 996 11.19 10.10 0.03
N GLN A 997 10.72 9.17 0.86
CA GLN A 997 10.58 9.44 2.29
C GLN A 997 11.94 9.65 2.94
N SER A 998 12.97 8.97 2.43
CA SER A 998 14.31 9.11 3.01
C SER A 998 14.86 10.53 2.84
N LEU A 999 14.65 11.14 1.67
CA LEU A 999 15.05 12.52 1.48
C LEU A 999 14.21 13.45 2.35
N GLN A 1000 12.92 13.15 2.48
CA GLN A 1000 12.04 13.98 3.30
C GLN A 1000 12.48 13.96 4.76
N THR A 1001 12.93 12.80 5.25
CA THR A 1001 13.50 12.72 6.58
C THR A 1001 14.84 13.44 6.64
N TYR A 1002 15.71 13.22 5.66
CA TYR A 1002 17.08 13.72 5.72
C TYR A 1002 17.13 15.24 5.63
N VAL A 1003 16.27 15.83 4.80
CA VAL A 1003 16.23 17.29 4.68
C VAL A 1003 15.71 17.91 5.97
N THR A 1004 14.72 17.28 6.60
CA THR A 1004 14.16 17.78 7.84
C THR A 1004 15.19 17.77 8.96
N GLN A 1005 16.01 16.72 9.04
CA GLN A 1005 17.05 16.66 10.06
C GLN A 1005 18.11 17.74 9.86
N GLN A 1006 18.47 18.01 8.60
CA GLN A 1006 19.50 19.02 8.34
C GLN A 1006 18.99 20.43 8.62
N LEU A 1007 17.70 20.68 8.37
CA LEU A 1007 17.15 22.00 8.63
C LEU A 1007 17.14 22.32 10.12
N ILE A 1008 16.82 21.33 10.95
CA ILE A 1008 16.84 21.53 12.40
C ILE A 1008 18.28 21.69 12.88
N ARG A 1009 19.19 20.87 12.35
CA ARG A 1009 20.58 20.93 12.78
C ARG A 1009 21.26 22.23 12.36
N ALA A 1010 20.90 22.75 11.18
CA ALA A 1010 21.47 24.01 10.73
C ALA A 1010 20.97 25.20 11.55
N ALA A 1011 19.79 25.09 12.15
CA ALA A 1011 19.32 26.17 13.03
C ALA A 1011 20.10 26.21 14.32
N GLU A 1012 20.56 25.05 14.82
CA GLU A 1012 21.37 25.01 16.02
C GLU A 1012 22.74 25.65 15.77
N ILE A 1013 23.33 25.39 14.60
CA ILE A 1013 24.66 25.92 14.28
C ILE A 1013 24.61 27.44 14.17
N ARG A 1014 23.56 27.98 13.56
CA ARG A 1014 23.43 29.43 13.43
C ARG A 1014 23.26 30.11 14.78
N ALA A 1015 22.62 29.43 15.74
CA ALA A 1015 22.57 29.94 17.10
C ALA A 1015 23.96 29.99 17.71
N SER A 1016 24.80 29.01 17.41
CA SER A 1016 26.19 29.03 17.87
C SER A 1016 27.01 30.04 17.08
N ALA A 1017 26.67 30.25 15.81
CA ALA A 1017 27.42 31.21 14.99
C ALA A 1017 27.14 32.65 15.43
N ASN A 1018 25.90 32.94 15.84
CA ASN A 1018 25.58 34.27 16.32
C ASN A 1018 26.24 34.54 17.66
N LEU A 1019 26.34 33.51 18.50
CA LEU A 1019 27.02 33.67 19.79
C LEU A 1019 28.51 33.91 19.58
N ALA A 1020 29.11 33.26 18.59
CA ALA A 1020 30.53 33.47 18.31
C ALA A 1020 30.78 34.86 17.74
N ALA A 1021 29.82 35.38 16.96
CA ALA A 1021 29.97 36.72 16.42
C ALA A 1021 29.86 37.77 17.52
N THR A 1022 29.04 37.52 18.53
CA THR A 1022 28.92 38.44 19.64
C THR A 1022 30.17 38.42 20.51
N LYS A 1023 30.73 37.24 20.74
CA LYS A 1023 31.93 37.13 21.56
C LYS A 1023 33.14 37.77 20.90
N MET A 1024 33.22 37.69 19.57
CA MET A 1024 34.32 38.36 18.87
C MET A 1024 34.17 39.87 18.89
N SER A 1025 32.94 40.38 18.97
CA SER A 1025 32.69 41.81 19.00
C SER A 1025 32.60 42.37 20.42
N GLU A 1026 32.76 41.54 21.43
CA GLU A 1026 32.76 42.05 22.80
C GLU A 1026 33.97 41.60 23.61
N CYS A 1027 34.39 40.34 23.46
CA CYS A 1027 35.50 39.83 24.24
C CYS A 1027 36.85 40.08 23.58
N VAL A 1028 36.87 40.48 22.31
CA VAL A 1028 38.09 40.68 21.54
C VAL A 1028 38.30 42.15 21.20
N LEU A 1029 37.26 42.81 20.67
CA LEU A 1029 37.34 44.20 20.25
C LEU A 1029 37.04 45.16 21.39
N GLY A 1030 37.22 44.73 22.63
CA GLY A 1030 36.94 45.59 23.77
C GLY A 1030 37.00 44.77 25.05
N GLN A 1031 36.42 45.33 26.11
CA GLN A 1031 36.33 44.65 27.38
C GLN A 1031 34.86 44.58 27.79
N SER A 1032 34.40 43.40 28.17
CA SER A 1032 33.00 43.16 28.47
C SER A 1032 32.81 43.07 29.97
N LYS A 1033 31.80 43.79 30.47
CA LYS A 1033 31.50 43.79 31.89
C LYS A 1033 30.48 42.73 32.29
N ARG A 1034 30.03 41.91 31.33
CA ARG A 1034 29.10 40.84 31.64
C ARG A 1034 29.81 39.74 32.42
N VAL A 1035 29.17 39.25 33.47
CA VAL A 1035 29.78 38.26 34.35
C VAL A 1035 29.70 36.89 33.70
N ASP A 1036 30.84 36.19 33.67
CA ASP A 1036 30.97 34.84 33.12
C ASP A 1036 30.52 34.77 31.66
N PHE A 1037 30.85 35.81 30.90
CA PHE A 1037 30.63 35.81 29.46
C PHE A 1037 31.91 35.56 28.67
N CYS A 1038 32.99 36.24 29.05
CA CYS A 1038 34.31 36.02 28.44
C CYS A 1038 35.20 35.17 29.33
N GLY A 1039 34.64 34.18 30.01
CA GLY A 1039 35.41 33.32 30.88
C GLY A 1039 35.15 33.63 32.35
N LYS A 1040 35.50 32.66 33.18
CA LYS A 1040 35.29 32.79 34.62
C LYS A 1040 36.24 33.83 35.20
N GLY A 1041 35.72 34.65 36.11
CA GLY A 1041 36.50 35.71 36.73
C GLY A 1041 36.42 37.02 35.97
N TYR A 1042 37.14 38.01 36.51
CA TYR A 1042 37.23 39.30 35.85
C TYR A 1042 38.01 39.16 34.56
N HIS A 1043 37.49 39.77 33.49
CA HIS A 1043 38.00 39.58 32.15
C HIS A 1043 38.97 40.69 31.76
N LEU A 1044 40.02 40.31 31.02
CA LEU A 1044 40.99 41.27 30.51
C LEU A 1044 40.94 41.40 29.00
N MET A 1045 41.16 40.32 28.26
CA MET A 1045 41.19 40.35 26.80
C MET A 1045 41.07 38.92 26.30
N SER A 1046 41.09 38.74 24.98
CA SER A 1046 40.96 37.42 24.39
C SER A 1046 41.70 37.37 23.07
N PHE A 1047 41.96 36.15 22.61
CA PHE A 1047 42.69 35.91 21.36
C PHE A 1047 41.92 34.90 20.53
N PRO A 1048 41.47 35.25 19.34
CA PRO A 1048 40.84 34.25 18.47
C PRO A 1048 41.86 33.30 17.89
N GLN A 1049 41.42 32.07 17.64
CA GLN A 1049 42.26 31.08 16.97
C GLN A 1049 41.38 30.28 16.01
N SER A 1050 41.86 30.09 14.79
CA SER A 1050 41.09 29.37 13.79
C SER A 1050 41.06 27.88 14.11
N ALA A 1051 40.06 27.21 13.55
CA ALA A 1051 39.85 25.79 13.77
C ALA A 1051 39.04 25.24 12.60
N PRO A 1052 39.15 23.95 12.31
CA PRO A 1052 38.29 23.36 11.28
C PRO A 1052 36.83 23.36 11.70
N HIS A 1053 36.02 24.12 10.94
CA HIS A 1053 34.58 24.29 11.18
C HIS A 1053 34.29 24.82 12.58
N GLY A 1054 35.10 25.77 13.03
CA GLY A 1054 34.90 26.32 14.36
C GLY A 1054 35.95 27.37 14.67
N VAL A 1055 35.87 27.89 15.89
CA VAL A 1055 36.79 28.92 16.37
C VAL A 1055 37.12 28.62 17.82
N VAL A 1056 38.34 28.95 18.23
CA VAL A 1056 38.84 28.68 19.56
C VAL A 1056 39.26 30.00 20.19
N PHE A 1057 38.75 30.28 21.39
CA PHE A 1057 39.04 31.52 22.09
C PHE A 1057 39.97 31.23 23.27
N LEU A 1058 40.90 32.14 23.51
CA LEU A 1058 41.84 32.06 24.63
C LEU A 1058 41.60 33.26 25.53
N HIS A 1059 40.66 33.12 26.45
CA HIS A 1059 40.34 34.21 27.36
C HIS A 1059 41.44 34.36 28.41
N VAL A 1060 41.87 35.59 28.64
CA VAL A 1060 42.82 35.92 29.69
C VAL A 1060 42.04 36.61 30.80
N THR A 1061 41.96 35.97 31.96
CA THR A 1061 41.12 36.44 33.06
C THR A 1061 41.99 36.84 34.24
N TYR A 1062 41.32 37.29 35.30
CA TYR A 1062 41.96 37.74 36.54
C TYR A 1062 41.26 37.07 37.71
N VAL A 1063 42.04 36.49 38.63
CA VAL A 1063 41.47 35.79 39.77
C VAL A 1063 42.20 36.20 41.04
N PRO A 1064 41.51 36.74 42.04
CA PRO A 1064 42.19 37.09 43.30
C PRO A 1064 42.47 35.86 44.15
N ALA A 1065 43.38 36.04 45.10
CA ALA A 1065 43.76 34.99 46.05
C ALA A 1065 44.36 35.65 47.29
N GLN A 1066 44.82 34.81 48.22
CA GLN A 1066 45.56 35.23 49.42
C GLN A 1066 44.73 36.20 50.27
N GLU A 1067 43.57 35.73 50.71
CA GLU A 1067 42.64 36.56 51.47
C GLU A 1067 43.05 36.63 52.94
N LYS A 1068 42.65 37.73 53.59
CA LYS A 1068 42.89 37.92 55.01
C LYS A 1068 41.79 38.78 55.58
N ASN A 1069 41.25 38.35 56.73
CA ASN A 1069 40.11 39.03 57.32
C ASN A 1069 40.54 40.34 57.99
N PHE A 1070 39.57 41.25 58.11
CA PHE A 1070 39.80 42.55 58.74
C PHE A 1070 38.53 43.00 59.43
N THR A 1071 38.67 44.04 60.25
CA THR A 1071 37.56 44.67 60.95
C THR A 1071 37.24 46.02 60.29
N THR A 1072 35.97 46.24 59.98
CA THR A 1072 35.54 47.38 59.19
C THR A 1072 34.39 48.10 59.87
N ALA A 1073 33.98 49.23 59.27
CA ALA A 1073 32.92 50.08 59.77
C ALA A 1073 32.38 50.86 58.58
N PRO A 1074 31.08 51.17 58.53
CA PRO A 1074 30.51 51.81 57.33
C PRO A 1074 31.04 53.19 57.04
N ALA A 1075 31.41 53.98 58.04
CA ALA A 1075 31.84 55.35 57.81
C ALA A 1075 32.78 55.77 58.93
N ILE A 1076 33.09 57.07 58.98
CA ILE A 1076 33.98 57.65 59.98
C ILE A 1076 33.38 58.96 60.45
N CYS A 1077 33.32 59.16 61.77
CA CYS A 1077 32.84 60.40 62.37
C CYS A 1077 34.04 61.10 63.00
N HIS A 1078 34.41 62.26 62.47
CA HIS A 1078 35.56 63.00 62.98
C HIS A 1078 35.14 64.15 63.90
N ASP A 1079 34.33 65.07 63.38
CA ASP A 1079 33.95 66.28 64.11
C ASP A 1079 32.43 66.39 64.19
N GLY A 1080 31.78 65.30 64.56
CA GLY A 1080 30.34 65.29 64.68
C GLY A 1080 29.59 65.11 63.38
N LYS A 1081 30.30 64.91 62.27
CA LYS A 1081 29.68 64.63 60.98
C LYS A 1081 30.33 63.39 60.39
N ALA A 1082 29.52 62.57 59.73
CA ALA A 1082 30.02 61.33 59.15
C ALA A 1082 30.90 61.62 57.93
N HIS A 1083 31.85 60.72 57.69
CA HIS A 1083 32.72 60.78 56.53
C HIS A 1083 32.64 59.47 55.78
N PHE A 1084 32.31 59.52 54.54
CA PHE A 1084 32.08 58.36 53.71
C PHE A 1084 33.22 58.18 52.71
N PRO A 1085 33.64 56.95 52.43
CA PRO A 1085 34.70 56.75 51.45
C PRO A 1085 34.22 57.03 50.04
N ARG A 1086 35.13 57.57 49.23
CA ARG A 1086 34.78 57.86 47.84
C ARG A 1086 34.95 56.65 46.94
N GLU A 1087 35.98 55.84 47.18
CA GLU A 1087 36.23 54.68 46.34
C GLU A 1087 36.64 53.44 47.11
N GLY A 1088 36.80 53.50 48.43
CA GLY A 1088 37.39 52.40 49.16
C GLY A 1088 36.59 51.86 50.33
N VAL A 1089 37.22 51.01 51.14
CA VAL A 1089 36.59 50.36 52.28
C VAL A 1089 37.37 50.76 53.51
N PHE A 1090 36.66 51.22 54.55
CA PHE A 1090 37.31 51.62 55.79
C PHE A 1090 37.76 50.38 56.53
N VAL A 1091 39.06 50.08 56.44
CA VAL A 1091 39.63 48.84 56.96
C VAL A 1091 40.68 49.18 58.01
N SER A 1092 40.57 48.54 59.17
CA SER A 1092 41.56 48.69 60.24
C SER A 1092 42.16 47.33 60.57
N ASN A 1093 43.43 47.36 61.00
CA ASN A 1093 44.12 46.17 61.48
C ASN A 1093 44.15 46.10 62.99
N GLY A 1094 43.15 46.65 63.67
CA GLY A 1094 43.07 46.62 65.11
C GLY A 1094 43.39 47.93 65.77
N THR A 1095 44.38 48.65 65.25
CA THR A 1095 44.81 49.91 65.85
C THR A 1095 44.64 51.11 64.93
N HIS A 1096 45.17 51.05 63.71
CA HIS A 1096 45.11 52.18 62.79
C HIS A 1096 44.09 51.91 61.71
N TRP A 1097 43.28 52.92 61.39
CA TRP A 1097 42.29 52.81 60.33
C TRP A 1097 42.91 53.18 58.99
N PHE A 1098 42.38 52.59 57.93
CA PHE A 1098 42.89 52.81 56.58
C PHE A 1098 41.74 52.70 55.60
N VAL A 1099 41.95 53.26 54.41
CA VAL A 1099 41.06 53.11 53.27
C VAL A 1099 41.84 52.42 52.15
N THR A 1100 41.21 51.42 51.54
CA THR A 1100 41.87 50.64 50.50
C THR A 1100 40.87 50.27 49.42
N GLN A 1101 41.38 50.02 48.22
CA GLN A 1101 40.54 49.62 47.10
C GLN A 1101 39.99 48.21 47.32
N ARG A 1102 38.90 47.91 46.62
CA ARG A 1102 38.09 46.74 46.94
C ARG A 1102 38.61 45.45 46.35
N ASN A 1103 39.72 45.47 45.61
CA ASN A 1103 40.23 44.23 45.03
C ASN A 1103 41.74 44.07 45.19
N PHE A 1104 42.35 44.84 46.08
CA PHE A 1104 43.78 44.76 46.35
C PHE A 1104 44.05 45.47 47.66
N TYR A 1105 44.99 44.95 48.44
CA TYR A 1105 45.28 45.52 49.75
C TYR A 1105 46.31 46.63 49.59
N GLU A 1106 45.83 47.87 49.46
CA GLU A 1106 46.67 49.05 49.34
C GLU A 1106 46.17 50.06 50.36
N PRO A 1107 46.57 49.93 51.63
CA PRO A 1107 46.07 50.84 52.66
C PRO A 1107 46.62 52.25 52.50
N GLN A 1108 45.80 53.23 52.87
CA GLN A 1108 46.19 54.63 52.82
C GLN A 1108 45.68 55.34 54.07
N ILE A 1109 46.40 56.37 54.48
CA ILE A 1109 46.03 57.15 55.66
C ILE A 1109 44.91 58.11 55.26
N ILE A 1110 43.93 58.27 56.16
CA ILE A 1110 42.77 59.10 55.86
C ILE A 1110 43.16 60.57 55.83
N THR A 1111 42.82 61.24 54.75
CA THR A 1111 42.97 62.69 54.62
C THR A 1111 41.66 63.24 54.09
N THR A 1112 41.65 64.51 53.69
CA THR A 1112 40.41 65.13 53.24
C THR A 1112 40.03 64.72 51.82
N ASP A 1113 41.00 64.28 51.01
CA ASP A 1113 40.68 63.93 49.63
C ASP A 1113 40.02 62.55 49.53
N ASN A 1114 40.39 61.64 50.44
CA ASN A 1114 39.89 60.27 50.35
C ASN A 1114 38.41 60.15 50.68
N THR A 1115 37.85 61.14 51.37
CA THR A 1115 36.48 61.05 51.85
C THR A 1115 35.73 62.35 51.57
N PHE A 1116 34.41 62.27 51.70
CA PHE A 1116 33.53 63.43 51.60
C PHE A 1116 32.55 63.39 52.76
N VAL A 1117 32.03 64.55 53.13
CA VAL A 1117 31.23 64.72 54.34
C VAL A 1117 29.78 64.99 53.95
N SER A 1118 28.86 64.34 54.68
CA SER A 1118 27.42 64.53 54.48
C SER A 1118 26.65 64.04 55.69
N GLY A 1119 25.73 64.84 56.19
CA GLY A 1119 24.86 64.44 57.28
C GLY A 1119 25.53 64.53 58.65
N ASN A 1120 24.77 64.14 59.67
CA ASN A 1120 25.23 64.20 61.04
C ASN A 1120 25.78 62.84 61.49
N CYS A 1121 26.28 62.82 62.73
CA CYS A 1121 26.93 61.64 63.28
C CYS A 1121 25.97 60.63 63.89
N ASP A 1122 24.68 60.97 64.02
CA ASP A 1122 23.75 60.15 64.77
C ASP A 1122 22.81 59.32 63.89
N VAL A 1123 22.57 59.73 62.65
CA VAL A 1123 21.61 59.03 61.80
C VAL A 1123 22.14 57.67 61.37
N VAL A 1124 23.45 57.56 61.20
CA VAL A 1124 24.06 56.32 60.72
C VAL A 1124 24.30 55.38 61.90
N ILE A 1125 24.12 54.08 61.66
CA ILE A 1125 24.33 53.05 62.67
C ILE A 1125 25.56 52.24 62.28
N GLY A 1126 26.40 51.96 63.26
CA GLY A 1126 27.68 51.33 63.03
C GLY A 1126 28.85 52.29 62.95
N ILE A 1127 28.62 53.57 63.24
CA ILE A 1127 29.66 54.58 63.12
C ILE A 1127 30.68 54.42 64.25
N VAL A 1128 31.94 54.71 63.94
CA VAL A 1128 33.02 54.69 64.93
C VAL A 1128 33.67 56.07 64.97
N ASN A 1129 34.45 56.30 66.02
CA ASN A 1129 35.11 57.58 66.25
C ASN A 1129 36.58 57.46 65.87
N ASN A 1130 37.08 58.44 65.12
CA ASN A 1130 38.47 58.44 64.69
C ASN A 1130 38.88 59.88 64.38
N THR A 1131 40.17 60.06 64.09
CA THR A 1131 40.74 61.36 63.78
C THR A 1131 41.15 61.38 62.31
N VAL A 1132 40.69 62.39 61.59
CA VAL A 1132 41.01 62.55 60.17
C VAL A 1132 42.09 63.61 60.05
N TYR A 1133 43.23 63.22 59.48
CA TYR A 1133 44.31 64.15 59.24
C TYR A 1133 43.94 65.15 58.16
N ASP A 1134 44.43 66.38 58.32
CA ASP A 1134 44.23 67.44 57.35
C ASP A 1134 45.59 67.80 56.74
N PRO A 1135 45.78 67.64 55.43
CA PRO A 1135 47.08 68.00 54.84
C PRO A 1135 47.23 69.46 54.50
N LEU A 1136 46.12 70.21 54.41
CA LEU A 1136 46.21 71.61 54.00
C LEU A 1136 46.79 72.49 55.12
N GLN A 1137 46.32 72.30 56.35
CA GLN A 1137 46.71 73.19 57.44
C GLN A 1137 48.19 73.15 57.85
N PRO A 1138 48.90 71.98 57.97
CA PRO A 1138 50.25 72.05 58.56
C PRO A 1138 51.28 72.73 57.66
N GLU A 1139 51.24 72.41 56.36
CA GLU A 1139 52.20 73.01 55.42
C GLU A 1139 51.96 74.50 55.24
N LEU A 1140 50.72 74.95 55.40
CA LEU A 1140 50.44 76.38 55.35
C LEU A 1140 50.85 77.07 56.66
N ASP A 1141 50.72 76.37 57.78
CA ASP A 1141 51.02 76.99 59.07
C ASP A 1141 52.50 76.88 59.44
N SER A 1142 53.21 75.88 58.91
CA SER A 1142 54.64 75.78 59.16
C SER A 1142 55.38 76.96 58.53
N PHE A 1143 54.97 77.37 57.33
CA PHE A 1143 55.51 78.58 56.74
C PHE A 1143 55.01 79.83 57.45
N LYS A 1144 53.76 79.80 57.93
CA LYS A 1144 53.19 80.98 58.57
C LYS A 1144 53.80 81.23 59.94
N GLU A 1145 53.94 80.19 60.76
CA GLU A 1145 54.50 80.33 62.10
C GLU A 1145 56.00 80.57 62.05
N THR B 26 -46.52 19.78 25.22
CA THR B 26 -45.35 20.15 25.99
C THR B 26 -44.07 19.70 25.30
N ASN B 27 -42.93 20.13 25.84
CA ASN B 27 -41.62 19.85 25.26
C ASN B 27 -40.79 19.01 26.23
N SER B 28 -40.15 17.97 25.70
CA SER B 28 -39.24 17.17 26.50
C SER B 28 -38.01 17.99 26.89
N PHE B 29 -37.58 17.83 28.13
CA PHE B 29 -36.52 18.67 28.68
C PHE B 29 -35.15 17.99 28.65
N THR B 30 -35.02 16.86 29.36
CA THR B 30 -33.75 16.14 29.39
C THR B 30 -33.88 14.64 29.21
N ARG B 31 -35.08 14.08 29.14
CA ARG B 31 -35.25 12.64 29.03
C ARG B 31 -34.85 12.16 27.64
N GLY B 32 -34.49 10.87 27.57
CA GLY B 32 -34.18 10.26 26.29
C GLY B 32 -32.74 9.80 26.16
N VAL B 33 -32.09 9.52 27.28
CA VAL B 33 -30.69 9.10 27.29
C VAL B 33 -30.59 7.70 27.88
N TYR B 34 -29.74 6.87 27.29
CA TYR B 34 -29.58 5.48 27.70
C TYR B 34 -28.11 5.12 27.66
N TYR B 35 -27.79 3.99 28.29
CA TYR B 35 -26.43 3.47 28.22
C TYR B 35 -26.22 2.83 26.85
N PRO B 36 -25.26 3.32 26.06
CA PRO B 36 -25.14 2.78 24.69
C PRO B 36 -24.55 1.38 24.64
N ASP B 37 -23.61 1.07 25.53
CA ASP B 37 -22.94 -0.22 25.53
C ASP B 37 -22.96 -0.81 26.92
N LYS B 38 -22.27 -1.94 27.07
CA LYS B 38 -22.21 -2.69 28.33
C LYS B 38 -20.86 -2.53 29.01
N VAL B 39 -20.25 -1.33 28.88
CA VAL B 39 -18.88 -1.11 29.31
C VAL B 39 -18.89 -0.19 30.53
N PHE B 40 -18.11 -0.55 31.54
CA PHE B 40 -17.98 0.26 32.75
C PHE B 40 -16.81 1.23 32.58
N ARG B 41 -17.10 2.52 32.72
CA ARG B 41 -16.08 3.57 32.70
C ARG B 41 -16.31 4.46 33.90
N SER B 42 -15.24 4.83 34.59
CA SER B 42 -15.33 5.58 35.84
C SER B 42 -14.72 6.95 35.68
N SER B 43 -15.53 8.00 35.90
CA SER B 43 -15.09 9.39 35.97
C SER B 43 -14.41 9.83 34.68
N VAL B 44 -15.11 9.70 33.56
CA VAL B 44 -14.55 10.01 32.25
C VAL B 44 -15.59 10.79 31.45
N LEU B 45 -15.13 11.48 30.42
CA LEU B 45 -16.00 12.16 29.46
C LEU B 45 -15.90 11.44 28.13
N HIS B 46 -17.04 10.98 27.61
CA HIS B 46 -17.04 10.21 26.37
C HIS B 46 -17.98 10.85 25.36
N SER B 47 -17.74 10.55 24.09
CA SER B 47 -18.58 11.06 23.00
C SER B 47 -19.35 9.90 22.38
N THR B 48 -20.59 10.17 22.01
CA THR B 48 -21.48 9.13 21.50
C THR B 48 -22.16 9.60 20.21
N GLN B 49 -22.35 8.65 19.30
CA GLN B 49 -22.87 8.90 17.97
C GLN B 49 -24.21 8.20 17.73
N ASP B 50 -24.70 7.45 18.71
CA ASP B 50 -25.87 6.60 18.54
C ASP B 50 -27.13 7.44 18.38
N LEU B 51 -28.22 6.76 18.00
CA LEU B 51 -29.51 7.41 17.88
C LEU B 51 -30.02 7.84 19.25
N PHE B 52 -30.58 9.05 19.31
CA PHE B 52 -31.00 9.62 20.59
C PHE B 52 -32.21 10.52 20.38
N LEU B 53 -32.90 10.79 21.49
CA LEU B 53 -33.97 11.77 21.50
C LEU B 53 -33.35 13.15 21.64
N PRO B 54 -33.53 14.06 20.67
CA PRO B 54 -32.91 15.38 20.77
C PRO B 54 -33.45 16.19 21.93
N PHE B 55 -32.58 17.00 22.53
CA PHE B 55 -32.99 17.86 23.63
C PHE B 55 -33.92 18.96 23.14
N PHE B 56 -34.88 19.31 24.00
CA PHE B 56 -35.82 20.40 23.79
C PHE B 56 -36.63 20.21 22.50
N SER B 57 -37.38 19.10 22.48
CA SER B 57 -38.24 18.76 21.36
C SER B 57 -39.65 18.53 21.86
N ASN B 58 -40.62 18.95 21.05
CA ASN B 58 -42.03 18.82 21.45
C ASN B 58 -42.48 17.37 21.37
N VAL B 59 -43.40 17.02 22.27
CA VAL B 59 -44.00 15.69 22.32
C VAL B 59 -45.51 15.84 22.32
N THR B 60 -46.19 14.96 21.58
CA THR B 60 -47.63 15.03 21.45
C THR B 60 -48.29 14.33 22.64
N TRP B 61 -49.43 14.88 23.09
CA TRP B 61 -50.03 14.45 24.34
C TRP B 61 -50.60 13.04 24.27
N PHE B 62 -51.27 12.70 23.17
CA PHE B 62 -51.84 11.37 22.91
C PHE B 62 -52.77 10.89 24.04
N HIS B 63 -53.90 11.58 24.18
CA HIS B 63 -54.92 11.16 25.13
C HIS B 63 -55.95 10.29 24.42
N ALA B 64 -56.20 9.11 24.98
CA ALA B 64 -57.25 8.21 24.52
C ALA B 64 -58.20 7.96 25.68
N ILE B 65 -59.49 8.19 25.44
CA ILE B 65 -60.50 7.99 26.49
C ILE B 65 -60.70 6.50 26.75
N SER B 66 -60.91 5.72 25.70
CA SER B 66 -60.93 4.25 25.71
C SER B 66 -61.88 3.68 26.77
N GLY B 67 -63.05 4.30 26.89
CA GLY B 67 -63.96 3.91 27.95
C GLY B 67 -64.71 2.62 27.74
N THR B 68 -64.64 2.04 26.54
CA THR B 68 -65.27 0.76 26.17
C THR B 68 -66.78 0.82 26.42
N ASN B 69 -67.43 1.67 25.64
CA ASN B 69 -68.86 1.95 25.80
C ASN B 69 -69.59 1.73 24.50
N GLY B 70 -70.54 0.80 24.52
CA GLY B 70 -71.52 0.59 23.47
C GLY B 70 -71.06 -0.24 22.28
N THR B 71 -70.36 0.36 21.32
CA THR B 71 -69.85 -0.39 20.18
C THR B 71 -68.35 -0.29 20.01
N LYS B 72 -67.77 0.91 19.92
CA LYS B 72 -66.34 1.10 19.80
C LYS B 72 -65.98 2.55 20.09
N ARG B 73 -65.23 2.81 21.15
CA ARG B 73 -64.67 4.16 21.37
C ARG B 73 -63.18 3.99 21.70
N PHE B 74 -62.37 3.89 20.63
CA PHE B 74 -60.93 3.80 20.72
C PHE B 74 -60.34 5.00 20.01
N ASP B 75 -59.25 5.53 20.56
CA ASP B 75 -58.58 6.68 19.95
C ASP B 75 -57.18 6.29 19.49
N ASN B 76 -57.07 5.14 18.81
CA ASN B 76 -55.79 4.62 18.37
C ASN B 76 -55.59 4.90 16.89
N PRO B 77 -54.70 5.83 16.52
CA PRO B 77 -54.29 5.90 15.11
C PRO B 77 -53.06 5.04 14.87
N VAL B 78 -52.57 5.01 13.63
CA VAL B 78 -51.38 4.26 13.27
C VAL B 78 -50.20 5.21 13.24
N LEU B 79 -49.09 4.81 13.86
CA LEU B 79 -47.93 5.67 14.02
C LEU B 79 -46.79 5.22 13.10
N PRO B 80 -46.04 6.17 12.52
CA PRO B 80 -45.14 5.81 11.41
C PRO B 80 -43.82 5.16 11.81
N PHE B 81 -43.50 5.08 13.10
CA PHE B 81 -42.28 4.46 13.62
C PHE B 81 -41.02 5.08 13.01
N ASN B 82 -40.83 6.35 13.35
CA ASN B 82 -39.72 7.13 12.81
C ASN B 82 -38.46 6.86 13.63
N ASP B 83 -37.77 5.77 13.27
CA ASP B 83 -36.46 5.39 13.81
C ASP B 83 -36.51 5.19 15.33
N GLY B 84 -37.30 4.20 15.75
CA GLY B 84 -37.44 3.88 17.15
C GLY B 84 -38.45 4.77 17.84
N VAL B 85 -38.92 4.29 19.00
CA VAL B 85 -39.95 4.98 19.76
C VAL B 85 -39.49 5.13 21.21
N TYR B 86 -39.53 6.35 21.71
CA TYR B 86 -39.45 6.60 23.14
C TYR B 86 -40.89 6.74 23.66
N PHE B 87 -41.19 6.02 24.73
CA PHE B 87 -42.54 5.90 25.26
C PHE B 87 -42.50 6.22 26.74
N ALA B 88 -43.47 7.01 27.20
CA ALA B 88 -43.60 7.34 28.61
C ALA B 88 -45.07 7.23 29.00
N SER B 89 -45.30 6.78 30.24
CA SER B 89 -46.67 6.61 30.71
C SER B 89 -46.70 6.69 32.23
N THR B 90 -47.91 6.92 32.76
CA THR B 90 -48.13 6.93 34.21
C THR B 90 -49.55 6.42 34.44
N GLU B 91 -49.67 5.12 34.67
CA GLU B 91 -50.95 4.49 34.96
C GLU B 91 -51.11 4.33 36.47
N LYS B 92 -52.23 3.73 36.89
CA LYS B 92 -52.39 3.43 38.30
C LYS B 92 -51.94 2.01 38.60
N SER B 93 -52.64 1.01 38.03
CA SER B 93 -52.21 -0.37 38.20
C SER B 93 -51.91 -1.08 36.88
N ASN B 94 -52.89 -1.21 35.98
CA ASN B 94 -52.71 -2.00 34.77
C ASN B 94 -53.44 -1.43 33.57
N ILE B 95 -53.60 -0.10 33.49
CA ILE B 95 -54.39 0.49 32.42
C ILE B 95 -53.72 0.32 31.06
N ILE B 96 -52.43 0.66 30.98
CA ILE B 96 -51.66 0.44 29.75
C ILE B 96 -51.09 -0.97 29.78
N ARG B 97 -51.33 -1.71 28.70
CA ARG B 97 -51.02 -3.15 28.69
C ARG B 97 -49.87 -3.51 27.77
N GLY B 98 -49.95 -3.23 26.48
CA GLY B 98 -48.98 -3.86 25.60
C GLY B 98 -48.73 -3.20 24.28
N TRP B 99 -48.13 -3.96 23.36
CA TRP B 99 -47.73 -3.45 22.05
C TRP B 99 -47.87 -4.51 20.97
N ILE B 100 -48.17 -4.06 19.75
CA ILE B 100 -47.90 -4.79 18.52
C ILE B 100 -46.95 -3.95 17.68
N PHE B 101 -45.92 -4.59 17.14
CA PHE B 101 -45.08 -3.99 16.10
C PHE B 101 -45.25 -4.81 14.83
N GLY B 102 -45.13 -4.13 13.69
CA GLY B 102 -45.28 -4.82 12.42
C GLY B 102 -45.40 -3.82 11.27
N THR B 103 -45.63 -4.35 10.07
CA THR B 103 -45.80 -3.51 8.89
C THR B 103 -47.18 -3.66 8.28
N THR B 104 -47.58 -4.86 7.87
CA THR B 104 -48.90 -5.05 7.29
C THR B 104 -49.99 -5.31 8.32
N LEU B 105 -49.59 -5.63 9.56
CA LEU B 105 -50.50 -5.85 10.69
C LEU B 105 -51.50 -6.96 10.41
N ASP B 106 -51.07 -7.99 9.68
CA ASP B 106 -51.91 -9.13 9.34
C ASP B 106 -51.06 -10.40 9.45
N SER B 107 -51.67 -11.54 9.12
CA SER B 107 -50.96 -12.81 9.17
C SER B 107 -49.96 -12.97 8.02
N LYS B 108 -49.95 -12.05 7.06
CA LYS B 108 -49.02 -12.13 5.94
C LYS B 108 -47.58 -11.95 6.41
N THR B 109 -47.34 -11.03 7.34
CA THR B 109 -46.00 -10.66 7.76
C THR B 109 -45.81 -10.87 9.26
N GLN B 110 -44.56 -11.05 9.65
CA GLN B 110 -44.20 -11.24 11.06
C GLN B 110 -44.55 -10.00 11.88
N SER B 111 -45.12 -10.21 13.06
CA SER B 111 -45.53 -9.13 13.93
C SER B 111 -45.12 -9.42 15.37
N LEU B 112 -44.45 -8.46 15.99
CA LEU B 112 -44.11 -8.51 17.41
C LEU B 112 -45.35 -8.21 18.23
N LEU B 113 -45.50 -8.93 19.35
CA LEU B 113 -46.52 -8.58 20.33
C LEU B 113 -45.95 -8.79 21.72
N ILE B 114 -46.16 -7.81 22.59
CA ILE B 114 -45.67 -7.83 23.96
C ILE B 114 -46.84 -7.54 24.88
N VAL B 115 -47.07 -8.42 25.87
CA VAL B 115 -48.13 -8.24 26.85
C VAL B 115 -47.54 -8.42 28.24
N ASN B 116 -47.79 -7.46 29.12
CA ASN B 116 -47.39 -7.54 30.52
C ASN B 116 -48.56 -8.12 31.32
N ASN B 117 -48.59 -9.44 31.40
CA ASN B 117 -49.53 -10.11 32.31
C ASN B 117 -49.09 -9.86 33.74
N ALA B 118 -50.05 -9.96 34.68
CA ALA B 118 -49.76 -9.68 36.08
C ALA B 118 -48.77 -10.68 36.67
N THR B 119 -48.74 -11.91 36.16
CA THR B 119 -47.80 -12.91 36.67
C THR B 119 -46.43 -12.74 36.01
N ASN B 120 -46.36 -12.96 34.70
CA ASN B 120 -45.12 -12.87 33.95
C ASN B 120 -45.42 -12.28 32.58
N VAL B 121 -44.44 -11.57 32.01
CA VAL B 121 -44.62 -11.01 30.68
C VAL B 121 -44.59 -12.11 29.63
N VAL B 122 -45.31 -11.88 28.53
CA VAL B 122 -45.29 -12.78 27.39
C VAL B 122 -44.92 -11.98 26.14
N ILE B 123 -44.00 -12.52 25.36
CA ILE B 123 -43.54 -11.89 24.13
C ILE B 123 -43.68 -12.92 23.02
N LYS B 124 -44.39 -12.56 21.96
CA LYS B 124 -44.70 -13.51 20.89
C LYS B 124 -44.42 -12.82 19.56
N VAL B 125 -43.49 -13.40 18.78
CA VAL B 125 -43.13 -12.86 17.48
C VAL B 125 -44.03 -13.41 16.38
N CYS B 126 -44.87 -14.39 16.72
CA CYS B 126 -45.61 -15.20 15.77
C CYS B 126 -46.66 -14.37 15.01
N GLU B 127 -46.94 -14.76 13.77
CA GLU B 127 -47.91 -14.04 12.96
C GLU B 127 -49.33 -14.27 13.45
N PHE B 128 -50.10 -13.18 13.45
CA PHE B 128 -51.48 -13.15 13.94
C PHE B 128 -52.32 -12.52 12.83
N GLN B 129 -53.57 -12.98 12.68
CA GLN B 129 -54.43 -12.42 11.66
C GLN B 129 -54.82 -10.99 12.00
N PHE B 130 -55.53 -10.79 13.12
CA PHE B 130 -55.84 -9.46 13.60
C PHE B 130 -56.14 -9.54 15.09
N CYS B 131 -55.91 -8.42 15.78
CA CYS B 131 -56.15 -8.36 17.22
C CYS B 131 -57.65 -8.37 17.51
N ASN B 132 -58.01 -9.04 18.61
CA ASN B 132 -59.39 -9.04 19.08
C ASN B 132 -59.63 -7.79 19.92
N ASP B 133 -60.78 -7.73 20.59
CA ASP B 133 -61.17 -6.54 21.33
C ASP B 133 -61.53 -6.91 22.76
N PRO B 134 -61.31 -5.99 23.70
CA PRO B 134 -61.83 -6.19 25.06
C PRO B 134 -63.35 -6.24 25.06
N PHE B 135 -63.91 -6.95 26.03
CA PHE B 135 -65.35 -7.21 26.06
C PHE B 135 -66.14 -5.93 26.25
N LEU B 136 -67.13 -5.73 25.39
CA LEU B 136 -68.07 -4.62 25.50
C LEU B 136 -69.20 -5.02 26.44
N ASP B 137 -68.85 -5.12 27.72
CA ASP B 137 -69.72 -5.72 28.72
C ASP B 137 -70.80 -4.77 29.18
N VAL B 138 -71.45 -5.10 30.31
CA VAL B 138 -72.52 -4.33 30.92
C VAL B 138 -72.02 -2.90 31.19
N TYR B 139 -72.92 -1.92 31.06
CA TYR B 139 -72.56 -0.51 31.13
C TYR B 139 -71.96 -0.14 32.49
N TYR B 140 -72.28 -0.89 33.54
CA TYR B 140 -71.70 -0.65 34.85
C TYR B 140 -70.26 -1.12 34.90
N HIS B 141 -69.36 -0.37 34.24
CA HIS B 141 -67.96 -0.78 34.16
C HIS B 141 -67.23 -0.61 35.49
N LYS B 142 -67.73 0.27 36.35
CA LYS B 142 -67.05 0.57 37.61
C LYS B 142 -67.97 0.52 38.82
N ASN B 143 -69.26 0.28 38.62
CA ASN B 143 -70.22 0.17 39.72
C ASN B 143 -69.93 -1.05 40.59
N ASN B 144 -70.00 -2.25 39.99
CA ASN B 144 -69.73 -3.47 40.73
C ASN B 144 -68.93 -4.48 39.92
N LYS B 145 -68.39 -4.11 38.76
CA LYS B 145 -67.64 -5.04 37.91
C LYS B 145 -66.16 -4.79 38.14
N SER B 146 -65.55 -5.66 38.96
CA SER B 146 -64.12 -5.60 39.23
C SER B 146 -63.45 -6.97 39.28
N TRP B 147 -64.17 -8.05 38.98
CA TRP B 147 -63.58 -9.39 38.97
C TRP B 147 -62.58 -9.50 37.83
N MET B 148 -61.39 -10.02 38.15
CA MET B 148 -60.36 -10.18 37.12
C MET B 148 -60.76 -11.30 36.16
N GLU B 149 -60.99 -10.93 34.91
CA GLU B 149 -61.50 -11.82 33.88
C GLU B 149 -61.30 -11.17 32.52
N SER B 150 -61.95 -11.71 31.49
CA SER B 150 -61.94 -11.15 30.12
C SER B 150 -60.53 -11.12 29.53
N GLU B 151 -59.92 -12.30 29.46
CA GLU B 151 -58.69 -12.45 28.70
C GLU B 151 -59.04 -12.41 27.21
N PHE B 152 -59.06 -11.21 26.65
CA PHE B 152 -59.70 -10.95 25.36
C PHE B 152 -58.87 -11.39 24.16
N ARG B 153 -57.78 -12.12 24.40
CA ARG B 153 -57.08 -13.03 23.47
C ARG B 153 -56.94 -12.48 22.05
N VAL B 154 -56.22 -11.36 21.94
CA VAL B 154 -55.93 -10.78 20.63
C VAL B 154 -55.00 -11.67 19.80
N TYR B 155 -54.31 -12.62 20.43
CA TYR B 155 -53.46 -13.55 19.70
C TYR B 155 -54.31 -14.54 18.90
N SER B 156 -53.88 -14.80 17.66
CA SER B 156 -54.56 -15.72 16.77
C SER B 156 -53.65 -16.89 16.42
N SER B 157 -54.13 -17.75 15.52
CA SER B 157 -53.43 -18.99 15.16
C SER B 157 -52.82 -18.89 13.77
N ALA B 158 -51.53 -19.23 13.67
CA ALA B 158 -50.83 -19.35 12.39
C ALA B 158 -49.84 -20.50 12.45
N ASN B 159 -49.45 -20.98 11.28
CA ASN B 159 -48.63 -22.20 11.19
C ASN B 159 -47.16 -21.91 11.45
N ASN B 160 -46.51 -21.15 10.56
CA ASN B 160 -45.08 -20.85 10.69
C ASN B 160 -44.87 -19.92 11.88
N CYS B 161 -44.50 -20.47 13.02
CA CYS B 161 -44.60 -19.74 14.27
C CYS B 161 -43.27 -19.82 15.01
N THR B 162 -42.91 -18.73 15.68
CA THR B 162 -41.55 -18.52 16.15
C THR B 162 -41.46 -18.55 17.67
N PHE B 163 -40.25 -18.32 18.17
CA PHE B 163 -39.89 -18.54 19.57
C PHE B 163 -40.40 -17.40 20.45
N GLU B 164 -40.66 -17.74 21.72
CA GLU B 164 -41.22 -16.82 22.70
C GLU B 164 -40.25 -16.62 23.86
N TYR B 165 -40.33 -15.46 24.49
CA TYR B 165 -39.29 -14.97 25.40
C TYR B 165 -39.89 -14.59 26.75
N VAL B 166 -40.65 -15.52 27.35
CA VAL B 166 -41.28 -15.28 28.65
C VAL B 166 -40.22 -15.08 29.74
N SER B 167 -40.42 -14.06 30.56
CA SER B 167 -39.46 -13.71 31.61
C SER B 167 -40.20 -12.98 32.73
N GLN B 168 -39.43 -12.37 33.62
CA GLN B 168 -39.97 -11.63 34.76
C GLN B 168 -40.71 -10.39 34.30
N PRO B 169 -41.82 -10.02 34.97
CA PRO B 169 -42.51 -8.78 34.62
C PRO B 169 -41.65 -7.55 34.91
N PHE B 170 -41.76 -6.56 34.03
CA PHE B 170 -41.03 -5.31 34.17
C PHE B 170 -41.90 -4.15 34.65
N LEU B 171 -43.22 -4.35 34.76
CA LEU B 171 -44.15 -3.29 35.13
C LEU B 171 -44.57 -3.40 36.60
N MET B 172 -43.63 -3.78 37.46
CA MET B 172 -43.89 -3.77 38.89
C MET B 172 -44.06 -2.34 39.38
N ASP B 173 -45.13 -2.11 40.13
CA ASP B 173 -45.47 -0.77 40.62
C ASP B 173 -45.14 -0.68 42.10
N LEU B 174 -44.38 0.36 42.46
CA LEU B 174 -44.16 0.69 43.86
C LEU B 174 -45.35 1.51 44.35
N GLU B 175 -45.89 1.14 45.51
CA GLU B 175 -47.19 1.64 45.94
C GLU B 175 -47.16 3.14 46.23
N GLY B 176 -48.05 3.87 45.58
CA GLY B 176 -48.21 5.28 45.82
C GLY B 176 -49.30 5.58 46.83
N LYS B 177 -48.91 6.09 48.00
CA LYS B 177 -49.83 6.31 49.11
C LYS B 177 -50.05 7.81 49.32
N GLN B 178 -51.32 8.19 49.49
CA GLN B 178 -51.74 9.55 49.82
C GLN B 178 -51.29 10.58 48.78
N GLY B 179 -51.17 10.16 47.52
CA GLY B 179 -50.75 11.07 46.49
C GLY B 179 -49.27 11.41 46.55
N ASN B 180 -48.88 12.31 45.65
CA ASN B 180 -47.51 12.84 45.50
C ASN B 180 -46.48 11.75 45.20
N PHE B 181 -46.96 10.57 44.79
CA PHE B 181 -46.11 9.47 44.35
C PHE B 181 -46.58 9.06 42.97
N LYS B 182 -45.67 9.04 42.00
CA LYS B 182 -46.05 8.69 40.64
C LYS B 182 -44.89 7.91 40.02
N ASN B 183 -45.08 6.60 39.87
CA ASN B 183 -44.08 5.75 39.21
C ASN B 183 -44.21 5.99 37.71
N LEU B 184 -43.37 6.90 37.22
CA LEU B 184 -43.33 7.19 35.79
C LEU B 184 -42.58 6.07 35.07
N ARG B 185 -43.20 5.52 34.01
CA ARG B 185 -42.60 4.45 33.24
C ARG B 185 -42.05 5.01 31.94
N GLU B 186 -40.79 4.68 31.63
CA GLU B 186 -40.20 5.07 30.36
C GLU B 186 -39.53 3.88 29.70
N PHE B 187 -39.77 3.72 28.40
CA PHE B 187 -39.23 2.60 27.63
C PHE B 187 -38.83 3.10 26.25
N VAL B 188 -37.67 2.67 25.78
CA VAL B 188 -37.21 2.95 24.42
C VAL B 188 -37.13 1.64 23.64
N PHE B 189 -37.81 1.59 22.51
CA PHE B 189 -37.76 0.44 21.60
C PHE B 189 -37.06 0.88 20.33
N LYS B 190 -36.02 0.14 19.94
CA LYS B 190 -35.31 0.48 18.72
C LYS B 190 -34.87 -0.78 18.00
N ASN B 191 -34.57 -0.64 16.71
CA ASN B 191 -34.13 -1.74 15.87
C ASN B 191 -32.84 -1.32 15.16
N ILE B 192 -31.77 -2.04 15.42
CA ILE B 192 -30.47 -1.80 14.79
C ILE B 192 -29.98 -3.11 14.19
N ASP B 193 -29.75 -3.10 12.87
CA ASP B 193 -29.23 -4.23 12.07
C ASP B 193 -29.94 -5.53 12.44
N GLY B 194 -31.27 -5.49 12.39
CA GLY B 194 -32.05 -6.66 12.74
C GLY B 194 -32.38 -6.77 14.22
N TYR B 195 -31.39 -6.53 15.08
CA TYR B 195 -31.57 -6.74 16.51
C TYR B 195 -32.49 -5.68 17.10
N PHE B 196 -33.39 -6.12 17.98
CA PHE B 196 -34.41 -5.26 18.56
C PHE B 196 -34.10 -5.05 20.05
N LYS B 197 -33.85 -3.81 20.43
CA LYS B 197 -33.41 -3.48 21.78
C LYS B 197 -34.53 -2.75 22.53
N ILE B 198 -34.79 -3.20 23.75
CA ILE B 198 -35.79 -2.63 24.64
C ILE B 198 -35.07 -2.16 25.90
N TYR B 199 -35.20 -0.87 26.19
CA TYR B 199 -34.60 -0.24 27.36
C TYR B 199 -35.73 0.26 28.26
N SER B 200 -35.57 0.07 29.56
CA SER B 200 -36.64 0.37 30.51
C SER B 200 -36.10 1.12 31.72
N LYS B 201 -36.94 1.97 32.29
CA LYS B 201 -36.68 2.49 33.63
C LYS B 201 -38.00 2.96 34.25
N HIS B 202 -38.00 2.96 35.60
CA HIS B 202 -39.15 3.36 36.40
C HIS B 202 -38.67 4.40 37.40
N THR B 203 -39.28 5.58 37.36
CA THR B 203 -38.89 6.65 38.27
C THR B 203 -40.02 6.92 39.26
N PRO B 204 -39.90 6.51 40.51
CA PRO B 204 -40.92 6.83 41.53
C PRO B 204 -40.67 8.19 42.17
N ILE B 205 -40.97 9.25 41.42
CA ILE B 205 -40.72 10.60 41.85
C ILE B 205 -42.05 11.35 41.91
N ASN B 206 -42.12 12.33 42.81
CA ASN B 206 -43.25 13.25 42.83
C ASN B 206 -43.24 14.08 41.56
N LEU B 207 -44.40 14.19 40.91
CA LEU B 207 -44.49 14.93 39.66
C LEU B 207 -45.89 15.49 39.50
N GLY B 208 -45.97 16.77 39.14
CA GLY B 208 -47.26 17.40 38.87
C GLY B 208 -47.30 17.98 37.48
N ARG B 209 -46.19 17.87 36.75
CA ARG B 209 -46.07 18.39 35.40
C ARG B 209 -45.45 17.28 34.55
N ASP B 210 -45.74 17.33 33.25
CA ASP B 210 -45.34 16.28 32.33
C ASP B 210 -43.83 16.28 32.13
N LEU B 211 -43.21 15.10 32.34
CA LEU B 211 -41.77 14.88 32.26
C LEU B 211 -41.04 15.86 33.17
N PRO B 212 -41.05 15.65 34.49
CA PRO B 212 -40.49 16.64 35.41
C PRO B 212 -38.97 16.73 35.28
N GLN B 213 -38.43 17.77 35.92
CA GLN B 213 -37.01 18.07 35.85
C GLN B 213 -36.20 17.00 36.59
N GLY B 214 -34.93 16.92 36.23
CA GLY B 214 -34.07 15.84 36.66
C GLY B 214 -33.52 15.07 35.47
N PHE B 215 -32.50 14.26 35.77
CA PHE B 215 -31.78 13.53 34.74
C PHE B 215 -31.83 12.04 35.06
N SER B 216 -32.22 11.23 34.08
CA SER B 216 -32.42 9.80 34.27
C SER B 216 -31.88 9.03 33.08
N ALA B 217 -31.01 8.05 33.35
CA ALA B 217 -30.34 7.28 32.31
C ALA B 217 -30.93 5.87 32.25
N LEU B 218 -31.23 5.41 31.04
CA LEU B 218 -31.94 4.16 30.83
C LEU B 218 -30.99 2.98 30.80
N GLU B 219 -31.34 1.91 31.51
CA GLU B 219 -30.59 0.68 31.48
C GLU B 219 -30.99 -0.17 30.28
N PRO B 220 -30.09 -1.02 29.78
CA PRO B 220 -30.51 -2.01 28.76
C PRO B 220 -31.18 -3.19 29.42
N LEU B 221 -32.36 -3.57 28.93
CA LEU B 221 -33.13 -4.63 29.52
C LEU B 221 -33.23 -5.88 28.64
N VAL B 222 -33.74 -5.75 27.42
CA VAL B 222 -34.09 -6.92 26.63
C VAL B 222 -33.53 -6.77 25.22
N ASP B 223 -32.95 -7.86 24.68
CA ASP B 223 -32.46 -7.90 23.31
C ASP B 223 -33.16 -9.02 22.56
N LEU B 224 -33.48 -8.76 21.29
CA LEU B 224 -34.15 -9.72 20.42
C LEU B 224 -33.29 -9.93 19.18
N PRO B 225 -32.91 -11.17 18.86
CA PRO B 225 -32.24 -11.45 17.58
C PRO B 225 -33.22 -11.83 16.47
N ILE B 226 -34.21 -10.96 16.26
CA ILE B 226 -35.27 -11.20 15.29
C ILE B 226 -35.21 -10.09 14.26
N GLY B 227 -34.66 -10.38 13.08
CA GLY B 227 -34.52 -9.37 12.05
C GLY B 227 -35.65 -9.34 11.04
N ILE B 228 -36.61 -8.44 11.25
CA ILE B 228 -37.71 -8.23 10.31
C ILE B 228 -37.89 -6.73 10.12
N ASN B 229 -38.57 -6.37 9.03
CA ASN B 229 -38.90 -4.98 8.78
C ASN B 229 -40.04 -4.54 9.71
N ILE B 230 -39.86 -3.39 10.36
CA ILE B 230 -40.86 -2.81 11.25
C ILE B 230 -41.05 -1.35 10.88
N THR B 231 -42.28 -0.97 10.53
CA THR B 231 -42.60 0.42 10.24
C THR B 231 -43.83 0.94 10.97
N ARG B 232 -44.50 0.13 11.78
CA ARG B 232 -45.77 0.51 12.39
C ARG B 232 -45.89 -0.17 13.74
N PHE B 233 -46.63 0.46 14.65
CA PHE B 233 -46.87 -0.14 15.96
C PHE B 233 -48.12 0.46 16.60
N GLN B 234 -48.71 -0.31 17.50
CA GLN B 234 -49.92 0.10 18.23
C GLN B 234 -49.86 -0.41 19.66
N THR B 235 -50.70 0.18 20.51
CA THR B 235 -50.72 -0.05 21.95
C THR B 235 -51.96 -0.84 22.36
N LEU B 236 -51.80 -1.70 23.37
CA LEU B 236 -52.90 -2.43 23.98
C LEU B 236 -53.30 -1.75 25.27
N LEU B 237 -54.59 -1.44 25.38
CA LEU B 237 -55.21 -0.91 26.59
C LEU B 237 -56.38 -1.82 26.94
N ALA B 238 -56.32 -2.45 28.12
CA ALA B 238 -57.37 -3.39 28.50
C ALA B 238 -58.64 -2.67 28.91
N LEU B 239 -58.55 -1.83 29.95
CA LEU B 239 -59.66 -1.06 30.53
C LEU B 239 -60.76 -2.03 30.98
N HIS B 240 -62.02 -1.80 30.60
CA HIS B 240 -63.19 -2.54 31.10
C HIS B 240 -63.24 -2.58 32.63
N ALA B 259 -52.41 10.37 28.03
CA ALA B 259 -52.08 9.40 29.06
C ALA B 259 -50.69 8.80 28.82
N TYR B 260 -50.15 9.02 27.63
CA TYR B 260 -48.84 8.51 27.29
C TYR B 260 -48.20 9.38 26.22
N TYR B 261 -46.88 9.52 26.32
CA TYR B 261 -46.10 10.37 25.43
C TYR B 261 -45.25 9.51 24.51
N VAL B 262 -45.24 9.85 23.23
CA VAL B 262 -44.52 9.10 22.20
C VAL B 262 -43.61 10.05 21.44
N GLY B 263 -42.32 9.72 21.37
CA GLY B 263 -41.37 10.54 20.66
C GLY B 263 -40.51 9.69 19.74
N TYR B 264 -39.91 10.36 18.75
CA TYR B 264 -39.14 9.71 17.71
C TYR B 264 -37.67 10.08 17.83
N LEU B 265 -36.79 9.09 17.72
CA LEU B 265 -35.37 9.26 17.92
C LEU B 265 -34.68 9.63 16.60
N GLN B 266 -33.57 10.34 16.74
CA GLN B 266 -32.78 10.84 15.62
C GLN B 266 -31.32 10.57 15.88
N PRO B 267 -30.50 10.47 14.82
CA PRO B 267 -29.05 10.33 15.02
C PRO B 267 -28.44 11.64 15.51
N ARG B 268 -27.80 11.60 16.67
CA ARG B 268 -27.21 12.78 17.28
C ARG B 268 -25.92 12.41 17.99
N THR B 269 -25.07 13.42 18.20
CA THR B 269 -23.80 13.26 18.89
C THR B 269 -23.90 13.94 20.26
N PHE B 270 -23.72 13.16 21.33
CA PHE B 270 -23.77 13.69 22.68
C PHE B 270 -22.44 13.50 23.40
N LEU B 271 -22.29 14.21 24.52
CA LEU B 271 -21.12 14.11 25.38
C LEU B 271 -21.57 13.55 26.73
N LEU B 272 -21.44 12.24 26.89
CA LEU B 272 -21.83 11.58 28.13
C LEU B 272 -20.74 11.78 29.19
N LYS B 273 -21.16 11.86 30.45
CA LYS B 273 -20.23 11.96 31.57
C LYS B 273 -20.45 10.78 32.51
N TYR B 274 -19.40 10.00 32.74
CA TYR B 274 -19.44 8.87 33.66
C TYR B 274 -18.79 9.28 34.97
N ASN B 275 -19.51 9.10 36.08
CA ASN B 275 -19.01 9.52 37.38
C ASN B 275 -19.22 8.39 38.38
N GLU B 276 -18.23 8.23 39.26
CA GLU B 276 -18.19 7.20 40.32
C GLU B 276 -18.31 5.83 39.68
N ASN B 277 -19.26 4.99 40.09
CA ASN B 277 -19.35 3.61 39.61
C ASN B 277 -20.15 3.56 38.30
N GLY B 278 -19.59 4.20 37.28
CA GLY B 278 -20.16 4.15 35.94
C GLY B 278 -21.56 4.69 35.81
N THR B 279 -21.84 5.80 36.50
CA THR B 279 -23.17 6.39 36.53
C THR B 279 -23.18 7.62 35.64
N ILE B 280 -24.16 7.69 34.75
CA ILE B 280 -24.30 8.84 33.85
C ILE B 280 -24.93 9.98 34.62
N THR B 281 -24.10 10.91 35.10
CA THR B 281 -24.61 12.07 35.82
C THR B 281 -25.21 13.10 34.87
N ASP B 282 -24.64 13.24 33.68
CA ASP B 282 -25.10 14.24 32.74
C ASP B 282 -24.68 13.88 31.32
N ALA B 283 -25.42 14.43 30.35
CA ALA B 283 -25.08 14.33 28.94
C ALA B 283 -25.55 15.60 28.25
N VAL B 284 -24.73 16.14 27.35
CA VAL B 284 -25.06 17.38 26.66
C VAL B 284 -25.05 17.15 25.16
N ASP B 285 -25.83 17.98 24.46
CA ASP B 285 -25.94 17.93 23.01
C ASP B 285 -24.75 18.62 22.36
N CYS B 286 -24.59 18.38 21.06
CA CYS B 286 -23.53 19.01 20.28
C CYS B 286 -24.07 19.87 19.14
N ALA B 287 -25.39 20.04 19.04
CA ALA B 287 -25.96 20.83 17.96
C ALA B 287 -27.11 21.72 18.40
N LEU B 288 -27.41 21.82 19.70
CA LEU B 288 -28.54 22.64 20.14
C LEU B 288 -28.21 24.11 20.06
N ASP B 289 -27.01 24.51 20.49
CA ASP B 289 -26.63 25.92 20.57
C ASP B 289 -25.11 26.01 20.49
N PRO B 290 -24.57 27.17 20.13
CA PRO B 290 -23.10 27.30 20.00
C PRO B 290 -22.31 26.99 21.28
N LEU B 291 -22.88 27.29 22.46
CA LEU B 291 -22.21 26.95 23.70
C LEU B 291 -22.02 25.44 23.84
N SER B 292 -23.02 24.68 23.41
CA SER B 292 -22.89 23.23 23.41
C SER B 292 -21.84 22.76 22.41
N GLU B 293 -21.71 23.46 21.28
CA GLU B 293 -20.66 23.12 20.31
C GLU B 293 -19.28 23.34 20.90
N THR B 294 -19.09 24.45 21.63
CA THR B 294 -17.79 24.68 22.28
C THR B 294 -17.54 23.66 23.38
N LYS B 295 -18.60 23.27 24.11
CA LYS B 295 -18.45 22.24 25.14
C LYS B 295 -18.03 20.90 24.54
N CYS B 296 -18.61 20.54 23.39
CA CYS B 296 -18.21 19.32 22.72
C CYS B 296 -16.80 19.42 22.15
N THR B 297 -16.42 20.62 21.69
CA THR B 297 -15.09 20.79 21.12
C THR B 297 -14.00 20.69 22.19
N LEU B 298 -14.20 21.34 23.33
CA LEU B 298 -13.19 21.33 24.38
C LEU B 298 -13.23 20.07 25.23
N LYS B 299 -14.24 19.22 25.07
CA LYS B 299 -14.42 17.98 25.82
C LYS B 299 -14.43 18.24 27.33
N SER B 300 -15.17 19.27 27.74
CA SER B 300 -15.24 19.65 29.15
C SER B 300 -16.60 20.28 29.41
N PHE B 301 -16.82 20.64 30.67
CA PHE B 301 -18.10 21.20 31.09
C PHE B 301 -18.02 22.66 31.52
N THR B 302 -16.84 23.15 31.89
CA THR B 302 -16.68 24.53 32.35
C THR B 302 -15.65 25.20 31.44
N VAL B 303 -16.11 25.78 30.35
CA VAL B 303 -15.22 26.52 29.45
C VAL B 303 -14.95 27.89 30.04
N GLU B 304 -13.75 28.40 29.79
CA GLU B 304 -13.31 29.67 30.36
C GLU B 304 -13.45 30.78 29.31
N LYS B 305 -12.98 31.97 29.68
CA LYS B 305 -13.04 33.12 28.80
C LYS B 305 -12.13 32.94 27.60
N GLY B 306 -12.52 33.57 26.49
CA GLY B 306 -11.70 33.58 25.29
C GLY B 306 -12.55 33.36 24.07
N ILE B 307 -11.87 33.01 22.96
CA ILE B 307 -12.50 32.75 21.68
C ILE B 307 -12.06 31.37 21.20
N TYR B 308 -13.01 30.55 20.77
CA TYR B 308 -12.73 29.19 20.33
C TYR B 308 -13.39 28.93 18.99
N GLN B 309 -12.64 28.30 18.09
CA GLN B 309 -13.18 27.89 16.80
C GLN B 309 -13.96 26.59 16.95
N THR B 310 -15.10 26.51 16.28
CA THR B 310 -15.98 25.35 16.40
C THR B 310 -16.07 24.55 15.11
N SER B 311 -16.48 25.17 14.01
CA SER B 311 -16.73 24.44 12.78
C SER B 311 -16.59 25.40 11.59
N ASN B 312 -17.06 24.96 10.44
CA ASN B 312 -16.97 25.72 9.20
C ASN B 312 -18.34 26.30 8.84
N PHE B 313 -18.41 26.95 7.69
CA PHE B 313 -19.67 27.52 7.22
C PHE B 313 -19.59 27.65 5.70
N ARG B 314 -20.44 26.91 4.99
CA ARG B 314 -20.41 26.88 3.54
C ARG B 314 -21.82 27.09 3.00
N VAL B 315 -21.93 27.78 1.88
CA VAL B 315 -23.21 28.02 1.21
C VAL B 315 -23.41 26.96 0.15
N GLN B 316 -24.61 26.39 0.10
CA GLN B 316 -24.91 25.33 -0.85
C GLN B 316 -25.54 25.91 -2.11
N PRO B 317 -25.31 25.28 -3.27
CA PRO B 317 -25.93 25.77 -4.52
C PRO B 317 -27.43 25.59 -4.51
N THR B 318 -28.11 26.46 -5.27
CA THR B 318 -29.56 26.50 -5.26
C THR B 318 -30.21 26.03 -6.56
N GLU B 319 -29.62 26.33 -7.72
CA GLU B 319 -30.20 25.94 -9.00
C GLU B 319 -29.14 25.20 -9.81
N SER B 320 -29.47 24.93 -11.07
CA SER B 320 -28.55 24.26 -12.00
C SER B 320 -28.79 24.83 -13.38
N ILE B 321 -27.73 25.31 -14.02
CA ILE B 321 -27.82 25.98 -15.32
C ILE B 321 -26.85 25.31 -16.30
N VAL B 322 -27.38 24.82 -17.41
CA VAL B 322 -26.58 24.30 -18.52
C VAL B 322 -27.03 25.01 -19.80
N ARG B 323 -26.08 25.59 -20.50
CA ARG B 323 -26.48 26.37 -21.69
C ARG B 323 -25.57 26.07 -22.87
N PHE B 324 -26.08 25.39 -23.88
CA PHE B 324 -25.31 25.25 -25.15
C PHE B 324 -26.02 26.25 -26.05
N PRO B 325 -25.43 26.73 -27.16
CA PRO B 325 -26.04 27.85 -27.90
C PRO B 325 -27.02 27.64 -29.07
N ASN B 326 -27.84 28.68 -29.36
CA ASN B 326 -28.88 28.62 -30.44
C ASN B 326 -28.23 28.61 -31.81
N ILE B 327 -27.16 27.85 -31.96
CA ILE B 327 -26.46 27.93 -33.25
C ILE B 327 -26.72 26.66 -34.05
N THR B 328 -27.35 25.64 -33.46
CA THR B 328 -27.49 24.34 -34.15
C THR B 328 -28.18 24.44 -35.51
N ASN B 329 -27.47 24.06 -36.57
CA ASN B 329 -28.13 24.01 -37.89
C ASN B 329 -28.88 22.67 -37.95
N LEU B 330 -30.20 22.70 -38.15
CA LEU B 330 -30.96 21.42 -38.11
C LEU B 330 -30.76 20.69 -39.43
N CYS B 331 -31.37 19.50 -39.58
CA CYS B 331 -31.14 18.69 -40.81
C CYS B 331 -32.34 18.79 -41.78
N PRO B 332 -32.11 18.99 -43.09
CA PRO B 332 -33.22 19.10 -44.06
C PRO B 332 -34.09 17.86 -44.19
N PHE B 333 -34.08 16.96 -43.18
CA PHE B 333 -34.94 15.79 -43.21
C PHE B 333 -36.42 16.15 -43.24
N ASP B 334 -36.78 17.31 -42.69
CA ASP B 334 -38.16 17.78 -42.76
C ASP B 334 -38.59 18.10 -44.19
N GLU B 335 -37.67 18.65 -44.99
CA GLU B 335 -37.99 19.07 -46.35
C GLU B 335 -38.21 17.88 -47.27
N VAL B 336 -37.57 16.74 -46.97
CA VAL B 336 -37.70 15.55 -47.81
C VAL B 336 -39.10 14.97 -47.71
N PHE B 337 -39.66 14.92 -46.50
CA PHE B 337 -41.01 14.39 -46.31
C PHE B 337 -42.05 15.28 -46.97
N ASN B 338 -41.90 16.60 -46.86
CA ASN B 338 -42.82 17.55 -47.48
C ASN B 338 -42.28 18.00 -48.84
N ALA B 339 -42.12 17.02 -49.73
CA ALA B 339 -41.63 17.25 -51.08
C ALA B 339 -42.80 17.18 -52.06
N THR B 340 -42.73 18.01 -53.10
CA THR B 340 -43.79 18.05 -54.11
C THR B 340 -43.84 16.78 -54.96
N ARG B 341 -42.74 16.04 -55.03
CA ARG B 341 -42.71 14.77 -55.76
C ARG B 341 -41.82 13.80 -55.01
N PHE B 342 -42.28 12.55 -54.89
CA PHE B 342 -41.53 11.48 -54.26
C PHE B 342 -41.00 10.52 -55.33
N ALA B 343 -40.00 9.74 -54.93
CA ALA B 343 -39.36 8.81 -55.85
C ALA B 343 -40.28 7.64 -56.18
N SER B 344 -39.96 6.96 -57.28
CA SER B 344 -40.74 5.82 -57.71
C SER B 344 -40.52 4.63 -56.78
N VAL B 345 -41.39 3.63 -56.92
CA VAL B 345 -41.33 2.45 -56.05
C VAL B 345 -40.08 1.62 -56.35
N TYR B 346 -39.79 1.41 -57.64
CA TYR B 346 -38.65 0.58 -58.01
C TYR B 346 -37.32 1.28 -57.78
N ALA B 347 -37.31 2.61 -57.69
CA ALA B 347 -36.09 3.39 -57.45
C ALA B 347 -36.29 4.19 -56.17
N TRP B 348 -35.97 3.57 -55.03
CA TRP B 348 -36.04 4.25 -53.75
C TRP B 348 -34.83 5.16 -53.61
N ASN B 349 -35.07 6.47 -53.59
CA ASN B 349 -33.98 7.44 -53.59
C ASN B 349 -33.30 7.50 -52.23
N ARG B 350 -32.03 7.89 -52.25
CA ARG B 350 -31.21 7.99 -51.06
C ARG B 350 -30.80 9.44 -50.82
N LYS B 351 -30.72 9.81 -49.54
CA LYS B 351 -30.36 11.17 -49.16
C LYS B 351 -29.27 11.11 -48.10
N ARG B 352 -28.36 12.10 -48.15
CA ARG B 352 -27.29 12.22 -47.17
C ARG B 352 -27.59 13.34 -46.20
N ILE B 353 -27.31 13.10 -44.93
CA ILE B 353 -27.45 14.11 -43.88
C ILE B 353 -26.05 14.55 -43.47
N SER B 354 -25.76 15.83 -43.64
CA SER B 354 -24.44 16.39 -43.38
C SER B 354 -24.32 16.73 -41.89
N ASN B 355 -23.24 17.38 -41.49
CA ASN B 355 -23.15 17.59 -40.03
C ASN B 355 -24.10 18.73 -39.67
N CYS B 356 -25.35 18.38 -39.35
CA CYS B 356 -26.34 19.41 -38.94
C CYS B 356 -26.87 19.03 -37.56
N VAL B 357 -28.18 19.13 -37.34
CA VAL B 357 -28.78 18.65 -36.06
C VAL B 357 -30.14 18.06 -36.42
N ALA B 358 -30.52 16.92 -35.85
CA ALA B 358 -31.79 16.31 -36.31
C ALA B 358 -32.82 16.22 -35.19
N ASP B 359 -33.61 17.28 -34.96
CA ASP B 359 -34.60 17.09 -33.91
C ASP B 359 -35.85 16.48 -34.52
N TYR B 360 -36.33 15.39 -33.94
CA TYR B 360 -37.40 14.60 -34.52
C TYR B 360 -38.78 14.93 -33.97
N SER B 361 -38.87 15.90 -33.05
CA SER B 361 -40.18 16.31 -32.55
C SER B 361 -40.99 17.06 -33.61
N VAL B 362 -40.31 17.63 -34.60
CA VAL B 362 -41.04 18.22 -35.72
C VAL B 362 -41.57 17.14 -36.65
N LEU B 363 -40.99 15.93 -36.61
CA LEU B 363 -41.51 14.83 -37.41
C LEU B 363 -42.79 14.28 -36.80
N TYR B 364 -42.85 14.20 -35.46
CA TYR B 364 -44.08 13.77 -34.79
C TYR B 364 -45.20 14.79 -35.00
N ASN B 365 -44.86 16.06 -35.14
CA ASN B 365 -45.84 17.13 -35.31
C ASN B 365 -46.33 17.25 -36.75
N PHE B 366 -45.78 16.48 -37.68
CA PHE B 366 -46.21 16.55 -39.08
C PHE B 366 -47.65 16.05 -39.24
N ALA B 367 -47.94 14.87 -38.70
CA ALA B 367 -49.22 14.20 -38.86
C ALA B 367 -49.32 13.04 -37.88
N PRO B 368 -50.51 12.49 -37.63
CA PRO B 368 -50.57 11.18 -36.97
C PRO B 368 -50.17 10.08 -37.94
N PHE B 369 -48.97 9.55 -37.80
CA PHE B 369 -48.44 8.58 -38.75
C PHE B 369 -49.01 7.20 -38.50
N PHE B 370 -48.85 6.33 -39.50
CA PHE B 370 -49.48 5.02 -39.50
C PHE B 370 -48.72 4.02 -38.64
N ALA B 371 -47.44 3.82 -38.94
CA ALA B 371 -46.72 2.67 -38.38
C ALA B 371 -46.04 3.00 -37.06
N PHE B 372 -45.08 3.93 -37.09
CA PHE B 372 -44.14 4.20 -35.97
C PHE B 372 -43.48 2.92 -35.48
N LYS B 373 -43.20 1.97 -36.38
CA LYS B 373 -42.60 0.69 -36.00
C LYS B 373 -41.09 0.88 -35.95
N CYS B 374 -40.65 1.59 -34.92
CA CYS B 374 -39.28 2.07 -34.82
C CYS B 374 -38.51 1.01 -34.04
N TYR B 375 -38.09 -0.04 -34.77
CA TYR B 375 -37.70 -1.31 -34.16
C TYR B 375 -36.28 -1.34 -33.63
N GLY B 376 -35.47 -0.31 -33.88
CA GLY B 376 -34.11 -0.30 -33.38
C GLY B 376 -34.02 0.31 -32.00
N VAL B 377 -33.30 1.43 -31.89
CA VAL B 377 -33.25 2.17 -30.64
C VAL B 377 -34.62 2.78 -30.35
N SER B 378 -34.89 3.06 -29.08
CA SER B 378 -36.21 3.51 -28.67
C SER B 378 -36.52 4.88 -29.25
N PRO B 379 -37.77 5.14 -29.64
CA PRO B 379 -38.12 6.47 -30.18
C PRO B 379 -37.96 7.59 -29.17
N THR B 380 -38.04 7.29 -27.88
CA THR B 380 -37.81 8.30 -26.86
C THR B 380 -36.37 8.79 -26.88
N LYS B 381 -35.42 7.88 -27.05
CA LYS B 381 -34.00 8.21 -27.01
C LYS B 381 -33.38 8.37 -28.40
N LEU B 382 -34.19 8.73 -29.40
CA LEU B 382 -33.64 9.07 -30.71
C LEU B 382 -32.78 10.32 -30.63
N ASN B 383 -33.26 11.34 -29.91
CA ASN B 383 -32.50 12.57 -29.74
C ASN B 383 -31.52 12.48 -28.58
N ASP B 384 -31.64 11.47 -27.72
CA ASP B 384 -30.74 11.35 -26.58
C ASP B 384 -29.34 10.94 -27.01
N LEU B 385 -29.24 9.97 -27.90
CA LEU B 385 -27.95 9.47 -28.37
C LEU B 385 -27.81 9.76 -29.87
N CYS B 386 -26.58 10.00 -30.30
CA CYS B 386 -26.29 10.41 -31.66
C CYS B 386 -25.12 9.63 -32.23
N PHE B 387 -25.15 9.45 -33.55
CA PHE B 387 -24.23 8.60 -34.30
C PHE B 387 -23.42 9.44 -35.29
N THR B 388 -22.51 8.76 -35.98
CA THR B 388 -21.55 9.45 -36.85
C THR B 388 -22.17 9.95 -38.15
N ASN B 389 -23.07 9.18 -38.75
CA ASN B 389 -23.72 9.60 -39.99
C ASN B 389 -25.11 9.01 -40.03
N VAL B 390 -25.99 9.70 -40.76
CA VAL B 390 -27.40 9.34 -40.85
C VAL B 390 -27.77 9.25 -42.32
N TYR B 391 -28.55 8.22 -42.68
CA TYR B 391 -29.11 8.08 -44.02
C TYR B 391 -30.62 8.29 -43.94
N ALA B 392 -31.17 9.00 -44.93
CA ALA B 392 -32.61 9.17 -45.07
C ALA B 392 -33.03 8.57 -46.39
N ASP B 393 -33.75 7.46 -46.34
CA ASP B 393 -34.27 6.80 -47.53
C ASP B 393 -35.77 6.73 -47.42
N SER B 394 -36.46 7.02 -48.51
CA SER B 394 -37.92 7.02 -48.52
C SER B 394 -38.42 6.55 -49.88
N PHE B 395 -39.64 6.02 -49.87
CA PHE B 395 -40.33 5.58 -51.07
C PHE B 395 -41.82 5.59 -50.78
N VAL B 396 -42.61 5.00 -51.67
CA VAL B 396 -44.04 4.83 -51.47
C VAL B 396 -44.39 3.38 -51.76
N ILE B 397 -45.39 2.87 -51.07
CA ILE B 397 -45.82 1.48 -51.22
C ILE B 397 -47.30 1.42 -50.91
N ARG B 398 -47.94 0.33 -51.32
CA ARG B 398 -49.36 0.16 -51.10
C ARG B 398 -49.64 -0.21 -49.64
N GLY B 399 -50.92 -0.21 -49.28
CA GLY B 399 -51.30 -0.37 -47.88
C GLY B 399 -51.00 -1.75 -47.31
N ASN B 400 -51.20 -2.80 -48.11
CA ASN B 400 -51.03 -4.16 -47.63
C ASN B 400 -49.58 -4.65 -47.74
N GLU B 401 -48.67 -3.85 -48.29
CA GLU B 401 -47.28 -4.25 -48.47
C GLU B 401 -46.34 -3.52 -47.51
N VAL B 402 -46.89 -2.79 -46.54
CA VAL B 402 -46.06 -2.11 -45.55
C VAL B 402 -45.43 -3.12 -44.59
N SER B 403 -46.17 -4.18 -44.24
CA SER B 403 -45.78 -5.05 -43.13
C SER B 403 -44.55 -5.89 -43.46
N GLN B 404 -44.32 -6.18 -44.74
CA GLN B 404 -43.23 -7.08 -45.11
C GLN B 404 -41.90 -6.35 -45.34
N ILE B 405 -41.85 -5.04 -45.12
CA ILE B 405 -40.58 -4.33 -45.22
C ILE B 405 -39.71 -4.53 -43.99
N ALA B 406 -40.27 -5.09 -42.91
CA ALA B 406 -39.49 -5.40 -41.73
C ALA B 406 -38.48 -6.51 -42.03
N PRO B 407 -37.33 -6.52 -41.36
CA PRO B 407 -36.34 -7.58 -41.61
C PRO B 407 -36.81 -8.98 -41.24
N GLY B 408 -37.78 -9.11 -40.35
CA GLY B 408 -38.26 -10.43 -39.98
C GLY B 408 -39.08 -11.11 -41.06
N GLN B 409 -39.66 -10.32 -41.96
CA GLN B 409 -40.50 -10.84 -43.03
C GLN B 409 -39.89 -10.53 -44.39
N THR B 410 -40.39 -11.23 -45.41
CA THR B 410 -39.89 -11.07 -46.77
C THR B 410 -41.06 -11.14 -47.75
N GLY B 411 -40.85 -10.60 -48.93
CA GLY B 411 -41.91 -10.57 -49.93
C GLY B 411 -41.43 -10.02 -51.25
N ASN B 412 -42.40 -9.64 -52.08
CA ASN B 412 -42.08 -9.13 -53.41
C ASN B 412 -41.36 -7.78 -53.35
N ILE B 413 -41.77 -6.89 -52.46
CA ILE B 413 -41.10 -5.60 -52.33
C ILE B 413 -39.76 -5.78 -51.64
N ALA B 414 -39.62 -6.82 -50.82
CA ALA B 414 -38.39 -7.01 -50.06
C ALA B 414 -37.28 -7.65 -50.90
N ASP B 415 -37.60 -8.73 -51.60
CA ASP B 415 -36.59 -9.56 -52.25
C ASP B 415 -36.00 -8.94 -53.51
N TYR B 416 -36.68 -7.98 -54.14
CA TYR B 416 -36.28 -7.47 -55.44
C TYR B 416 -36.13 -5.97 -55.53
N ASN B 417 -36.66 -5.19 -54.58
CA ASN B 417 -36.55 -3.74 -54.63
C ASN B 417 -35.76 -3.15 -53.47
N TYR B 418 -36.14 -3.46 -52.23
CA TYR B 418 -35.48 -2.89 -51.06
C TYR B 418 -35.67 -3.83 -49.89
N LYS B 419 -34.56 -4.24 -49.26
CA LYS B 419 -34.58 -5.12 -48.11
C LYS B 419 -33.75 -4.53 -46.99
N LEU B 420 -34.26 -4.63 -45.75
CA LEU B 420 -33.51 -4.24 -44.57
C LEU B 420 -32.82 -5.46 -43.95
N PRO B 421 -31.53 -5.39 -43.67
CA PRO B 421 -30.83 -6.55 -43.10
C PRO B 421 -31.25 -6.81 -41.66
N ASP B 422 -31.09 -8.07 -41.25
CA ASP B 422 -31.57 -8.49 -39.94
C ASP B 422 -30.67 -7.95 -38.81
N ASP B 423 -29.36 -7.93 -39.03
CA ASP B 423 -28.41 -7.43 -38.03
C ASP B 423 -28.15 -5.94 -38.19
N PHE B 424 -29.22 -5.15 -38.22
CA PHE B 424 -29.13 -3.71 -38.39
C PHE B 424 -30.14 -3.04 -37.46
N THR B 425 -29.71 -2.01 -36.75
CA THR B 425 -30.61 -1.20 -35.93
C THR B 425 -31.05 0.03 -36.70
N GLY B 426 -32.36 0.22 -36.77
CA GLY B 426 -32.92 1.29 -37.58
C GLY B 426 -34.36 1.52 -37.22
N CYS B 427 -35.06 2.30 -38.04
CA CYS B 427 -36.37 2.79 -37.64
C CYS B 427 -37.17 3.19 -38.87
N VAL B 428 -38.41 2.70 -38.95
CA VAL B 428 -39.28 2.92 -40.11
C VAL B 428 -40.60 3.54 -39.65
N ILE B 429 -41.15 4.42 -40.49
CA ILE B 429 -42.48 4.99 -40.30
C ILE B 429 -43.21 4.98 -41.64
N ALA B 430 -44.52 5.23 -41.57
CA ALA B 430 -45.35 5.27 -42.76
C ALA B 430 -46.59 6.12 -42.49
N TRP B 431 -47.25 6.55 -43.56
CA TRP B 431 -48.49 7.31 -43.46
C TRP B 431 -49.26 7.19 -44.76
N ASN B 432 -50.57 7.37 -44.68
CA ASN B 432 -51.46 7.29 -45.84
C ASN B 432 -51.72 8.69 -46.36
N SER B 433 -51.00 9.07 -47.42
CA SER B 433 -51.10 10.38 -48.05
C SER B 433 -51.81 10.31 -49.40
N ASN B 434 -52.90 9.54 -49.48
CA ASN B 434 -53.59 9.29 -50.75
C ASN B 434 -54.21 10.56 -51.32
N LYS B 435 -54.49 11.55 -50.46
CA LYS B 435 -55.21 12.75 -50.90
C LYS B 435 -54.39 13.57 -51.90
N LEU B 436 -53.06 13.56 -51.77
CA LEU B 436 -52.23 14.30 -52.71
C LEU B 436 -52.20 13.63 -54.09
N ASP B 437 -52.07 12.31 -54.12
CA ASP B 437 -52.02 11.55 -55.37
C ASP B 437 -53.26 10.68 -55.46
N SER B 438 -54.33 11.24 -56.04
CA SER B 438 -55.62 10.55 -56.18
C SER B 438 -56.15 10.84 -57.59
N LYS B 439 -55.86 9.93 -58.52
CA LYS B 439 -56.26 10.07 -59.91
C LYS B 439 -57.21 8.94 -60.29
N VAL B 440 -58.30 9.30 -60.95
CA VAL B 440 -59.34 8.32 -61.29
C VAL B 440 -58.83 7.32 -62.32
N GLY B 441 -58.12 7.81 -63.34
CA GLY B 441 -57.67 6.96 -64.43
C GLY B 441 -56.54 6.03 -64.07
N GLY B 442 -55.92 6.23 -62.91
CA GLY B 442 -54.83 5.36 -62.50
C GLY B 442 -53.48 6.04 -62.59
N ASN B 443 -52.79 6.15 -61.46
CA ASN B 443 -51.49 6.81 -61.42
C ASN B 443 -50.44 5.88 -62.02
N TYR B 444 -49.93 6.22 -63.20
CA TYR B 444 -48.89 5.45 -63.85
C TYR B 444 -47.50 5.89 -63.44
N ASN B 445 -47.39 6.84 -62.51
CA ASN B 445 -46.11 7.38 -62.09
C ASN B 445 -45.35 6.46 -61.14
N TYR B 446 -45.98 5.38 -60.69
CA TYR B 446 -45.47 4.65 -59.53
C TYR B 446 -45.17 3.19 -59.87
N ARG B 447 -44.46 2.99 -60.98
CA ARG B 447 -44.08 1.65 -61.43
C ARG B 447 -43.22 0.93 -60.40
N TYR B 448 -43.43 -0.37 -60.26
CA TYR B 448 -42.62 -1.20 -59.37
C TYR B 448 -42.13 -2.43 -60.12
N ARG B 449 -41.05 -3.02 -59.61
CA ARG B 449 -40.42 -4.17 -60.23
C ARG B 449 -41.00 -5.47 -59.68
N LEU B 450 -41.14 -6.46 -60.55
CA LEU B 450 -41.63 -7.78 -60.14
C LEU B 450 -40.49 -8.79 -60.01
N PHE B 451 -39.61 -8.84 -60.99
CA PHE B 451 -38.60 -9.88 -61.05
C PHE B 451 -37.26 -9.30 -61.50
N ARG B 452 -36.19 -9.85 -60.94
CA ARG B 452 -34.83 -9.58 -61.41
C ARG B 452 -34.06 -10.89 -61.40
N LYS B 453 -32.80 -10.82 -61.83
CA LYS B 453 -32.02 -12.02 -62.14
C LYS B 453 -31.82 -12.92 -60.93
N SER B 454 -31.56 -12.31 -59.76
CA SER B 454 -31.41 -13.07 -58.53
C SER B 454 -32.06 -12.27 -57.40
N ASN B 455 -32.20 -12.91 -56.24
CA ASN B 455 -32.73 -12.21 -55.08
C ASN B 455 -31.76 -11.10 -54.65
N LEU B 456 -32.31 -9.93 -54.36
CA LEU B 456 -31.49 -8.77 -54.05
C LEU B 456 -31.04 -8.81 -52.59
N LYS B 457 -29.75 -8.59 -52.39
CA LYS B 457 -29.21 -8.47 -51.04
C LYS B 457 -29.74 -7.18 -50.40
N PRO B 458 -29.83 -7.14 -49.07
CA PRO B 458 -30.21 -5.89 -48.40
C PRO B 458 -29.25 -4.75 -48.69
N PHE B 459 -29.83 -3.56 -48.92
CA PHE B 459 -29.12 -2.30 -49.16
C PHE B 459 -28.25 -2.35 -50.42
N GLU B 460 -28.88 -2.71 -51.54
CA GLU B 460 -28.39 -2.38 -52.87
C GLU B 460 -29.55 -1.88 -53.72
N ARG B 461 -29.23 -0.95 -54.62
CA ARG B 461 -30.21 -0.33 -55.50
C ARG B 461 -29.80 -0.57 -56.95
N ASP B 462 -30.78 -0.89 -57.78
CA ASP B 462 -30.50 -1.24 -59.17
C ASP B 462 -31.65 -0.80 -60.06
N ILE B 463 -31.31 -0.30 -61.25
CA ILE B 463 -32.26 -0.08 -62.33
C ILE B 463 -31.78 -0.88 -63.53
N SER B 464 -32.67 -1.70 -64.09
CA SER B 464 -32.30 -2.64 -65.14
C SER B 464 -33.27 -2.54 -66.31
N THR B 465 -32.75 -2.86 -67.50
CA THR B 465 -33.56 -3.00 -68.71
C THR B 465 -33.16 -4.35 -69.31
N GLU B 466 -33.78 -5.42 -68.82
CA GLU B 466 -33.48 -6.78 -69.25
C GLU B 466 -34.78 -7.51 -69.55
N ILE B 467 -34.74 -8.37 -70.55
CA ILE B 467 -35.91 -9.10 -71.02
C ILE B 467 -35.95 -10.45 -70.30
N TYR B 468 -37.02 -10.69 -69.55
CA TYR B 468 -37.20 -11.96 -68.87
C TYR B 468 -37.48 -13.06 -69.89
N GLN B 469 -36.77 -14.18 -69.74
CA GLN B 469 -36.98 -15.35 -70.58
C GLN B 469 -37.87 -16.35 -69.86
N ALA B 470 -38.83 -16.92 -70.59
CA ALA B 470 -39.67 -18.00 -70.08
C ALA B 470 -39.57 -19.23 -70.99
N GLY B 471 -38.37 -19.50 -71.47
CA GLY B 471 -38.13 -20.65 -72.33
C GLY B 471 -36.69 -20.67 -72.78
N ASN B 472 -36.35 -21.73 -73.50
CA ASN B 472 -34.98 -21.89 -74.01
C ASN B 472 -34.80 -21.20 -75.35
N LYS B 473 -35.08 -19.91 -75.39
CA LYS B 473 -34.87 -19.07 -76.55
C LYS B 473 -34.15 -17.79 -76.12
N PRO B 474 -33.36 -17.19 -77.02
CA PRO B 474 -32.77 -15.90 -76.69
C PRO B 474 -33.82 -14.81 -76.60
N CYS B 475 -33.67 -13.94 -75.61
CA CYS B 475 -34.50 -12.75 -75.44
C CYS B 475 -33.68 -11.47 -75.59
N ASN B 476 -32.70 -11.50 -76.49
CA ASN B 476 -32.07 -10.25 -76.90
C ASN B 476 -33.03 -9.42 -77.75
N GLY B 477 -33.87 -10.09 -78.55
CA GLY B 477 -34.89 -9.41 -79.31
C GLY B 477 -36.23 -9.36 -78.61
N VAL B 478 -37.05 -8.38 -79.01
CA VAL B 478 -38.35 -8.19 -78.39
C VAL B 478 -39.30 -9.29 -78.85
N ALA B 479 -40.03 -9.86 -77.89
CA ALA B 479 -40.99 -10.92 -78.19
C ALA B 479 -42.18 -10.80 -77.24
N GLY B 480 -43.24 -11.53 -77.57
CA GLY B 480 -44.45 -11.48 -76.77
C GLY B 480 -44.93 -12.85 -76.31
N VAL B 481 -44.29 -13.91 -76.81
CA VAL B 481 -44.61 -15.28 -76.43
C VAL B 481 -43.44 -15.80 -75.60
N ASN B 482 -43.74 -16.23 -74.36
CA ASN B 482 -42.83 -16.71 -73.31
C ASN B 482 -41.51 -15.93 -73.22
N CYS B 483 -41.60 -14.61 -73.41
CA CYS B 483 -40.43 -13.73 -73.34
C CYS B 483 -40.95 -12.33 -73.04
N TYR B 484 -40.85 -11.91 -71.78
CA TYR B 484 -41.51 -10.71 -71.29
C TYR B 484 -40.49 -9.73 -70.71
N PHE B 485 -40.95 -8.50 -70.51
CA PHE B 485 -40.17 -7.49 -69.81
C PHE B 485 -40.85 -7.14 -68.49
N PRO B 486 -40.10 -7.03 -67.40
CA PRO B 486 -40.73 -6.71 -66.11
C PRO B 486 -41.09 -5.23 -65.99
N LEU B 487 -42.38 -4.92 -66.09
CA LEU B 487 -42.87 -3.57 -65.80
C LEU B 487 -44.31 -3.70 -65.30
N GLN B 488 -44.59 -3.09 -64.14
CA GLN B 488 -45.89 -3.25 -63.49
C GLN B 488 -46.30 -1.93 -62.86
N SER B 489 -47.58 -1.59 -63.01
CA SER B 489 -48.16 -0.39 -62.42
C SER B 489 -49.33 -0.78 -61.52
N TYR B 490 -49.44 -0.10 -60.38
CA TYR B 490 -50.51 -0.41 -59.44
C TYR B 490 -51.87 0.04 -59.97
N GLY B 491 -51.95 1.25 -60.51
CA GLY B 491 -53.22 1.83 -60.87
C GLY B 491 -53.94 2.43 -59.68
N PHE B 492 -53.34 3.46 -59.09
CA PHE B 492 -53.88 4.07 -57.88
C PHE B 492 -55.15 4.86 -58.19
N ARG B 493 -56.16 4.72 -57.34
CA ARG B 493 -57.45 5.35 -57.49
C ARG B 493 -57.87 6.01 -56.18
N PRO B 494 -58.68 7.07 -56.23
CA PRO B 494 -59.18 7.68 -54.99
C PRO B 494 -60.29 6.87 -54.32
N THR B 495 -61.19 6.30 -55.12
CA THR B 495 -62.35 5.58 -54.60
C THR B 495 -61.89 4.17 -54.23
N TYR B 496 -61.32 4.03 -53.03
CA TYR B 496 -60.89 2.72 -52.56
C TYR B 496 -60.86 2.74 -51.04
N GLY B 497 -61.04 1.56 -50.46
CA GLY B 497 -60.75 1.34 -49.05
C GLY B 497 -59.26 1.23 -48.76
N VAL B 498 -58.90 0.53 -47.69
CA VAL B 498 -57.52 0.54 -47.20
C VAL B 498 -56.59 -0.33 -48.03
N GLY B 499 -57.12 -1.22 -48.88
CA GLY B 499 -56.29 -2.22 -49.53
C GLY B 499 -55.30 -1.63 -50.54
N HIS B 500 -55.72 -0.63 -51.30
CA HIS B 500 -54.94 -0.04 -52.38
C HIS B 500 -54.68 1.44 -52.15
N GLN B 501 -54.28 1.81 -50.93
CA GLN B 501 -53.86 3.15 -50.55
C GLN B 501 -52.35 3.30 -50.63
N PRO B 502 -51.85 4.38 -51.23
CA PRO B 502 -50.40 4.62 -51.26
C PRO B 502 -49.89 5.05 -49.90
N TYR B 503 -48.88 4.34 -49.40
CA TYR B 503 -48.25 4.65 -48.11
C TYR B 503 -46.80 5.01 -48.35
N ARG B 504 -46.40 6.20 -47.92
CA ARG B 504 -45.02 6.66 -48.06
C ARG B 504 -44.22 6.19 -46.85
N VAL B 505 -43.29 5.26 -47.07
CA VAL B 505 -42.50 4.66 -46.00
C VAL B 505 -41.13 5.32 -45.98
N VAL B 506 -40.74 5.83 -44.80
CA VAL B 506 -39.47 6.52 -44.62
C VAL B 506 -38.64 5.73 -43.61
N VAL B 507 -37.40 5.42 -43.98
CA VAL B 507 -36.49 4.66 -43.14
C VAL B 507 -35.25 5.50 -42.84
N LEU B 508 -34.80 5.47 -41.59
CA LEU B 508 -33.60 6.14 -41.15
C LEU B 508 -32.51 5.11 -40.89
N SER B 509 -31.37 5.28 -41.55
CA SER B 509 -30.26 4.34 -41.43
C SER B 509 -29.03 5.07 -40.91
N PHE B 510 -28.18 4.32 -40.21
CA PHE B 510 -26.99 4.88 -39.58
C PHE B 510 -26.02 3.75 -39.30
N GLU B 511 -24.79 4.14 -38.93
CA GLU B 511 -23.77 3.17 -38.53
C GLU B 511 -22.80 3.85 -37.57
N LEU B 512 -22.10 3.03 -36.80
CA LEU B 512 -21.09 3.51 -35.88
C LEU B 512 -19.73 3.55 -36.56
N LEU B 513 -18.94 4.56 -36.23
CA LEU B 513 -17.67 4.82 -36.90
C LEU B 513 -16.79 5.64 -35.97
N HIS B 514 -15.52 5.75 -36.36
CA HIS B 514 -14.55 6.54 -35.58
C HIS B 514 -14.77 8.05 -35.71
N ALA B 515 -15.64 8.49 -36.62
CA ALA B 515 -15.98 9.90 -36.76
C ALA B 515 -16.81 10.37 -35.56
N PRO B 516 -16.72 11.65 -35.19
CA PRO B 516 -17.55 12.15 -34.09
C PRO B 516 -19.03 12.19 -34.44
N ALA B 517 -19.86 12.09 -33.41
CA ALA B 517 -21.30 12.04 -33.57
C ALA B 517 -21.86 13.40 -33.95
N THR B 518 -23.04 13.38 -34.59
CA THR B 518 -23.56 14.57 -35.26
C THR B 518 -24.85 15.12 -34.66
N VAL B 519 -25.93 14.33 -34.61
CA VAL B 519 -27.30 14.87 -34.50
C VAL B 519 -27.97 14.31 -33.26
N CYS B 520 -27.77 14.98 -32.11
CA CYS B 520 -28.49 14.61 -30.90
C CYS B 520 -28.87 15.81 -30.03
N GLY B 521 -29.16 16.95 -30.65
CA GLY B 521 -29.91 18.00 -30.00
C GLY B 521 -29.12 18.90 -29.08
N PRO B 522 -29.42 20.20 -29.12
CA PRO B 522 -28.82 21.13 -28.15
C PRO B 522 -29.61 21.22 -26.86
N LYS B 523 -29.00 20.84 -25.74
CA LYS B 523 -29.71 21.04 -24.45
C LYS B 523 -29.47 22.50 -24.01
N LYS B 524 -30.47 23.13 -23.40
CA LYS B 524 -30.32 24.55 -22.99
C LYS B 524 -30.99 24.74 -21.64
N SER B 525 -30.77 25.87 -20.98
CA SER B 525 -31.47 26.15 -19.70
C SER B 525 -31.79 27.64 -19.65
N THR B 526 -32.85 28.02 -18.97
CA THR B 526 -33.25 29.43 -18.99
C THR B 526 -32.11 30.35 -18.59
N ASN B 527 -31.21 29.90 -17.71
CA ASN B 527 -30.09 30.68 -17.17
C ASN B 527 -30.66 31.94 -16.52
N LEU B 528 -30.23 33.14 -16.91
CA LEU B 528 -30.71 34.42 -16.36
C LEU B 528 -30.54 34.51 -14.84
N VAL B 529 -29.46 33.95 -14.31
CA VAL B 529 -29.11 34.08 -12.90
C VAL B 529 -27.75 34.75 -12.82
N LYS B 530 -27.70 35.88 -12.12
CA LYS B 530 -26.48 36.68 -12.05
C LYS B 530 -26.02 36.97 -10.63
N ASN B 531 -26.72 36.47 -9.60
CA ASN B 531 -26.29 36.76 -8.23
C ASN B 531 -26.50 35.59 -7.27
N LYS B 532 -26.68 34.36 -7.76
CA LYS B 532 -26.94 33.21 -6.91
C LYS B 532 -25.95 32.10 -7.20
N CYS B 533 -25.61 31.33 -6.17
CA CYS B 533 -24.68 30.21 -6.32
C CYS B 533 -25.36 29.08 -7.08
N VAL B 534 -24.95 28.87 -8.32
CA VAL B 534 -25.57 27.89 -9.21
C VAL B 534 -24.47 27.01 -9.80
N ASN B 535 -24.76 25.71 -9.87
CA ASN B 535 -23.87 24.79 -10.58
C ASN B 535 -23.90 25.11 -12.07
N PHE B 536 -22.72 25.27 -12.66
CA PHE B 536 -22.59 25.64 -14.06
C PHE B 536 -21.93 24.50 -14.83
N ASN B 537 -22.42 24.25 -16.05
CA ASN B 537 -21.90 23.19 -16.91
C ASN B 537 -21.76 23.75 -18.32
N PHE B 538 -21.13 24.91 -18.45
CA PHE B 538 -20.95 25.57 -19.74
C PHE B 538 -19.98 24.77 -20.60
N ASN B 539 -20.52 23.97 -21.52
CA ASN B 539 -19.75 23.17 -22.49
C ASN B 539 -18.77 22.23 -21.79
N GLY B 540 -19.24 21.58 -20.72
CA GLY B 540 -18.40 20.65 -19.98
C GLY B 540 -17.57 21.26 -18.87
N LEU B 541 -17.62 22.58 -18.69
CA LEU B 541 -16.89 23.23 -17.61
C LEU B 541 -17.65 23.00 -16.30
N THR B 542 -17.37 21.86 -15.69
CA THR B 542 -18.02 21.51 -14.43
C THR B 542 -17.49 22.38 -13.29
N GLY B 543 -18.34 22.60 -12.30
CA GLY B 543 -17.95 23.37 -11.15
C GLY B 543 -19.16 24.03 -10.51
N THR B 544 -18.88 24.78 -9.45
CA THR B 544 -19.92 25.52 -8.73
C THR B 544 -19.40 26.91 -8.40
N GLY B 545 -20.34 27.83 -8.22
CA GLY B 545 -19.99 29.20 -7.91
C GLY B 545 -21.12 30.14 -8.27
N VAL B 546 -20.80 31.43 -8.28
CA VAL B 546 -21.75 32.47 -8.63
C VAL B 546 -21.15 33.30 -9.76
N LEU B 547 -21.98 33.64 -10.74
CA LEU B 547 -21.54 34.36 -11.93
C LEU B 547 -21.88 35.84 -11.81
N THR B 548 -21.28 36.63 -12.71
CA THR B 548 -21.54 38.05 -12.79
C THR B 548 -21.12 38.55 -14.17
N GLU B 549 -21.45 39.81 -14.44
CA GLU B 549 -21.11 40.42 -15.73
C GLU B 549 -19.62 40.73 -15.77
N SER B 550 -18.96 40.30 -16.86
CA SER B 550 -17.53 40.48 -17.01
C SER B 550 -17.21 41.71 -17.84
N ASN B 551 -16.21 42.47 -17.42
CA ASN B 551 -15.70 43.60 -18.18
C ASN B 551 -14.50 43.23 -19.05
N LYS B 552 -14.09 41.97 -19.04
CA LYS B 552 -12.94 41.54 -19.83
C LYS B 552 -13.27 41.53 -21.32
N LYS B 553 -12.23 41.53 -22.13
CA LYS B 553 -12.35 41.52 -23.59
C LYS B 553 -11.59 40.31 -24.11
N PHE B 554 -12.31 39.24 -24.45
CA PHE B 554 -11.67 38.08 -25.04
C PHE B 554 -11.25 38.36 -26.47
N LEU B 555 -10.37 37.51 -26.99
CA LEU B 555 -10.12 37.49 -28.41
C LEU B 555 -11.34 36.90 -29.12
N PRO B 556 -11.53 37.21 -30.41
CA PRO B 556 -12.70 36.66 -31.13
C PRO B 556 -12.75 35.14 -31.18
N PHE B 557 -11.61 34.46 -31.14
CA PHE B 557 -11.62 33.01 -31.15
C PHE B 557 -11.68 32.42 -29.74
N GLN B 558 -11.32 33.18 -28.71
CA GLN B 558 -11.13 32.64 -27.38
C GLN B 558 -12.46 32.22 -26.75
N GLN B 559 -12.39 31.22 -25.87
CA GLN B 559 -13.58 30.58 -25.33
C GLN B 559 -13.78 30.84 -23.84
N PHE B 560 -12.81 30.49 -22.99
CA PHE B 560 -12.96 30.68 -21.56
C PHE B 560 -11.62 31.07 -20.94
N GLY B 561 -11.69 31.90 -19.90
CA GLY B 561 -10.50 32.49 -19.32
C GLY B 561 -9.91 31.66 -18.19
N ARG B 562 -8.73 32.12 -17.74
CA ARG B 562 -7.97 31.44 -16.70
C ARG B 562 -7.00 32.44 -16.09
N ASP B 563 -6.61 32.18 -14.85
CA ASP B 563 -5.62 32.99 -14.16
C ASP B 563 -4.47 32.12 -13.70
N ILE B 564 -3.63 32.63 -12.79
CA ILE B 564 -2.53 31.89 -12.19
C ILE B 564 -3.08 30.62 -11.55
N ALA B 565 -2.30 29.53 -11.63
CA ALA B 565 -2.69 28.16 -11.28
C ALA B 565 -3.87 27.70 -12.14
N ASP B 566 -4.58 26.66 -11.68
CA ASP B 566 -5.58 26.00 -12.51
C ASP B 566 -6.98 26.58 -12.39
N THR B 567 -7.17 27.62 -11.57
CA THR B 567 -8.49 28.19 -11.39
C THR B 567 -8.94 28.95 -12.63
N THR B 568 -10.26 29.06 -12.80
CA THR B 568 -10.86 29.81 -13.89
C THR B 568 -11.71 30.93 -13.31
N ASP B 569 -11.57 32.13 -13.85
CA ASP B 569 -12.31 33.29 -13.38
C ASP B 569 -13.13 33.98 -14.47
N ALA B 570 -13.29 33.35 -15.64
CA ALA B 570 -14.05 33.96 -16.71
C ALA B 570 -14.62 32.85 -17.60
N VAL B 571 -15.70 33.19 -18.30
CA VAL B 571 -16.35 32.27 -19.22
C VAL B 571 -17.18 33.10 -20.19
N ARG B 572 -17.38 32.57 -21.39
CA ARG B 572 -18.20 33.21 -22.42
C ARG B 572 -19.52 32.49 -22.54
N ASP B 573 -20.61 33.25 -22.68
CA ASP B 573 -21.92 32.70 -22.96
C ASP B 573 -21.88 31.91 -24.25
N PRO B 574 -22.25 30.60 -24.23
CA PRO B 574 -22.18 29.80 -25.43
C PRO B 574 -22.94 30.57 -26.50
N GLN B 575 -24.14 31.02 -26.17
CA GLN B 575 -24.87 31.87 -27.15
C GLN B 575 -24.77 33.30 -26.66
N THR B 576 -25.46 34.22 -27.32
CA THR B 576 -25.44 35.64 -26.89
C THR B 576 -24.01 36.13 -26.77
N LEU B 577 -23.02 35.28 -27.04
CA LEU B 577 -21.59 35.65 -26.99
C LEU B 577 -21.32 36.78 -25.99
N GLU B 578 -21.56 36.49 -24.72
CA GLU B 578 -21.30 37.42 -23.64
C GLU B 578 -20.30 36.84 -22.66
N ILE B 579 -19.33 37.65 -22.25
CA ILE B 579 -18.30 37.22 -21.31
C ILE B 579 -18.85 37.36 -19.90
N LEU B 580 -18.69 36.32 -19.09
CA LEU B 580 -19.15 36.33 -17.71
C LEU B 580 -18.01 35.90 -16.80
N ASP B 581 -17.95 36.50 -15.62
CA ASP B 581 -16.94 36.19 -14.62
C ASP B 581 -17.49 35.16 -13.64
N ILE B 582 -16.66 34.18 -13.30
CA ILE B 582 -17.02 33.14 -12.34
C ILE B 582 -16.13 33.29 -11.11
N THR B 583 -16.73 33.23 -9.93
CA THR B 583 -16.03 33.32 -8.66
C THR B 583 -16.57 32.29 -7.68
N PRO B 584 -15.72 31.76 -6.80
CA PRO B 584 -16.18 30.78 -5.83
C PRO B 584 -17.14 31.37 -4.81
N CYS B 585 -17.95 30.49 -4.23
CA CYS B 585 -18.97 30.88 -3.28
C CYS B 585 -18.33 31.33 -1.96
N SER B 586 -19.09 32.12 -1.21
CA SER B 586 -18.61 32.64 0.06
C SER B 586 -18.57 31.54 1.11
N PHE B 587 -17.44 31.44 1.82
CA PHE B 587 -17.26 30.46 2.87
C PHE B 587 -16.36 31.06 3.94
N GLY B 588 -16.12 30.30 4.99
CA GLY B 588 -15.26 30.74 6.07
C GLY B 588 -15.62 30.07 7.37
N GLY B 589 -14.65 30.07 8.29
CA GLY B 589 -14.86 29.47 9.58
C GLY B 589 -15.70 30.33 10.50
N VAL B 590 -16.06 29.75 11.65
CA VAL B 590 -16.86 30.43 12.64
C VAL B 590 -16.21 30.21 14.01
N SER B 591 -16.40 31.17 14.91
CA SER B 591 -15.83 31.10 16.24
C SER B 591 -16.81 31.72 17.22
N VAL B 592 -16.67 31.35 18.49
CA VAL B 592 -17.63 31.70 19.52
C VAL B 592 -16.93 32.53 20.59
N ILE B 593 -17.48 33.71 20.86
CA ILE B 593 -17.05 34.56 21.96
C ILE B 593 -17.84 34.18 23.20
N THR B 594 -17.15 33.93 24.31
CA THR B 594 -17.85 33.60 25.53
C THR B 594 -17.14 34.17 26.76
N PRO B 595 -17.88 34.62 27.77
CA PRO B 595 -17.21 35.08 29.00
C PRO B 595 -16.81 33.95 29.92
N GLY B 596 -17.50 32.82 29.88
CA GLY B 596 -17.23 31.72 30.78
C GLY B 596 -18.48 31.19 31.44
N THR B 597 -18.62 29.86 31.51
CA THR B 597 -19.82 29.27 32.08
C THR B 597 -19.91 29.50 33.58
N ASN B 598 -18.78 29.78 34.24
CA ASN B 598 -18.81 30.12 35.65
C ASN B 598 -19.52 31.44 35.91
N THR B 599 -19.56 32.33 34.93
CA THR B 599 -20.18 33.64 35.08
C THR B 599 -21.55 33.72 34.43
N SER B 600 -21.65 33.41 33.14
CA SER B 600 -22.92 33.52 32.42
C SER B 600 -23.00 32.43 31.37
N ASN B 601 -24.10 32.43 30.62
CA ASN B 601 -24.33 31.43 29.58
C ASN B 601 -24.67 32.06 28.24
N GLN B 602 -24.43 33.36 28.09
CA GLN B 602 -24.68 34.06 26.83
C GLN B 602 -23.42 34.10 25.99
N VAL B 603 -23.55 33.70 24.73
CA VAL B 603 -22.40 33.67 23.82
C VAL B 603 -22.68 34.59 22.64
N ALA B 604 -21.69 34.74 21.77
CA ALA B 604 -21.82 35.52 20.55
C ALA B 604 -20.89 34.94 19.51
N VAL B 605 -21.42 34.67 18.32
CA VAL B 605 -20.66 34.01 17.27
C VAL B 605 -20.06 35.07 16.36
N LEU B 606 -19.03 34.68 15.63
CA LEU B 606 -18.32 35.57 14.72
C LEU B 606 -18.01 34.80 13.44
N TYR B 607 -18.55 35.26 12.32
CA TYR B 607 -18.20 34.69 11.03
C TYR B 607 -16.98 35.42 10.47
N GLN B 608 -16.09 34.67 9.83
CA GLN B 608 -14.79 35.18 9.43
C GLN B 608 -14.79 35.53 7.95
N GLY B 609 -14.76 36.84 7.65
CA GLY B 609 -14.46 37.32 6.32
C GLY B 609 -15.65 37.55 5.41
N VAL B 610 -16.80 36.97 5.71
CA VAL B 610 -17.94 37.04 4.80
C VAL B 610 -18.69 38.34 4.99
N ASN B 611 -19.18 38.90 3.90
CA ASN B 611 -20.05 40.08 3.94
C ASN B 611 -21.41 39.63 4.45
N CYS B 612 -21.70 39.91 5.71
CA CYS B 612 -22.84 39.29 6.38
C CYS B 612 -24.17 39.97 6.11
N THR B 613 -24.19 41.06 5.34
CA THR B 613 -25.48 41.66 5.01
C THR B 613 -26.24 40.84 3.98
N GLU B 614 -25.59 39.90 3.29
CA GLU B 614 -26.26 39.00 2.36
C GLU B 614 -26.48 37.61 2.92
N VAL B 615 -25.40 36.93 3.31
CA VAL B 615 -25.38 35.47 3.41
C VAL B 615 -26.09 34.88 4.63
N PRO B 616 -25.69 35.18 5.89
CA PRO B 616 -26.16 34.32 7.00
C PRO B 616 -27.62 34.46 7.34
N VAL B 617 -28.23 35.60 7.09
CA VAL B 617 -29.64 35.80 7.40
C VAL B 617 -30.51 35.13 6.36
N GLY B 634 -31.14 36.61 13.73
CA GLY B 634 -30.04 37.37 14.29
C GLY B 634 -30.48 38.53 15.16
N SER B 635 -29.77 38.73 16.27
CA SER B 635 -30.10 39.81 17.19
C SER B 635 -29.58 41.15 16.69
N ASN B 636 -28.27 41.27 16.56
CA ASN B 636 -27.64 42.50 16.09
C ASN B 636 -26.52 42.14 15.12
N VAL B 637 -26.16 43.11 14.27
CA VAL B 637 -25.07 42.96 13.33
C VAL B 637 -24.13 44.15 13.48
N PHE B 638 -22.84 43.90 13.32
CA PHE B 638 -21.81 44.95 13.33
C PHE B 638 -20.71 44.51 12.38
N GLN B 639 -20.72 45.07 11.17
CA GLN B 639 -19.74 44.66 10.17
C GLN B 639 -18.35 45.15 10.53
N THR B 640 -17.36 44.26 10.41
CA THR B 640 -16.00 44.52 10.82
C THR B 640 -15.10 43.97 9.72
N ARG B 641 -13.89 44.55 9.60
CA ARG B 641 -12.92 44.08 8.61
C ARG B 641 -12.54 42.62 8.82
N ALA B 642 -12.61 42.13 10.06
CA ALA B 642 -12.39 40.71 10.30
C ALA B 642 -13.59 39.87 9.88
N GLY B 643 -14.80 40.39 10.05
CA GLY B 643 -15.99 39.64 9.69
C GLY B 643 -17.23 40.27 10.27
N CYS B 644 -18.24 39.44 10.50
CA CYS B 644 -19.50 39.88 11.07
C CYS B 644 -19.70 39.29 12.46
N LEU B 645 -20.12 40.13 13.39
CA LEU B 645 -20.30 39.75 14.78
C LEU B 645 -21.81 39.69 15.08
N ILE B 646 -22.28 38.52 15.49
CA ILE B 646 -23.69 38.29 15.79
C ILE B 646 -23.83 38.07 17.28
N GLY B 647 -24.73 38.81 17.90
CA GLY B 647 -25.00 38.67 19.32
C GLY B 647 -24.31 39.66 20.24
N ALA B 648 -23.68 40.69 19.69
CA ALA B 648 -22.99 41.70 20.49
C ALA B 648 -23.35 43.09 19.99
N GLU B 649 -23.56 44.01 20.93
CA GLU B 649 -23.86 45.40 20.61
C GLU B 649 -22.57 46.19 20.63
N TYR B 650 -22.34 46.97 19.58
CA TYR B 650 -21.12 47.75 19.45
C TYR B 650 -21.29 49.09 20.16
N VAL B 651 -20.40 49.40 21.09
CA VAL B 651 -20.45 50.65 21.82
C VAL B 651 -19.45 51.61 21.18
N ASN B 652 -19.57 52.89 21.53
CA ASN B 652 -18.72 53.93 20.95
C ASN B 652 -17.59 54.36 21.87
N SER B 653 -17.43 53.73 23.02
CA SER B 653 -16.37 54.07 23.95
C SER B 653 -15.14 53.22 23.65
N SER B 654 -14.13 53.29 24.53
CA SER B 654 -12.92 52.50 24.37
C SER B 654 -12.50 51.95 25.72
N TYR B 655 -11.92 50.75 25.69
CA TYR B 655 -11.49 50.08 26.90
C TYR B 655 -10.27 49.22 26.59
N GLU B 656 -9.72 48.59 27.62
CA GLU B 656 -8.60 47.68 27.43
C GLU B 656 -9.08 46.38 26.79
N CYS B 657 -8.15 45.69 26.13
CA CYS B 657 -8.49 44.47 25.42
C CYS B 657 -8.60 43.30 26.40
N ASP B 658 -9.72 42.59 26.32
CA ASP B 658 -9.95 41.40 27.13
C ASP B 658 -10.00 40.14 26.28
N ILE B 659 -10.88 40.10 25.29
CA ILE B 659 -10.95 39.01 24.33
C ILE B 659 -10.63 39.59 22.95
N PRO B 660 -9.52 39.20 22.32
CA PRO B 660 -9.17 39.78 21.02
C PRO B 660 -10.01 39.17 19.90
N ILE B 661 -10.45 40.02 18.99
CA ILE B 661 -11.25 39.59 17.83
C ILE B 661 -10.45 39.72 16.55
N GLY B 662 -9.97 40.91 16.24
CA GLY B 662 -9.19 41.15 15.05
C GLY B 662 -9.40 42.57 14.54
N ALA B 663 -8.36 43.11 13.90
CA ALA B 663 -8.34 44.45 13.31
C ALA B 663 -8.68 45.53 14.35
N GLY B 664 -8.23 45.35 15.58
CA GLY B 664 -8.39 46.36 16.60
C GLY B 664 -9.73 46.39 17.30
N ILE B 665 -10.45 45.27 17.35
CA ILE B 665 -11.72 45.18 18.05
C ILE B 665 -11.58 44.17 19.17
N CYS B 666 -11.93 44.57 20.39
CA CYS B 666 -11.88 43.70 21.55
C CYS B 666 -13.24 43.70 22.23
N ALA B 667 -13.74 42.50 22.53
CA ALA B 667 -15.05 42.33 23.13
C ALA B 667 -14.90 41.89 24.58
N SER B 668 -15.81 42.35 25.44
CA SER B 668 -15.73 42.04 26.86
C SER B 668 -17.14 41.77 27.38
N TYR B 669 -17.26 41.68 28.70
CA TYR B 669 -18.50 41.31 29.38
C TYR B 669 -18.77 42.39 30.42
N GLN B 670 -19.62 43.35 30.06
CA GLN B 670 -19.90 44.51 30.90
C GLN B 670 -21.35 44.49 31.35
N THR B 671 -21.55 44.73 32.65
CA THR B 671 -22.92 44.82 33.17
C THR B 671 -23.63 46.06 32.65
N GLN B 672 -22.91 47.17 32.53
CA GLN B 672 -23.36 48.48 32.02
C GLN B 672 -24.75 48.92 32.47
N SER B 684 -29.18 44.38 33.41
CA SER B 684 -28.95 44.92 32.07
C SER B 684 -27.70 44.30 31.45
N GLN B 685 -27.51 43.00 31.72
CA GLN B 685 -26.32 42.30 31.25
C GLN B 685 -26.33 42.13 29.74
N SER B 686 -25.18 42.38 29.11
CA SER B 686 -25.05 42.27 27.67
C SER B 686 -23.59 42.05 27.31
N ILE B 687 -23.37 41.60 26.08
CA ILE B 687 -22.02 41.42 25.53
C ILE B 687 -21.74 42.58 24.59
N ILE B 688 -20.62 43.27 24.80
CA ILE B 688 -20.30 44.47 24.05
C ILE B 688 -19.02 44.25 23.26
N ALA B 689 -18.85 45.08 22.23
CA ALA B 689 -17.64 45.12 21.42
C ALA B 689 -17.26 46.58 21.20
N TYR B 690 -15.97 46.85 21.11
CA TYR B 690 -15.50 48.22 21.05
C TYR B 690 -14.15 48.27 20.34
N THR B 691 -13.75 49.49 19.98
CA THR B 691 -12.40 49.72 19.47
C THR B 691 -11.42 49.74 20.64
N MET B 692 -10.34 48.98 20.53
CA MET B 692 -9.38 48.90 21.61
C MET B 692 -8.61 50.21 21.75
N SER B 693 -8.16 50.48 22.97
CA SER B 693 -7.40 51.67 23.28
C SER B 693 -6.01 51.28 23.75
N LEU B 694 -5.01 52.06 23.35
CA LEU B 694 -3.62 51.76 23.67
C LEU B 694 -3.16 52.38 24.99
N GLY B 695 -4.08 52.65 25.90
CA GLY B 695 -3.74 53.25 27.17
C GLY B 695 -4.12 54.71 27.24
N ALA B 696 -4.10 55.25 28.46
CA ALA B 696 -4.46 56.64 28.68
C ALA B 696 -3.39 57.56 28.09
N GLU B 697 -3.86 58.59 27.37
CA GLU B 697 -2.94 59.53 26.75
C GLU B 697 -2.25 60.39 27.80
N ASN B 698 -0.98 60.68 27.57
CA ASN B 698 -0.18 61.49 28.47
C ASN B 698 0.60 62.52 27.66
N SER B 699 0.90 63.65 28.29
CA SER B 699 1.65 64.71 27.64
C SER B 699 2.69 65.25 28.61
N VAL B 700 3.80 65.75 28.06
CA VAL B 700 4.86 66.37 28.83
C VAL B 700 5.13 67.74 28.23
N ALA B 701 5.75 68.59 29.03
CA ALA B 701 5.98 69.99 28.67
C ALA B 701 7.49 70.22 28.49
N TYR B 702 7.98 69.99 27.28
CA TYR B 702 9.35 70.34 26.95
C TYR B 702 9.49 71.86 26.90
N SER B 703 10.65 72.34 27.33
CA SER B 703 10.92 73.77 27.33
C SER B 703 12.41 73.99 27.15
N ASN B 704 12.79 75.26 26.95
CA ASN B 704 14.19 75.61 26.79
C ASN B 704 14.98 75.35 28.07
N ASN B 705 14.33 75.47 29.22
CA ASN B 705 15.01 75.25 30.51
C ASN B 705 14.00 74.70 31.52
N SER B 706 13.99 73.38 31.66
CA SER B 706 13.08 72.73 32.59
C SER B 706 13.59 71.34 32.94
N ILE B 707 13.85 71.09 34.22
CA ILE B 707 14.33 69.79 34.69
C ILE B 707 13.47 69.38 35.87
N ALA B 708 13.29 68.07 36.04
CA ALA B 708 12.49 67.51 37.13
C ALA B 708 13.25 66.35 37.75
N ILE B 709 13.64 66.50 39.01
CA ILE B 709 14.42 65.51 39.74
C ILE B 709 13.52 64.87 40.79
N PRO B 710 13.42 63.55 40.84
CA PRO B 710 12.59 62.90 41.86
C PRO B 710 13.21 63.03 43.25
N THR B 711 12.36 62.92 44.27
CA THR B 711 12.77 63.09 45.65
C THR B 711 12.64 61.84 46.51
N ASN B 712 11.86 60.85 46.10
CA ASN B 712 11.67 59.65 46.90
C ASN B 712 11.62 58.44 45.99
N PHE B 713 12.37 57.41 46.35
CA PHE B 713 12.49 56.23 45.51
C PHE B 713 11.39 55.22 45.87
N THR B 714 11.48 54.01 45.31
CA THR B 714 10.57 52.92 45.63
C THR B 714 11.26 51.61 45.29
N ILE B 715 11.35 50.71 46.26
CA ILE B 715 11.96 49.41 46.08
C ILE B 715 10.82 48.41 45.85
N SER B 716 10.77 47.84 44.66
CA SER B 716 9.73 46.89 44.28
C SER B 716 10.35 45.55 43.91
N VAL B 717 9.52 44.51 43.97
CA VAL B 717 9.96 43.15 43.64
C VAL B 717 8.99 42.59 42.61
N THR B 718 9.51 42.27 41.43
CA THR B 718 8.72 41.65 40.38
C THR B 718 8.96 40.14 40.41
N THR B 719 8.49 39.42 39.39
CA THR B 719 8.75 38.00 39.28
C THR B 719 8.88 37.63 37.82
N GLU B 720 9.49 36.47 37.57
CA GLU B 720 9.80 36.06 36.21
C GLU B 720 9.94 34.55 36.18
N ILE B 721 9.24 33.90 35.25
CA ILE B 721 9.18 32.45 35.18
C ILE B 721 9.85 31.99 33.89
N LEU B 722 10.63 30.91 33.99
CA LEU B 722 11.35 30.38 32.84
C LEU B 722 11.39 28.85 32.87
N PRO B 723 10.95 28.17 31.82
CA PRO B 723 11.13 26.71 31.77
C PRO B 723 12.59 26.36 31.56
N VAL B 724 12.97 25.19 32.09
CA VAL B 724 14.38 24.78 32.01
C VAL B 724 14.49 23.44 31.27
N SER B 725 13.50 22.57 31.42
CA SER B 725 13.61 21.23 30.87
C SER B 725 12.24 20.58 30.81
N MET B 726 12.17 19.45 30.10
CA MET B 726 10.98 18.64 29.98
C MET B 726 11.26 17.23 30.50
N THR B 727 10.30 16.33 30.26
CA THR B 727 10.42 14.94 30.68
C THR B 727 11.10 14.12 29.59
N LYS B 728 11.80 13.06 30.01
CA LYS B 728 12.50 12.17 29.09
C LYS B 728 11.61 10.97 28.79
N THR B 729 11.30 10.77 27.51
CA THR B 729 10.23 9.88 27.06
C THR B 729 10.74 8.87 26.05
N SER B 730 11.81 8.15 26.39
CA SER B 730 12.37 7.14 25.50
C SER B 730 11.37 6.03 25.21
N VAL B 731 11.40 5.53 23.96
CA VAL B 731 10.40 4.61 23.45
C VAL B 731 11.12 3.44 22.77
N ASP B 732 10.44 2.30 22.70
CA ASP B 732 10.93 1.10 22.04
C ASP B 732 10.20 0.92 20.71
N CYS B 733 10.95 0.50 19.68
CA CYS B 733 10.36 0.25 18.37
C CYS B 733 9.31 -0.85 18.39
N THR B 734 9.77 -2.07 18.69
CA THR B 734 9.03 -3.29 18.35
C THR B 734 7.69 -3.38 19.10
N MET B 735 7.70 -3.06 20.39
CA MET B 735 6.51 -3.22 21.21
C MET B 735 5.39 -2.27 20.81
N TYR B 736 5.72 -1.12 20.23
CA TYR B 736 4.69 -0.16 19.84
C TYR B 736 4.21 -0.38 18.41
N ILE B 737 5.15 -0.53 17.47
CA ILE B 737 4.76 -0.67 16.07
C ILE B 737 4.08 -2.01 15.82
N CYS B 738 4.40 -3.02 16.63
CA CYS B 738 3.84 -4.35 16.49
C CYS B 738 3.33 -4.83 17.83
N GLY B 739 2.22 -5.55 17.81
CA GLY B 739 1.66 -6.10 19.04
C GLY B 739 2.38 -7.35 19.50
N ASP B 740 3.66 -7.20 19.86
CA ASP B 740 4.61 -8.18 20.39
C ASP B 740 4.45 -9.59 19.84
N SER B 741 4.32 -9.69 18.52
CA SER B 741 4.20 -10.97 17.82
C SER B 741 5.33 -11.07 16.81
N THR B 742 5.88 -12.27 16.65
CA THR B 742 7.00 -12.45 15.74
C THR B 742 6.59 -12.32 14.28
N GLU B 743 5.30 -12.43 13.97
CA GLU B 743 4.85 -12.25 12.58
C GLU B 743 5.04 -10.82 12.12
N CYS B 744 4.70 -9.85 12.98
CA CYS B 744 4.82 -8.44 12.61
C CYS B 744 6.28 -7.98 12.64
N SER B 745 7.09 -8.59 13.51
CA SER B 745 8.48 -8.15 13.66
C SER B 745 9.30 -8.46 12.42
N ASN B 746 8.98 -9.55 11.72
CA ASN B 746 9.70 -9.89 10.49
C ASN B 746 9.42 -8.87 9.39
N LEU B 747 8.19 -8.33 9.34
CA LEU B 747 7.85 -7.35 8.32
C LEU B 747 8.57 -6.03 8.54
N LEU B 748 9.02 -5.77 9.77
CA LEU B 748 9.69 -4.50 10.07
C LEU B 748 11.11 -4.46 9.50
N LEU B 749 11.71 -5.62 9.26
CA LEU B 749 13.10 -5.65 8.81
C LEU B 749 13.23 -5.24 7.36
N GLN B 750 12.22 -5.51 6.53
CA GLN B 750 12.32 -5.16 5.12
C GLN B 750 12.27 -3.66 4.87
N TYR B 751 11.70 -2.89 5.81
CA TYR B 751 11.74 -1.44 5.67
C TYR B 751 13.11 -0.86 5.95
N GLY B 752 13.98 -1.58 6.64
CA GLY B 752 15.30 -1.07 6.92
C GLY B 752 15.50 -0.66 8.36
N SER B 753 16.26 0.41 8.57
CA SER B 753 16.71 0.83 9.89
C SER B 753 16.08 2.15 10.33
N PHE B 754 14.77 2.35 10.09
CA PHE B 754 14.12 3.62 10.40
C PHE B 754 14.19 3.94 11.90
N CYS B 755 13.86 2.98 12.76
CA CYS B 755 13.72 3.37 14.15
C CYS B 755 15.04 3.41 14.90
N THR B 756 16.16 3.09 14.23
CA THR B 756 17.46 3.20 14.87
C THR B 756 17.79 4.65 15.20
N GLN B 757 17.51 5.58 14.28
CA GLN B 757 17.66 6.99 14.61
C GLN B 757 16.58 7.44 15.57
N LEU B 758 15.39 6.84 15.49
CA LEU B 758 14.30 7.21 16.38
C LEU B 758 14.62 6.87 17.83
N LYS B 759 15.37 5.78 18.04
CA LYS B 759 15.94 5.55 19.36
C LYS B 759 17.15 6.44 19.61
N ARG B 760 17.90 6.78 18.56
CA ARG B 760 19.09 7.61 18.75
C ARG B 760 18.72 9.06 18.98
N ALA B 761 17.71 9.57 18.28
CA ALA B 761 17.33 10.97 18.44
C ALA B 761 16.75 11.23 19.84
N LEU B 762 15.93 10.31 20.33
CA LEU B 762 15.34 10.50 21.66
C LEU B 762 16.36 10.34 22.76
N THR B 763 17.44 9.59 22.50
CA THR B 763 18.55 9.52 23.45
C THR B 763 19.25 10.87 23.55
N GLY B 764 19.45 11.55 22.41
CA GLY B 764 20.09 12.85 22.43
C GLY B 764 19.26 13.91 23.14
N ILE B 765 17.94 13.83 23.01
CA ILE B 765 17.07 14.72 23.76
C ILE B 765 17.15 14.41 25.25
N ALA B 766 17.19 13.13 25.60
CA ALA B 766 17.18 12.73 27.01
C ALA B 766 18.47 13.15 27.71
N VAL B 767 19.61 13.02 27.04
CA VAL B 767 20.87 13.43 27.65
C VAL B 767 20.99 14.94 27.67
N GLU B 768 20.23 15.63 26.82
CA GLU B 768 20.28 17.09 26.81
C GLU B 768 19.58 17.69 28.03
N GLN B 769 18.47 17.07 28.45
CA GLN B 769 17.72 17.58 29.61
C GLN B 769 18.49 17.40 30.91
N ASP B 770 19.42 16.46 30.97
CA ASP B 770 20.32 16.36 32.10
C ASP B 770 21.49 17.32 32.01
N LYS B 771 21.66 17.97 30.87
CA LYS B 771 22.68 18.99 30.70
C LYS B 771 22.15 20.40 30.88
N ASN B 772 20.87 20.63 30.54
CA ASN B 772 20.27 21.95 30.75
C ASN B 772 20.21 22.29 32.23
N THR B 773 19.87 21.31 33.07
CA THR B 773 19.81 21.51 34.50
C THR B 773 21.17 21.79 35.11
N GLN B 774 22.25 21.38 34.45
CA GLN B 774 23.60 21.53 34.98
C GLN B 774 24.04 23.00 35.07
N GLU B 775 24.13 23.70 33.94
CA GLU B 775 24.67 25.05 33.96
C GLU B 775 23.68 26.09 34.50
N VAL B 776 22.38 25.77 34.57
CA VAL B 776 21.46 26.71 35.19
C VAL B 776 21.68 26.75 36.70
N PHE B 777 21.92 25.60 37.33
CA PHE B 777 22.02 25.52 38.78
C PHE B 777 23.44 25.35 39.29
N ALA B 778 24.22 24.44 38.70
CA ALA B 778 25.56 24.18 39.20
C ALA B 778 26.57 25.20 38.70
N GLN B 779 26.36 26.46 39.04
CA GLN B 779 27.30 27.52 38.71
C GLN B 779 28.40 27.68 39.76
N VAL B 780 28.31 26.95 40.87
CA VAL B 780 29.24 27.12 41.98
C VAL B 780 30.07 25.85 42.12
N LYS B 781 31.15 25.98 42.89
CA LYS B 781 32.08 24.87 43.13
C LYS B 781 31.93 24.24 44.50
N GLN B 782 31.55 25.02 45.51
CA GLN B 782 31.41 24.53 46.88
C GLN B 782 30.05 24.91 47.43
N ILE B 783 29.47 24.01 48.22
CA ILE B 783 28.15 24.26 48.81
C ILE B 783 28.34 25.07 50.08
N TYR B 784 27.73 26.26 50.13
CA TYR B 784 27.81 27.13 51.29
C TYR B 784 26.60 26.90 52.19
N LYS B 785 26.64 27.50 53.38
CA LYS B 785 25.47 27.49 54.24
C LYS B 785 25.49 28.75 55.11
N THR B 786 24.31 29.19 55.51
CA THR B 786 24.15 30.37 56.33
C THR B 786 24.47 30.08 57.79
N PRO B 787 24.93 31.07 58.55
CA PRO B 787 25.16 30.87 59.99
C PRO B 787 23.84 30.69 60.73
N PRO B 788 23.88 30.11 61.95
CA PRO B 788 22.64 29.91 62.72
C PRO B 788 21.84 31.17 63.00
N ILE B 789 22.51 32.28 63.32
CA ILE B 789 21.81 33.53 63.49
C ILE B 789 21.41 34.07 62.11
N LYS B 790 20.34 34.85 62.08
CA LYS B 790 19.77 35.31 60.81
C LYS B 790 19.36 36.78 60.92
N TYR B 791 20.20 37.61 61.51
CA TYR B 791 19.97 39.05 61.56
C TYR B 791 20.79 39.71 60.46
N PHE B 792 20.16 39.97 59.32
CA PHE B 792 20.83 40.59 58.18
C PHE B 792 20.53 42.08 58.12
N GLY B 793 20.98 42.79 59.15
CA GLY B 793 20.88 44.24 59.19
C GLY B 793 19.48 44.79 59.22
N GLY B 794 18.49 43.99 59.61
CA GLY B 794 17.11 44.41 59.59
C GLY B 794 16.30 43.98 58.40
N PHE B 795 16.82 43.07 57.58
CA PHE B 795 16.11 42.54 56.42
C PHE B 795 15.63 41.14 56.75
N ASN B 796 14.35 40.86 56.48
CA ASN B 796 13.76 39.58 56.81
C ASN B 796 13.88 38.63 55.62
N PHE B 797 14.60 37.52 55.82
CA PHE B 797 14.86 36.56 54.77
C PHE B 797 14.18 35.21 55.02
N SER B 798 13.14 35.17 55.85
CA SER B 798 12.57 33.88 56.25
C SER B 798 11.80 33.22 55.12
N GLN B 799 11.32 33.99 54.15
CA GLN B 799 10.47 33.42 53.11
C GLN B 799 11.27 32.62 52.09
N ILE B 800 12.51 33.00 51.83
CA ILE B 800 13.30 32.35 50.79
C ILE B 800 14.34 31.38 51.36
N LEU B 801 14.78 31.58 52.60
CA LEU B 801 15.73 30.66 53.20
C LEU B 801 15.01 29.36 53.58
N PRO B 802 15.72 28.23 53.56
CA PRO B 802 15.06 26.94 53.88
C PRO B 802 14.57 26.88 55.32
N ASP B 803 13.46 26.17 55.50
CA ASP B 803 12.86 25.93 56.80
C ASP B 803 13.03 24.45 57.18
N PRO B 804 13.75 24.13 58.26
CA PRO B 804 14.06 22.73 58.55
C PRO B 804 12.94 21.95 59.23
N SER B 805 11.79 22.58 59.50
CA SER B 805 10.70 21.87 60.16
C SER B 805 10.13 20.78 59.26
N LYS B 806 9.93 21.10 57.99
CA LYS B 806 9.47 20.12 57.02
C LYS B 806 10.57 19.09 56.74
N PRO B 807 10.20 17.87 56.30
CA PRO B 807 11.22 16.88 55.94
C PRO B 807 12.11 17.32 54.80
N SER B 808 11.51 17.77 53.70
CA SER B 808 12.28 18.32 52.61
C SER B 808 12.74 19.72 52.96
N LYS B 809 14.04 19.99 52.80
CA LYS B 809 14.63 21.27 53.17
C LYS B 809 14.31 22.30 52.08
N ARG B 810 13.07 22.78 52.11
CA ARG B 810 12.57 23.74 51.14
C ARG B 810 12.24 25.06 51.83
N SER B 811 11.80 26.03 51.04
CA SER B 811 11.44 27.34 51.54
C SER B 811 9.94 27.56 51.40
N PRO B 812 9.34 28.42 52.23
CA PRO B 812 7.88 28.63 52.14
C PRO B 812 7.40 29.17 50.81
N ILE B 813 8.22 29.97 50.11
CA ILE B 813 7.78 30.51 48.81
C ILE B 813 7.69 29.41 47.77
N GLU B 814 8.73 28.57 47.67
CA GLU B 814 8.70 27.52 46.66
C GLU B 814 7.75 26.38 47.05
N ASP B 815 7.36 26.29 48.32
CA ASP B 815 6.37 25.29 48.72
C ASP B 815 5.02 25.57 48.09
N LEU B 816 4.65 26.84 47.99
CA LEU B 816 3.41 27.22 47.31
C LEU B 816 3.47 26.88 45.83
N LEU B 817 4.65 26.98 45.23
CA LEU B 817 4.80 26.67 43.80
C LEU B 817 4.60 25.18 43.53
N PHE B 818 4.98 24.32 44.49
CA PHE B 818 4.87 22.89 44.28
C PHE B 818 3.42 22.44 44.27
N ASN B 819 2.59 23.02 45.14
CA ASN B 819 1.18 22.62 45.18
C ASN B 819 0.43 23.11 43.95
N LYS B 820 0.84 24.25 43.40
CA LYS B 820 0.08 24.85 42.29
C LYS B 820 0.26 24.06 41.00
N VAL B 821 1.47 23.58 40.73
CA VAL B 821 1.73 22.81 39.52
C VAL B 821 1.23 21.39 39.75
N THR B 822 0.28 20.95 38.93
CA THR B 822 -0.36 19.66 39.07
C THR B 822 -0.12 18.82 37.82
N LEU B 823 0.21 17.56 38.02
CA LEU B 823 0.45 16.63 36.91
C LEU B 823 -0.85 16.22 36.24
N LEU B 844 -3.85 9.38 32.19
CA LEU B 844 -3.08 9.65 33.41
C LEU B 844 -1.69 9.05 33.29
N ILE B 845 -0.93 9.12 34.39
CA ILE B 845 0.44 8.63 34.39
C ILE B 845 0.47 7.10 34.35
N CYS B 846 -0.61 6.45 34.77
CA CYS B 846 -0.63 5.00 34.84
C CYS B 846 -0.68 4.38 33.45
N ALA B 847 -1.49 4.93 32.54
CA ALA B 847 -1.71 4.31 31.25
C ALA B 847 -0.54 4.49 30.29
N GLN B 848 0.37 5.44 30.55
CA GLN B 848 1.46 5.71 29.62
C GLN B 848 2.49 4.59 29.61
N LYS B 849 2.66 3.90 30.74
CA LYS B 849 3.64 2.84 30.83
C LYS B 849 3.18 1.52 30.21
N PHE B 850 2.02 1.50 29.54
CA PHE B 850 1.38 0.26 29.16
C PHE B 850 1.47 -0.03 27.67
N ASN B 851 2.25 0.74 26.92
CA ASN B 851 2.37 0.52 25.48
C ASN B 851 3.82 0.64 25.02
N GLY B 852 4.77 0.35 25.89
CA GLY B 852 6.17 0.50 25.56
C GLY B 852 6.73 1.88 25.78
N LEU B 853 5.88 2.84 26.15
CA LEU B 853 6.35 4.20 26.42
C LEU B 853 6.88 4.28 27.83
N THR B 854 8.08 4.84 27.99
CA THR B 854 8.74 4.92 29.29
C THR B 854 8.98 6.38 29.65
N VAL B 855 9.12 6.63 30.95
CA VAL B 855 9.47 7.95 31.46
C VAL B 855 10.69 7.80 32.37
N LEU B 856 11.86 8.19 31.87
CA LEU B 856 13.06 8.08 32.66
C LEU B 856 13.11 9.19 33.72
N PRO B 857 13.60 8.88 34.91
CA PRO B 857 13.69 9.89 35.96
C PRO B 857 14.84 10.84 35.70
N PRO B 858 14.80 12.06 36.25
CA PRO B 858 15.93 12.98 36.10
C PRO B 858 17.13 12.50 36.89
N LEU B 859 18.32 12.91 36.42
CA LEU B 859 19.54 12.57 37.12
C LEU B 859 19.61 13.27 38.48
N LEU B 860 19.31 14.57 38.50
CA LEU B 860 19.32 15.34 39.74
C LEU B 860 17.92 15.29 40.35
N THR B 861 17.79 14.66 41.52
CA THR B 861 16.51 14.64 42.19
C THR B 861 16.21 16.00 42.80
N ASP B 862 14.97 16.18 43.25
CA ASP B 862 14.51 17.47 43.72
C ASP B 862 15.15 17.89 45.03
N GLU B 863 15.78 16.99 45.78
CA GLU B 863 16.43 17.37 47.03
C GLU B 863 17.70 18.16 46.78
N MET B 864 18.55 17.69 45.85
CA MET B 864 19.77 18.43 45.55
C MET B 864 19.52 19.64 44.66
N ILE B 865 18.39 19.69 43.96
CA ILE B 865 18.03 20.91 43.24
C ILE B 865 17.78 22.04 44.23
N ALA B 866 17.11 21.74 45.33
CA ALA B 866 16.94 22.74 46.39
C ALA B 866 18.27 23.06 47.07
N GLN B 867 19.21 22.12 47.06
CA GLN B 867 20.49 22.37 47.72
C GLN B 867 21.39 23.28 46.89
N TYR B 868 21.35 23.17 45.55
CA TYR B 868 22.00 24.14 44.70
C TYR B 868 21.40 25.52 44.87
N THR B 869 20.07 25.60 44.96
CA THR B 869 19.41 26.87 45.17
C THR B 869 19.76 27.46 46.53
N SER B 870 19.81 26.62 47.56
CA SER B 870 20.18 27.10 48.89
C SER B 870 21.65 27.54 48.92
N ALA B 871 22.50 26.92 48.12
CA ALA B 871 23.89 27.33 48.05
C ALA B 871 24.04 28.70 47.39
N LEU B 872 23.23 28.98 46.37
CA LEU B 872 23.32 30.26 45.68
C LEU B 872 22.82 31.40 46.55
N LEU B 873 21.82 31.12 47.40
CA LEU B 873 21.37 32.14 48.35
C LEU B 873 22.43 32.46 49.38
N ALA B 874 23.11 31.43 49.90
CA ALA B 874 24.06 31.63 50.99
C ALA B 874 25.29 32.42 50.53
N GLY B 875 25.77 32.14 49.31
CA GLY B 875 26.88 32.90 48.79
C GLY B 875 26.52 34.34 48.47
N THR B 876 25.28 34.57 48.04
CA THR B 876 24.86 35.90 47.64
C THR B 876 24.72 36.84 48.83
N ILE B 877 24.04 36.39 49.89
CA ILE B 877 23.70 37.29 50.99
C ILE B 877 24.91 37.54 51.89
N THR B 878 25.81 36.56 52.01
CA THR B 878 26.96 36.72 52.89
C THR B 878 28.16 37.27 52.14
N SER B 879 28.55 36.63 51.04
CA SER B 879 29.77 36.99 50.34
C SER B 879 29.57 38.04 49.26
N GLY B 880 28.36 38.58 49.13
CA GLY B 880 28.15 39.57 48.08
C GLY B 880 28.10 38.90 46.71
N TRP B 881 28.92 39.42 45.79
CA TRP B 881 28.99 38.87 44.45
C TRP B 881 30.37 38.33 44.10
N THR B 882 31.33 38.35 45.03
CA THR B 882 32.69 38.01 44.68
C THR B 882 32.90 36.50 44.55
N PHE B 883 31.95 35.68 45.00
CA PHE B 883 32.14 34.24 44.91
C PHE B 883 31.97 33.71 43.50
N GLY B 884 31.44 34.51 42.58
CA GLY B 884 31.37 34.12 41.19
C GLY B 884 32.62 34.39 40.39
N ALA B 885 33.65 35.00 41.01
CA ALA B 885 34.88 35.34 40.32
C ALA B 885 36.12 34.90 41.08
N GLY B 886 35.97 33.96 42.01
CA GLY B 886 37.09 33.50 42.81
C GLY B 886 36.65 32.98 44.15
N PRO B 887 37.54 33.05 45.14
CA PRO B 887 37.16 32.62 46.49
C PRO B 887 36.14 33.57 47.11
N ALA B 888 35.25 33.01 47.91
CA ALA B 888 34.20 33.81 48.53
C ALA B 888 34.77 34.66 49.66
N LEU B 889 34.45 35.95 49.65
CA LEU B 889 34.91 36.89 50.66
C LEU B 889 33.70 37.48 51.37
N GLN B 890 33.66 37.33 52.70
CA GLN B 890 32.50 37.76 53.46
C GLN B 890 32.47 39.28 53.58
N ILE B 891 31.25 39.81 53.71
CA ILE B 891 31.01 41.24 53.84
C ILE B 891 29.62 41.43 54.44
N PRO B 892 29.45 42.31 55.43
CA PRO B 892 28.13 42.54 56.01
C PRO B 892 27.15 43.10 55.00
N PHE B 893 25.88 42.69 55.14
CA PHE B 893 24.84 43.02 54.16
C PHE B 893 24.55 44.51 54.00
N PRO B 894 24.47 45.34 55.05
CA PRO B 894 24.19 46.78 54.81
C PRO B 894 25.27 47.49 53.99
N MET B 895 26.50 47.00 53.97
CA MET B 895 27.48 47.62 53.08
C MET B 895 27.42 47.04 51.67
N GLN B 896 26.88 45.84 51.50
CA GLN B 896 26.75 45.31 50.14
C GLN B 896 25.71 46.08 49.35
N MET B 897 24.60 46.47 50.00
CA MET B 897 23.63 47.32 49.34
C MET B 897 24.19 48.71 49.06
N ALA B 898 25.15 49.15 49.88
CA ALA B 898 25.82 50.42 49.59
C ALA B 898 26.67 50.34 48.33
N TYR B 899 27.08 49.15 47.92
CA TYR B 899 27.90 48.98 46.73
C TYR B 899 27.06 48.65 45.50
N ARG B 900 25.74 48.51 45.66
CA ARG B 900 24.84 48.37 44.52
C ARG B 900 24.07 49.66 44.22
N PHE B 901 23.85 50.50 45.23
CA PHE B 901 23.42 51.88 44.95
C PHE B 901 24.50 52.64 44.20
N ASN B 902 25.76 52.35 44.50
CA ASN B 902 26.87 53.04 43.85
C ASN B 902 27.00 52.71 42.38
N GLY B 903 26.34 51.65 41.91
CA GLY B 903 26.42 51.28 40.51
C GLY B 903 25.20 51.63 39.69
N ILE B 904 24.30 52.46 40.22
CA ILE B 904 23.13 52.89 39.46
C ILE B 904 23.13 54.40 39.31
N GLY B 905 24.02 55.08 40.04
CA GLY B 905 24.13 56.52 39.90
C GLY B 905 23.72 57.31 41.12
N VAL B 906 23.59 56.66 42.28
CA VAL B 906 23.32 57.36 43.52
C VAL B 906 24.43 57.03 44.51
N THR B 907 24.58 57.89 45.50
CA THR B 907 25.74 57.91 46.38
C THR B 907 25.41 57.17 47.68
N GLN B 908 26.47 56.66 48.35
CA GLN B 908 26.32 55.76 49.49
C GLN B 908 25.60 56.40 50.66
N ASN B 909 25.58 57.73 50.74
CA ASN B 909 24.96 58.39 51.89
C ASN B 909 23.45 58.26 51.90
N VAL B 910 22.84 57.86 50.78
CA VAL B 910 21.39 57.71 50.73
C VAL B 910 20.94 56.53 51.60
N LEU B 911 21.68 55.42 51.54
CA LEU B 911 21.23 54.18 52.17
C LEU B 911 21.23 54.26 53.69
N TYR B 912 22.37 54.63 54.29
CA TYR B 912 22.47 54.62 55.74
C TYR B 912 21.61 55.69 56.39
N GLU B 913 21.37 56.79 55.69
CA GLU B 913 20.47 57.81 56.21
C GLU B 913 19.01 57.39 56.13
N ASN B 914 18.70 56.30 55.42
CA ASN B 914 17.34 55.79 55.34
C ASN B 914 17.30 54.28 55.48
N GLN B 915 18.15 53.72 56.36
CA GLN B 915 18.33 52.27 56.41
C GLN B 915 17.06 51.57 56.93
N LYS B 916 16.41 52.14 57.95
CA LYS B 916 15.26 51.48 58.53
C LYS B 916 14.05 51.52 57.60
N LEU B 917 13.87 52.63 56.88
CA LEU B 917 12.73 52.75 55.98
C LEU B 917 12.83 51.80 54.81
N ILE B 918 14.04 51.61 54.27
CA ILE B 918 14.25 50.67 53.18
C ILE B 918 14.03 49.25 53.66
N ALA B 919 14.38 48.95 54.92
CA ALA B 919 14.19 47.63 55.47
C ALA B 919 12.72 47.25 55.53
N ASN B 920 11.86 48.18 55.95
CA ASN B 920 10.42 47.91 55.97
C ASN B 920 9.86 47.83 54.56
N GLN B 921 10.42 48.61 53.64
CA GLN B 921 9.95 48.59 52.26
C GLN B 921 10.28 47.27 51.57
N PHE B 922 11.45 46.71 51.87
CA PHE B 922 11.79 45.40 51.33
C PHE B 922 10.97 44.29 51.99
N ASN B 923 10.79 44.37 53.30
CA ASN B 923 10.12 43.30 54.03
C ASN B 923 8.64 43.19 53.66
N SER B 924 7.98 44.33 53.47
CA SER B 924 6.58 44.30 53.08
C SER B 924 6.40 43.87 51.63
N ALA B 925 7.38 44.18 50.77
CA ALA B 925 7.27 43.83 49.36
C ALA B 925 7.38 42.32 49.16
N ILE B 926 8.21 41.65 49.95
CA ILE B 926 8.41 40.22 49.76
C ILE B 926 7.22 39.43 50.29
N GLY B 927 6.43 40.03 51.19
CA GLY B 927 5.22 39.36 51.65
C GLY B 927 4.09 39.43 50.66
N LYS B 928 4.12 40.42 49.77
CA LYS B 928 3.08 40.55 48.76
C LYS B 928 3.21 39.51 47.67
N ILE B 929 4.42 38.95 47.51
CA ILE B 929 4.69 37.99 46.43
C ILE B 929 3.92 36.70 46.65
N GLN B 930 3.86 36.24 47.90
CA GLN B 930 3.19 34.96 48.20
C GLN B 930 1.69 35.06 47.93
N ASP B 931 1.06 36.16 48.30
CA ASP B 931 -0.37 36.33 48.02
C ASP B 931 -0.63 36.60 46.55
N SER B 932 0.35 37.14 45.83
CA SER B 932 0.16 37.43 44.41
C SER B 932 0.02 36.16 43.59
N LEU B 933 0.78 35.12 43.94
CA LEU B 933 0.65 33.85 43.22
C LEU B 933 -0.69 33.18 43.49
N SER B 934 -1.15 33.23 44.74
CA SER B 934 -2.37 32.52 45.12
C SER B 934 -3.61 33.17 44.51
N SER B 935 -3.61 34.51 44.41
CA SER B 935 -4.79 35.21 43.89
C SER B 935 -4.95 34.99 42.39
N THR B 936 -3.85 35.11 41.64
CA THR B 936 -3.94 34.98 40.19
C THR B 936 -3.85 33.52 39.78
N PRO B 937 -4.86 32.97 39.11
CA PRO B 937 -4.76 31.58 38.63
C PRO B 937 -3.88 31.42 37.40
N SER B 938 -3.65 32.50 36.64
CA SER B 938 -2.80 32.47 35.46
C SER B 938 -1.36 32.90 35.75
N ALA B 939 -0.90 32.70 36.98
CA ALA B 939 0.46 33.12 37.33
C ALA B 939 1.49 32.17 36.72
N LEU B 940 1.44 30.90 37.09
CA LEU B 940 2.39 29.91 36.60
C LEU B 940 1.92 29.26 35.32
N GLY B 941 1.59 30.08 34.32
CA GLY B 941 1.12 29.55 33.05
C GLY B 941 2.22 28.84 32.28
N LYS B 942 3.44 29.37 32.32
CA LYS B 942 4.51 28.87 31.46
C LYS B 942 4.94 27.46 31.86
N LEU B 943 5.08 27.21 33.16
CA LEU B 943 5.46 25.87 33.61
C LEU B 943 4.34 24.86 33.40
N GLN B 944 3.09 25.31 33.52
CA GLN B 944 1.96 24.40 33.39
C GLN B 944 1.82 23.92 31.95
N ASP B 945 2.06 24.80 30.97
CA ASP B 945 1.95 24.40 29.57
C ASP B 945 3.05 23.45 29.14
N VAL B 946 4.15 23.37 29.89
CA VAL B 946 5.21 22.41 29.57
C VAL B 946 4.73 20.99 29.81
N VAL B 947 4.12 20.73 30.98
CA VAL B 947 3.68 19.38 31.29
C VAL B 947 2.37 19.08 30.57
N ASN B 948 1.63 20.10 30.18
CA ASN B 948 0.39 19.87 29.45
C ASN B 948 0.67 19.42 28.03
N HIS B 949 1.69 19.99 27.39
CA HIS B 949 1.99 19.63 26.01
C HIS B 949 2.59 18.23 25.92
N ASN B 950 3.33 17.81 26.94
CA ASN B 950 3.93 16.48 26.92
C ASN B 950 2.87 15.39 27.13
N ALA B 951 1.97 15.60 28.08
CA ALA B 951 0.94 14.60 28.36
C ALA B 951 -0.07 14.52 27.22
N GLN B 952 -0.42 15.66 26.62
CA GLN B 952 -1.37 15.66 25.52
C GLN B 952 -0.79 15.00 24.27
N ALA B 953 0.52 15.16 24.04
CA ALA B 953 1.15 14.49 22.91
C ALA B 953 1.20 12.99 23.11
N LEU B 954 1.37 12.54 24.36
CA LEU B 954 1.42 11.11 24.65
C LEU B 954 0.06 10.45 24.42
N ASN B 955 -1.02 11.11 24.85
CA ASN B 955 -2.35 10.54 24.70
C ASN B 955 -2.75 10.44 23.24
N THR B 956 -2.34 11.43 22.43
CA THR B 956 -2.61 11.36 21.00
C THR B 956 -1.81 10.24 20.33
N LEU B 957 -0.66 9.89 20.89
CA LEU B 957 0.12 8.79 20.35
C LEU B 957 -0.50 7.44 20.71
N VAL B 958 -1.01 7.32 21.93
CA VAL B 958 -1.62 6.06 22.37
C VAL B 958 -2.93 5.83 21.63
N LYS B 959 -3.74 6.88 21.45
CA LYS B 959 -5.02 6.76 20.77
C LYS B 959 -4.88 6.47 19.29
N GLN B 960 -3.67 6.60 18.72
CA GLN B 960 -3.47 6.22 17.33
C GLN B 960 -3.53 4.72 17.13
N LEU B 961 -3.40 3.93 18.20
CA LEU B 961 -3.48 2.47 18.07
C LEU B 961 -4.88 2.01 17.71
N SER B 962 -5.92 2.78 18.06
CA SER B 962 -7.28 2.39 17.73
C SER B 962 -7.63 2.66 16.27
N SER B 963 -6.85 3.49 15.59
CA SER B 963 -7.12 3.80 14.20
C SER B 963 -6.71 2.63 13.30
N LYS B 964 -7.44 2.46 12.21
CA LYS B 964 -7.21 1.33 11.32
C LYS B 964 -6.37 1.70 10.10
N PHE B 965 -6.36 2.99 9.71
CA PHE B 965 -5.59 3.49 8.57
C PHE B 965 -5.96 2.77 7.28
N GLY B 966 -7.25 2.60 7.05
CA GLY B 966 -7.72 1.89 5.87
C GLY B 966 -7.39 0.42 5.82
N ALA B 967 -7.58 -0.29 6.93
CA ALA B 967 -7.38 -1.73 6.99
C ALA B 967 -8.66 -2.38 7.47
N ILE B 968 -8.63 -3.71 7.62
CA ILE B 968 -9.81 -4.45 8.03
C ILE B 968 -10.16 -4.14 9.49
N SER B 969 -9.17 -4.18 10.37
CA SER B 969 -9.40 -3.97 11.79
C SER B 969 -8.11 -3.44 12.43
N SER B 970 -8.26 -2.86 13.62
CA SER B 970 -7.16 -2.25 14.33
C SER B 970 -6.48 -3.21 15.31
N VAL B 971 -6.92 -4.46 15.37
CA VAL B 971 -6.33 -5.48 16.23
C VAL B 971 -5.57 -6.44 15.34
N LEU B 972 -4.28 -6.63 15.63
CA LEU B 972 -3.42 -7.47 14.78
C LEU B 972 -3.81 -8.94 14.89
N ASN B 973 -4.40 -9.35 16.01
CA ASN B 973 -4.82 -10.73 16.18
C ASN B 973 -5.97 -11.08 15.22
N ASP B 974 -6.91 -10.15 15.04
CA ASP B 974 -8.08 -10.43 14.20
C ASP B 974 -7.69 -10.54 12.72
N ILE B 975 -6.72 -9.73 12.29
CA ILE B 975 -6.26 -9.80 10.90
C ILE B 975 -5.58 -11.13 10.63
N LEU B 976 -4.77 -11.61 11.58
CA LEU B 976 -4.10 -12.90 11.41
C LEU B 976 -5.09 -14.06 11.49
N SER B 977 -6.09 -13.95 12.35
CA SER B 977 -6.99 -15.08 12.59
C SER B 977 -8.09 -15.17 11.55
N ARG B 978 -8.86 -14.09 11.37
CA ARG B 978 -10.05 -14.14 10.53
C ARG B 978 -9.70 -14.24 9.05
N LEU B 979 -8.53 -13.77 8.64
CA LEU B 979 -8.11 -13.80 7.26
C LEU B 979 -6.88 -14.68 7.09
N ASP B 980 -6.74 -15.25 5.90
CA ASP B 980 -5.64 -16.14 5.61
C ASP B 980 -4.31 -15.39 5.50
N PRO B 981 -3.19 -16.08 5.75
CA PRO B 981 -1.86 -15.45 5.67
C PRO B 981 -1.51 -14.81 4.31
N PRO B 982 -1.86 -15.41 3.13
CA PRO B 982 -1.32 -14.84 1.87
C PRO B 982 -1.66 -13.37 1.59
N GLU B 983 -2.84 -12.89 1.96
CA GLU B 983 -3.13 -11.47 1.88
C GLU B 983 -3.22 -10.81 3.25
N ALA B 984 -2.72 -11.48 4.30
CA ALA B 984 -2.61 -10.81 5.60
C ALA B 984 -1.45 -9.84 5.62
N GLU B 985 -0.40 -10.11 4.84
CA GLU B 985 0.77 -9.24 4.84
C GLU B 985 0.46 -7.89 4.22
N VAL B 986 -0.35 -7.86 3.16
CA VAL B 986 -0.68 -6.59 2.54
C VAL B 986 -1.62 -5.77 3.44
N GLN B 987 -2.39 -6.43 4.31
CA GLN B 987 -3.25 -5.71 5.23
C GLN B 987 -2.42 -5.07 6.35
N ILE B 988 -1.45 -5.81 6.90
CA ILE B 988 -0.59 -5.24 7.92
C ILE B 988 0.48 -4.35 7.32
N ASP B 989 0.66 -4.39 6.00
CA ASP B 989 1.54 -3.43 5.34
C ASP B 989 0.99 -2.02 5.46
N ARG B 990 -0.31 -1.87 5.26
CA ARG B 990 -0.94 -0.55 5.42
C ARG B 990 -1.07 -0.17 6.89
N LEU B 991 -1.15 -1.16 7.78
CA LEU B 991 -1.28 -0.89 9.20
C LEU B 991 0.02 -0.39 9.82
N ILE B 992 1.16 -0.91 9.36
CA ILE B 992 2.44 -0.55 9.97
C ILE B 992 2.80 0.90 9.63
N THR B 993 2.65 1.28 8.36
CA THR B 993 3.03 2.63 7.93
C THR B 993 2.13 3.68 8.57
N GLY B 994 0.87 3.34 8.83
CA GLY B 994 0.01 4.24 9.57
C GLY B 994 0.47 4.44 11.00
N ARG B 995 0.96 3.37 11.63
CA ARG B 995 1.52 3.50 12.96
C ARG B 995 2.91 4.11 12.93
N LEU B 996 3.65 3.91 11.84
CA LEU B 996 5.03 4.42 11.77
C LEU B 996 5.04 5.93 11.59
N GLN B 997 4.16 6.46 10.74
CA GLN B 997 4.11 7.90 10.53
C GLN B 997 3.63 8.64 11.77
N SER B 998 2.77 7.99 12.56
CA SER B 998 2.39 8.56 13.85
C SER B 998 3.57 8.63 14.80
N LEU B 999 4.47 7.64 14.75
CA LEU B 999 5.66 7.67 15.59
C LEU B 999 6.68 8.65 15.05
N GLN B 1000 6.75 8.81 13.73
CA GLN B 1000 7.68 9.77 13.13
C GLN B 1000 7.29 11.20 13.46
N THR B 1001 5.99 11.49 13.48
CA THR B 1001 5.52 12.83 13.79
C THR B 1001 5.82 13.21 15.23
N TYR B 1002 5.73 12.24 16.16
CA TYR B 1002 5.97 12.51 17.57
C TYR B 1002 7.41 12.95 17.82
N VAL B 1003 8.37 12.30 17.15
CA VAL B 1003 9.77 12.65 17.34
C VAL B 1003 10.07 14.01 16.73
N THR B 1004 9.52 14.29 15.55
CA THR B 1004 9.76 15.56 14.88
C THR B 1004 9.17 16.73 15.68
N GLN B 1005 7.99 16.54 16.25
CA GLN B 1005 7.44 17.55 17.15
C GLN B 1005 8.29 17.70 18.41
N GLN B 1006 8.81 16.58 18.93
CA GLN B 1006 9.67 16.65 20.10
C GLN B 1006 11.01 17.31 19.77
N LEU B 1007 11.52 17.09 18.56
CA LEU B 1007 12.79 17.69 18.16
C LEU B 1007 12.68 19.22 18.09
N ILE B 1008 11.57 19.72 17.54
CA ILE B 1008 11.37 21.16 17.45
C ILE B 1008 11.15 21.75 18.84
N ARG B 1009 10.37 21.06 19.67
CA ARG B 1009 10.06 21.58 21.01
C ARG B 1009 11.28 21.57 21.91
N ALA B 1010 12.18 20.61 21.72
CA ALA B 1010 13.39 20.54 22.55
C ALA B 1010 14.31 21.72 22.26
N ALA B 1011 14.34 22.19 21.01
CA ALA B 1011 15.16 23.35 20.68
C ALA B 1011 14.61 24.63 21.31
N GLU B 1012 13.28 24.72 21.47
CA GLU B 1012 12.69 25.90 22.07
C GLU B 1012 13.02 25.99 23.56
N ILE B 1013 13.06 24.85 24.25
CA ILE B 1013 13.42 24.84 25.66
C ILE B 1013 14.88 25.20 25.85
N ARG B 1014 15.75 24.72 24.94
CA ARG B 1014 17.17 25.06 25.01
C ARG B 1014 17.40 26.55 24.82
N ALA B 1015 16.57 27.20 24.00
CA ALA B 1015 16.63 28.66 23.90
C ALA B 1015 16.26 29.32 25.22
N SER B 1016 15.27 28.76 25.92
CA SER B 1016 14.91 29.27 27.24
C SER B 1016 15.90 28.84 28.31
N ALA B 1017 16.51 27.67 28.15
CA ALA B 1017 17.50 27.21 29.13
C ALA B 1017 18.77 28.05 29.08
N ASN B 1018 19.18 28.45 27.88
CA ASN B 1018 20.36 29.30 27.76
C ASN B 1018 20.11 30.69 28.30
N LEU B 1019 18.89 31.21 28.12
CA LEU B 1019 18.53 32.51 28.67
C LEU B 1019 18.49 32.47 30.19
N ALA B 1020 18.01 31.36 30.76
CA ALA B 1020 18.00 31.23 32.21
C ALA B 1020 19.40 31.10 32.77
N ALA B 1021 20.33 30.54 32.00
CA ALA B 1021 21.71 30.45 32.45
C ALA B 1021 22.38 31.82 32.46
N THR B 1022 21.97 32.70 31.55
CA THR B 1022 22.53 34.05 31.50
C THR B 1022 22.05 34.89 32.68
N LYS B 1023 20.75 34.79 33.00
CA LYS B 1023 20.19 35.58 34.09
C LYS B 1023 20.79 35.17 35.44
N MET B 1024 21.05 33.87 35.62
CA MET B 1024 21.73 33.43 36.84
C MET B 1024 23.18 33.90 36.85
N SER B 1025 23.80 34.01 35.68
CA SER B 1025 25.20 34.44 35.64
C SER B 1025 25.34 35.94 35.85
N GLU B 1026 24.41 36.74 35.35
CA GLU B 1026 24.52 38.20 35.41
C GLU B 1026 23.66 38.81 36.51
N CYS B 1027 22.36 38.52 36.52
CA CYS B 1027 21.48 39.17 37.49
C CYS B 1027 21.69 38.69 38.92
N VAL B 1028 22.29 37.52 39.12
CA VAL B 1028 22.50 36.98 40.45
C VAL B 1028 23.94 37.16 40.92
N LEU B 1029 24.91 36.84 40.06
CA LEU B 1029 26.32 36.95 40.40
C LEU B 1029 26.89 38.33 40.10
N GLY B 1030 26.05 39.35 40.04
CA GLY B 1030 26.52 40.70 39.78
C GLY B 1030 25.34 41.63 39.60
N GLN B 1031 25.68 42.88 39.28
CA GLN B 1031 24.69 43.89 38.95
C GLN B 1031 24.79 44.18 37.46
N SER B 1032 23.68 44.01 36.75
CA SER B 1032 23.67 44.15 35.31
C SER B 1032 23.20 45.54 34.90
N LYS B 1033 23.92 46.14 33.97
CA LYS B 1033 23.60 47.48 33.47
C LYS B 1033 22.73 47.46 32.23
N ARG B 1034 22.31 46.30 31.77
CA ARG B 1034 21.42 46.21 30.61
C ARG B 1034 20.02 46.67 31.02
N VAL B 1035 19.45 47.59 30.25
CA VAL B 1035 18.19 48.21 30.64
C VAL B 1035 17.05 47.24 30.42
N ASP B 1036 16.24 47.04 31.47
CA ASP B 1036 15.07 46.16 31.47
C ASP B 1036 15.41 44.73 31.11
N PHE B 1037 16.60 44.28 31.51
CA PHE B 1037 16.95 42.87 31.37
C PHE B 1037 16.65 42.11 32.65
N CYS B 1038 17.25 42.52 33.77
CA CYS B 1038 16.96 41.89 35.05
C CYS B 1038 15.54 42.18 35.49
N GLY B 1039 15.14 43.45 35.48
CA GLY B 1039 13.81 43.80 35.94
C GLY B 1039 13.36 45.12 35.37
N LYS B 1040 12.14 45.50 35.73
CA LYS B 1040 11.53 46.74 35.24
C LYS B 1040 12.02 47.90 36.10
N GLY B 1041 13.12 48.51 35.65
CA GLY B 1041 13.72 49.64 36.32
C GLY B 1041 15.20 49.42 36.52
N TYR B 1042 15.80 50.27 37.35
CA TYR B 1042 17.19 50.11 37.72
C TYR B 1042 17.36 48.89 38.60
N HIS B 1043 18.31 48.02 38.26
CA HIS B 1043 18.43 46.74 38.93
C HIS B 1043 19.34 46.84 40.15
N LEU B 1044 19.00 46.08 41.18
CA LEU B 1044 19.81 45.99 42.39
C LEU B 1044 20.44 44.62 42.58
N MET B 1045 19.64 43.57 42.67
CA MET B 1045 20.12 42.21 42.93
C MET B 1045 18.96 41.27 42.61
N SER B 1046 19.16 39.96 42.85
CA SER B 1046 18.15 38.99 42.46
C SER B 1046 18.21 37.78 43.39
N PHE B 1047 17.22 36.88 43.23
CA PHE B 1047 17.07 35.68 44.02
C PHE B 1047 16.61 34.56 43.11
N PRO B 1048 17.25 33.40 43.15
CA PRO B 1048 16.73 32.23 42.43
C PRO B 1048 15.86 31.35 43.32
N GLN B 1049 14.84 30.77 42.70
CA GLN B 1049 13.95 29.83 43.38
C GLN B 1049 13.64 28.66 42.45
N SER B 1050 13.74 27.45 42.99
CA SER B 1050 13.49 26.25 42.21
C SER B 1050 12.00 26.09 41.94
N ALA B 1051 11.69 25.30 40.93
CA ALA B 1051 10.31 25.05 40.50
C ALA B 1051 10.28 23.74 39.73
N PRO B 1052 9.11 23.09 39.64
CA PRO B 1052 9.02 21.88 38.81
C PRO B 1052 9.24 22.17 37.33
N HIS B 1053 10.34 21.64 36.79
CA HIS B 1053 10.75 21.82 35.39
C HIS B 1053 10.89 23.29 35.03
N GLY B 1054 11.57 24.05 35.89
CA GLY B 1054 11.77 25.45 35.64
C GLY B 1054 12.37 26.14 36.84
N VAL B 1055 12.64 27.44 36.66
CA VAL B 1055 13.22 28.26 37.71
C VAL B 1055 12.40 29.55 37.80
N VAL B 1056 12.37 30.13 38.99
CA VAL B 1056 11.61 31.35 39.27
C VAL B 1056 12.55 32.36 39.88
N PHE B 1057 12.60 33.56 39.29
CA PHE B 1057 13.47 34.62 39.78
C PHE B 1057 12.68 35.64 40.57
N LEU B 1058 13.34 36.27 41.54
CA LEU B 1058 12.76 37.32 42.38
C LEU B 1058 13.64 38.55 42.22
N HIS B 1059 13.34 39.37 41.22
CA HIS B 1059 14.16 40.53 40.92
C HIS B 1059 13.78 41.69 41.82
N VAL B 1060 14.80 42.34 42.40
CA VAL B 1060 14.61 43.52 43.24
C VAL B 1060 15.13 44.72 42.47
N THR B 1061 14.25 45.65 42.14
CA THR B 1061 14.57 46.77 41.27
C THR B 1061 14.42 48.09 42.02
N TYR B 1062 14.73 49.18 41.33
CA TYR B 1062 14.69 50.52 41.86
C TYR B 1062 13.79 51.38 40.98
N VAL B 1063 12.87 52.11 41.60
CA VAL B 1063 11.93 52.96 40.85
C VAL B 1063 11.82 54.32 41.52
N PRO B 1064 12.12 55.41 40.82
CA PRO B 1064 11.92 56.74 41.40
C PRO B 1064 10.45 57.15 41.37
N ALA B 1065 10.12 58.13 42.20
CA ALA B 1065 8.77 58.67 42.29
C ALA B 1065 8.84 60.05 42.93
N GLN B 1066 7.66 60.67 43.09
CA GLN B 1066 7.49 61.96 43.78
C GLN B 1066 8.32 63.07 43.12
N GLU B 1067 7.93 63.38 41.89
CA GLU B 1067 8.65 64.32 41.05
C GLU B 1067 8.54 65.74 41.59
N LYS B 1068 9.41 66.61 41.09
CA LYS B 1068 9.35 68.05 41.33
C LYS B 1068 10.15 68.78 40.27
N ASN B 1069 9.52 69.71 39.56
CA ASN B 1069 10.17 70.40 38.45
C ASN B 1069 10.95 71.62 38.93
N PHE B 1070 11.96 71.98 38.15
CA PHE B 1070 12.84 73.10 38.49
C PHE B 1070 13.27 73.81 37.22
N THR B 1071 14.15 74.79 37.38
CA THR B 1071 14.73 75.56 36.28
C THR B 1071 16.24 75.32 36.26
N THR B 1072 16.79 75.18 35.06
CA THR B 1072 18.18 74.78 34.90
C THR B 1072 18.87 75.65 33.86
N ALA B 1073 20.21 75.59 33.87
CA ALA B 1073 21.07 76.26 32.91
C ALA B 1073 22.32 75.41 32.78
N PRO B 1074 22.87 75.25 31.58
CA PRO B 1074 23.89 74.23 31.35
C PRO B 1074 25.31 74.62 31.75
N ALA B 1075 25.56 75.85 32.17
CA ALA B 1075 26.92 76.27 32.52
C ALA B 1075 26.82 77.50 33.43
N ILE B 1076 27.94 77.86 34.05
CA ILE B 1076 28.03 79.03 34.92
C ILE B 1076 29.31 79.80 34.55
N CYS B 1077 29.18 81.11 34.37
CA CYS B 1077 30.31 81.99 34.16
C CYS B 1077 30.49 82.86 35.39
N HIS B 1078 31.69 82.83 35.98
CA HIS B 1078 31.99 83.59 37.19
C HIS B 1078 33.01 84.71 36.93
N ASP B 1079 34.19 84.36 36.45
CA ASP B 1079 35.27 85.32 36.22
C ASP B 1079 35.59 85.41 34.74
N GLY B 1080 34.56 85.43 33.90
CA GLY B 1080 34.75 85.41 32.48
C GLY B 1080 34.99 84.04 31.89
N LYS B 1081 35.01 83.00 32.71
CA LYS B 1081 35.26 81.64 32.27
C LYS B 1081 34.08 80.74 32.59
N ALA B 1082 33.72 79.88 31.64
CA ALA B 1082 32.61 78.97 31.85
C ALA B 1082 32.97 77.89 32.86
N HIS B 1083 31.95 77.41 33.57
CA HIS B 1083 32.11 76.33 34.54
C HIS B 1083 31.10 75.23 34.23
N PHE B 1084 31.54 73.99 34.34
CA PHE B 1084 30.70 72.84 34.07
C PHE B 1084 30.73 71.92 35.29
N PRO B 1085 29.60 71.28 35.64
CA PRO B 1085 29.57 70.44 36.84
C PRO B 1085 30.44 69.21 36.69
N ARG B 1086 31.07 68.82 37.80
CA ARG B 1086 31.90 67.61 37.79
C ARG B 1086 31.05 66.37 37.57
N GLU B 1087 30.00 66.21 38.37
CA GLU B 1087 29.02 65.14 38.17
C GLU B 1087 27.71 65.62 38.77
N GLY B 1088 26.84 66.13 37.93
CA GLY B 1088 25.57 66.65 38.40
C GLY B 1088 24.99 67.65 37.41
N VAL B 1089 23.87 68.23 37.80
CA VAL B 1089 23.14 69.18 36.96
C VAL B 1089 22.89 70.46 37.76
N PHE B 1090 23.05 71.60 37.10
CA PHE B 1090 22.85 72.90 37.74
C PHE B 1090 21.35 73.18 37.84
N VAL B 1091 20.85 73.26 39.07
CA VAL B 1091 19.42 73.38 39.32
C VAL B 1091 19.18 74.58 40.23
N SER B 1092 18.24 75.44 39.86
CA SER B 1092 17.85 76.58 40.67
C SER B 1092 16.42 76.40 41.16
N ASN B 1093 16.14 76.96 42.34
CA ASN B 1093 14.79 77.03 42.87
C ASN B 1093 14.22 78.44 42.77
N GLY B 1094 14.83 79.30 41.95
CA GLY B 1094 14.34 80.65 41.74
C GLY B 1094 15.31 81.72 42.16
N THR B 1095 15.98 81.54 43.30
CA THR B 1095 16.91 82.53 43.81
C THR B 1095 18.33 82.00 43.96
N HIS B 1096 18.50 80.83 44.58
CA HIS B 1096 19.81 80.26 44.83
C HIS B 1096 20.05 79.10 43.87
N TRP B 1097 21.19 79.14 43.18
CA TRP B 1097 21.56 78.05 42.30
C TRP B 1097 22.22 76.92 43.09
N PHE B 1098 22.02 75.70 42.60
CA PHE B 1098 22.56 74.52 43.26
C PHE B 1098 22.99 73.51 42.21
N VAL B 1099 23.94 72.66 42.60
CA VAL B 1099 24.34 71.50 41.81
C VAL B 1099 23.91 70.25 42.58
N THR B 1100 23.34 69.29 41.85
CA THR B 1100 22.80 68.10 42.49
C THR B 1100 22.93 66.92 41.55
N GLN B 1101 22.88 65.72 42.13
CA GLN B 1101 23.00 64.49 41.37
C GLN B 1101 21.71 64.22 40.60
N ARG B 1102 21.74 63.20 39.76
CA ARG B 1102 20.75 63.08 38.69
C ARG B 1102 19.48 62.38 39.11
N ASN B 1103 19.55 61.39 40.00
CA ASN B 1103 18.41 60.53 40.30
C ASN B 1103 17.88 60.70 41.72
N PHE B 1104 18.33 61.71 42.45
CA PHE B 1104 17.86 61.93 43.82
C PHE B 1104 18.13 63.39 44.17
N TYR B 1105 17.10 64.11 44.59
CA TYR B 1105 17.26 65.52 44.88
C TYR B 1105 18.07 65.73 46.15
N GLU B 1106 19.24 66.33 46.00
CA GLU B 1106 20.10 66.69 47.14
C GLU B 1106 20.93 67.89 46.72
N PRO B 1107 20.45 69.11 46.98
CA PRO B 1107 21.17 70.30 46.53
C PRO B 1107 22.47 70.50 47.29
N GLN B 1108 23.42 71.12 46.60
CA GLN B 1108 24.74 71.41 47.17
C GLN B 1108 25.14 72.83 46.79
N ILE B 1109 26.01 73.42 47.60
CA ILE B 1109 26.57 74.73 47.34
C ILE B 1109 27.72 74.58 46.36
N ILE B 1110 27.71 75.40 45.31
CA ILE B 1110 28.66 75.24 44.21
C ILE B 1110 30.00 75.83 44.60
N THR B 1111 30.93 74.98 45.04
CA THR B 1111 32.28 75.40 45.34
C THR B 1111 33.18 75.16 44.13
N THR B 1112 34.47 75.44 44.29
CA THR B 1112 35.40 75.29 43.17
C THR B 1112 35.73 73.82 42.92
N ASP B 1113 35.58 72.96 43.91
CA ASP B 1113 35.86 71.54 43.73
C ASP B 1113 34.70 70.78 43.13
N ASN B 1114 33.53 71.40 43.03
CA ASN B 1114 32.37 70.76 42.43
C ASN B 1114 32.30 70.97 40.92
N THR B 1115 33.26 71.67 40.34
CA THR B 1115 33.19 72.00 38.93
C THR B 1115 34.60 72.09 38.35
N PHE B 1116 34.68 71.99 37.02
CA PHE B 1116 35.92 72.19 36.30
C PHE B 1116 35.72 73.27 35.24
N VAL B 1117 36.81 73.94 34.89
CA VAL B 1117 36.78 75.13 34.04
C VAL B 1117 37.35 74.78 32.68
N SER B 1118 36.65 75.20 31.62
CA SER B 1118 37.11 74.97 30.25
C SER B 1118 36.68 76.16 29.40
N GLY B 1119 37.61 77.06 29.11
CA GLY B 1119 37.36 78.17 28.21
C GLY B 1119 36.60 79.30 28.86
N ASN B 1120 36.38 80.35 28.07
CA ASN B 1120 35.66 81.52 28.52
C ASN B 1120 34.16 81.31 28.40
N CYS B 1121 33.38 82.36 28.67
CA CYS B 1121 31.94 82.22 28.74
C CYS B 1121 31.19 83.07 27.71
N ASP B 1122 31.71 83.15 26.49
CA ASP B 1122 31.03 83.87 25.42
C ASP B 1122 30.64 82.96 24.25
N VAL B 1123 30.77 81.65 24.41
CA VAL B 1123 30.54 80.72 23.31
C VAL B 1123 29.42 79.75 23.69
N VAL B 1124 29.24 79.55 25.00
CA VAL B 1124 28.22 78.61 25.47
C VAL B 1124 26.85 79.25 25.35
N ILE B 1125 25.94 78.56 24.68
CA ILE B 1125 24.58 79.05 24.52
C ILE B 1125 23.77 78.71 25.78
N GLY B 1126 23.11 79.71 26.34
CA GLY B 1126 22.30 79.50 27.52
C GLY B 1126 23.04 79.62 28.85
N ILE B 1127 24.31 80.03 28.83
CA ILE B 1127 25.04 80.23 30.07
C ILE B 1127 24.46 81.43 30.82
N VAL B 1128 24.45 81.36 32.14
CA VAL B 1128 23.93 82.41 32.99
C VAL B 1128 25.04 82.91 33.91
N ASN B 1129 24.76 83.97 34.64
CA ASN B 1129 25.73 84.63 35.50
C ASN B 1129 25.51 84.24 36.95
N ASN B 1130 26.59 83.93 37.64
CA ASN B 1130 26.57 83.54 39.06
C ASN B 1130 27.99 83.65 39.58
N THR B 1131 28.14 83.40 40.89
CA THR B 1131 29.45 83.34 41.51
C THR B 1131 29.56 82.06 42.33
N VAL B 1132 30.78 81.58 42.50
CA VAL B 1132 31.07 80.38 43.29
C VAL B 1132 31.77 80.81 44.57
N TYR B 1133 31.53 80.05 45.64
CA TYR B 1133 32.09 80.35 46.95
C TYR B 1133 33.17 79.31 47.25
N ASP B 1134 34.40 79.64 46.89
CA ASP B 1134 35.50 78.71 47.05
C ASP B 1134 35.83 78.54 48.55
N PRO B 1135 36.22 77.34 48.97
CA PRO B 1135 36.52 77.10 50.40
C PRO B 1135 37.99 77.24 50.77
N LEU B 1136 38.88 77.58 49.83
CA LEU B 1136 40.30 77.70 50.15
C LEU B 1136 40.73 79.13 50.42
N GLN B 1137 40.02 80.12 49.88
CA GLN B 1137 40.35 81.52 50.17
C GLN B 1137 39.95 81.95 51.59
N PRO B 1138 38.67 81.90 52.00
CA PRO B 1138 38.34 82.51 53.30
C PRO B 1138 38.80 81.69 54.49
N GLU B 1139 39.14 80.41 54.29
CA GLU B 1139 39.83 79.65 55.33
C GLU B 1139 41.20 80.27 55.60
N LEU B 1140 41.91 80.67 54.54
CA LEU B 1140 43.18 81.38 54.71
C LEU B 1140 42.95 82.78 55.24
N ASP B 1141 41.84 83.43 54.85
CA ASP B 1141 41.60 84.81 55.26
C ASP B 1141 41.24 84.89 56.74
N SER B 1142 40.61 83.85 57.29
CA SER B 1142 40.24 83.86 58.70
C SER B 1142 41.46 83.82 59.61
N PHE B 1143 42.47 83.04 59.24
CA PHE B 1143 43.64 82.88 60.10
C PHE B 1143 44.67 83.98 59.85
N LYS B 1144 44.95 84.29 58.58
CA LYS B 1144 46.05 85.20 58.27
C LYS B 1144 45.71 86.64 58.59
N GLU B 1145 44.50 87.08 58.26
CA GLU B 1145 44.10 88.46 58.50
C GLU B 1145 43.73 88.68 59.97
N THR C 26 19.60 29.93 -45.97
CA THR C 26 18.90 30.88 -45.10
C THR C 26 18.40 30.21 -43.84
N ASN C 27 18.16 31.00 -42.80
CA ASN C 27 17.76 30.50 -41.49
C ASN C 27 16.45 31.14 -41.04
N SER C 28 15.63 30.36 -40.35
CA SER C 28 14.40 30.86 -39.75
C SER C 28 14.74 31.62 -38.47
N PHE C 29 14.35 32.88 -38.40
CA PHE C 29 14.81 33.73 -37.30
C PHE C 29 13.97 33.55 -36.05
N THR C 30 12.69 33.92 -36.11
CA THR C 30 11.84 33.93 -34.93
C THR C 30 10.46 33.32 -35.21
N ARG C 31 10.10 33.13 -36.47
CA ARG C 31 8.75 32.73 -36.85
C ARG C 31 8.46 31.30 -36.41
N GLY C 32 7.17 30.98 -36.33
CA GLY C 32 6.74 29.64 -35.99
C GLY C 32 6.20 29.47 -34.59
N VAL C 33 5.41 30.44 -34.13
CA VAL C 33 4.78 30.39 -32.82
C VAL C 33 3.27 30.52 -32.99
N TYR C 34 2.51 29.71 -32.26
CA TYR C 34 1.06 29.69 -32.35
C TYR C 34 0.46 29.51 -30.97
N TYR C 35 -0.82 29.82 -30.86
CA TYR C 35 -1.55 29.61 -29.61
C TYR C 35 -1.76 28.11 -29.41
N PRO C 36 -1.25 27.52 -28.32
CA PRO C 36 -1.31 26.06 -28.18
C PRO C 36 -2.67 25.53 -27.76
N ASP C 37 -3.40 26.31 -26.96
CA ASP C 37 -4.70 25.85 -26.47
C ASP C 37 -5.64 27.03 -26.41
N LYS C 38 -6.94 26.73 -26.39
CA LYS C 38 -7.98 27.76 -26.47
C LYS C 38 -8.30 28.22 -25.04
N VAL C 39 -7.32 28.90 -24.44
CA VAL C 39 -7.40 29.38 -23.07
C VAL C 39 -6.94 30.83 -23.04
N PHE C 40 -7.72 31.69 -22.40
CA PHE C 40 -7.36 33.10 -22.26
C PHE C 40 -6.57 33.28 -20.97
N ARG C 41 -5.32 33.70 -21.09
CA ARG C 41 -4.48 34.07 -19.96
C ARG C 41 -4.03 35.50 -20.14
N SER C 42 -4.23 36.34 -19.12
CA SER C 42 -3.94 37.76 -19.20
C SER C 42 -2.75 38.11 -18.32
N SER C 43 -1.68 38.59 -18.95
CA SER C 43 -0.50 39.14 -18.29
C SER C 43 0.14 38.13 -17.34
N VAL C 44 0.63 37.04 -17.93
CA VAL C 44 1.25 35.97 -17.17
C VAL C 44 2.21 35.24 -18.10
N LEU C 45 3.20 34.56 -17.51
CA LEU C 45 4.20 33.82 -18.25
C LEU C 45 3.89 32.33 -18.15
N HIS C 46 3.81 31.65 -19.29
CA HIS C 46 3.40 30.26 -19.34
C HIS C 46 4.44 29.40 -20.02
N SER C 47 4.67 28.21 -19.47
CA SER C 47 5.62 27.25 -20.02
C SER C 47 4.86 26.17 -20.77
N THR C 48 5.32 25.86 -21.99
CA THR C 48 4.64 24.90 -22.85
C THR C 48 5.62 23.86 -23.37
N GLN C 49 5.07 22.68 -23.65
CA GLN C 49 5.84 21.50 -24.05
C GLN C 49 5.52 21.12 -25.50
N ASP C 50 4.60 21.84 -26.15
CA ASP C 50 4.07 21.48 -27.47
C ASP C 50 5.15 21.63 -28.54
N LEU C 51 4.78 21.29 -29.78
CA LEU C 51 5.71 21.25 -30.90
C LEU C 51 5.64 22.56 -31.67
N PHE C 52 6.78 23.22 -31.83
CA PHE C 52 6.90 24.45 -32.60
C PHE C 52 8.12 24.36 -33.51
N LEU C 53 8.36 25.44 -34.25
CA LEU C 53 9.57 25.58 -35.03
C LEU C 53 10.71 26.00 -34.10
N PRO C 54 11.81 25.24 -34.02
CA PRO C 54 12.93 25.67 -33.18
C PRO C 54 13.57 26.95 -33.69
N PHE C 55 14.02 27.78 -32.74
CA PHE C 55 14.62 29.05 -33.09
C PHE C 55 15.98 28.86 -33.76
N PHE C 56 16.24 29.71 -34.75
CA PHE C 56 17.51 29.77 -35.49
C PHE C 56 17.85 28.42 -36.13
N SER C 57 16.97 28.02 -37.04
CA SER C 57 17.15 26.80 -37.81
C SER C 57 17.08 27.13 -39.30
N ASN C 58 17.83 26.37 -40.09
CA ASN C 58 17.85 26.60 -41.53
C ASN C 58 16.60 26.04 -42.20
N VAL C 59 16.16 26.73 -43.25
CA VAL C 59 14.96 26.34 -43.99
C VAL C 59 15.32 26.24 -45.47
N THR C 60 14.39 25.69 -46.23
CA THR C 60 14.59 25.41 -47.65
C THR C 60 13.90 26.48 -48.48
N TRP C 61 14.65 27.13 -49.36
CA TRP C 61 14.09 28.16 -50.23
C TRP C 61 13.25 27.59 -51.36
N PHE C 62 13.72 26.52 -52.00
CA PHE C 62 12.98 25.75 -53.02
C PHE C 62 12.34 26.64 -54.09
N HIS C 63 13.19 27.32 -54.85
CA HIS C 63 12.71 28.14 -55.95
C HIS C 63 12.64 27.31 -57.22
N ALA C 64 11.45 27.24 -57.82
CA ALA C 64 11.20 26.45 -59.01
C ALA C 64 10.58 27.34 -60.08
N ILE C 65 10.84 26.99 -61.34
CA ILE C 65 10.43 27.85 -62.45
C ILE C 65 9.06 27.47 -62.99
N SER C 66 8.85 26.18 -63.30
CA SER C 66 7.62 25.65 -63.89
C SER C 66 7.21 26.44 -65.14
N GLY C 67 8.05 26.33 -66.17
CA GLY C 67 7.97 27.20 -67.32
C GLY C 67 6.81 26.99 -68.27
N THR C 68 5.95 25.99 -67.97
CA THR C 68 4.75 25.59 -68.74
C THR C 68 4.95 25.66 -70.27
N ASN C 69 6.08 25.11 -70.71
CA ASN C 69 6.49 25.19 -72.11
C ASN C 69 6.42 23.80 -72.74
N GLY C 70 5.33 23.55 -73.45
CA GLY C 70 5.20 22.39 -74.31
C GLY C 70 4.75 21.08 -73.68
N THR C 71 5.66 20.37 -73.01
CA THR C 71 5.36 18.99 -72.61
C THR C 71 5.29 18.81 -71.10
N LYS C 72 6.36 19.11 -70.36
CA LYS C 72 6.38 18.86 -68.92
C LYS C 72 7.47 19.73 -68.30
N ARG C 73 7.07 20.85 -67.68
CA ARG C 73 7.98 21.70 -66.92
C ARG C 73 7.52 21.72 -65.47
N PHE C 74 7.93 20.70 -64.72
CA PHE C 74 7.58 20.55 -63.31
C PHE C 74 8.86 20.40 -62.50
N ASP C 75 8.96 21.15 -61.40
CA ASP C 75 10.14 21.12 -60.55
C ASP C 75 9.74 21.10 -59.07
N ASN C 76 8.74 20.28 -58.73
CA ASN C 76 8.24 20.18 -57.37
C ASN C 76 8.28 18.73 -56.89
N PRO C 77 9.29 18.33 -56.11
CA PRO C 77 9.31 16.98 -55.56
C PRO C 77 8.36 16.81 -54.37
N VAL C 78 8.43 15.65 -53.73
CA VAL C 78 7.57 15.35 -52.58
C VAL C 78 8.35 15.66 -51.31
N LEU C 79 7.62 15.98 -50.24
CA LEU C 79 8.18 16.34 -48.96
C LEU C 79 7.67 15.39 -47.88
N PRO C 80 8.49 15.10 -46.87
CA PRO C 80 8.16 13.98 -45.95
C PRO C 80 6.99 14.24 -45.01
N PHE C 81 6.75 15.50 -44.59
CA PHE C 81 5.71 15.86 -43.63
C PHE C 81 5.90 15.10 -42.30
N ASN C 82 6.99 15.44 -41.63
CA ASN C 82 7.29 14.87 -40.32
C ASN C 82 6.79 15.82 -39.23
N ASP C 83 5.76 15.38 -38.51
CA ASP C 83 5.20 16.09 -37.35
C ASP C 83 4.74 17.50 -37.72
N GLY C 84 4.07 17.61 -38.87
CA GLY C 84 3.56 18.88 -39.33
C GLY C 84 4.62 19.71 -40.04
N VAL C 85 4.14 20.68 -40.82
CA VAL C 85 4.99 21.54 -41.61
C VAL C 85 4.54 22.99 -41.44
N TYR C 86 5.50 23.88 -41.22
CA TYR C 86 5.29 25.32 -41.29
C TYR C 86 5.58 25.77 -42.72
N PHE C 87 4.55 26.27 -43.39
CA PHE C 87 4.64 26.68 -44.79
C PHE C 87 4.38 28.17 -44.87
N ALA C 88 5.31 28.90 -45.46
CA ALA C 88 5.17 30.35 -45.61
C ALA C 88 5.37 30.73 -47.06
N SER C 89 4.78 31.84 -47.45
CA SER C 89 4.91 32.30 -48.83
C SER C 89 4.68 33.80 -48.90
N THR C 90 5.19 34.39 -49.99
CA THR C 90 4.86 35.75 -50.37
C THR C 90 4.42 35.74 -51.83
N GLU C 91 3.35 36.48 -52.13
CA GLU C 91 2.76 36.47 -53.46
C GLU C 91 1.93 37.74 -53.63
N LYS C 92 1.53 38.00 -54.87
CA LYS C 92 0.75 39.20 -55.13
C LYS C 92 -0.74 38.99 -54.82
N SER C 93 -1.42 38.11 -55.55
CA SER C 93 -2.80 37.79 -55.20
C SER C 93 -3.06 36.29 -55.05
N ASN C 94 -2.80 35.54 -56.13
CA ASN C 94 -3.30 34.16 -56.24
C ASN C 94 -2.31 33.25 -56.95
N ILE C 95 -1.02 33.36 -56.65
CA ILE C 95 -0.03 32.52 -57.34
C ILE C 95 -0.16 31.06 -56.90
N ILE C 96 -0.28 30.82 -55.59
CA ILE C 96 -0.29 29.47 -55.03
C ILE C 96 -1.66 29.22 -54.39
N ARG C 97 -2.26 28.07 -54.70
CA ARG C 97 -3.62 27.82 -54.21
C ARG C 97 -3.93 26.38 -53.83
N GLY C 98 -2.99 25.44 -53.85
CA GLY C 98 -3.33 24.04 -53.74
C GLY C 98 -2.45 23.27 -52.78
N TRP C 99 -3.01 22.18 -52.27
CA TRP C 99 -2.31 21.29 -51.34
C TRP C 99 -2.83 19.86 -51.51
N ILE C 100 -1.92 18.90 -51.51
CA ILE C 100 -2.27 17.47 -51.47
C ILE C 100 -1.52 16.84 -50.32
N PHE C 101 -2.25 16.08 -49.48
CA PHE C 101 -1.66 15.33 -48.38
C PHE C 101 -2.07 13.87 -48.50
N GLY C 102 -1.20 12.99 -48.04
CA GLY C 102 -1.47 11.56 -48.09
C GLY C 102 -0.21 10.77 -48.28
N THR C 103 -0.35 9.44 -48.20
CA THR C 103 0.77 8.52 -48.36
C THR C 103 0.81 7.92 -49.76
N THR C 104 -0.26 7.23 -50.15
CA THR C 104 -0.28 6.56 -51.46
C THR C 104 -0.49 7.53 -52.60
N LEU C 105 -0.92 8.76 -52.32
CA LEU C 105 -1.11 9.85 -53.28
C LEU C 105 -2.14 9.54 -54.35
N ASP C 106 -2.93 8.49 -54.20
CA ASP C 106 -3.88 8.05 -55.22
C ASP C 106 -5.08 7.42 -54.52
N SER C 107 -5.85 6.65 -55.29
CA SER C 107 -7.09 6.05 -54.82
C SER C 107 -6.88 4.81 -53.95
N LYS C 108 -5.64 4.45 -53.64
CA LYS C 108 -5.39 3.33 -52.73
C LYS C 108 -5.89 3.64 -51.33
N THR C 109 -5.67 4.87 -50.86
CA THR C 109 -6.18 5.32 -49.58
C THR C 109 -6.79 6.70 -49.74
N GLN C 110 -7.38 7.21 -48.66
CA GLN C 110 -7.95 8.54 -48.68
C GLN C 110 -6.84 9.60 -48.68
N SER C 111 -7.07 10.68 -49.42
CA SER C 111 -6.09 11.74 -49.55
C SER C 111 -6.76 13.09 -49.36
N LEU C 112 -6.00 14.03 -48.79
CA LEU C 112 -6.48 15.38 -48.54
C LEU C 112 -6.18 16.25 -49.75
N LEU C 113 -7.22 16.91 -50.27
CA LEU C 113 -7.06 17.91 -51.32
C LEU C 113 -7.61 19.23 -50.80
N ILE C 114 -6.76 20.25 -50.77
CA ILE C 114 -7.13 21.59 -50.31
C ILE C 114 -6.97 22.54 -51.48
N VAL C 115 -8.05 23.21 -51.86
CA VAL C 115 -8.05 24.14 -52.97
C VAL C 115 -8.60 25.47 -52.48
N ASN C 116 -7.82 26.54 -52.67
CA ASN C 116 -8.19 27.89 -52.26
C ASN C 116 -8.53 28.67 -53.51
N ASN C 117 -9.80 28.66 -53.90
CA ASN C 117 -10.25 29.40 -55.06
C ASN C 117 -10.34 30.89 -54.75
N ALA C 118 -10.65 31.68 -55.78
CA ALA C 118 -10.79 33.11 -55.62
C ALA C 118 -12.06 33.51 -54.88
N THR C 119 -13.00 32.59 -54.69
CA THR C 119 -14.24 32.90 -54.00
C THR C 119 -14.67 31.86 -52.98
N ASN C 120 -13.95 30.75 -52.84
CA ASN C 120 -14.33 29.69 -51.93
C ASN C 120 -13.11 28.82 -51.66
N VAL C 121 -13.24 27.95 -50.65
CA VAL C 121 -12.22 26.95 -50.34
C VAL C 121 -12.89 25.59 -50.28
N VAL C 122 -12.23 24.58 -50.86
CA VAL C 122 -12.75 23.23 -50.90
C VAL C 122 -11.71 22.30 -50.29
N ILE C 123 -12.14 21.54 -49.27
CA ILE C 123 -11.30 20.52 -48.64
C ILE C 123 -12.00 19.19 -48.84
N LYS C 124 -11.34 18.27 -49.53
CA LYS C 124 -11.95 17.00 -49.88
C LYS C 124 -11.08 15.85 -49.39
N VAL C 125 -11.75 14.81 -48.88
CA VAL C 125 -11.10 13.63 -48.33
C VAL C 125 -11.12 12.47 -49.31
N CYS C 126 -12.01 12.51 -50.31
CA CYS C 126 -12.31 11.36 -51.15
C CYS C 126 -11.11 10.95 -52.00
N GLU C 127 -11.15 9.70 -52.46
CA GLU C 127 -10.06 9.14 -53.26
C GLU C 127 -10.03 9.75 -54.65
N PHE C 128 -8.82 9.81 -55.22
CA PHE C 128 -8.60 10.25 -56.58
C PHE C 128 -7.76 9.20 -57.30
N GLN C 129 -8.12 8.86 -58.53
CA GLN C 129 -7.29 7.95 -59.32
C GLN C 129 -5.91 8.57 -59.56
N PHE C 130 -5.88 9.86 -59.89
CA PHE C 130 -4.65 10.64 -59.88
C PHE C 130 -5.02 12.11 -59.80
N CYS C 131 -4.27 12.87 -59.03
CA CYS C 131 -4.45 14.32 -58.99
C CYS C 131 -4.01 14.89 -60.34
N ASN C 132 -4.96 15.49 -61.05
CA ASN C 132 -4.80 15.76 -62.48
C ASN C 132 -3.82 16.92 -62.70
N ASP C 133 -3.64 17.27 -63.98
CA ASP C 133 -2.58 18.15 -64.43
C ASP C 133 -3.16 19.48 -64.87
N PRO C 134 -2.62 20.60 -64.40
CA PRO C 134 -2.95 21.89 -65.03
C PRO C 134 -2.47 21.92 -66.47
N PHE C 135 -3.41 22.17 -67.39
CA PHE C 135 -3.16 22.02 -68.82
C PHE C 135 -2.20 23.10 -69.31
N LEU C 136 -1.01 22.68 -69.75
CA LEU C 136 -0.04 23.59 -70.32
C LEU C 136 -0.58 24.14 -71.63
N ASP C 137 -0.93 25.42 -71.64
CA ASP C 137 -1.71 25.98 -72.74
C ASP C 137 -0.84 26.22 -73.98
N VAL C 138 -1.45 26.86 -74.97
CA VAL C 138 -0.74 27.26 -76.19
C VAL C 138 0.33 28.28 -75.81
N TYR C 139 1.38 28.38 -76.66
CA TYR C 139 2.54 29.23 -76.44
C TYR C 139 2.21 30.69 -76.13
N TYR C 140 1.00 31.16 -76.46
CA TYR C 140 0.51 32.47 -76.05
C TYR C 140 -0.04 32.41 -74.62
N HIS C 141 0.81 31.97 -73.69
CA HIS C 141 0.36 31.78 -72.32
C HIS C 141 0.28 33.11 -71.57
N LYS C 142 1.14 34.06 -71.90
CA LYS C 142 1.15 35.36 -71.22
C LYS C 142 1.39 36.47 -72.25
N ASN C 143 0.81 36.32 -73.45
CA ASN C 143 0.82 37.43 -74.40
C ASN C 143 -0.32 38.39 -74.10
N ASN C 144 -1.55 37.91 -74.21
CA ASN C 144 -2.72 38.64 -73.72
C ASN C 144 -3.81 37.74 -73.16
N LYS C 145 -3.59 36.43 -73.10
CA LYS C 145 -4.61 35.47 -72.67
C LYS C 145 -4.71 35.54 -71.15
N SER C 146 -5.68 36.31 -70.66
CA SER C 146 -5.83 36.56 -69.24
C SER C 146 -7.13 36.03 -68.64
N TRP C 147 -8.08 35.60 -69.45
CA TRP C 147 -9.32 35.05 -68.92
C TRP C 147 -9.07 33.66 -68.35
N MET C 148 -9.53 33.43 -67.13
CA MET C 148 -9.31 32.16 -66.43
C MET C 148 -10.40 31.18 -66.85
N GLU C 149 -10.02 30.23 -67.71
CA GLU C 149 -10.92 29.16 -68.12
C GLU C 149 -10.06 27.97 -68.50
N SER C 150 -10.70 26.79 -68.54
CA SER C 150 -10.03 25.50 -68.74
C SER C 150 -8.89 25.31 -67.73
N GLU C 151 -9.27 25.27 -66.46
CA GLU C 151 -8.32 25.24 -65.36
C GLU C 151 -7.72 23.86 -65.15
N PHE C 152 -7.08 23.66 -64.00
CA PHE C 152 -6.34 22.43 -63.73
C PHE C 152 -7.26 21.21 -63.70
N ARG C 153 -8.51 21.39 -63.27
CA ARG C 153 -9.54 20.36 -63.06
C ARG C 153 -9.01 19.08 -62.45
N VAL C 154 -8.48 19.17 -61.22
CA VAL C 154 -7.77 18.05 -60.60
C VAL C 154 -8.69 17.00 -60.00
N TYR C 155 -10.01 17.17 -60.13
CA TYR C 155 -10.93 16.20 -59.54
C TYR C 155 -10.88 14.87 -60.29
N SER C 156 -10.76 13.78 -59.53
CA SER C 156 -10.82 12.42 -60.06
C SER C 156 -11.87 11.67 -59.26
N SER C 157 -12.99 11.35 -59.90
CA SER C 157 -14.14 10.82 -59.19
C SER C 157 -13.89 9.42 -58.65
N ALA C 158 -14.48 9.14 -57.49
CA ALA C 158 -14.40 7.84 -56.85
C ALA C 158 -15.63 7.63 -55.99
N ASN C 159 -15.84 6.39 -55.57
CA ASN C 159 -17.01 6.07 -54.75
C ASN C 159 -16.75 6.25 -53.27
N ASN C 160 -15.70 5.59 -52.76
CA ASN C 160 -15.34 5.72 -51.35
C ASN C 160 -14.86 7.13 -51.03
N CYS C 161 -15.68 7.90 -50.32
CA CYS C 161 -15.38 9.30 -50.06
C CYS C 161 -15.79 9.65 -48.64
N THR C 162 -15.43 10.86 -48.22
CA THR C 162 -15.88 11.43 -46.97
C THR C 162 -16.29 12.88 -47.24
N PHE C 163 -17.25 13.39 -46.45
CA PHE C 163 -17.89 14.66 -46.74
C PHE C 163 -16.91 15.82 -46.59
N GLU C 164 -17.18 16.89 -47.34
CA GLU C 164 -16.28 18.04 -47.40
C GLU C 164 -16.55 19.02 -46.26
N TYR C 165 -15.67 20.00 -46.15
CA TYR C 165 -15.70 20.97 -45.05
C TYR C 165 -15.49 22.38 -45.59
N VAL C 166 -16.26 22.75 -46.61
CA VAL C 166 -16.08 24.05 -47.27
C VAL C 166 -16.45 25.19 -46.32
N SER C 167 -15.84 26.35 -46.57
CA SER C 167 -16.04 27.54 -45.74
C SER C 167 -15.72 28.77 -46.59
N GLN C 168 -15.59 29.92 -45.93
CA GLN C 168 -15.21 31.15 -46.61
C GLN C 168 -13.74 31.10 -47.03
N PRO C 169 -13.39 31.76 -48.13
CA PRO C 169 -11.99 31.72 -48.59
C PRO C 169 -11.08 32.54 -47.68
N PHE C 170 -10.05 31.89 -47.14
CA PHE C 170 -9.06 32.57 -46.31
C PHE C 170 -7.86 33.04 -47.14
N LEU C 171 -8.14 33.74 -48.22
CA LEU C 171 -7.12 34.28 -49.12
C LEU C 171 -7.26 35.79 -49.17
N MET C 172 -7.41 36.40 -47.99
CA MET C 172 -7.64 37.83 -47.88
C MET C 172 -6.36 38.59 -48.23
N ASP C 173 -6.41 39.39 -49.28
CA ASP C 173 -5.25 40.15 -49.73
C ASP C 173 -5.47 41.66 -49.59
N LEU C 174 -4.56 42.31 -48.88
CA LEU C 174 -4.61 43.75 -48.71
C LEU C 174 -3.88 44.44 -49.85
N GLU C 175 -4.52 45.41 -50.48
CA GLU C 175 -3.95 46.08 -51.64
C GLU C 175 -2.89 47.07 -51.19
N GLY C 176 -1.68 46.92 -51.72
CA GLY C 176 -0.58 47.83 -51.43
C GLY C 176 -0.44 48.85 -52.55
N LYS C 177 -0.34 50.12 -52.16
CA LYS C 177 -0.29 51.23 -53.10
C LYS C 177 1.16 51.62 -53.37
N GLN C 178 1.45 51.91 -54.65
CA GLN C 178 2.80 52.22 -55.13
C GLN C 178 3.78 51.11 -54.77
N GLY C 179 3.34 49.87 -54.94
CA GLY C 179 4.11 48.75 -54.43
C GLY C 179 4.03 48.71 -52.92
N ASN C 180 5.19 48.48 -52.28
CA ASN C 180 5.33 48.47 -50.82
C ASN C 180 4.37 47.49 -50.16
N PHE C 181 4.23 46.31 -50.76
CA PHE C 181 3.41 45.26 -50.18
C PHE C 181 4.12 43.93 -50.36
N LYS C 182 4.19 43.15 -49.27
CA LYS C 182 4.60 41.76 -49.31
C LYS C 182 3.67 41.02 -48.34
N ASN C 183 2.54 40.57 -48.85
CA ASN C 183 1.51 39.95 -48.00
C ASN C 183 1.98 38.54 -47.65
N LEU C 184 2.75 38.44 -46.57
CA LEU C 184 3.30 37.18 -46.13
C LEU C 184 2.19 36.30 -45.55
N ARG C 185 1.96 35.16 -46.18
CA ARG C 185 0.99 34.19 -45.69
C ARG C 185 1.74 33.07 -44.97
N GLU C 186 1.40 32.81 -43.72
CA GLU C 186 2.06 31.76 -42.96
C GLU C 186 1.03 30.80 -42.41
N PHE C 187 1.28 29.50 -42.61
CA PHE C 187 0.37 28.45 -42.17
C PHE C 187 1.19 27.38 -41.45
N VAL C 188 0.54 26.72 -40.50
CA VAL C 188 1.12 25.60 -39.76
C VAL C 188 0.13 24.44 -39.87
N PHE C 189 0.61 23.31 -40.37
CA PHE C 189 -0.20 22.11 -40.52
C PHE C 189 0.31 21.05 -39.55
N LYS C 190 -0.60 20.49 -38.75
CA LYS C 190 -0.20 19.40 -37.86
C LYS C 190 -1.38 18.49 -37.63
N ASN C 191 -1.09 17.29 -37.12
CA ASN C 191 -2.11 16.26 -36.92
C ASN C 191 -1.82 15.54 -35.61
N ILE C 192 -2.71 15.72 -34.63
CA ILE C 192 -2.57 15.08 -33.32
C ILE C 192 -3.80 14.25 -33.09
N ASP C 193 -3.59 12.98 -32.67
CA ASP C 193 -4.54 11.91 -32.33
C ASP C 193 -5.82 11.96 -33.16
N GLY C 194 -5.68 11.99 -34.48
CA GLY C 194 -6.79 12.07 -35.39
C GLY C 194 -7.09 13.48 -35.88
N TYR C 195 -7.28 14.41 -34.95
CA TYR C 195 -7.69 15.76 -35.34
C TYR C 195 -6.53 16.51 -36.01
N PHE C 196 -6.87 17.17 -37.12
CA PHE C 196 -5.91 17.84 -37.99
C PHE C 196 -6.13 19.34 -37.86
N LYS C 197 -5.07 20.07 -37.53
CA LYS C 197 -5.14 21.48 -37.20
C LYS C 197 -4.33 22.30 -38.18
N ILE C 198 -4.91 23.43 -38.60
CA ILE C 198 -4.28 24.39 -39.49
C ILE C 198 -4.37 25.75 -38.82
N TYR C 199 -3.21 26.34 -38.52
CA TYR C 199 -3.16 27.71 -38.02
C TYR C 199 -2.61 28.61 -39.12
N SER C 200 -3.00 29.89 -39.07
CA SER C 200 -2.70 30.76 -40.19
C SER C 200 -2.54 32.20 -39.71
N LYS C 201 -1.85 33.00 -40.52
CA LYS C 201 -1.77 34.43 -40.32
C LYS C 201 -1.39 35.11 -41.62
N HIS C 202 -2.00 36.27 -41.85
CA HIS C 202 -1.62 37.17 -42.94
C HIS C 202 -0.83 38.33 -42.36
N THR C 203 0.22 38.74 -43.06
CA THR C 203 1.06 39.82 -42.56
C THR C 203 1.37 40.81 -43.67
N PRO C 204 0.79 42.01 -43.64
CA PRO C 204 1.05 43.02 -44.69
C PRO C 204 2.21 43.94 -44.32
N ILE C 205 3.40 43.35 -44.19
CA ILE C 205 4.61 44.11 -43.90
C ILE C 205 5.63 43.85 -45.00
N ASN C 206 6.58 44.78 -45.13
CA ASN C 206 7.55 44.74 -46.20
C ASN C 206 8.86 44.11 -45.71
N LEU C 207 9.78 43.93 -46.66
CA LEU C 207 11.07 43.33 -46.36
C LEU C 207 12.06 43.72 -47.44
N GLY C 208 13.29 44.05 -47.02
CA GLY C 208 14.41 44.09 -47.92
C GLY C 208 15.12 42.77 -48.04
N ARG C 209 14.78 41.83 -47.16
CA ARG C 209 15.34 40.48 -47.16
C ARG C 209 14.33 39.60 -46.43
N ASP C 210 14.21 38.35 -46.86
CA ASP C 210 13.15 37.47 -46.40
C ASP C 210 13.28 37.16 -44.91
N LEU C 211 12.16 36.73 -44.32
CA LEU C 211 11.99 36.44 -42.90
C LEU C 211 12.33 37.67 -42.06
N PRO C 212 11.50 38.72 -42.08
CA PRO C 212 11.87 39.97 -41.39
C PRO C 212 11.78 39.87 -39.88
N GLN C 213 12.07 40.97 -39.20
CA GLN C 213 12.11 41.01 -37.74
C GLN C 213 10.70 41.13 -37.19
N GLY C 214 10.60 41.37 -35.89
CA GLY C 214 9.32 41.48 -35.21
C GLY C 214 8.79 40.13 -34.74
N PHE C 215 7.75 40.19 -33.93
CA PHE C 215 7.11 39.01 -33.37
C PHE C 215 5.65 38.97 -33.79
N SER C 216 5.22 37.85 -34.35
CA SER C 216 3.85 37.67 -34.80
C SER C 216 3.37 36.28 -34.41
N ALA C 217 2.15 36.21 -33.89
CA ALA C 217 1.54 34.96 -33.49
C ALA C 217 0.48 34.54 -34.52
N LEU C 218 0.18 33.24 -34.54
CA LEU C 218 -0.76 32.67 -35.50
C LEU C 218 -2.03 32.24 -34.78
N GLU C 219 -3.16 32.72 -35.27
CA GLU C 219 -4.45 32.37 -34.69
C GLU C 219 -4.92 31.02 -35.21
N PRO C 220 -5.73 30.30 -34.43
CA PRO C 220 -6.35 29.08 -34.97
C PRO C 220 -7.38 29.42 -36.03
N LEU C 221 -7.47 28.54 -37.03
CA LEU C 221 -8.39 28.76 -38.14
C LEU C 221 -9.49 27.70 -38.20
N VAL C 222 -9.14 26.43 -38.34
CA VAL C 222 -10.13 25.36 -38.51
C VAL C 222 -9.69 24.12 -37.73
N ASP C 223 -10.49 23.06 -37.80
CA ASP C 223 -10.13 21.76 -37.27
C ASP C 223 -10.80 20.70 -38.13
N LEU C 224 -10.14 19.55 -38.27
CA LEU C 224 -10.61 18.52 -39.19
C LEU C 224 -10.61 17.15 -38.50
N PRO C 225 -11.77 16.48 -38.39
CA PRO C 225 -11.88 15.24 -37.62
C PRO C 225 -11.78 13.95 -38.45
N ILE C 226 -10.68 13.78 -39.18
CA ILE C 226 -10.43 12.54 -39.91
C ILE C 226 -9.08 11.98 -39.50
N GLY C 227 -9.06 10.69 -39.15
CA GLY C 227 -7.82 10.08 -38.74
C GLY C 227 -7.21 9.13 -39.74
N ILE C 228 -6.22 9.59 -40.49
CA ILE C 228 -5.46 8.74 -41.42
C ILE C 228 -3.98 9.08 -41.27
N ASN C 229 -3.14 8.12 -41.64
CA ASN C 229 -1.69 8.31 -41.59
C ASN C 229 -1.24 9.15 -42.78
N ILE C 230 -0.38 10.14 -42.52
CA ILE C 230 0.17 11.00 -43.56
C ILE C 230 1.70 10.96 -43.44
N THR C 231 2.37 10.48 -44.50
CA THR C 231 3.83 10.40 -44.51
C THR C 231 4.44 11.02 -45.77
N ARG C 232 3.65 11.68 -46.61
CA ARG C 232 4.15 12.34 -47.80
C ARG C 232 3.37 13.63 -48.01
N PHE C 233 4.00 14.60 -48.66
CA PHE C 233 3.40 15.91 -48.86
C PHE C 233 3.94 16.55 -50.13
N GLN C 234 3.03 17.10 -50.94
CA GLN C 234 3.41 17.83 -52.14
C GLN C 234 2.41 18.96 -52.37
N THR C 235 2.91 20.06 -52.92
CA THR C 235 2.13 21.27 -53.10
C THR C 235 1.63 21.40 -54.54
N LEU C 236 0.36 21.76 -54.68
CA LEU C 236 -0.23 22.01 -55.99
C LEU C 236 -0.02 23.46 -56.39
N LEU C 237 0.54 23.67 -57.57
CA LEU C 237 0.74 25.00 -58.13
C LEU C 237 0.00 25.09 -59.46
N ALA C 238 -0.90 26.06 -59.58
CA ALA C 238 -1.59 26.36 -60.82
C ALA C 238 -0.98 27.64 -61.38
N LEU C 239 -0.20 27.52 -62.46
CA LEU C 239 0.65 28.60 -62.94
C LEU C 239 0.49 28.79 -64.44
N HIS C 240 -0.75 28.84 -64.92
CA HIS C 240 -0.97 29.30 -66.29
C HIS C 240 -0.80 30.81 -66.39
N ARG C 241 -1.29 31.55 -65.41
CA ARG C 241 -1.20 33.00 -65.42
C ARG C 241 -0.33 33.49 -64.26
N ALA C 258 11.34 33.97 -51.28
CA ALA C 258 11.28 33.20 -52.51
C ALA C 258 9.85 32.74 -52.81
N ALA C 259 9.73 31.64 -53.55
CA ALA C 259 8.40 31.12 -53.90
C ALA C 259 7.65 30.60 -52.68
N TYR C 260 8.31 29.73 -51.91
CA TYR C 260 7.67 29.16 -50.73
C TYR C 260 8.75 28.62 -49.80
N TYR C 261 8.51 28.76 -48.50
CA TYR C 261 9.45 28.32 -47.47
C TYR C 261 8.79 27.22 -46.64
N VAL C 262 9.57 26.16 -46.38
CA VAL C 262 9.06 24.97 -45.71
C VAL C 262 9.97 24.65 -44.53
N GLY C 263 9.38 24.48 -43.35
CA GLY C 263 10.13 24.07 -42.19
C GLY C 263 9.39 22.97 -41.45
N TYR C 264 10.16 22.22 -40.65
CA TYR C 264 9.64 21.06 -39.93
C TYR C 264 9.68 21.33 -38.43
N LEU C 265 8.68 20.77 -37.73
CA LEU C 265 8.50 21.02 -36.31
C LEU C 265 9.35 20.05 -35.49
N GLN C 266 9.31 20.25 -34.16
CA GLN C 266 10.12 19.49 -33.23
C GLN C 266 9.54 19.65 -31.82
N PRO C 267 9.53 18.60 -31.00
CA PRO C 267 9.07 18.75 -29.60
C PRO C 267 10.05 19.58 -28.80
N ARG C 268 9.58 20.74 -28.33
CA ARG C 268 10.42 21.66 -27.56
C ARG C 268 9.59 22.24 -26.43
N THR C 269 10.27 22.87 -25.49
CA THR C 269 9.63 23.58 -24.38
C THR C 269 9.93 25.07 -24.50
N PHE C 270 8.88 25.87 -24.60
CA PHE C 270 9.02 27.31 -24.72
C PHE C 270 8.43 28.01 -23.52
N LEU C 271 8.80 29.28 -23.36
CA LEU C 271 8.16 30.18 -22.40
C LEU C 271 7.54 31.33 -23.16
N LEU C 272 6.26 31.59 -22.90
CA LEU C 272 5.49 32.58 -23.64
C LEU C 272 4.99 33.66 -22.69
N LYS C 273 5.00 34.90 -23.17
CA LYS C 273 4.57 36.06 -22.39
C LYS C 273 3.24 36.56 -22.97
N TYR C 274 2.16 36.25 -22.27
CA TYR C 274 0.86 36.78 -22.65
C TYR C 274 0.78 38.25 -22.30
N ASN C 275 0.14 39.02 -23.18
CA ASN C 275 -0.04 40.45 -22.92
C ASN C 275 -1.15 40.67 -21.90
N GLU C 276 -1.26 41.92 -21.44
CA GLU C 276 -2.38 42.30 -20.59
C GLU C 276 -3.71 42.15 -21.33
N ASN C 277 -3.73 42.47 -22.62
CA ASN C 277 -4.94 42.31 -23.41
C ASN C 277 -5.21 40.83 -23.72
N GLY C 278 -4.16 40.03 -23.84
CA GLY C 278 -4.33 38.60 -24.08
C GLY C 278 -3.69 38.09 -25.35
N THR C 279 -2.64 38.77 -25.81
CA THR C 279 -1.96 38.42 -27.05
C THR C 279 -0.54 37.95 -26.76
N ILE C 280 -0.02 37.07 -27.62
CA ILE C 280 1.38 36.67 -27.51
C ILE C 280 2.26 37.80 -28.00
N THR C 281 3.22 38.19 -27.17
CA THR C 281 4.15 39.26 -27.50
C THR C 281 5.58 38.77 -27.63
N ASP C 282 6.03 37.92 -26.71
CA ASP C 282 7.39 37.38 -26.77
C ASP C 282 7.37 35.93 -26.35
N ALA C 283 8.36 35.19 -26.83
CA ALA C 283 8.53 33.79 -26.47
C ALA C 283 10.01 33.45 -26.58
N VAL C 284 10.46 32.55 -25.71
CA VAL C 284 11.86 32.20 -25.61
C VAL C 284 12.00 30.68 -25.56
N ASP C 285 13.01 30.18 -26.29
CA ASP C 285 13.37 28.77 -26.23
C ASP C 285 14.02 28.47 -24.88
N CYS C 286 13.90 27.22 -24.44
CA CYS C 286 14.52 26.79 -23.20
C CYS C 286 15.71 25.87 -23.42
N ALA C 287 16.04 25.54 -24.68
CA ALA C 287 17.15 24.66 -24.98
C ALA C 287 18.07 25.23 -26.06
N LEU C 288 18.03 26.55 -26.27
CA LEU C 288 18.87 27.19 -27.28
C LEU C 288 20.20 27.65 -26.68
N ASP C 289 20.14 28.49 -25.67
CA ASP C 289 21.33 29.07 -25.05
C ASP C 289 21.30 28.81 -23.55
N PRO C 290 22.47 28.78 -22.90
CA PRO C 290 22.48 28.69 -21.43
C PRO C 290 21.78 29.84 -20.74
N LEU C 291 21.90 31.06 -21.31
CA LEU C 291 21.16 32.19 -20.78
C LEU C 291 19.66 31.99 -20.91
N SER C 292 19.23 31.43 -22.04
CA SER C 292 17.81 31.09 -22.20
C SER C 292 17.38 30.00 -21.24
N GLU C 293 18.29 29.08 -20.90
CA GLU C 293 17.97 28.06 -19.89
C GLU C 293 17.79 28.69 -18.51
N THR C 294 18.63 29.67 -18.17
CA THR C 294 18.45 30.39 -16.91
C THR C 294 17.12 31.15 -16.91
N LYS C 295 16.76 31.75 -18.04
CA LYS C 295 15.47 32.45 -18.13
C LYS C 295 14.31 31.47 -17.97
N CYS C 296 14.45 30.27 -18.52
CA CYS C 296 13.40 29.26 -18.38
C CYS C 296 13.28 28.78 -16.94
N THR C 297 14.41 28.59 -16.25
CA THR C 297 14.36 28.12 -14.86
C THR C 297 13.83 29.20 -13.93
N LEU C 298 14.21 30.46 -14.15
CA LEU C 298 13.74 31.54 -13.29
C LEU C 298 12.35 32.04 -13.68
N LYS C 299 11.85 31.64 -14.86
CA LYS C 299 10.55 32.05 -15.38
C LYS C 299 10.42 33.57 -15.46
N SER C 300 11.46 34.21 -16.00
CA SER C 300 11.47 35.65 -16.18
C SER C 300 12.39 35.99 -17.35
N PHE C 301 12.18 37.19 -17.91
CA PHE C 301 12.97 37.67 -19.04
C PHE C 301 14.16 38.53 -18.61
N THR C 302 14.29 38.83 -17.32
CA THR C 302 15.36 39.71 -16.83
C THR C 302 16.01 39.04 -15.62
N VAL C 303 17.12 38.36 -15.86
CA VAL C 303 17.89 37.77 -14.77
C VAL C 303 18.86 38.81 -14.23
N GLU C 304 19.37 38.55 -13.02
CA GLU C 304 20.23 39.49 -12.33
C GLU C 304 21.64 38.91 -12.21
N LYS C 305 22.54 39.72 -11.65
CA LYS C 305 23.90 39.25 -11.39
C LYS C 305 23.89 38.14 -10.36
N GLY C 306 24.64 37.09 -10.63
CA GLY C 306 24.73 35.97 -9.73
C GLY C 306 24.99 34.69 -10.50
N ILE C 307 24.96 33.59 -9.76
CA ILE C 307 25.15 32.25 -10.30
C ILE C 307 23.89 31.44 -10.04
N TYR C 308 23.41 30.73 -11.05
CA TYR C 308 22.18 29.96 -10.95
C TYR C 308 22.44 28.54 -11.43
N GLN C 309 21.91 27.57 -10.69
CA GLN C 309 22.00 26.18 -11.12
C GLN C 309 20.82 25.85 -12.03
N THR C 310 21.12 25.37 -13.24
CA THR C 310 20.10 25.09 -14.23
C THR C 310 19.92 23.61 -14.52
N SER C 311 21.00 22.84 -14.58
CA SER C 311 20.92 21.44 -14.93
C SER C 311 22.14 20.73 -14.36
N ASN C 312 22.33 19.48 -14.75
CA ASN C 312 23.44 18.68 -14.29
C ASN C 312 24.11 17.99 -15.48
N PHE C 313 25.39 17.69 -15.31
CA PHE C 313 26.20 17.10 -16.36
C PHE C 313 26.32 15.60 -16.12
N ARG C 314 25.90 14.81 -17.12
CA ARG C 314 25.92 13.36 -17.02
C ARG C 314 26.54 12.79 -18.28
N VAL C 315 27.66 12.09 -18.13
CA VAL C 315 28.28 11.39 -19.26
C VAL C 315 27.57 10.05 -19.44
N GLN C 316 27.81 9.40 -20.57
CA GLN C 316 27.12 8.17 -20.90
C GLN C 316 28.13 7.09 -21.26
N PRO C 317 27.83 5.82 -20.96
CA PRO C 317 28.71 4.73 -21.36
C PRO C 317 28.74 4.56 -22.87
N THR C 318 29.87 4.07 -23.37
CA THR C 318 30.09 3.95 -24.80
C THR C 318 30.10 2.52 -25.32
N GLU C 319 30.71 1.57 -24.61
CA GLU C 319 30.80 0.21 -25.08
C GLU C 319 30.17 -0.74 -24.07
N SER C 320 30.19 -2.03 -24.41
CA SER C 320 29.68 -3.08 -23.55
C SER C 320 30.68 -4.22 -23.47
N ILE C 321 30.86 -4.76 -22.27
CA ILE C 321 31.84 -5.81 -22.00
C ILE C 321 31.16 -6.96 -21.28
N VAL C 322 31.28 -8.16 -21.84
CA VAL C 322 30.84 -9.40 -21.19
C VAL C 322 32.02 -10.36 -21.20
N ARG C 323 32.45 -10.82 -20.02
CA ARG C 323 33.64 -11.72 -19.95
C ARG C 323 33.44 -12.88 -18.97
N PHE C 324 33.44 -14.13 -19.45
CA PHE C 324 33.31 -15.34 -18.59
C PHE C 324 34.63 -16.11 -18.66
N PRO C 325 34.91 -17.09 -17.76
CA PRO C 325 36.25 -17.71 -17.71
C PRO C 325 36.59 -18.59 -18.91
N ASN C 326 37.88 -18.96 -19.08
CA ASN C 326 38.27 -19.73 -20.29
C ASN C 326 37.78 -21.18 -20.19
N ILE C 327 36.48 -21.39 -20.43
CA ILE C 327 35.91 -22.57 -21.15
C ILE C 327 36.34 -23.89 -20.48
N THR C 328 36.99 -24.80 -21.20
CA THR C 328 37.41 -26.14 -20.69
C THR C 328 36.23 -27.08 -20.43
N ASN C 329 36.51 -28.24 -19.85
CA ASN C 329 35.45 -29.21 -19.48
C ASN C 329 34.47 -29.45 -20.62
N LEU C 330 34.93 -30.07 -21.69
CA LEU C 330 33.94 -30.46 -22.73
C LEU C 330 33.35 -31.79 -22.29
N CYS C 331 32.50 -32.36 -23.13
CA CYS C 331 31.83 -33.62 -22.80
C CYS C 331 32.34 -34.74 -23.71
N PRO C 332 32.52 -35.95 -23.17
CA PRO C 332 33.19 -37.01 -23.93
C PRO C 332 32.33 -37.68 -24.99
N PHE C 333 31.17 -37.12 -25.34
CA PHE C 333 30.37 -37.69 -26.42
C PHE C 333 30.97 -37.42 -27.79
N ASP C 334 31.95 -36.52 -27.88
CA ASP C 334 32.63 -36.25 -29.14
C ASP C 334 33.40 -37.48 -29.64
N GLU C 335 34.06 -38.20 -28.74
CA GLU C 335 34.73 -39.44 -29.13
C GLU C 335 33.74 -40.57 -29.36
N VAL C 336 32.56 -40.50 -28.73
CA VAL C 336 31.56 -41.54 -28.87
C VAL C 336 31.01 -41.56 -30.29
N PHE C 337 30.85 -40.39 -30.91
CA PHE C 337 30.41 -40.34 -32.30
C PHE C 337 31.43 -40.98 -33.23
N ASN C 338 32.71 -40.70 -33.02
CA ASN C 338 33.78 -41.29 -33.83
C ASN C 338 34.34 -42.53 -33.14
N ALA C 339 33.44 -43.48 -32.88
CA ALA C 339 33.80 -44.75 -32.26
C ALA C 339 33.89 -45.83 -33.32
N THR C 340 34.91 -46.69 -33.19
CA THR C 340 35.14 -47.72 -34.18
C THR C 340 34.11 -48.85 -34.11
N ARG C 341 33.50 -49.08 -32.94
CA ARG C 341 32.57 -50.20 -32.79
C ARG C 341 31.50 -49.86 -31.78
N PHE C 342 30.33 -50.45 -31.97
CA PHE C 342 29.25 -50.44 -30.99
C PHE C 342 28.85 -51.87 -30.66
N ALA C 343 27.90 -52.00 -29.74
CA ALA C 343 27.46 -53.31 -29.26
C ALA C 343 26.31 -53.86 -30.10
N SER C 344 25.63 -54.87 -29.58
CA SER C 344 24.51 -55.48 -30.29
C SER C 344 23.31 -54.54 -30.33
N VAL C 345 22.41 -54.81 -31.27
CA VAL C 345 21.24 -53.97 -31.45
C VAL C 345 20.26 -54.13 -30.29
N TYR C 346 20.00 -55.38 -29.87
CA TYR C 346 19.03 -55.60 -28.81
C TYR C 346 19.57 -55.23 -27.44
N ALA C 347 20.89 -55.19 -27.27
CA ALA C 347 21.53 -54.80 -26.02
C ALA C 347 22.10 -53.40 -26.22
N TRP C 348 21.30 -52.40 -25.86
CA TRP C 348 21.68 -51.00 -26.00
C TRP C 348 22.22 -50.47 -24.68
N ASN C 349 23.42 -49.90 -24.72
CA ASN C 349 24.10 -49.44 -23.52
C ASN C 349 23.74 -47.98 -23.23
N ARG C 350 24.10 -47.55 -22.03
CA ARG C 350 23.84 -46.18 -21.58
C ARG C 350 25.17 -45.49 -21.29
N LYS C 351 25.20 -44.17 -21.53
CA LYS C 351 26.40 -43.36 -21.33
C LYS C 351 25.98 -42.11 -20.57
N ARG C 352 26.40 -42.02 -19.31
CA ARG C 352 26.13 -40.84 -18.51
C ARG C 352 27.12 -39.74 -18.85
N ILE C 353 26.61 -38.53 -19.08
CA ILE C 353 27.42 -37.36 -19.33
C ILE C 353 27.46 -36.54 -18.06
N SER C 354 28.68 -36.29 -17.56
CA SER C 354 28.88 -35.63 -16.28
C SER C 354 28.77 -34.11 -16.45
N ASN C 355 29.21 -33.37 -15.44
CA ASN C 355 29.16 -31.91 -15.48
C ASN C 355 30.22 -31.39 -16.44
N CYS C 356 29.78 -30.83 -17.56
CA CYS C 356 30.66 -30.26 -18.57
C CYS C 356 29.84 -29.29 -19.42
N VAL C 357 30.44 -28.79 -20.48
CA VAL C 357 29.76 -27.95 -21.45
C VAL C 357 29.88 -28.60 -22.83
N ALA C 358 28.76 -28.69 -23.54
CA ALA C 358 28.68 -29.37 -24.82
C ALA C 358 28.14 -28.40 -25.86
N ASP C 359 29.00 -27.98 -26.79
CA ASP C 359 28.57 -27.17 -27.92
C ASP C 359 27.95 -28.08 -28.97
N TYR C 360 26.66 -27.89 -29.24
CA TYR C 360 25.97 -28.77 -30.20
C TYR C 360 26.40 -28.50 -31.64
N SER C 361 27.00 -27.34 -31.91
CA SER C 361 27.32 -26.95 -33.28
C SER C 361 28.39 -27.86 -33.87
N VAL C 362 29.43 -28.17 -33.09
CA VAL C 362 30.53 -28.98 -33.60
C VAL C 362 30.07 -30.42 -33.85
N LEU C 363 29.00 -30.85 -33.18
CA LEU C 363 28.40 -32.14 -33.51
C LEU C 363 27.87 -32.14 -34.94
N TYR C 364 27.28 -31.02 -35.38
CA TYR C 364 26.73 -30.94 -36.72
C TYR C 364 27.82 -30.76 -37.78
N ASN C 365 28.94 -30.13 -37.43
CA ASN C 365 29.97 -29.83 -38.41
C ASN C 365 30.77 -31.06 -38.84
N PHE C 366 30.65 -32.18 -38.13
CA PHE C 366 31.36 -33.39 -38.53
C PHE C 366 30.83 -33.95 -39.85
N ALA C 367 29.51 -34.10 -39.97
CA ALA C 367 28.94 -34.71 -41.16
C ALA C 367 27.47 -34.30 -41.24
N PRO C 368 26.91 -34.20 -42.45
CA PRO C 368 25.46 -34.00 -42.60
C PRO C 368 24.73 -35.31 -42.32
N PHE C 369 23.96 -35.33 -41.24
CA PHE C 369 23.36 -36.57 -40.76
C PHE C 369 21.97 -36.77 -41.38
N PHE C 370 21.42 -37.97 -41.19
CA PHE C 370 20.26 -38.41 -41.95
C PHE C 370 18.94 -37.87 -41.40
N ALA C 371 18.59 -38.25 -40.17
CA ALA C 371 17.20 -38.11 -39.74
C ALA C 371 16.86 -36.69 -39.27
N PHE C 372 17.46 -36.27 -38.15
CA PHE C 372 17.15 -35.00 -37.48
C PHE C 372 15.64 -34.78 -37.29
N LYS C 373 14.99 -35.77 -36.67
CA LYS C 373 13.63 -35.58 -36.19
C LYS C 373 13.72 -34.99 -34.78
N CYS C 374 14.16 -33.73 -34.73
CA CYS C 374 14.42 -33.07 -33.45
C CYS C 374 13.15 -32.31 -33.05
N TYR C 375 12.13 -33.11 -32.70
CA TYR C 375 10.77 -32.64 -32.47
C TYR C 375 10.63 -31.82 -31.20
N GLY C 376 11.61 -31.83 -30.31
CA GLY C 376 11.48 -31.15 -29.04
C GLY C 376 11.74 -29.66 -29.12
N VAL C 377 12.59 -29.17 -28.21
CA VAL C 377 12.98 -27.76 -28.26
C VAL C 377 13.79 -27.50 -29.54
N SER C 378 13.75 -26.26 -30.01
CA SER C 378 14.43 -25.88 -31.24
C SER C 378 15.93 -26.05 -31.08
N PRO C 379 16.63 -26.58 -32.09
CA PRO C 379 18.08 -26.85 -31.93
C PRO C 379 18.93 -25.60 -31.70
N THR C 380 18.45 -24.43 -32.12
CA THR C 380 19.21 -23.20 -31.91
C THR C 380 19.29 -22.85 -30.42
N LYS C 381 18.24 -23.17 -29.67
CA LYS C 381 18.18 -22.84 -28.25
C LYS C 381 18.79 -23.90 -27.35
N LEU C 382 19.51 -24.88 -27.92
CA LEU C 382 20.14 -25.91 -27.10
C LEU C 382 21.24 -25.33 -26.22
N ASN C 383 22.02 -24.39 -26.75
CA ASN C 383 22.98 -23.68 -25.93
C ASN C 383 22.35 -22.53 -25.14
N ASP C 384 21.14 -22.11 -25.51
CA ASP C 384 20.48 -21.04 -24.78
C ASP C 384 19.92 -21.56 -23.45
N LEU C 385 19.27 -22.72 -23.47
CA LEU C 385 18.70 -23.32 -22.28
C LEU C 385 19.31 -24.70 -22.07
N CYS C 386 19.66 -24.99 -20.83
CA CYS C 386 20.48 -26.15 -20.51
C CYS C 386 19.84 -26.99 -19.41
N PHE C 387 20.35 -28.22 -19.27
CA PHE C 387 19.65 -29.29 -18.58
C PHE C 387 20.57 -29.91 -17.53
N THR C 388 19.95 -30.56 -16.54
CA THR C 388 20.69 -31.12 -15.42
C THR C 388 21.59 -32.28 -15.85
N ASN C 389 21.07 -33.15 -16.72
CA ASN C 389 21.82 -34.33 -17.14
C ASN C 389 21.57 -34.59 -18.62
N VAL C 390 22.49 -35.32 -19.22
CA VAL C 390 22.40 -35.72 -20.62
C VAL C 390 22.43 -37.24 -20.69
N TYR C 391 21.50 -37.81 -21.47
CA TYR C 391 21.45 -39.24 -21.70
C TYR C 391 21.82 -39.53 -23.14
N ALA C 392 22.58 -40.61 -23.35
CA ALA C 392 23.05 -40.99 -24.69
C ALA C 392 22.81 -42.48 -24.89
N ASP C 393 21.99 -42.81 -25.90
CA ASP C 393 21.71 -44.20 -26.28
C ASP C 393 22.06 -44.37 -27.75
N SER C 394 23.12 -45.12 -28.02
CA SER C 394 23.61 -45.31 -29.39
C SER C 394 23.49 -46.77 -29.78
N PHE C 395 23.00 -47.00 -31.00
CA PHE C 395 22.86 -48.34 -31.54
C PHE C 395 22.94 -48.24 -33.07
N VAL C 396 22.63 -49.34 -33.74
CA VAL C 396 22.56 -49.36 -35.20
C VAL C 396 21.25 -50.03 -35.60
N ILE C 397 20.68 -49.59 -36.72
CA ILE C 397 19.37 -50.04 -37.17
C ILE C 397 19.44 -50.18 -38.69
N ARG C 398 18.52 -50.95 -39.25
CA ARG C 398 18.40 -51.03 -40.69
C ARG C 398 17.90 -49.71 -41.27
N GLY C 399 18.22 -49.47 -42.54
CA GLY C 399 17.90 -48.20 -43.16
C GLY C 399 16.41 -47.94 -43.31
N ASN C 400 15.61 -48.99 -43.52
CA ASN C 400 14.18 -48.82 -43.66
C ASN C 400 13.46 -48.62 -42.33
N GLU C 401 14.13 -48.86 -41.21
CA GLU C 401 13.50 -48.84 -39.90
C GLU C 401 13.95 -47.67 -39.04
N VAL C 402 14.60 -46.66 -39.63
CA VAL C 402 15.03 -45.49 -38.87
C VAL C 402 13.83 -44.64 -38.47
N SER C 403 12.76 -44.67 -39.27
CA SER C 403 11.63 -43.77 -39.08
C SER C 403 10.87 -44.06 -37.80
N GLN C 404 10.73 -45.33 -37.43
CA GLN C 404 9.90 -45.70 -36.29
C GLN C 404 10.64 -45.62 -34.96
N ILE C 405 11.73 -44.86 -34.87
CA ILE C 405 12.35 -44.58 -33.57
C ILE C 405 11.69 -43.39 -32.88
N ALA C 406 10.79 -42.68 -33.57
CA ALA C 406 10.08 -41.56 -32.99
C ALA C 406 9.13 -42.06 -31.89
N PRO C 407 8.84 -41.21 -30.89
CA PRO C 407 7.91 -41.63 -29.82
C PRO C 407 6.52 -41.96 -30.30
N GLY C 408 6.02 -41.29 -31.34
CA GLY C 408 4.69 -41.59 -31.84
C GLY C 408 4.59 -42.95 -32.50
N GLN C 409 5.61 -43.33 -33.26
CA GLN C 409 5.54 -44.57 -34.04
C GLN C 409 5.84 -45.78 -33.16
N THR C 410 5.42 -46.95 -33.64
CA THR C 410 5.60 -48.20 -32.94
C THR C 410 5.95 -49.30 -33.93
N GLY C 411 6.49 -50.39 -33.41
CA GLY C 411 6.89 -51.51 -34.25
C GLY C 411 7.62 -52.56 -33.44
N ASN C 412 8.34 -53.42 -34.16
CA ASN C 412 9.12 -54.48 -33.51
C ASN C 412 10.26 -53.90 -32.68
N ILE C 413 10.89 -52.85 -33.19
CA ILE C 413 11.97 -52.20 -32.45
C ILE C 413 11.41 -51.47 -31.23
N ALA C 414 10.19 -50.94 -31.34
CA ALA C 414 9.64 -50.10 -30.28
C ALA C 414 9.16 -50.94 -29.09
N ASP C 415 8.17 -51.80 -29.32
CA ASP C 415 7.49 -52.50 -28.24
C ASP C 415 8.24 -53.72 -27.73
N TYR C 416 9.34 -54.10 -28.37
CA TYR C 416 10.07 -55.29 -27.98
C TYR C 416 11.55 -55.05 -27.70
N ASN C 417 12.15 -53.98 -28.21
CA ASN C 417 13.56 -53.69 -27.96
C ASN C 417 13.75 -52.39 -27.19
N TYR C 418 13.22 -51.27 -27.68
CA TYR C 418 13.44 -49.98 -27.05
C TYR C 418 12.32 -49.02 -27.46
N LYS C 419 11.60 -48.51 -26.47
CA LYS C 419 10.44 -47.65 -26.70
C LYS C 419 10.71 -46.25 -26.16
N LEU C 420 10.49 -45.24 -26.99
CA LEU C 420 10.54 -43.86 -26.53
C LEU C 420 9.14 -43.38 -26.15
N PRO C 421 8.95 -42.86 -24.95
CA PRO C 421 7.59 -42.48 -24.51
C PRO C 421 7.06 -41.28 -25.28
N ASP C 422 5.75 -41.30 -25.52
CA ASP C 422 5.11 -40.25 -26.31
C ASP C 422 5.14 -38.90 -25.58
N ASP C 423 4.95 -38.91 -24.26
CA ASP C 423 4.98 -37.71 -23.45
C ASP C 423 6.40 -37.36 -23.00
N PHE C 424 7.31 -37.27 -23.96
CA PHE C 424 8.71 -36.97 -23.70
C PHE C 424 9.22 -36.06 -24.81
N THR C 425 9.99 -35.04 -24.43
CA THR C 425 10.55 -34.09 -25.39
C THR C 425 12.04 -34.35 -25.55
N GLY C 426 12.52 -34.36 -26.79
CA GLY C 426 13.91 -34.70 -27.02
C GLY C 426 14.35 -34.40 -28.43
N CYS C 427 15.64 -34.65 -28.67
CA CYS C 427 16.29 -34.42 -29.95
C CYS C 427 17.08 -35.67 -30.31
N VAL C 428 16.79 -36.25 -31.47
CA VAL C 428 17.40 -37.52 -31.89
C VAL C 428 18.10 -37.33 -33.22
N ILE C 429 19.23 -38.01 -33.39
CA ILE C 429 20.02 -37.94 -34.62
C ILE C 429 20.27 -39.35 -35.15
N ALA C 430 20.55 -39.41 -36.45
CA ALA C 430 20.85 -40.67 -37.13
C ALA C 430 21.60 -40.34 -38.42
N TRP C 431 22.40 -41.30 -38.87
CA TRP C 431 23.17 -41.11 -40.10
C TRP C 431 23.49 -42.45 -40.73
N ASN C 432 23.80 -42.40 -42.03
CA ASN C 432 24.18 -43.59 -42.79
C ASN C 432 25.67 -43.83 -42.65
N SER C 433 26.04 -44.97 -42.06
CA SER C 433 27.43 -45.35 -41.88
C SER C 433 27.74 -46.70 -42.53
N ASN C 434 27.20 -46.94 -43.72
CA ASN C 434 27.36 -48.24 -44.36
C ASN C 434 28.76 -48.44 -44.91
N LYS C 435 29.48 -47.35 -45.20
CA LYS C 435 30.81 -47.48 -45.78
C LYS C 435 31.83 -48.01 -44.78
N LEU C 436 31.65 -47.70 -43.49
CA LEU C 436 32.61 -48.15 -42.50
C LEU C 436 32.51 -49.65 -42.23
N ASP C 437 31.30 -50.19 -42.20
CA ASP C 437 31.09 -51.59 -41.87
C ASP C 437 29.93 -52.18 -42.68
N SER C 438 30.26 -53.14 -43.55
CA SER C 438 29.25 -53.85 -44.34
C SER C 438 29.88 -55.15 -44.83
N LYS C 439 29.31 -56.27 -44.42
CA LYS C 439 29.84 -57.59 -44.77
C LYS C 439 29.16 -58.10 -46.02
N VAL C 440 29.94 -58.74 -46.90
CA VAL C 440 29.42 -59.20 -48.18
C VAL C 440 28.36 -60.29 -47.98
N GLY C 441 28.65 -61.24 -47.10
CA GLY C 441 27.70 -62.29 -46.80
C GLY C 441 26.63 -61.92 -45.79
N GLY C 442 26.68 -60.70 -45.26
CA GLY C 442 25.71 -60.28 -44.26
C GLY C 442 26.32 -60.18 -42.88
N ASN C 443 26.07 -59.07 -42.19
CA ASN C 443 26.64 -58.86 -40.86
C ASN C 443 25.79 -59.57 -39.82
N TYR C 444 26.37 -60.57 -39.16
CA TYR C 444 25.70 -61.32 -38.11
C TYR C 444 25.98 -60.76 -36.72
N ASN C 445 26.78 -59.70 -36.63
CA ASN C 445 27.07 -59.04 -35.36
C ASN C 445 25.92 -58.19 -34.86
N TYR C 446 24.86 -58.01 -35.67
CA TYR C 446 23.77 -57.12 -35.32
C TYR C 446 22.48 -57.91 -35.13
N ARG C 447 22.56 -59.00 -34.37
CA ARG C 447 21.38 -59.75 -33.98
C ARG C 447 20.43 -58.86 -33.18
N TYR C 448 19.13 -59.05 -33.39
CA TYR C 448 18.12 -58.24 -32.73
C TYR C 448 17.00 -59.13 -32.20
N ARG C 449 16.28 -58.59 -31.22
CA ARG C 449 15.22 -59.34 -30.57
C ARG C 449 14.02 -59.52 -31.49
N LEU C 450 13.47 -60.73 -31.50
CA LEU C 450 12.25 -61.02 -32.24
C LEU C 450 11.03 -61.11 -31.33
N PHE C 451 11.15 -61.78 -30.19
CA PHE C 451 10.06 -61.94 -29.26
C PHE C 451 10.54 -61.66 -27.83
N ARG C 452 9.67 -61.05 -27.05
CA ARG C 452 9.77 -61.04 -25.60
C ARG C 452 8.37 -61.26 -25.03
N LYS C 453 8.32 -61.55 -23.72
CA LYS C 453 7.11 -62.09 -23.12
C LYS C 453 5.95 -61.11 -23.17
N SER C 454 6.21 -59.84 -22.92
CA SER C 454 5.15 -58.83 -22.94
C SER C 454 5.72 -57.52 -23.49
N ASN C 455 4.82 -56.59 -23.77
CA ASN C 455 5.24 -55.26 -24.21
C ASN C 455 6.04 -54.56 -23.13
N LEU C 456 7.02 -53.77 -23.56
CA LEU C 456 7.99 -53.18 -22.64
C LEU C 456 7.66 -51.72 -22.35
N LYS C 457 7.91 -51.33 -21.11
CA LYS C 457 7.84 -49.94 -20.70
C LYS C 457 8.99 -49.17 -21.36
N PRO C 458 8.85 -47.85 -21.54
CA PRO C 458 10.00 -47.06 -21.99
C PRO C 458 11.16 -47.10 -20.99
N PHE C 459 12.38 -47.12 -21.54
CA PHE C 459 13.65 -47.03 -20.82
C PHE C 459 13.89 -48.22 -19.87
N GLU C 460 13.84 -49.43 -20.42
CA GLU C 460 14.42 -50.60 -19.78
C GLU C 460 15.19 -51.42 -20.81
N ARG C 461 16.14 -52.19 -20.32
CA ARG C 461 17.00 -53.05 -21.12
C ARG C 461 17.14 -54.39 -20.42
N ASP C 462 17.05 -55.47 -21.19
CA ASP C 462 17.22 -56.80 -20.61
C ASP C 462 17.77 -57.75 -21.67
N ILE C 463 18.72 -58.59 -21.27
CA ILE C 463 19.20 -59.69 -22.09
C ILE C 463 18.87 -60.98 -21.35
N SER C 464 18.16 -61.88 -22.02
CA SER C 464 17.72 -63.13 -21.41
C SER C 464 17.95 -64.28 -22.38
N THR C 465 18.20 -65.45 -21.81
CA THR C 465 18.30 -66.70 -22.56
C THR C 465 17.18 -67.61 -22.03
N GLU C 466 15.99 -67.42 -22.58
CA GLU C 466 14.85 -68.27 -22.28
C GLU C 466 14.16 -68.61 -23.59
N ILE C 467 13.41 -69.70 -23.57
CA ILE C 467 12.89 -70.30 -24.78
C ILE C 467 11.42 -69.90 -24.94
N TYR C 468 11.10 -69.31 -26.10
CA TYR C 468 9.71 -68.97 -26.41
C TYR C 468 8.87 -70.24 -26.53
N GLN C 469 7.76 -70.27 -25.81
CA GLN C 469 6.82 -71.39 -25.86
C GLN C 469 5.72 -71.08 -26.86
N ALA C 470 5.55 -71.98 -27.82
CA ALA C 470 4.44 -71.90 -28.77
C ALA C 470 3.58 -73.17 -28.72
N GLY C 471 3.35 -73.69 -27.53
CA GLY C 471 2.53 -74.88 -27.37
C GLY C 471 2.29 -75.15 -25.90
N ASN C 472 1.42 -76.12 -25.63
CA ASN C 472 1.12 -76.50 -24.27
C ASN C 472 2.07 -77.60 -23.80
N LYS C 473 3.37 -77.35 -23.92
CA LYS C 473 4.42 -78.27 -23.52
C LYS C 473 5.50 -77.47 -22.80
N PRO C 474 6.25 -78.09 -21.89
CA PRO C 474 7.36 -77.38 -21.25
C PRO C 474 8.47 -77.06 -22.23
N CYS C 475 9.12 -75.92 -22.00
CA CYS C 475 10.22 -75.44 -22.82
C CYS C 475 11.43 -75.14 -21.96
N ASN C 476 11.74 -76.03 -21.01
CA ASN C 476 12.83 -75.79 -20.08
C ASN C 476 14.19 -75.86 -20.78
N GLY C 477 14.35 -76.78 -21.74
CA GLY C 477 15.58 -76.94 -22.46
C GLY C 477 15.47 -76.52 -23.91
N VAL C 478 16.49 -76.92 -24.69
CA VAL C 478 16.52 -76.58 -26.11
C VAL C 478 15.54 -77.47 -26.86
N ALA C 479 14.78 -76.86 -27.78
CA ALA C 479 13.83 -77.58 -28.60
C ALA C 479 13.65 -76.83 -29.92
N GLY C 480 13.03 -77.51 -30.88
CA GLY C 480 12.78 -76.92 -32.17
C GLY C 480 11.36 -77.09 -32.66
N VAL C 481 10.58 -77.94 -31.98
CA VAL C 481 9.20 -78.22 -32.36
C VAL C 481 8.30 -77.34 -31.51
N ASN C 482 7.66 -76.36 -32.17
CA ASN C 482 6.81 -75.31 -31.60
C ASN C 482 7.33 -74.73 -30.29
N CYS C 483 8.66 -74.59 -30.19
CA CYS C 483 9.31 -74.18 -28.96
C CYS C 483 10.66 -73.56 -29.37
N TYR C 484 10.67 -72.25 -29.56
CA TYR C 484 11.74 -71.57 -30.30
C TYR C 484 12.54 -70.65 -29.39
N PHE C 485 13.77 -70.35 -29.82
CA PHE C 485 14.56 -69.31 -29.19
C PHE C 485 14.44 -68.03 -29.99
N PRO C 486 13.94 -66.93 -29.42
CA PRO C 486 13.74 -65.71 -30.21
C PRO C 486 15.03 -64.98 -30.53
N LEU C 487 15.48 -65.09 -31.79
CA LEU C 487 16.63 -64.36 -32.29
C LEU C 487 16.48 -64.16 -33.79
N GLN C 488 16.82 -62.97 -34.26
CA GLN C 488 16.83 -62.67 -35.68
C GLN C 488 18.01 -61.77 -36.00
N SER C 489 18.52 -61.89 -37.22
CA SER C 489 19.71 -61.14 -37.64
C SER C 489 19.38 -60.29 -38.85
N TYR C 490 20.02 -59.12 -38.91
CA TYR C 490 19.80 -58.21 -40.04
C TYR C 490 20.55 -58.67 -41.29
N GLY C 491 21.88 -58.79 -41.20
CA GLY C 491 22.67 -59.19 -42.33
C GLY C 491 22.85 -58.10 -43.36
N PHE C 492 23.54 -57.03 -42.97
CA PHE C 492 23.76 -55.91 -43.88
C PHE C 492 24.79 -56.28 -44.93
N ARG C 493 24.56 -55.82 -46.16
CA ARG C 493 25.53 -56.05 -47.24
C ARG C 493 25.74 -54.78 -48.05
N PRO C 494 26.94 -54.62 -48.62
CA PRO C 494 27.18 -53.45 -49.49
C PRO C 494 26.42 -53.49 -50.81
N THR C 495 25.96 -54.67 -51.25
CA THR C 495 25.23 -54.79 -52.51
C THR C 495 23.74 -54.52 -52.32
N TYR C 496 23.45 -53.28 -51.93
CA TYR C 496 22.09 -52.84 -51.70
C TYR C 496 22.06 -51.32 -51.87
N GLY C 497 20.86 -50.80 -52.11
CA GLY C 497 20.65 -49.36 -52.13
C GLY C 497 20.53 -48.80 -50.73
N VAL C 498 19.54 -47.92 -50.52
CA VAL C 498 19.44 -47.19 -49.26
C VAL C 498 18.68 -47.98 -48.19
N GLY C 499 17.90 -48.99 -48.58
CA GLY C 499 16.92 -49.55 -47.65
C GLY C 499 17.51 -50.40 -46.55
N HIS C 500 18.63 -51.08 -46.82
CA HIS C 500 19.20 -52.06 -45.90
C HIS C 500 20.64 -51.72 -45.55
N GLN C 501 20.88 -50.47 -45.17
CA GLN C 501 22.21 -50.05 -44.76
C GLN C 501 22.27 -49.90 -43.24
N PRO C 502 23.43 -50.16 -42.62
CA PRO C 502 23.55 -49.96 -41.18
C PRO C 502 23.55 -48.48 -40.80
N TYR C 503 22.45 -48.01 -40.22
CA TYR C 503 22.28 -46.61 -39.85
C TYR C 503 22.55 -46.46 -38.36
N ARG C 504 23.59 -45.70 -38.03
CA ARG C 504 23.93 -45.46 -36.63
C ARG C 504 23.00 -44.39 -36.06
N VAL C 505 22.32 -44.73 -34.96
CA VAL C 505 21.31 -43.88 -34.35
C VAL C 505 21.72 -43.57 -32.92
N VAL C 506 21.69 -42.28 -32.56
CA VAL C 506 21.97 -41.83 -31.20
C VAL C 506 20.73 -41.08 -30.69
N VAL C 507 20.30 -41.43 -29.48
CA VAL C 507 19.15 -40.81 -28.85
C VAL C 507 19.63 -39.97 -27.68
N LEU C 508 19.21 -38.71 -27.64
CA LEU C 508 19.59 -37.77 -26.59
C LEU C 508 18.37 -37.44 -25.75
N SER C 509 18.50 -37.63 -24.43
CA SER C 509 17.41 -37.40 -23.50
C SER C 509 17.85 -36.46 -22.39
N PHE C 510 16.89 -35.75 -21.81
CA PHE C 510 17.17 -34.77 -20.78
C PHE C 510 15.93 -34.56 -19.92
N GLU C 511 16.13 -34.01 -18.73
CA GLU C 511 15.05 -33.70 -17.82
C GLU C 511 15.49 -32.60 -16.87
N LEU C 512 14.51 -32.00 -16.20
CA LEU C 512 14.76 -30.94 -15.23
C LEU C 512 14.57 -31.46 -13.81
N LEU C 513 15.34 -30.88 -12.89
CA LEU C 513 15.28 -31.23 -11.48
C LEU C 513 15.87 -30.04 -10.71
N HIS C 514 15.84 -30.11 -9.38
CA HIS C 514 16.38 -29.03 -8.55
C HIS C 514 17.90 -28.95 -8.60
N ALA C 515 18.58 -29.96 -9.15
CA ALA C 515 20.02 -29.88 -9.36
C ALA C 515 20.33 -28.89 -10.48
N PRO C 516 21.44 -28.16 -10.38
CA PRO C 516 21.78 -27.19 -11.42
C PRO C 516 22.16 -27.86 -12.74
N ALA C 517 21.93 -27.12 -13.82
CA ALA C 517 22.19 -27.61 -15.17
C ALA C 517 23.67 -27.53 -15.50
N THR C 518 24.09 -28.29 -16.52
CA THR C 518 25.51 -28.44 -16.83
C THR C 518 25.89 -27.88 -18.19
N VAL C 519 25.28 -28.34 -19.29
CA VAL C 519 25.81 -28.08 -20.63
C VAL C 519 25.17 -26.79 -21.13
N CYS C 520 25.73 -25.67 -20.67
CA CYS C 520 25.12 -24.36 -20.89
C CYS C 520 25.87 -23.51 -21.89
N GLY C 521 26.76 -24.10 -22.69
CA GLY C 521 27.40 -23.38 -23.76
C GLY C 521 28.76 -22.82 -23.40
N PRO C 522 29.56 -22.47 -24.41
CA PRO C 522 30.90 -21.93 -24.13
C PRO C 522 30.91 -20.48 -23.69
N LYS C 523 29.82 -19.74 -23.97
CA LYS C 523 29.56 -18.36 -23.59
C LYS C 523 30.43 -17.39 -24.39
N LYS C 524 30.28 -16.09 -24.14
CA LYS C 524 30.90 -15.04 -24.94
C LYS C 524 31.91 -14.27 -24.10
N SER C 525 33.00 -13.86 -24.74
CA SER C 525 34.01 -13.00 -24.12
C SER C 525 34.35 -11.87 -25.08
N THR C 526 34.41 -10.64 -24.57
CA THR C 526 34.66 -9.47 -25.41
C THR C 526 35.99 -8.79 -25.12
N ASN C 527 36.21 -8.33 -23.89
CA ASN C 527 37.42 -7.64 -23.44
C ASN C 527 37.72 -6.43 -24.34
N LEU C 528 36.82 -5.44 -24.25
CA LEU C 528 36.82 -4.33 -25.21
C LEU C 528 37.55 -3.09 -24.75
N VAL C 529 37.41 -2.67 -23.48
CA VAL C 529 37.83 -1.33 -23.06
C VAL C 529 38.47 -1.47 -21.69
N LYS C 530 39.51 -0.66 -21.43
CA LYS C 530 40.12 -0.57 -20.11
C LYS C 530 40.27 0.85 -19.60
N ASN C 531 39.62 1.84 -20.22
CA ASN C 531 39.76 3.24 -19.80
C ASN C 531 38.48 4.04 -19.79
N LYS C 532 37.38 3.56 -20.38
CA LYS C 532 36.20 4.38 -20.60
C LYS C 532 34.98 3.77 -19.90
N CYS C 533 33.91 4.56 -19.83
CA CYS C 533 32.67 4.10 -19.21
C CYS C 533 32.02 3.03 -20.07
N VAL C 534 31.78 1.86 -19.48
CA VAL C 534 31.17 0.73 -20.16
C VAL C 534 30.12 0.12 -19.24
N ASN C 535 29.47 -0.94 -19.71
CA ASN C 535 28.49 -1.70 -18.95
C ASN C 535 29.00 -3.14 -18.86
N PHE C 536 29.64 -3.47 -17.75
CA PHE C 536 30.28 -4.77 -17.61
C PHE C 536 29.29 -5.81 -17.07
N ASN C 537 29.56 -7.07 -17.43
CA ASN C 537 28.74 -8.21 -17.02
C ASN C 537 29.63 -9.34 -16.53
N PHE C 538 30.56 -9.01 -15.62
CA PHE C 538 31.53 -9.98 -15.14
C PHE C 538 30.86 -11.08 -14.29
N ASN C 539 30.64 -12.24 -14.91
CA ASN C 539 30.10 -13.43 -14.24
C ASN C 539 28.77 -13.16 -13.55
N GLY C 540 27.88 -12.45 -14.24
CA GLY C 540 26.58 -12.13 -13.70
C GLY C 540 26.52 -10.93 -12.80
N LEU C 541 27.54 -10.09 -12.81
CA LEU C 541 27.55 -8.84 -12.03
C LEU C 541 27.24 -7.69 -12.98
N THR C 542 26.15 -6.98 -12.70
CA THR C 542 25.67 -5.90 -13.56
C THR C 542 26.03 -4.56 -12.94
N GLY C 543 26.64 -3.69 -13.74
CA GLY C 543 26.99 -2.37 -13.27
C GLY C 543 27.72 -1.61 -14.36
N THR C 544 28.02 -0.35 -14.05
CA THR C 544 28.74 0.53 -14.95
C THR C 544 29.82 1.28 -14.20
N GLY C 545 30.81 1.76 -14.95
CA GLY C 545 31.89 2.51 -14.34
C GLY C 545 33.08 2.59 -15.26
N VAL C 546 34.21 3.03 -14.69
CA VAL C 546 35.47 3.16 -15.41
C VAL C 546 36.40 2.09 -14.87
N LEU C 547 36.57 1.01 -15.63
CA LEU C 547 37.52 -0.02 -15.25
C LEU C 547 38.95 0.51 -15.39
N THR C 548 39.75 0.34 -14.33
CA THR C 548 41.12 0.81 -14.32
C THR C 548 42.02 -0.28 -13.79
N GLU C 549 43.29 -0.25 -14.20
CA GLU C 549 44.27 -1.20 -13.70
C GLU C 549 44.56 -0.92 -12.23
N SER C 550 44.67 -1.98 -11.44
CA SER C 550 44.71 -1.88 -9.99
C SER C 550 46.07 -2.34 -9.45
N ASN C 551 46.20 -2.27 -8.13
CA ASN C 551 47.41 -2.69 -7.45
C ASN C 551 47.14 -3.51 -6.19
N LYS C 552 45.90 -3.67 -5.76
CA LYS C 552 45.59 -4.35 -4.52
C LYS C 552 45.84 -5.85 -4.63
N LYS C 553 45.89 -6.51 -3.48
CA LYS C 553 46.15 -7.94 -3.38
C LYS C 553 44.90 -8.65 -2.87
N PHE C 554 44.54 -9.75 -3.51
CA PHE C 554 43.44 -10.59 -3.07
C PHE C 554 43.97 -11.93 -2.60
N LEU C 555 43.18 -12.59 -1.76
CA LEU C 555 43.43 -13.98 -1.45
C LEU C 555 43.10 -14.84 -2.67
N PRO C 556 43.71 -16.03 -2.79
CA PRO C 556 43.49 -16.85 -3.99
C PRO C 556 42.04 -17.24 -4.25
N PHE C 557 41.22 -17.40 -3.23
CA PHE C 557 39.84 -17.79 -3.42
C PHE C 557 38.89 -16.61 -3.52
N GLN C 558 39.36 -15.38 -3.35
CA GLN C 558 38.47 -14.23 -3.34
C GLN C 558 38.07 -13.82 -4.76
N GLN C 559 36.86 -13.28 -4.88
CA GLN C 559 36.30 -12.88 -6.17
C GLN C 559 36.05 -11.38 -6.25
N PHE C 560 35.31 -10.83 -5.31
CA PHE C 560 34.81 -9.46 -5.40
C PHE C 560 35.67 -8.52 -4.55
N GLY C 561 35.23 -7.28 -4.42
CA GLY C 561 35.85 -6.33 -3.52
C GLY C 561 34.83 -5.30 -3.09
N ARG C 562 34.99 -4.81 -1.86
CA ARG C 562 34.03 -3.88 -1.27
C ARG C 562 34.77 -2.79 -0.51
N ASP C 563 33.98 -1.87 0.04
CA ASP C 563 34.48 -0.77 0.87
C ASP C 563 33.73 -0.77 2.19
N ILE C 564 33.82 0.31 2.97
CA ILE C 564 32.99 0.39 4.16
C ILE C 564 31.63 0.97 3.75
N ALA C 565 30.84 0.12 3.11
CA ALA C 565 29.55 0.42 2.51
C ALA C 565 28.97 -0.88 1.98
N ASP C 566 27.86 -0.80 1.25
CA ASP C 566 27.43 -1.90 0.40
C ASP C 566 27.61 -1.42 -1.04
N THR C 567 28.84 -1.53 -1.54
CA THR C 567 29.19 -1.04 -2.87
C THR C 567 30.37 -1.85 -3.38
N THR C 568 30.26 -2.37 -4.60
CA THR C 568 31.37 -3.09 -5.21
C THR C 568 32.47 -2.09 -5.59
N ASP C 569 33.70 -2.42 -5.21
CA ASP C 569 34.84 -1.56 -5.47
C ASP C 569 35.80 -2.15 -6.50
N ALA C 570 36.31 -3.35 -6.24
CA ALA C 570 37.23 -4.03 -7.13
C ALA C 570 36.55 -5.27 -7.70
N VAL C 571 37.22 -5.89 -8.68
CA VAL C 571 36.68 -7.08 -9.32
C VAL C 571 37.86 -7.88 -9.85
N ARG C 572 37.71 -9.20 -9.88
CA ARG C 572 38.73 -10.11 -10.41
C ARG C 572 38.35 -10.50 -11.82
N ASP C 573 39.30 -10.36 -12.74
CA ASP C 573 39.08 -10.74 -14.13
C ASP C 573 38.92 -12.26 -14.21
N PRO C 574 37.85 -12.77 -14.83
CA PRO C 574 37.70 -14.23 -14.97
C PRO C 574 38.81 -14.88 -15.77
N GLN C 575 39.40 -14.17 -16.74
CA GLN C 575 40.55 -14.65 -17.47
C GLN C 575 41.80 -13.94 -16.95
N THR C 576 42.90 -14.69 -16.88
CA THR C 576 44.23 -14.26 -16.43
C THR C 576 44.26 -13.75 -14.98
N LEU C 577 43.15 -13.89 -14.26
CA LEU C 577 43.05 -13.63 -12.82
C LEU C 577 43.51 -12.22 -12.44
N GLU C 578 43.25 -11.25 -13.31
CA GLU C 578 43.71 -9.90 -13.06
C GLU C 578 42.79 -9.17 -12.07
N ILE C 579 43.31 -8.10 -11.49
CA ILE C 579 42.60 -7.31 -10.50
C ILE C 579 42.46 -5.90 -11.03
N LEU C 580 41.22 -5.39 -11.04
CA LEU C 580 40.91 -4.08 -11.58
C LEU C 580 40.15 -3.27 -10.53
N ASP C 581 39.98 -1.98 -10.82
CA ASP C 581 39.24 -1.07 -9.96
C ASP C 581 38.06 -0.48 -10.72
N ILE C 582 36.98 -0.21 -9.99
CA ILE C 582 35.76 0.33 -10.55
C ILE C 582 35.48 1.66 -9.88
N THR C 583 35.37 2.72 -10.68
CA THR C 583 34.96 4.03 -10.20
C THR C 583 33.80 4.52 -11.06
N PRO C 584 32.84 5.23 -10.46
CA PRO C 584 31.67 5.66 -11.23
C PRO C 584 32.03 6.72 -12.26
N CYS C 585 31.16 6.81 -13.27
CA CYS C 585 31.34 7.79 -14.32
C CYS C 585 31.21 9.21 -13.77
N SER C 586 31.99 10.13 -14.33
CA SER C 586 32.05 11.49 -13.81
C SER C 586 30.75 12.24 -14.07
N PHE C 587 30.25 12.92 -13.04
CA PHE C 587 29.03 13.70 -13.14
C PHE C 587 29.06 14.80 -12.10
N GLY C 588 28.25 15.82 -12.33
CA GLY C 588 28.22 16.95 -11.41
C GLY C 588 27.17 17.95 -11.85
N GLY C 589 27.16 19.09 -11.15
CA GLY C 589 26.21 20.13 -11.45
C GLY C 589 26.70 21.13 -12.48
N VAL C 590 25.76 21.83 -13.10
CA VAL C 590 26.03 22.84 -14.11
C VAL C 590 25.46 24.16 -13.61
N SER C 591 26.28 25.21 -13.65
CA SER C 591 25.86 26.53 -13.21
C SER C 591 26.28 27.56 -14.24
N VAL C 592 25.54 28.66 -14.29
CA VAL C 592 25.73 29.71 -15.30
C VAL C 592 26.05 31.01 -14.58
N ILE C 593 27.08 31.70 -15.03
CA ILE C 593 27.51 32.98 -14.47
C ILE C 593 27.15 34.06 -15.47
N THR C 594 26.30 34.99 -15.07
CA THR C 594 25.87 36.07 -15.94
C THR C 594 26.01 37.42 -15.25
N PRO C 595 26.35 38.47 -15.99
CA PRO C 595 26.44 39.81 -15.41
C PRO C 595 25.15 40.62 -15.45
N GLY C 596 24.01 40.00 -15.76
CA GLY C 596 22.75 40.71 -15.79
C GLY C 596 22.24 40.95 -17.20
N THR C 597 20.92 40.81 -17.37
CA THR C 597 20.31 41.04 -18.68
C THR C 597 20.41 42.50 -19.09
N ASN C 598 20.24 43.41 -18.12
CA ASN C 598 20.25 44.83 -18.41
C ASN C 598 21.61 45.35 -18.85
N THR C 599 22.69 44.62 -18.56
CA THR C 599 24.04 45.06 -18.90
C THR C 599 24.56 44.40 -20.18
N SER C 600 24.57 43.08 -20.24
CA SER C 600 25.13 42.38 -21.39
C SER C 600 24.38 41.07 -21.58
N ASN C 601 24.95 40.19 -22.42
CA ASN C 601 24.35 38.90 -22.71
C ASN C 601 25.33 37.73 -22.67
N GLN C 602 26.63 37.99 -22.62
CA GLN C 602 27.60 36.90 -22.58
C GLN C 602 27.54 36.18 -21.23
N VAL C 603 27.79 34.88 -21.26
CA VAL C 603 27.76 34.05 -20.07
C VAL C 603 29.04 33.22 -20.01
N ALA C 604 29.23 32.55 -18.87
CA ALA C 604 30.39 31.68 -18.67
C ALA C 604 29.95 30.56 -17.74
N VAL C 605 29.70 29.38 -18.31
CA VAL C 605 29.15 28.28 -17.54
C VAL C 605 30.23 27.65 -16.66
N LEU C 606 29.78 26.94 -15.64
CA LEU C 606 30.66 26.25 -14.69
C LEU C 606 30.17 24.82 -14.53
N TYR C 607 31.08 23.86 -14.68
CA TYR C 607 30.78 22.45 -14.47
C TYR C 607 31.36 22.05 -13.12
N GLN C 608 30.49 21.67 -12.20
CA GLN C 608 30.91 21.43 -10.81
C GLN C 608 31.65 20.11 -10.68
N GLY C 609 32.85 20.17 -10.12
CA GLY C 609 33.62 19.00 -9.72
C GLY C 609 33.94 17.99 -10.81
N VAL C 610 34.78 18.37 -11.77
CA VAL C 610 35.17 17.46 -12.84
C VAL C 610 36.55 17.87 -13.35
N ASN C 611 37.40 16.87 -13.60
CA ASN C 611 38.69 17.12 -14.23
C ASN C 611 38.43 17.46 -15.70
N CYS C 612 38.45 18.74 -16.02
CA CYS C 612 37.91 19.21 -17.29
C CYS C 612 38.89 19.10 -18.45
N THR C 613 40.06 18.48 -18.25
CA THR C 613 41.03 18.41 -19.33
C THR C 613 40.60 17.48 -20.45
N GLU C 614 39.71 16.52 -20.18
CA GLU C 614 39.28 15.58 -21.22
C GLU C 614 37.78 15.56 -21.45
N VAL C 615 36.97 15.61 -20.40
CA VAL C 615 35.55 15.28 -20.51
C VAL C 615 34.68 16.36 -21.17
N PRO C 616 34.55 17.58 -20.61
CA PRO C 616 33.40 18.42 -21.00
C PRO C 616 33.58 19.16 -22.32
N VAL C 617 34.74 19.05 -22.97
CA VAL C 617 34.93 19.72 -24.26
C VAL C 617 34.01 19.11 -25.31
N ALA C 618 33.86 17.78 -25.27
CA ALA C 618 32.93 17.10 -26.16
C ALA C 618 31.50 17.30 -25.68
N SER C 635 35.26 29.01 -25.71
CA SER C 635 36.22 30.10 -25.61
C SER C 635 37.52 29.64 -24.98
N ASN C 636 37.54 29.65 -23.64
CA ASN C 636 38.70 29.23 -22.88
C ASN C 636 38.26 28.27 -21.79
N VAL C 637 39.21 27.45 -21.34
CA VAL C 637 39.01 26.53 -20.23
C VAL C 637 40.08 26.78 -19.18
N PHE C 638 39.69 26.78 -17.92
CA PHE C 638 40.61 27.00 -16.81
C PHE C 638 40.20 26.08 -15.67
N GLN C 639 41.10 25.20 -15.27
CA GLN C 639 40.81 24.24 -14.21
C GLN C 639 41.00 24.91 -12.85
N THR C 640 39.90 25.07 -12.12
CA THR C 640 39.94 25.70 -10.81
C THR C 640 40.16 24.65 -9.73
N ARG C 641 40.06 25.07 -8.48
CA ARG C 641 40.10 24.14 -7.35
C ARG C 641 38.72 23.55 -7.07
N ALA C 642 37.69 23.97 -7.79
CA ALA C 642 36.35 23.41 -7.64
C ALA C 642 35.68 23.46 -9.01
N GLY C 643 35.78 22.37 -9.77
CA GLY C 643 35.22 22.34 -11.09
C GLY C 643 36.06 23.12 -12.10
N CYS C 644 35.51 23.24 -13.30
CA CYS C 644 36.18 23.91 -14.41
C CYS C 644 35.29 25.00 -14.99
N LEU C 645 35.91 26.11 -15.36
CA LEU C 645 35.21 27.26 -15.89
C LEU C 645 35.36 27.30 -17.41
N ILE C 646 34.25 27.54 -18.10
CA ILE C 646 34.24 27.67 -19.54
C ILE C 646 33.61 29.00 -19.90
N GLY C 647 34.33 29.83 -20.66
CA GLY C 647 33.82 31.10 -21.09
C GLY C 647 34.42 32.32 -20.42
N ALA C 648 35.47 32.15 -19.63
CA ALA C 648 36.12 33.27 -18.98
C ALA C 648 37.62 33.05 -18.97
N GLU C 649 38.37 34.14 -18.88
CA GLU C 649 39.82 34.10 -18.86
C GLU C 649 40.34 34.36 -17.45
N TYR C 650 41.23 33.50 -16.98
CA TYR C 650 41.85 33.71 -15.69
C TYR C 650 42.88 34.82 -15.76
N VAL C 651 42.82 35.73 -14.79
CA VAL C 651 43.76 36.85 -14.75
C VAL C 651 44.63 36.73 -13.51
N ASN C 652 45.59 37.66 -13.36
CA ASN C 652 46.57 37.56 -12.30
C ASN C 652 46.47 38.65 -11.25
N SER C 653 45.69 39.69 -11.47
CA SER C 653 45.56 40.78 -10.51
C SER C 653 44.55 40.40 -9.43
N SER C 654 44.23 41.34 -8.55
CA SER C 654 43.31 41.09 -7.45
C SER C 654 42.28 42.21 -7.38
N TYR C 655 41.07 41.86 -6.98
CA TYR C 655 39.99 42.82 -6.81
C TYR C 655 39.11 42.39 -5.65
N GLU C 656 38.21 43.29 -5.25
CA GLU C 656 37.16 42.94 -4.30
C GLU C 656 36.21 41.94 -4.95
N CYS C 657 35.64 41.06 -4.12
CA CYS C 657 34.89 39.94 -4.65
C CYS C 657 33.54 40.37 -5.21
N ASP C 658 32.92 39.42 -5.91
CA ASP C 658 31.70 39.59 -6.69
C ASP C 658 30.96 38.27 -6.69
N ILE C 659 30.20 38.00 -7.75
CA ILE C 659 29.63 36.67 -8.03
C ILE C 659 30.65 35.58 -7.73
N PRO C 660 30.42 34.76 -6.70
CA PRO C 660 31.45 33.84 -6.25
C PRO C 660 31.35 32.47 -6.89
N ILE C 661 32.47 31.75 -6.86
CA ILE C 661 32.58 30.41 -7.43
C ILE C 661 32.93 29.39 -6.36
N GLY C 662 34.06 29.56 -5.69
CA GLY C 662 34.52 28.61 -4.69
C GLY C 662 36.02 28.59 -4.58
N ALA C 663 36.52 28.24 -3.38
CA ALA C 663 37.95 28.22 -3.06
C ALA C 663 38.60 29.57 -3.35
N GLY C 664 37.91 30.64 -2.97
CA GLY C 664 38.43 31.98 -3.14
C GLY C 664 38.57 32.46 -4.57
N ILE C 665 37.59 32.15 -5.41
CA ILE C 665 37.56 32.62 -6.79
C ILE C 665 36.28 33.41 -7.01
N CYS C 666 36.42 34.64 -7.48
CA CYS C 666 35.29 35.51 -7.78
C CYS C 666 35.42 36.02 -9.22
N ALA C 667 34.30 36.09 -9.92
CA ALA C 667 34.27 36.50 -11.32
C ALA C 667 33.57 37.84 -11.46
N SER C 668 33.96 38.59 -12.49
CA SER C 668 33.40 39.92 -12.70
C SER C 668 33.41 40.24 -14.19
N TYR C 669 32.65 41.26 -14.56
CA TYR C 669 32.50 41.72 -15.93
C TYR C 669 33.03 43.15 -16.01
N GLN C 670 34.31 43.30 -16.37
CA GLN C 670 34.95 44.60 -16.45
C GLN C 670 35.85 44.61 -17.69
N THR C 671 36.70 45.62 -17.78
CA THR C 671 37.63 45.76 -18.89
C THR C 671 38.85 44.87 -18.68
N GLN C 672 39.70 44.82 -19.71
CA GLN C 672 40.93 44.04 -19.65
C GLN C 672 42.10 44.91 -19.23
N SER C 684 35.58 47.45 -25.00
CA SER C 684 36.35 46.23 -24.82
C SER C 684 36.07 45.61 -23.44
N GLN C 685 34.97 44.87 -23.35
CA GLN C 685 34.55 44.26 -22.10
C GLN C 685 34.41 42.76 -22.28
N SER C 686 34.74 42.00 -21.24
CA SER C 686 34.60 40.56 -21.22
C SER C 686 34.44 40.11 -19.78
N ILE C 687 34.32 38.80 -19.58
CA ILE C 687 34.14 38.22 -18.25
C ILE C 687 35.48 37.66 -17.79
N ILE C 688 35.93 38.11 -16.62
CA ILE C 688 37.20 37.67 -16.05
C ILE C 688 36.92 36.87 -14.79
N ALA C 689 37.92 36.08 -14.39
CA ALA C 689 37.84 35.27 -13.19
C ALA C 689 39.15 35.43 -12.41
N TYR C 690 39.10 36.21 -11.33
CA TYR C 690 40.28 36.56 -10.58
C TYR C 690 40.29 35.87 -9.21
N THR C 691 41.48 35.82 -8.62
CA THR C 691 41.61 35.41 -7.24
C THR C 691 41.20 36.55 -6.34
N MET C 692 40.30 36.28 -5.39
CA MET C 692 39.76 37.34 -4.56
C MET C 692 40.80 37.84 -3.56
N SER C 693 40.64 39.09 -3.15
CA SER C 693 41.53 39.73 -2.20
C SER C 693 40.78 40.00 -0.91
N LEU C 694 41.49 39.85 0.21
CA LEU C 694 40.91 40.05 1.53
C LEU C 694 40.62 41.51 1.83
N GLY C 695 41.13 42.42 1.03
CA GLY C 695 41.00 43.85 1.26
C GLY C 695 42.30 44.54 0.98
N ALA C 696 42.48 45.70 1.59
CA ALA C 696 43.72 46.46 1.47
C ALA C 696 44.74 45.91 2.46
N GLU C 697 45.88 46.57 2.57
CA GLU C 697 46.90 46.20 3.54
C GLU C 697 47.25 47.42 4.38
N ASN C 698 47.76 47.16 5.59
CA ASN C 698 48.10 48.23 6.51
C ASN C 698 49.14 47.72 7.49
N SER C 699 50.13 48.56 7.77
CA SER C 699 51.20 48.25 8.73
C SER C 699 51.34 49.46 9.64
N VAL C 700 50.65 49.43 10.78
CA VAL C 700 50.71 50.54 11.72
C VAL C 700 52.09 50.58 12.37
N ALA C 701 52.54 51.78 12.70
CA ALA C 701 53.88 52.00 13.23
C ALA C 701 53.87 51.77 14.74
N TYR C 702 54.45 50.65 15.17
CA TYR C 702 54.53 50.32 16.58
C TYR C 702 55.89 50.73 17.12
N SER C 703 55.89 51.30 18.33
CA SER C 703 57.13 51.73 18.96
C SER C 703 56.94 51.72 20.47
N ASN C 704 58.07 51.74 21.18
CA ASN C 704 58.03 51.75 22.64
C ASN C 704 57.51 53.06 23.21
N ASN C 705 57.54 54.14 22.43
CA ASN C 705 57.05 55.43 22.90
C ASN C 705 56.43 56.20 21.73
N SER C 706 55.12 56.02 21.55
CA SER C 706 54.34 56.68 20.52
C SER C 706 52.87 56.45 20.81
N ILE C 707 52.06 57.46 20.52
CA ILE C 707 50.62 57.35 20.64
C ILE C 707 49.98 58.35 19.68
N ALA C 708 48.84 57.95 19.11
CA ALA C 708 48.11 58.78 18.16
C ALA C 708 46.74 59.09 18.74
N ILE C 709 46.40 60.37 18.81
CA ILE C 709 45.15 60.83 19.39
C ILE C 709 44.43 61.66 18.34
N PRO C 710 43.18 61.36 18.02
CA PRO C 710 42.47 62.11 16.97
C PRO C 710 42.13 63.53 17.41
N THR C 711 41.90 64.39 16.42
CA THR C 711 41.63 65.80 16.66
C THR C 711 40.24 66.24 16.22
N ASN C 712 39.47 65.37 15.59
CA ASN C 712 38.13 65.75 15.13
C ASN C 712 37.30 64.48 14.99
N PHE C 713 35.99 64.63 15.06
CA PHE C 713 35.10 63.48 15.08
C PHE C 713 34.19 63.49 13.85
N THR C 714 33.25 62.55 13.82
CA THR C 714 32.32 62.41 12.71
C THR C 714 31.09 61.66 13.21
N ILE C 715 29.92 62.25 13.01
CA ILE C 715 28.64 61.61 13.35
C ILE C 715 28.10 60.93 12.11
N SER C 716 27.66 59.69 12.26
CA SER C 716 27.13 58.91 11.16
C SER C 716 25.81 58.26 11.56
N VAL C 717 25.00 57.94 10.56
CA VAL C 717 23.72 57.28 10.78
C VAL C 717 23.63 56.08 9.84
N THR C 718 23.62 54.88 10.41
CA THR C 718 23.49 53.64 9.68
C THR C 718 22.03 53.18 9.71
N THR C 719 21.78 51.95 9.29
CA THR C 719 20.44 51.38 9.31
C THR C 719 20.52 49.91 9.66
N GLU C 720 19.36 49.33 9.99
CA GLU C 720 19.27 47.93 10.41
C GLU C 720 17.83 47.48 10.23
N ILE C 721 17.61 46.17 10.12
CA ILE C 721 16.29 45.69 9.71
C ILE C 721 15.58 44.88 10.78
N LEU C 722 16.12 43.69 11.13
CA LEU C 722 15.52 42.78 12.11
C LEU C 722 14.04 42.48 11.86
N PRO C 723 13.72 41.60 10.91
CA PRO C 723 12.31 41.34 10.55
C PRO C 723 11.50 40.76 11.69
N VAL C 724 10.40 41.44 12.02
CA VAL C 724 9.47 41.07 13.09
C VAL C 724 8.46 40.11 12.44
N SER C 725 7.58 39.50 13.24
CA SER C 725 6.65 38.42 12.92
C SER C 725 6.00 38.42 11.53
N MET C 726 5.90 37.24 10.93
CA MET C 726 5.36 37.04 9.60
C MET C 726 3.83 36.99 9.62
N THR C 727 3.23 36.75 8.45
CA THR C 727 1.79 36.78 8.29
C THR C 727 1.14 35.55 8.91
N LYS C 728 -0.01 35.77 9.54
CA LYS C 728 -0.80 34.68 10.09
C LYS C 728 -1.49 33.91 8.97
N THR C 729 -1.86 32.66 9.29
CA THR C 729 -2.62 31.84 8.35
C THR C 729 -3.38 30.78 9.14
N SER C 730 -4.40 30.22 8.48
CA SER C 730 -5.18 29.13 9.06
C SER C 730 -5.87 28.40 7.91
N VAL C 731 -5.92 27.07 8.02
CA VAL C 731 -6.49 26.22 6.98
C VAL C 731 -7.58 25.35 7.58
N ASP C 732 -8.38 24.77 6.69
CA ASP C 732 -9.40 23.80 7.04
C ASP C 732 -9.08 22.51 6.30
N CYS C 733 -8.83 21.42 7.04
CA CYS C 733 -8.36 20.20 6.42
C CYS C 733 -9.45 19.52 5.60
N THR C 734 -10.70 19.62 6.06
CA THR C 734 -11.79 18.89 5.42
C THR C 734 -12.07 19.41 4.02
N MET C 735 -12.13 20.74 3.86
CA MET C 735 -12.42 21.32 2.55
C MET C 735 -11.26 21.12 1.59
N TYR C 736 -10.02 21.23 2.08
CA TYR C 736 -8.86 21.13 1.20
C TYR C 736 -8.64 19.69 0.75
N ILE C 737 -8.59 18.76 1.70
CA ILE C 737 -8.25 17.38 1.36
C ILE C 737 -9.38 16.73 0.58
N CYS C 738 -10.62 16.92 1.03
CA CYS C 738 -11.79 16.37 0.36
C CYS C 738 -12.54 17.50 -0.35
N GLY C 739 -12.70 17.36 -1.66
CA GLY C 739 -13.38 18.38 -2.45
C GLY C 739 -14.88 18.34 -2.30
N ASP C 740 -15.36 18.75 -1.11
CA ASP C 740 -16.75 18.77 -0.66
C ASP C 740 -17.54 17.52 -1.04
N SER C 741 -16.90 16.35 -0.95
CA SER C 741 -17.54 15.08 -1.24
C SER C 741 -17.72 14.34 0.08
N THR C 742 -18.96 13.99 0.40
CA THR C 742 -19.24 13.27 1.64
C THR C 742 -18.66 11.86 1.62
N GLU C 743 -18.54 11.27 0.43
CA GLU C 743 -17.90 9.96 0.32
C GLU C 743 -16.43 10.03 0.68
N CYS C 744 -15.76 11.13 0.32
CA CYS C 744 -14.36 11.32 0.67
C CYS C 744 -14.18 11.44 2.17
N SER C 745 -15.08 12.18 2.83
CA SER C 745 -14.93 12.46 4.26
C SER C 745 -15.16 11.23 5.12
N ASN C 746 -15.79 10.19 4.59
CA ASN C 746 -15.97 8.94 5.33
C ASN C 746 -14.68 8.17 5.50
N LEU C 747 -13.64 8.50 4.74
CA LEU C 747 -12.33 7.87 4.87
C LEU C 747 -11.39 8.64 5.77
N LEU C 748 -11.53 9.97 5.82
CA LEU C 748 -10.60 10.78 6.60
C LEU C 748 -10.83 10.60 8.10
N LEU C 749 -12.09 10.49 8.52
CA LEU C 749 -12.37 10.25 9.95
C LEU C 749 -11.89 8.87 10.37
N GLN C 750 -11.82 7.93 9.43
CA GLN C 750 -11.38 6.57 9.66
C GLN C 750 -9.86 6.47 9.83
N TYR C 751 -9.12 7.55 9.54
CA TYR C 751 -7.67 7.57 9.68
C TYR C 751 -7.20 8.07 11.03
N GLY C 752 -8.09 8.52 11.90
CA GLY C 752 -7.68 8.99 13.21
C GLY C 752 -7.78 10.49 13.42
N SER C 753 -6.75 11.10 14.01
CA SER C 753 -6.81 12.49 14.40
C SER C 753 -5.71 13.31 13.71
N PHE C 754 -5.57 13.14 12.40
CA PHE C 754 -4.54 13.84 11.66
C PHE C 754 -4.92 15.25 11.24
N CYS C 755 -6.12 15.71 11.60
CA CYS C 755 -6.46 17.12 11.43
C CYS C 755 -6.30 17.93 12.71
N THR C 756 -6.58 17.32 13.86
CA THR C 756 -6.50 18.04 15.12
C THR C 756 -5.06 18.45 15.42
N GLN C 757 -4.10 17.61 15.06
CA GLN C 757 -2.70 17.97 15.23
C GLN C 757 -2.31 19.13 14.32
N LEU C 758 -2.78 19.13 13.08
CA LEU C 758 -2.46 20.18 12.13
C LEU C 758 -3.40 21.37 12.22
N LYS C 759 -4.39 21.34 13.11
CA LYS C 759 -5.19 22.52 13.41
C LYS C 759 -4.80 23.16 14.74
N ARG C 760 -4.25 22.38 15.67
CA ARG C 760 -3.70 22.94 16.91
C ARG C 760 -2.29 23.48 16.73
N ALA C 761 -1.65 23.21 15.61
CA ALA C 761 -0.30 23.72 15.35
C ALA C 761 -0.34 25.06 14.63
N LEU C 762 -1.25 25.22 13.67
CA LEU C 762 -1.38 26.50 12.99
C LEU C 762 -2.01 27.55 13.91
N THR C 763 -2.87 27.13 14.82
CA THR C 763 -3.41 28.06 15.82
C THR C 763 -2.31 28.54 16.77
N GLY C 764 -1.41 27.63 17.16
CA GLY C 764 -0.29 28.03 18.00
C GLY C 764 0.66 28.99 17.31
N ILE C 765 0.85 28.80 16.00
CA ILE C 765 1.67 29.72 15.23
C ILE C 765 0.98 31.08 15.11
N ALA C 766 -0.33 31.08 14.83
CA ALA C 766 -1.04 32.32 14.58
C ALA C 766 -1.13 33.18 15.83
N VAL C 767 -1.39 32.55 16.99
CA VAL C 767 -1.47 33.32 18.22
C VAL C 767 -0.08 33.79 18.66
N GLU C 768 0.98 33.14 18.16
CA GLU C 768 2.33 33.54 18.51
C GLU C 768 2.73 34.82 17.77
N GLN C 769 2.21 35.02 16.56
CA GLN C 769 2.55 36.20 15.78
C GLN C 769 2.00 37.46 16.41
N ASP C 770 0.78 37.39 16.95
CA ASP C 770 0.22 38.55 17.65
C ASP C 770 0.95 38.80 18.97
N LYS C 771 1.54 37.75 19.56
CA LYS C 771 2.34 37.94 20.76
C LYS C 771 3.63 38.69 20.45
N ASN C 772 4.25 38.40 19.30
CA ASN C 772 5.57 38.93 18.99
C ASN C 772 5.55 40.44 18.86
N THR C 773 4.47 41.00 18.32
CA THR C 773 4.36 42.44 18.19
C THR C 773 4.25 43.13 19.55
N GLN C 774 3.76 42.41 20.57
CA GLN C 774 3.54 43.03 21.88
C GLN C 774 4.85 43.39 22.58
N GLU C 775 5.83 42.49 22.59
CA GLU C 775 7.09 42.81 23.26
C GLU C 775 7.90 43.82 22.47
N VAL C 776 7.83 43.76 21.14
CA VAL C 776 8.65 44.66 20.34
C VAL C 776 8.15 46.10 20.44
N PHE C 777 6.85 46.32 20.32
CA PHE C 777 6.32 47.67 20.22
C PHE C 777 5.69 48.20 21.49
N ALA C 778 4.89 47.38 22.19
CA ALA C 778 4.17 47.83 23.37
C ALA C 778 5.05 47.76 24.62
N GLN C 779 6.11 48.57 24.61
CA GLN C 779 7.03 48.65 25.73
C GLN C 779 6.70 49.80 26.68
N VAL C 780 5.68 50.60 26.38
CA VAL C 780 5.32 51.75 27.18
C VAL C 780 3.88 51.59 27.66
N LYS C 781 3.60 52.09 28.86
CA LYS C 781 2.25 52.00 29.40
C LYS C 781 1.38 53.13 28.87
N GLN C 782 1.81 54.37 29.06
CA GLN C 782 1.09 55.53 28.58
C GLN C 782 1.54 55.90 27.16
N ILE C 783 0.75 56.73 26.50
CA ILE C 783 1.05 57.20 25.15
C ILE C 783 1.42 58.68 25.26
N TYR C 784 2.69 58.99 24.98
CA TYR C 784 3.16 60.36 25.05
C TYR C 784 2.83 61.11 23.76
N LYS C 785 2.73 62.43 23.88
CA LYS C 785 2.39 63.28 22.75
C LYS C 785 3.48 64.33 22.56
N THR C 786 3.88 64.53 21.31
CA THR C 786 4.93 65.50 21.03
C THR C 786 4.38 66.92 21.14
N PRO C 787 5.21 67.89 21.54
CA PRO C 787 4.74 69.28 21.58
C PRO C 787 4.52 69.81 20.18
N PRO C 788 3.67 70.82 20.00
CA PRO C 788 3.40 71.36 18.66
C PRO C 788 4.62 72.08 18.07
N ILE C 789 5.21 72.99 18.85
CA ILE C 789 6.43 73.65 18.40
C ILE C 789 7.59 72.66 18.39
N LYS C 790 8.44 72.75 17.37
CA LYS C 790 9.43 71.72 17.10
C LYS C 790 10.82 72.33 16.92
N TYR C 791 11.24 73.18 17.87
CA TYR C 791 12.60 73.70 17.90
C TYR C 791 13.37 72.93 18.97
N PHE C 792 14.01 71.84 18.56
CA PHE C 792 14.78 71.01 19.48
C PHE C 792 16.27 71.36 19.36
N GLY C 793 16.58 72.61 19.68
CA GLY C 793 17.96 73.06 19.74
C GLY C 793 18.70 73.01 18.42
N GLY C 794 18.01 73.20 17.31
CA GLY C 794 18.64 73.18 16.01
C GLY C 794 18.70 71.81 15.36
N PHE C 795 18.29 70.76 16.04
CA PHE C 795 18.29 69.42 15.49
C PHE C 795 16.99 69.22 14.71
N ASN C 796 17.10 69.10 13.39
CA ASN C 796 15.91 69.09 12.52
C ASN C 796 15.26 67.71 12.60
N PHE C 797 14.32 67.57 13.53
CA PHE C 797 13.49 66.36 13.62
C PHE C 797 12.23 66.54 12.77
N SER C 798 12.46 66.58 11.45
CA SER C 798 11.37 66.75 10.51
C SER C 798 11.14 65.54 9.61
N GLN C 799 12.05 64.56 9.63
CA GLN C 799 11.93 63.39 8.78
C GLN C 799 11.32 62.19 9.50
N ILE C 800 11.53 62.07 10.80
CA ILE C 800 11.09 60.90 11.54
C ILE C 800 9.81 61.15 12.33
N LEU C 801 9.47 62.39 12.64
CA LEU C 801 8.25 62.69 13.36
C LEU C 801 7.05 62.56 12.43
N PRO C 802 5.86 62.31 12.98
CA PRO C 802 4.66 62.21 12.13
C PRO C 802 4.34 63.51 11.40
N ASP C 803 3.73 63.36 10.23
CA ASP C 803 3.32 64.42 9.32
C ASP C 803 1.81 64.55 9.29
N PRO C 804 1.27 65.76 9.45
CA PRO C 804 -0.18 65.92 9.54
C PRO C 804 -0.89 66.06 8.21
N SER C 805 -0.13 66.18 7.11
CA SER C 805 -0.75 66.33 5.80
C SER C 805 -1.46 65.06 5.38
N LYS C 806 -0.79 63.93 5.48
CA LYS C 806 -1.42 62.65 5.22
C LYS C 806 -2.39 62.33 6.36
N PRO C 807 -3.59 61.81 6.07
CA PRO C 807 -4.48 61.39 7.16
C PRO C 807 -3.89 60.31 8.05
N SER C 808 -3.11 59.39 7.48
CA SER C 808 -2.31 58.49 8.27
C SER C 808 -1.09 59.24 8.81
N LYS C 809 -0.71 58.92 10.05
CA LYS C 809 0.35 59.65 10.73
C LYS C 809 1.73 59.09 10.44
N ARG C 810 1.91 58.41 9.33
CA ARG C 810 3.22 57.85 8.99
C ARG C 810 4.20 58.97 8.62
N SER C 811 5.43 58.83 9.11
CA SER C 811 6.46 59.82 8.86
C SER C 811 6.95 59.72 7.42
N PRO C 812 7.61 60.77 6.90
CA PRO C 812 8.18 60.68 5.55
C PRO C 812 9.18 59.55 5.35
N ILE C 813 9.95 59.21 6.37
CA ILE C 813 10.83 58.05 6.26
C ILE C 813 10.02 56.76 6.24
N GLU C 814 8.98 56.69 7.08
CA GLU C 814 8.09 55.52 7.07
C GLU C 814 7.33 55.42 5.75
N ASP C 815 6.99 56.57 5.16
CA ASP C 815 6.20 56.56 3.93
C ASP C 815 6.99 55.99 2.77
N LEU C 816 8.30 56.22 2.73
CA LEU C 816 9.12 55.63 1.68
C LEU C 816 9.26 54.13 1.87
N LEU C 817 9.37 53.68 3.12
CA LEU C 817 9.43 52.25 3.40
C LEU C 817 8.11 51.57 3.06
N PHE C 818 7.00 52.23 3.35
CA PHE C 818 5.68 51.70 3.02
C PHE C 818 5.42 51.65 1.52
N ASN C 819 6.17 52.41 0.72
CA ASN C 819 6.02 52.44 -0.72
C ASN C 819 7.21 51.78 -1.42
N LYS C 820 7.78 50.75 -0.79
CA LYS C 820 8.89 50.02 -1.39
C LYS C 820 8.81 48.52 -1.18
N VAL C 821 7.71 48.02 -0.60
CA VAL C 821 7.57 46.58 -0.37
C VAL C 821 6.43 46.03 -1.22
N LYS C 849 -6.55 31.18 -1.92
CA LYS C 849 -7.45 31.63 -0.86
C LYS C 849 -8.83 31.06 -1.07
N PHE C 850 -8.96 30.16 -2.03
CA PHE C 850 -10.26 29.62 -2.44
C PHE C 850 -10.28 28.10 -2.43
N ASN C 851 -9.47 27.49 -1.55
CA ASN C 851 -9.48 26.04 -1.36
C ASN C 851 -9.40 25.69 0.11
N GLY C 852 -9.97 26.53 0.97
CA GLY C 852 -9.86 26.36 2.40
C GLY C 852 -8.72 27.12 3.04
N LEU C 853 -7.84 27.71 2.25
CA LEU C 853 -6.74 28.52 2.79
C LEU C 853 -7.27 29.90 3.15
N THR C 854 -7.03 30.31 4.40
CA THR C 854 -7.50 31.59 4.89
C THR C 854 -6.33 32.39 5.46
N VAL C 855 -6.46 33.71 5.39
CA VAL C 855 -5.48 34.63 5.93
C VAL C 855 -6.17 35.48 6.99
N LEU C 856 -5.65 35.47 8.19
CA LEU C 856 -6.29 36.26 9.22
C LEU C 856 -5.63 37.62 9.35
N PRO C 857 -6.40 38.67 9.64
CA PRO C 857 -5.80 39.98 9.83
C PRO C 857 -5.08 40.05 11.16
N PRO C 858 -4.03 40.86 11.26
CA PRO C 858 -3.35 41.02 12.54
C PRO C 858 -4.21 41.79 13.54
N LEU C 859 -3.91 41.58 14.82
CA LEU C 859 -4.68 42.24 15.87
C LEU C 859 -4.41 43.74 15.90
N LEU C 860 -3.15 44.13 15.82
CA LEU C 860 -2.77 45.54 15.82
C LEU C 860 -2.62 46.01 14.38
N THR C 861 -3.47 46.94 13.96
CA THR C 861 -3.35 47.50 12.64
C THR C 861 -2.17 48.45 12.57
N ASP C 862 -1.80 48.84 11.34
CA ASP C 862 -0.63 49.69 11.14
C ASP C 862 -0.82 51.09 11.71
N GLU C 863 -2.08 51.55 11.82
CA GLU C 863 -2.33 52.83 12.46
C GLU C 863 -1.99 52.80 13.94
N MET C 864 -2.34 51.71 14.61
CA MET C 864 -2.01 51.59 16.04
C MET C 864 -0.53 51.31 16.24
N ILE C 865 0.11 50.66 15.27
CA ILE C 865 1.56 50.47 15.33
C ILE C 865 2.27 51.82 15.23
N ALA C 866 1.73 52.72 14.39
CA ALA C 866 2.33 54.03 14.23
C ALA C 866 2.21 54.88 15.49
N GLN C 867 1.17 54.63 16.30
CA GLN C 867 1.01 55.40 17.53
C GLN C 867 2.00 54.93 18.61
N TYR C 868 2.31 53.63 18.65
CA TYR C 868 3.39 53.16 19.52
C TYR C 868 4.74 53.73 19.08
N THR C 869 4.98 53.77 17.77
CA THR C 869 6.23 54.32 17.26
C THR C 869 6.33 55.81 17.58
N SER C 870 5.22 56.54 17.39
CA SER C 870 5.22 57.98 17.67
C SER C 870 5.36 58.24 19.17
N ALA C 871 4.85 57.35 20.00
CA ALA C 871 5.05 57.47 21.44
C ALA C 871 6.50 57.19 21.81
N LEU C 872 7.14 56.25 21.11
CA LEU C 872 8.52 55.91 21.45
C LEU C 872 9.50 57.01 21.07
N LEU C 873 9.20 57.79 20.04
CA LEU C 873 10.02 58.96 19.75
C LEU C 873 9.83 60.04 20.81
N ALA C 874 8.58 60.25 21.27
CA ALA C 874 8.30 61.36 22.18
C ALA C 874 8.99 61.17 23.52
N GLY C 875 9.20 59.92 23.93
CA GLY C 875 9.92 59.67 25.17
C GLY C 875 11.38 60.05 25.08
N THR C 876 12.03 59.72 23.96
CA THR C 876 13.47 59.94 23.85
C THR C 876 13.81 61.41 23.64
N ILE C 877 12.97 62.15 22.91
CA ILE C 877 13.27 63.55 22.63
C ILE C 877 13.15 64.39 23.89
N THR C 878 12.06 64.22 24.63
CA THR C 878 11.75 65.10 25.74
C THR C 878 12.05 64.51 27.11
N SER C 879 12.50 63.27 27.19
CA SER C 879 12.82 62.69 28.49
C SER C 879 14.08 61.85 28.54
N GLY C 880 14.76 61.63 27.42
CA GLY C 880 15.98 60.84 27.47
C GLY C 880 15.66 59.37 27.67
N TRP C 881 16.44 58.72 28.54
CA TRP C 881 16.25 57.31 28.86
C TRP C 881 15.49 57.12 30.17
N THR C 882 14.95 58.19 30.75
CA THR C 882 14.34 58.11 32.06
C THR C 882 12.95 57.52 32.06
N PHE C 883 12.30 57.41 30.90
CA PHE C 883 10.94 56.90 30.84
C PHE C 883 10.87 55.40 30.66
N GLY C 884 12.01 54.71 30.62
CA GLY C 884 12.02 53.27 30.52
C GLY C 884 12.21 52.58 31.85
N ALA C 885 12.45 53.37 32.90
CA ALA C 885 12.67 52.83 34.24
C ALA C 885 11.82 53.54 35.28
N GLY C 886 10.72 54.18 34.86
CA GLY C 886 9.87 54.90 35.77
C GLY C 886 9.08 55.97 35.05
N PRO C 887 8.55 56.93 35.80
CA PRO C 887 7.86 58.06 35.16
C PRO C 887 8.83 58.95 34.42
N ALA C 888 8.34 59.55 33.33
CA ALA C 888 9.19 60.39 32.48
C ALA C 888 9.51 61.71 33.17
N LEU C 889 10.73 62.19 32.93
CA LEU C 889 11.19 63.46 33.48
C LEU C 889 11.65 64.36 32.34
N GLN C 890 11.18 65.60 32.35
CA GLN C 890 11.54 66.54 31.29
C GLN C 890 12.99 66.98 31.41
N ILE C 891 13.62 67.19 30.26
CA ILE C 891 15.01 67.61 30.17
C ILE C 891 15.26 68.22 28.80
N PRO C 892 15.94 69.35 28.70
CA PRO C 892 16.20 69.94 27.38
C PRO C 892 17.13 69.08 26.54
N PHE C 893 16.88 69.06 25.23
CA PHE C 893 17.63 68.19 24.33
C PHE C 893 19.12 68.52 24.22
N PRO C 894 19.56 69.79 24.12
CA PRO C 894 21.02 70.04 24.16
C PRO C 894 21.69 69.61 25.46
N MET C 895 20.93 69.51 26.54
CA MET C 895 21.49 68.93 27.77
C MET C 895 21.54 67.41 27.70
N GLN C 896 20.71 66.79 26.86
CA GLN C 896 20.70 65.33 26.78
C GLN C 896 21.95 64.79 26.10
N MET C 897 22.37 65.44 25.01
CA MET C 897 23.56 64.98 24.29
C MET C 897 24.83 65.18 25.11
N ALA C 898 24.82 66.13 26.04
CA ALA C 898 25.94 66.25 26.98
C ALA C 898 25.99 65.06 27.92
N TYR C 899 24.83 64.51 28.27
CA TYR C 899 24.79 63.32 29.11
C TYR C 899 25.20 62.06 28.34
N ARG C 900 25.15 62.09 27.01
CA ARG C 900 25.47 60.91 26.22
C ARG C 900 26.90 60.89 25.70
N PHE C 901 27.55 62.05 25.57
CA PHE C 901 29.01 62.05 25.40
C PHE C 901 29.70 61.58 26.67
N ASN C 902 29.07 61.76 27.83
CA ASN C 902 29.66 61.33 29.09
C ASN C 902 29.79 59.83 29.18
N GLY C 903 29.00 59.07 28.41
CA GLY C 903 29.11 57.63 28.43
C GLY C 903 30.32 57.11 27.68
N ILE C 904 30.74 57.81 26.63
CA ILE C 904 31.80 57.32 25.76
C ILE C 904 33.14 57.94 26.15
N GLY C 905 33.22 58.50 27.35
CA GLY C 905 34.48 59.07 27.81
C GLY C 905 34.84 60.39 27.20
N VAL C 906 33.86 61.23 26.89
CA VAL C 906 34.10 62.57 26.36
C VAL C 906 33.36 63.55 27.27
N THR C 907 34.09 64.54 27.78
CA THR C 907 33.52 65.46 28.75
C THR C 907 32.50 66.40 28.09
N GLN C 908 31.77 67.13 28.93
CA GLN C 908 30.66 67.94 28.45
C GLN C 908 31.11 69.14 27.65
N ASN C 909 32.38 69.54 27.79
CA ASN C 909 32.86 70.77 27.16
C ASN C 909 32.93 70.66 25.64
N VAL C 910 32.93 69.44 25.10
CA VAL C 910 33.03 69.28 23.66
C VAL C 910 31.76 69.75 22.97
N LEU C 911 30.59 69.35 23.49
CA LEU C 911 29.33 69.60 22.80
C LEU C 911 28.96 71.08 22.80
N TYR C 912 29.05 71.74 23.96
CA TYR C 912 28.65 73.14 24.05
C TYR C 912 29.58 74.04 23.25
N GLU C 913 30.86 73.65 23.15
CA GLU C 913 31.79 74.42 22.33
C GLU C 913 31.63 74.14 20.84
N ASN C 914 30.84 73.12 20.47
CA ASN C 914 30.63 72.80 19.08
C ASN C 914 29.17 72.47 18.79
N GLN C 915 28.25 73.18 19.43
CA GLN C 915 26.82 72.86 19.33
C GLN C 915 26.30 73.08 17.92
N LYS C 916 26.74 74.15 17.26
CA LYS C 916 26.24 74.45 15.91
C LYS C 916 26.79 73.47 14.90
N LEU C 917 28.07 73.11 15.02
CA LEU C 917 28.69 72.23 14.02
C LEU C 917 28.18 70.80 14.15
N ILE C 918 27.93 70.34 15.38
CA ILE C 918 27.43 68.99 15.60
C ILE C 918 26.02 68.85 15.05
N ALA C 919 25.19 69.88 15.24
CA ALA C 919 23.81 69.84 14.78
C ALA C 919 23.74 69.79 13.26
N ASN C 920 24.67 70.44 12.57
CA ASN C 920 24.70 70.38 11.11
C ASN C 920 25.09 68.99 10.62
N GLN C 921 25.98 68.31 11.34
CA GLN C 921 26.37 66.95 10.97
C GLN C 921 25.20 65.99 11.10
N PHE C 922 24.41 66.13 12.18
CA PHE C 922 23.23 65.29 12.34
C PHE C 922 22.18 65.63 11.30
N ASN C 923 22.03 66.91 10.96
CA ASN C 923 21.02 67.32 10.00
C ASN C 923 21.34 66.79 8.60
N SER C 924 22.61 66.86 8.21
CA SER C 924 22.98 66.43 6.86
C SER C 924 22.99 64.91 6.74
N ALA C 925 23.42 64.21 7.80
CA ALA C 925 23.49 62.75 7.73
C ALA C 925 22.12 62.13 7.67
N ILE C 926 21.15 62.68 8.40
CA ILE C 926 19.82 62.09 8.42
C ILE C 926 19.09 62.37 7.12
N GLY C 927 19.48 63.41 6.39
CA GLY C 927 18.91 63.64 5.08
C GLY C 927 19.43 62.70 4.01
N LYS C 928 20.61 62.11 4.23
CA LYS C 928 21.17 61.17 3.27
C LYS C 928 20.46 59.83 3.31
N ILE C 929 19.80 59.52 4.43
CA ILE C 929 19.17 58.22 4.62
C ILE C 929 18.02 58.04 3.64
N GLN C 930 17.21 59.08 3.45
CA GLN C 930 16.11 59.01 2.50
C GLN C 930 16.60 58.81 1.08
N ASP C 931 17.71 59.46 0.72
CA ASP C 931 18.27 59.30 -0.62
C ASP C 931 18.95 57.94 -0.77
N SER C 932 19.49 57.40 0.33
CA SER C 932 20.21 56.13 0.25
C SER C 932 19.26 54.97 -0.05
N LEU C 933 18.09 54.96 0.58
CA LEU C 933 17.13 53.88 0.33
C LEU C 933 16.54 53.97 -1.06
N SER C 934 16.32 55.19 -1.56
CA SER C 934 15.75 55.35 -2.90
C SER C 934 16.73 54.91 -3.97
N SER C 935 18.02 55.21 -3.80
CA SER C 935 19.01 54.89 -4.82
C SER C 935 19.26 53.39 -4.89
N THR C 936 19.44 52.73 -3.75
CA THR C 936 19.73 51.31 -3.73
C THR C 936 18.49 50.54 -3.33
N PRO C 937 17.87 49.78 -4.23
CA PRO C 937 16.66 49.03 -3.87
C PRO C 937 16.93 47.74 -3.13
N SER C 938 18.19 47.31 -3.00
CA SER C 938 18.53 46.06 -2.36
C SER C 938 18.73 46.19 -0.86
N ALA C 939 18.45 47.37 -0.28
CA ALA C 939 18.58 47.55 1.15
C ALA C 939 17.49 46.81 1.91
N LEU C 940 16.26 46.86 1.42
CA LEU C 940 15.12 46.19 2.06
C LEU C 940 14.98 44.76 1.52
N GLY C 941 15.99 43.96 1.79
CA GLY C 941 16.02 42.60 1.30
C GLY C 941 15.45 41.59 2.27
N LYS C 942 15.73 41.77 3.56
CA LYS C 942 15.30 40.80 4.56
C LYS C 942 13.79 40.82 4.75
N LEU C 943 13.17 42.01 4.68
CA LEU C 943 11.73 42.09 4.79
C LEU C 943 11.04 41.49 3.58
N GLN C 944 11.60 41.70 2.39
CA GLN C 944 10.98 41.19 1.17
C GLN C 944 11.06 39.67 1.10
N ASP C 945 12.16 39.09 1.58
CA ASP C 945 12.31 37.64 1.56
C ASP C 945 11.36 36.95 2.53
N VAL C 946 10.89 37.65 3.57
CA VAL C 946 9.88 37.09 4.45
C VAL C 946 8.56 36.90 3.71
N VAL C 947 8.17 37.90 2.92
CA VAL C 947 6.91 37.83 2.17
C VAL C 947 6.99 36.76 1.09
N ASN C 948 8.09 36.75 0.34
CA ASN C 948 8.20 35.84 -0.80
C ASN C 948 8.32 34.39 -0.36
N HIS C 949 8.94 34.14 0.80
CA HIS C 949 9.00 32.78 1.33
C HIS C 949 7.60 32.26 1.70
N ASN C 950 6.79 33.13 2.31
CA ASN C 950 5.45 32.72 2.70
C ASN C 950 4.52 32.61 1.49
N ALA C 951 4.64 33.56 0.56
CA ALA C 951 3.74 33.58 -0.59
C ALA C 951 4.01 32.40 -1.53
N GLN C 952 5.27 32.02 -1.70
CA GLN C 952 5.58 30.90 -2.58
C GLN C 952 5.13 29.58 -1.96
N ALA C 953 5.20 29.47 -0.63
CA ALA C 953 4.79 28.23 0.03
C ALA C 953 3.30 27.98 -0.13
N LEU C 954 2.49 29.04 -0.06
CA LEU C 954 1.06 28.89 -0.30
C LEU C 954 0.79 28.57 -1.77
N ASN C 955 1.58 29.14 -2.68
CA ASN C 955 1.38 28.90 -4.10
C ASN C 955 1.74 27.47 -4.48
N THR C 956 2.74 26.90 -3.82
CA THR C 956 3.10 25.50 -4.07
C THR C 956 2.02 24.55 -3.56
N LEU C 957 1.33 24.92 -2.48
CA LEU C 957 0.27 24.08 -1.94
C LEU C 957 -0.89 23.96 -2.92
N VAL C 958 -1.26 25.06 -3.57
CA VAL C 958 -2.34 25.03 -4.56
C VAL C 958 -1.90 24.24 -5.79
N LYS C 959 -0.63 24.36 -6.16
CA LYS C 959 -0.13 23.60 -7.30
C LYS C 959 -0.05 22.11 -6.99
N GLN C 960 0.13 21.75 -5.72
CA GLN C 960 0.14 20.34 -5.33
C GLN C 960 -1.24 19.71 -5.38
N LEU C 961 -2.29 20.54 -5.43
CA LEU C 961 -3.66 20.01 -5.50
C LEU C 961 -3.91 19.30 -6.82
N SER C 962 -3.35 19.82 -7.91
CA SER C 962 -3.56 19.26 -9.24
C SER C 962 -2.47 18.24 -9.59
N SER C 963 -2.44 17.16 -8.83
CA SER C 963 -1.50 16.07 -9.06
C SER C 963 -2.20 14.75 -8.82
N LYS C 964 -1.97 13.78 -9.70
CA LYS C 964 -2.68 12.51 -9.66
C LYS C 964 -2.10 11.55 -8.62
N PHE C 965 -0.83 11.75 -8.24
CA PHE C 965 -0.15 10.97 -7.20
C PHE C 965 -0.17 9.48 -7.48
N GLY C 966 0.08 9.11 -8.74
CA GLY C 966 0.12 7.71 -9.11
C GLY C 966 -1.23 7.07 -9.31
N ALA C 967 -2.28 7.86 -9.55
CA ALA C 967 -3.62 7.32 -9.72
C ALA C 967 -4.27 7.86 -10.98
N ILE C 968 -5.57 7.59 -11.13
CA ILE C 968 -6.37 8.17 -12.20
C ILE C 968 -6.61 9.64 -11.90
N SER C 969 -7.17 10.37 -12.88
CA SER C 969 -7.18 11.83 -12.95
C SER C 969 -7.64 12.49 -11.66
N SER C 970 -7.01 13.64 -11.36
CA SER C 970 -7.14 14.29 -10.05
C SER C 970 -8.52 14.88 -9.80
N VAL C 971 -9.37 14.97 -10.83
CA VAL C 971 -10.73 15.45 -10.63
C VAL C 971 -11.49 14.45 -9.78
N LEU C 972 -11.90 14.87 -8.58
CA LEU C 972 -12.43 13.94 -7.58
C LEU C 972 -13.77 13.35 -8.00
N ASN C 973 -14.65 14.18 -8.58
CA ASN C 973 -15.96 13.67 -8.98
C ASN C 973 -15.89 12.77 -10.21
N ASP C 974 -14.77 12.78 -10.94
CA ASP C 974 -14.59 11.85 -12.04
C ASP C 974 -14.54 10.41 -11.54
N ILE C 975 -13.82 10.18 -10.44
CA ILE C 975 -13.77 8.83 -9.85
C ILE C 975 -15.14 8.45 -9.31
N LEU C 976 -15.82 9.40 -8.66
CA LEU C 976 -17.10 9.10 -8.02
C LEU C 976 -18.20 8.82 -9.04
N SER C 977 -18.22 9.56 -10.14
CA SER C 977 -19.30 9.43 -11.10
C SER C 977 -19.09 8.32 -12.12
N ARG C 978 -17.85 8.10 -12.55
CA ARG C 978 -17.56 7.13 -13.61
C ARG C 978 -17.23 5.74 -13.05
N LEU C 979 -16.27 5.66 -12.14
CA LEU C 979 -15.88 4.38 -11.56
C LEU C 979 -16.95 3.91 -10.57
N ASP C 980 -17.08 2.59 -10.46
CA ASP C 980 -18.08 1.99 -9.58
C ASP C 980 -17.75 2.26 -8.12
N PRO C 981 -18.75 2.29 -7.25
CA PRO C 981 -18.49 2.48 -5.80
C PRO C 981 -17.59 1.43 -5.16
N PRO C 982 -17.85 0.12 -5.24
CA PRO C 982 -17.14 -0.79 -4.34
C PRO C 982 -15.71 -1.11 -4.75
N GLU C 983 -15.18 -0.44 -5.76
CA GLU C 983 -13.79 -0.59 -6.17
C GLU C 983 -13.01 0.73 -6.15
N ALA C 984 -13.69 1.88 -6.22
CA ALA C 984 -13.02 3.16 -6.36
C ALA C 984 -12.28 3.60 -5.10
N GLU C 985 -12.50 2.91 -3.97
CA GLU C 985 -11.85 3.32 -2.72
C GLU C 985 -10.35 3.09 -2.75
N VAL C 986 -9.86 2.22 -3.65
CA VAL C 986 -8.42 2.02 -3.75
C VAL C 986 -7.76 3.23 -4.41
N GLN C 987 -8.49 3.96 -5.26
CA GLN C 987 -7.92 5.16 -5.88
C GLN C 987 -8.13 6.39 -5.01
N ILE C 988 -9.22 6.43 -4.23
CA ILE C 988 -9.44 7.52 -3.30
C ILE C 988 -8.40 7.48 -2.19
N ASP C 989 -8.11 6.28 -1.69
CA ASP C 989 -7.15 6.12 -0.59
C ASP C 989 -5.74 6.54 -1.00
N ARG C 990 -5.37 6.31 -2.25
CA ARG C 990 -4.05 6.72 -2.72
C ARG C 990 -3.96 8.24 -2.86
N LEU C 991 -5.04 8.87 -3.32
CA LEU C 991 -5.04 10.32 -3.48
C LEU C 991 -5.05 11.05 -2.14
N ILE C 992 -5.65 10.45 -1.10
CA ILE C 992 -5.76 11.14 0.18
C ILE C 992 -4.40 11.27 0.85
N THR C 993 -3.65 10.18 0.88
CA THR C 993 -2.34 10.20 1.55
C THR C 993 -1.36 11.07 0.78
N GLY C 994 -1.53 11.21 -0.53
CA GLY C 994 -0.72 12.14 -1.28
C GLY C 994 -0.99 13.59 -0.90
N ARG C 995 -2.28 13.93 -0.73
CA ARG C 995 -2.61 15.30 -0.34
C ARG C 995 -2.32 15.54 1.12
N LEU C 996 -2.51 14.53 1.98
CA LEU C 996 -2.28 14.70 3.40
C LEU C 996 -0.79 14.87 3.69
N GLN C 997 0.07 14.16 2.97
CA GLN C 997 1.51 14.32 3.17
C GLN C 997 1.98 15.68 2.71
N SER C 998 1.37 16.21 1.64
CA SER C 998 1.73 17.55 1.18
C SER C 998 1.30 18.62 2.19
N LEU C 999 0.14 18.42 2.82
CA LEU C 999 -0.29 19.34 3.87
C LEU C 999 0.59 19.21 5.10
N GLN C 1000 1.02 17.99 5.43
CA GLN C 1000 1.86 17.78 6.59
C GLN C 1000 3.24 18.39 6.40
N THR C 1001 3.75 18.36 5.17
CA THR C 1001 5.03 18.99 4.88
C THR C 1001 4.96 20.50 5.04
N TYR C 1002 3.86 21.12 4.57
CA TYR C 1002 3.74 22.57 4.61
C TYR C 1002 3.69 23.10 6.04
N VAL C 1003 2.94 22.43 6.92
CA VAL C 1003 2.83 22.90 8.28
C VAL C 1003 4.12 22.67 9.05
N THR C 1004 4.95 21.72 8.59
CA THR C 1004 6.26 21.51 9.22
C THR C 1004 7.22 22.65 8.92
N GLN C 1005 7.25 23.10 7.65
CA GLN C 1005 8.17 24.17 7.26
C GLN C 1005 7.83 25.48 7.95
N GLN C 1006 6.55 25.71 8.25
CA GLN C 1006 6.17 26.91 8.98
C GLN C 1006 6.66 26.88 10.41
N LEU C 1007 6.82 25.68 10.99
CA LEU C 1007 7.25 25.57 12.38
C LEU C 1007 8.70 26.05 12.55
N ILE C 1008 9.58 25.70 11.60
CA ILE C 1008 10.95 26.23 11.64
C ILE C 1008 10.95 27.72 11.35
N ARG C 1009 10.14 28.16 10.37
CA ARG C 1009 10.09 29.57 10.03
C ARG C 1009 9.51 30.40 11.17
N ALA C 1010 8.57 29.83 11.93
CA ALA C 1010 8.08 30.52 13.13
C ALA C 1010 9.18 30.63 14.18
N ALA C 1011 9.99 29.59 14.32
CA ALA C 1011 11.11 29.65 15.25
C ALA C 1011 12.22 30.56 14.73
N GLU C 1012 12.26 30.79 13.41
CA GLU C 1012 13.25 31.70 12.84
C GLU C 1012 12.97 33.14 13.25
N ILE C 1013 11.72 33.58 13.08
CA ILE C 1013 11.38 34.97 13.38
C ILE C 1013 11.30 35.18 14.89
N ARG C 1014 10.97 34.13 15.65
CA ARG C 1014 10.92 34.23 17.10
C ARG C 1014 12.30 34.54 17.68
N ALA C 1015 13.34 33.97 17.10
CA ALA C 1015 14.70 34.35 17.48
C ALA C 1015 15.00 35.79 17.08
N SER C 1016 14.48 36.23 15.94
CA SER C 1016 14.69 37.61 15.51
C SER C 1016 13.81 38.58 16.27
N ALA C 1017 12.62 38.17 16.68
CA ALA C 1017 11.75 39.06 17.45
C ALA C 1017 12.32 39.36 18.82
N ASN C 1018 12.93 38.35 19.45
CA ASN C 1018 13.58 38.59 20.74
C ASN C 1018 14.79 39.48 20.59
N LEU C 1019 15.53 39.34 19.48
CA LEU C 1019 16.67 40.22 19.24
C LEU C 1019 16.20 41.65 18.97
N ALA C 1020 15.09 41.81 18.26
CA ALA C 1020 14.55 43.15 18.05
C ALA C 1020 14.01 43.74 19.34
N ALA C 1021 13.39 42.92 20.19
CA ALA C 1021 12.91 43.40 21.48
C ALA C 1021 14.07 43.71 22.42
N THR C 1022 15.19 42.99 22.28
CA THR C 1022 16.36 43.30 23.09
C THR C 1022 17.01 44.59 22.64
N LYS C 1023 17.06 44.84 21.33
CA LYS C 1023 17.67 46.05 20.81
C LYS C 1023 16.88 47.29 21.20
N MET C 1024 15.54 47.18 21.20
CA MET C 1024 14.73 48.33 21.58
C MET C 1024 14.85 48.63 23.07
N SER C 1025 15.10 47.61 23.88
CA SER C 1025 15.21 47.80 25.31
C SER C 1025 16.56 48.37 25.75
N GLU C 1026 17.56 48.36 24.89
CA GLU C 1026 18.86 48.95 25.24
C GLU C 1026 19.24 50.13 24.35
N CYS C 1027 19.15 49.97 23.03
CA CYS C 1027 19.60 51.05 22.14
C CYS C 1027 18.66 52.26 22.22
N VAL C 1028 17.35 52.02 22.35
CA VAL C 1028 16.38 53.11 22.34
C VAL C 1028 16.17 53.66 23.74
N LEU C 1029 15.88 52.79 24.70
CA LEU C 1029 15.54 53.23 26.05
C LEU C 1029 16.76 53.45 26.93
N GLY C 1030 17.93 53.54 26.30
CA GLY C 1030 19.15 53.79 27.06
C GLY C 1030 20.33 53.92 26.14
N GLN C 1031 21.51 53.93 26.73
CA GLN C 1031 22.77 53.93 25.99
C GLN C 1031 23.52 52.65 26.29
N SER C 1032 23.94 51.94 25.25
CA SER C 1032 24.59 50.65 25.42
C SER C 1032 26.09 50.81 25.55
N LYS C 1033 26.72 49.81 26.18
CA LYS C 1033 28.16 49.73 26.30
C LYS C 1033 28.71 48.49 25.60
N ARG C 1034 27.90 47.81 24.80
CA ARG C 1034 28.34 46.63 24.07
C ARG C 1034 28.90 47.09 22.72
N VAL C 1035 30.13 46.67 22.44
CA VAL C 1035 30.81 47.11 21.22
C VAL C 1035 30.18 46.45 20.01
N ASP C 1036 29.86 47.27 19.00
CA ASP C 1036 29.29 46.82 17.73
C ASP C 1036 27.97 46.07 17.91
N PHE C 1037 27.12 46.59 18.80
CA PHE C 1037 25.78 46.05 18.98
C PHE C 1037 24.70 47.04 18.57
N CYS C 1038 24.70 48.24 19.15
CA CYS C 1038 23.75 49.28 18.78
C CYS C 1038 24.31 50.23 17.75
N GLY C 1039 25.37 49.85 17.04
CA GLY C 1039 25.93 50.70 16.02
C GLY C 1039 27.40 50.41 15.81
N LYS C 1040 27.89 50.79 14.64
CA LYS C 1040 29.30 50.62 14.30
C LYS C 1040 30.08 51.77 14.90
N GLY C 1041 30.66 51.53 16.07
CA GLY C 1041 31.42 52.54 16.76
C GLY C 1041 30.92 52.80 18.17
N TYR C 1042 31.02 54.04 18.63
CA TYR C 1042 30.56 54.43 19.95
C TYR C 1042 29.10 54.87 19.81
N HIS C 1043 28.20 54.11 20.42
CA HIS C 1043 26.77 54.35 20.24
C HIS C 1043 26.33 55.60 21.01
N LEU C 1044 25.46 56.39 20.40
CA LEU C 1044 24.93 57.59 21.03
C LEU C 1044 23.45 57.47 21.34
N MET C 1045 22.62 57.17 20.33
CA MET C 1045 21.18 57.06 20.48
C MET C 1045 20.64 56.30 19.28
N SER C 1046 19.37 55.93 19.35
CA SER C 1046 18.73 55.20 18.27
C SER C 1046 17.32 55.72 18.07
N PHE C 1047 16.79 55.49 16.87
CA PHE C 1047 15.46 55.97 16.48
C PHE C 1047 14.69 54.81 15.86
N PRO C 1048 13.50 54.49 16.36
CA PRO C 1048 12.71 53.43 15.74
C PRO C 1048 11.87 53.94 14.59
N GLN C 1049 11.68 53.08 13.60
CA GLN C 1049 10.78 53.35 12.48
C GLN C 1049 10.04 52.07 12.14
N SER C 1050 8.74 52.20 11.89
CA SER C 1050 7.92 51.04 11.58
C SER C 1050 8.16 50.58 10.15
N ALA C 1051 7.72 49.36 9.86
CA ALA C 1051 7.90 48.74 8.56
C ALA C 1051 6.88 47.63 8.42
N PRO C 1052 6.52 47.24 7.19
CA PRO C 1052 5.61 46.09 7.02
C PRO C 1052 6.28 44.79 7.44
N HIS C 1053 5.72 44.18 8.49
CA HIS C 1053 6.23 42.94 9.09
C HIS C 1053 7.68 43.08 9.54
N GLY C 1054 8.01 44.23 10.12
CA GLY C 1054 9.38 44.46 10.52
C GLY C 1054 9.52 45.78 11.24
N VAL C 1055 10.76 46.28 11.27
CA VAL C 1055 11.09 47.51 11.97
C VAL C 1055 12.33 48.08 11.29
N VAL C 1056 12.62 49.36 11.55
CA VAL C 1056 13.82 50.00 11.03
C VAL C 1056 14.44 50.82 12.16
N PHE C 1057 15.73 50.60 12.42
CA PHE C 1057 16.46 51.37 13.41
C PHE C 1057 17.38 52.36 12.71
N LEU C 1058 17.58 53.50 13.37
CA LEU C 1058 18.47 54.56 12.89
C LEU C 1058 19.54 54.77 13.96
N HIS C 1059 20.60 53.98 13.90
CA HIS C 1059 21.66 54.10 14.90
C HIS C 1059 22.52 55.32 14.62
N VAL C 1060 22.77 56.12 15.66
CA VAL C 1060 23.63 57.29 15.57
C VAL C 1060 24.90 57.01 16.35
N THR C 1061 26.03 56.96 15.65
CA THR C 1061 27.30 56.56 16.24
C THR C 1061 28.29 57.70 16.19
N TYR C 1062 29.36 57.54 16.97
CA TYR C 1062 30.46 58.50 17.05
C TYR C 1062 31.71 57.84 16.49
N VAL C 1063 32.35 58.50 15.53
CA VAL C 1063 33.53 57.97 14.86
C VAL C 1063 34.64 59.01 14.89
N PRO C 1064 35.75 58.75 15.58
CA PRO C 1064 36.88 59.68 15.52
C PRO C 1064 37.59 59.61 14.18
N ALA C 1065 38.29 60.69 13.85
CA ALA C 1065 39.02 60.77 12.59
C ALA C 1065 40.15 61.78 12.73
N GLN C 1066 40.97 61.86 11.68
CA GLN C 1066 42.05 62.85 11.54
C GLN C 1066 43.05 62.75 12.70
N GLU C 1067 43.72 61.60 12.73
CA GLU C 1067 44.64 61.29 13.81
C GLU C 1067 45.97 62.02 13.63
N LYS C 1068 46.74 62.06 14.72
CA LYS C 1068 48.06 62.66 14.72
C LYS C 1068 48.86 62.06 15.88
N ASN C 1069 50.10 61.68 15.60
CA ASN C 1069 50.91 60.92 16.53
C ASN C 1069 51.79 61.83 17.38
N PHE C 1070 52.11 61.36 18.58
CA PHE C 1070 52.90 62.11 19.55
C PHE C 1070 53.86 61.15 20.25
N THR C 1071 54.47 61.62 21.33
CA THR C 1071 55.42 60.86 22.13
C THR C 1071 54.90 60.78 23.57
N THR C 1072 55.02 59.60 24.16
CA THR C 1072 54.38 59.33 25.45
C THR C 1072 55.33 58.61 26.39
N ALA C 1073 55.01 58.68 27.67
CA ALA C 1073 55.71 57.99 28.76
C ALA C 1073 54.75 57.83 29.93
N PRO C 1074 54.67 56.63 30.54
CA PRO C 1074 53.63 56.38 31.55
C PRO C 1074 53.76 57.20 32.83
N ALA C 1075 54.91 57.15 33.48
CA ALA C 1075 55.09 57.82 34.76
C ALA C 1075 56.02 59.01 34.63
N ILE C 1076 55.93 59.92 35.60
CA ILE C 1076 56.74 61.12 35.65
C ILE C 1076 57.25 61.31 37.07
N CYS C 1077 58.56 61.49 37.23
CA CYS C 1077 59.17 61.73 38.53
C CYS C 1077 59.51 63.20 38.67
N HIS C 1078 59.03 63.81 39.75
CA HIS C 1078 59.29 65.22 40.03
C HIS C 1078 60.12 65.42 41.29
N ASP C 1079 59.65 64.93 42.44
CA ASP C 1079 60.32 65.13 43.72
C ASP C 1079 60.83 63.81 44.29
N GLY C 1080 61.36 62.95 43.43
CA GLY C 1080 61.81 61.63 43.82
C GLY C 1080 60.73 60.57 43.84
N LYS C 1081 59.48 60.94 43.56
CA LYS C 1081 58.38 60.00 43.52
C LYS C 1081 57.75 59.98 42.13
N ALA C 1082 57.18 58.84 41.78
CA ALA C 1082 56.55 58.67 40.49
C ALA C 1082 55.14 59.24 40.51
N HIS C 1083 54.67 59.70 39.35
CA HIS C 1083 53.34 60.28 39.23
C HIS C 1083 52.62 59.67 38.04
N PHE C 1084 51.32 59.43 38.22
CA PHE C 1084 50.47 58.79 37.24
C PHE C 1084 49.29 59.70 36.92
N PRO C 1085 48.78 59.67 35.69
CA PRO C 1085 47.61 60.50 35.36
C PRO C 1085 46.36 59.97 36.03
N ARG C 1086 45.58 60.89 36.60
CA ARG C 1086 44.29 60.51 37.19
C ARG C 1086 43.34 59.99 36.13
N GLU C 1087 43.24 60.70 35.01
CA GLU C 1087 42.51 60.21 33.85
C GLU C 1087 43.08 60.89 32.62
N GLY C 1088 43.64 60.10 31.72
CA GLY C 1088 44.31 60.60 30.53
C GLY C 1088 45.69 59.99 30.36
N VAL C 1089 46.38 60.46 29.33
CA VAL C 1089 47.68 59.94 28.94
C VAL C 1089 48.66 61.10 28.80
N PHE C 1090 49.88 60.89 29.28
CA PHE C 1090 50.90 61.93 29.19
C PHE C 1090 51.41 62.04 27.75
N VAL C 1091 51.34 63.25 27.21
CA VAL C 1091 51.67 63.50 25.81
C VAL C 1091 52.58 64.72 25.73
N SER C 1092 53.68 64.58 25.00
CA SER C 1092 54.62 65.68 24.77
C SER C 1092 54.65 66.03 23.29
N ASN C 1093 54.70 67.33 23.00
CA ASN C 1093 54.86 67.80 21.64
C ASN C 1093 56.31 68.04 21.27
N GLY C 1094 57.24 67.83 22.20
CA GLY C 1094 58.65 68.06 21.95
C GLY C 1094 59.31 68.93 22.98
N THR C 1095 58.58 69.93 23.49
CA THR C 1095 59.10 70.86 24.49
C THR C 1095 58.53 70.58 25.88
N HIS C 1096 57.21 70.63 26.02
CA HIS C 1096 56.55 70.47 27.31
C HIS C 1096 55.81 69.14 27.35
N TRP C 1097 55.35 68.79 28.56
CA TRP C 1097 54.59 67.57 28.77
C TRP C 1097 53.16 67.92 29.16
N PHE C 1098 52.20 67.26 28.52
CA PHE C 1098 50.79 67.53 28.73
C PHE C 1098 50.03 66.23 28.96
N VAL C 1099 48.96 66.32 29.74
CA VAL C 1099 48.01 65.24 29.93
C VAL C 1099 46.72 65.60 29.19
N THR C 1100 46.16 64.63 28.47
CA THR C 1100 45.00 64.91 27.65
C THR C 1100 44.09 63.68 27.62
N GLN C 1101 42.88 63.88 27.12
CA GLN C 1101 41.88 62.84 27.05
C GLN C 1101 42.27 61.78 26.01
N ARG C 1102 41.59 60.64 26.08
CA ARG C 1102 41.90 59.54 25.17
C ARG C 1102 41.40 59.81 23.75
N ASN C 1103 40.13 60.12 23.60
CA ASN C 1103 39.49 60.16 22.29
C ASN C 1103 39.39 61.57 21.71
N PHE C 1104 40.02 62.55 22.34
CA PHE C 1104 40.01 63.92 21.83
C PHE C 1104 41.27 64.60 22.31
N TYR C 1105 41.86 65.42 21.45
CA TYR C 1105 43.12 66.10 21.76
C TYR C 1105 42.82 67.40 22.49
N GLU C 1106 43.09 67.44 23.79
CA GLU C 1106 42.91 68.65 24.59
C GLU C 1106 44.01 68.68 25.65
N PRO C 1107 45.17 69.23 25.32
CA PRO C 1107 46.29 69.22 26.27
C PRO C 1107 46.04 70.15 27.45
N GLN C 1108 46.62 69.78 28.59
CA GLN C 1108 46.53 70.58 29.81
C GLN C 1108 47.89 70.57 30.49
N ILE C 1109 48.16 71.62 31.25
CA ILE C 1109 49.39 71.71 32.03
C ILE C 1109 49.21 70.90 33.31
N ILE C 1110 50.26 70.19 33.71
CA ILE C 1110 50.17 69.26 34.83
C ILE C 1110 50.20 70.04 36.14
N THR C 1111 49.18 69.83 36.97
CA THR C 1111 49.13 70.34 38.33
C THR C 1111 49.10 69.16 39.29
N THR C 1112 48.89 69.44 40.58
CA THR C 1112 48.96 68.38 41.57
C THR C 1112 47.63 67.64 41.74
N ASP C 1113 46.51 68.25 41.36
CA ASP C 1113 45.24 67.53 41.41
C ASP C 1113 44.98 66.72 40.14
N ASN C 1114 45.74 66.98 39.08
CA ASN C 1114 45.61 66.21 37.85
C ASN C 1114 46.27 64.84 37.94
N THR C 1115 47.15 64.63 38.91
CA THR C 1115 47.89 63.38 39.05
C THR C 1115 47.69 62.82 40.45
N PHE C 1116 48.09 61.56 40.63
CA PHE C 1116 48.13 60.93 41.95
C PHE C 1116 49.44 60.19 42.08
N VAL C 1117 50.01 60.24 43.29
CA VAL C 1117 51.36 59.76 43.54
C VAL C 1117 51.32 58.36 44.15
N SER C 1118 52.31 57.54 43.79
CA SER C 1118 52.41 56.18 44.35
C SER C 1118 53.87 55.74 44.27
N GLY C 1119 54.58 55.81 45.39
CA GLY C 1119 55.92 55.27 45.47
C GLY C 1119 56.96 56.17 44.82
N ASN C 1120 58.21 55.72 44.90
CA ASN C 1120 59.34 56.48 44.36
C ASN C 1120 59.42 56.31 42.85
N CYS C 1121 60.47 56.86 42.25
CA CYS C 1121 60.61 56.85 40.80
C CYS C 1121 61.85 56.10 40.34
N ASP C 1122 62.09 54.93 40.93
CA ASP C 1122 63.24 54.10 40.57
C ASP C 1122 62.82 52.72 40.07
N VAL C 1123 61.54 52.38 40.10
CA VAL C 1123 61.10 51.03 39.81
C VAL C 1123 60.32 50.92 38.52
N VAL C 1124 59.78 52.01 37.97
CA VAL C 1124 58.96 51.97 36.76
C VAL C 1124 59.83 52.23 35.56
N ILE C 1125 59.73 51.37 34.56
CA ILE C 1125 60.52 51.52 33.33
C ILE C 1125 59.81 52.50 32.41
N GLY C 1126 60.59 53.31 31.69
CA GLY C 1126 60.06 54.28 30.77
C GLY C 1126 59.75 55.63 31.38
N ILE C 1127 59.97 55.81 32.69
CA ILE C 1127 59.69 57.08 33.33
C ILE C 1127 60.70 58.13 32.85
N VAL C 1128 60.22 59.37 32.71
CA VAL C 1128 61.05 60.47 32.26
C VAL C 1128 61.13 61.51 33.38
N ASN C 1129 62.15 62.37 33.28
CA ASN C 1129 62.36 63.42 34.25
C ASN C 1129 61.61 64.68 33.82
N ASN C 1130 60.78 65.20 34.72
CA ASN C 1130 59.98 66.38 34.44
C ASN C 1130 59.58 67.01 35.78
N THR C 1131 58.82 68.10 35.70
CA THR C 1131 58.35 68.80 36.88
C THR C 1131 56.84 68.99 36.79
N VAL C 1132 56.22 69.13 37.95
CA VAL C 1132 54.78 69.34 38.07
C VAL C 1132 54.59 70.74 38.65
N TYR C 1133 54.09 71.66 37.82
CA TYR C 1133 53.90 73.04 38.25
C TYR C 1133 52.54 73.16 38.93
N ASP C 1134 52.55 73.24 40.26
CA ASP C 1134 51.33 73.47 41.02
C ASP C 1134 51.10 74.96 41.13
N PRO C 1135 49.98 75.48 40.62
CA PRO C 1135 49.73 76.93 40.76
C PRO C 1135 49.44 77.38 42.18
N LEU C 1136 49.15 76.45 43.09
CA LEU C 1136 48.89 76.83 44.48
C LEU C 1136 50.17 77.24 45.19
N GLN C 1137 51.32 76.71 44.77
CA GLN C 1137 52.59 77.07 45.41
C GLN C 1137 52.96 78.54 45.24
N PRO C 1138 52.85 79.17 44.06
CA PRO C 1138 53.03 80.63 44.05
C PRO C 1138 51.85 81.38 44.65
N GLU C 1139 50.65 80.83 44.54
CA GLU C 1139 49.45 81.49 45.06
C GLU C 1139 49.50 81.60 46.58
N LEU C 1140 50.02 80.57 47.25
CA LEU C 1140 50.15 80.61 48.70
C LEU C 1140 51.13 81.69 49.14
N ASP C 1141 52.21 81.89 48.38
CA ASP C 1141 53.19 82.91 48.69
C ASP C 1141 52.94 84.23 47.96
N SER C 1142 51.95 84.29 47.06
CA SER C 1142 51.59 85.56 46.44
C SER C 1142 51.00 86.52 47.47
N PHE C 1143 50.14 86.01 48.34
CA PHE C 1143 49.60 86.83 49.43
C PHE C 1143 50.68 87.13 50.45
N LYS C 1144 51.52 86.14 50.77
CA LYS C 1144 52.54 86.32 51.79
C LYS C 1144 53.65 87.26 51.32
N GLU C 1145 54.07 87.11 50.06
CA GLU C 1145 55.15 87.94 49.53
C GLU C 1145 54.62 88.93 48.49
N VAL D 1 -3.20 -77.07 -32.30
CA VAL D 1 -2.96 -78.25 -33.10
C VAL D 1 -4.10 -78.39 -34.11
N GLN D 2 -5.19 -77.66 -33.85
CA GLN D 2 -6.33 -77.63 -34.74
C GLN D 2 -6.99 -76.27 -34.64
N LEU D 3 -7.37 -75.71 -35.79
CA LEU D 3 -7.98 -74.38 -35.84
C LEU D 3 -9.27 -74.43 -36.66
N VAL D 4 -10.24 -73.63 -36.24
CA VAL D 4 -11.53 -73.52 -36.91
C VAL D 4 -11.93 -72.04 -36.97
N GLN D 5 -12.49 -71.64 -38.11
CA GLN D 5 -13.03 -70.29 -38.28
C GLN D 5 -14.54 -70.39 -38.37
N SER D 6 -15.24 -69.81 -37.39
CA SER D 6 -16.68 -69.99 -37.28
C SER D 6 -17.36 -68.66 -37.00
N GLY D 7 -18.53 -68.48 -37.62
CA GLY D 7 -19.34 -67.28 -37.44
C GLY D 7 -19.42 -66.38 -38.65
N GLY D 8 -18.64 -66.64 -39.70
CA GLY D 8 -18.65 -65.81 -40.88
C GLY D 8 -19.70 -66.28 -41.87
N GLY D 9 -20.38 -65.31 -42.48
CA GLY D 9 -21.44 -65.64 -43.43
C GLY D 9 -21.86 -64.49 -44.31
N LEU D 10 -23.16 -64.42 -44.60
CA LEU D 10 -23.72 -63.44 -45.53
C LEU D 10 -24.55 -62.44 -44.72
N VAL D 11 -24.00 -61.23 -44.54
CA VAL D 11 -24.71 -60.14 -43.89
C VAL D 11 -24.67 -58.92 -44.81
N GLN D 12 -25.62 -58.01 -44.60
CA GLN D 12 -25.76 -56.85 -45.45
C GLN D 12 -24.59 -55.88 -45.25
N PRO D 13 -24.21 -55.14 -46.29
CA PRO D 13 -23.15 -54.13 -46.12
C PRO D 13 -23.60 -52.98 -45.23
N GLY D 14 -22.63 -52.40 -44.53
CA GLY D 14 -22.86 -51.33 -43.60
C GLY D 14 -22.99 -51.76 -42.16
N GLY D 15 -23.25 -53.04 -41.91
CA GLY D 15 -23.39 -53.55 -40.57
C GLY D 15 -22.09 -54.06 -40.00
N SER D 16 -22.19 -54.95 -39.02
CA SER D 16 -21.05 -55.54 -38.35
C SER D 16 -21.14 -57.06 -38.43
N LEU D 17 -20.05 -57.69 -38.85
CA LEU D 17 -19.98 -59.14 -38.97
C LEU D 17 -18.94 -59.70 -38.01
N ARG D 18 -19.33 -60.72 -37.24
CA ARG D 18 -18.45 -61.28 -36.23
C ARG D 18 -17.92 -62.63 -36.69
N LEU D 19 -16.68 -62.93 -36.29
CA LEU D 19 -16.04 -64.19 -36.65
C LEU D 19 -15.06 -64.58 -35.55
N SER D 20 -14.91 -65.88 -35.34
CA SER D 20 -14.00 -66.41 -34.34
C SER D 20 -13.02 -67.37 -34.99
N CYS D 21 -11.73 -67.07 -34.86
CA CYS D 21 -10.66 -67.96 -35.28
C CYS D 21 -10.12 -68.62 -34.02
N ALA D 22 -10.41 -69.91 -33.84
CA ALA D 22 -10.18 -70.61 -32.59
C ALA D 22 -9.15 -71.71 -32.81
N ALA D 23 -8.22 -71.83 -31.86
CA ALA D 23 -7.20 -72.87 -31.87
C ALA D 23 -7.43 -73.85 -30.72
N SER D 24 -6.70 -74.97 -30.78
CA SER D 24 -6.72 -75.96 -29.71
C SER D 24 -5.30 -76.31 -29.32
N GLY D 25 -5.02 -76.26 -28.02
CA GLY D 25 -3.71 -76.66 -27.50
C GLY D 25 -2.55 -75.70 -27.66
N ILE D 26 -2.31 -75.23 -28.88
CA ILE D 26 -1.20 -74.32 -29.15
C ILE D 26 -1.58 -72.94 -28.64
N THR D 27 -0.90 -72.47 -27.60
CA THR D 27 -1.22 -71.19 -26.95
C THR D 27 -0.64 -70.06 -27.78
N VAL D 28 -1.49 -69.45 -28.61
CA VAL D 28 -1.06 -68.37 -29.50
C VAL D 28 -1.41 -66.99 -28.97
N SER D 29 -1.83 -66.87 -27.71
CA SER D 29 -2.25 -65.59 -27.17
C SER D 29 -1.09 -64.59 -27.08
N ALA D 30 0.15 -65.06 -27.06
CA ALA D 30 1.31 -64.20 -27.16
C ALA D 30 1.98 -64.25 -28.53
N ASN D 31 1.34 -64.88 -29.51
CA ASN D 31 1.90 -65.07 -30.83
C ASN D 31 1.43 -63.94 -31.75
N TYR D 32 2.03 -63.90 -32.94
CA TYR D 32 1.83 -62.79 -33.88
C TYR D 32 0.73 -63.16 -34.87
N MET D 33 -0.39 -62.44 -34.80
CA MET D 33 -1.57 -62.81 -35.56
C MET D 33 -1.61 -62.00 -36.86
N ASN D 34 -1.74 -62.68 -37.99
CA ASN D 34 -2.00 -61.98 -39.25
C ASN D 34 -3.30 -62.45 -39.87
N TRP D 35 -3.97 -61.51 -40.54
CA TRP D 35 -5.33 -61.67 -41.05
C TRP D 35 -5.34 -61.32 -42.52
N VAL D 36 -5.76 -62.29 -43.37
CA VAL D 36 -5.59 -62.25 -44.82
C VAL D 36 -6.95 -62.48 -45.48
N ARG D 37 -7.19 -61.77 -46.57
CA ARG D 37 -8.38 -61.93 -47.40
C ARG D 37 -8.04 -62.65 -48.70
N GLN D 38 -9.08 -63.13 -49.39
CA GLN D 38 -8.92 -63.62 -50.76
C GLN D 38 -10.23 -63.38 -51.50
N ALA D 39 -10.25 -62.37 -52.36
CA ALA D 39 -11.42 -62.07 -53.17
C ALA D 39 -11.55 -63.07 -54.32
N PRO D 40 -12.78 -63.33 -54.80
CA PRO D 40 -12.94 -64.22 -55.95
C PRO D 40 -12.33 -63.62 -57.21
N GLY D 41 -11.63 -64.47 -57.96
CA GLY D 41 -10.90 -64.01 -59.13
C GLY D 41 -9.71 -63.15 -58.81
N LYS D 42 -9.23 -63.19 -57.55
CA LYS D 42 -8.15 -62.35 -57.08
C LYS D 42 -7.26 -63.15 -56.15
N GLY D 43 -5.98 -62.78 -56.11
CA GLY D 43 -5.05 -63.46 -55.24
C GLY D 43 -5.20 -63.07 -53.78
N LEU D 44 -4.40 -63.72 -52.94
CA LEU D 44 -4.38 -63.43 -51.51
C LEU D 44 -3.82 -62.03 -51.26
N GLU D 45 -4.33 -61.38 -50.22
CA GLU D 45 -3.78 -60.10 -49.80
C GLU D 45 -3.93 -59.94 -48.29
N TRP D 46 -2.82 -59.58 -47.64
CA TRP D 46 -2.82 -59.35 -46.21
C TRP D 46 -3.54 -58.04 -45.88
N VAL D 47 -4.25 -58.03 -44.75
CA VAL D 47 -4.94 -56.85 -44.26
C VAL D 47 -4.49 -56.46 -42.88
N SER D 48 -4.58 -57.38 -41.91
CA SER D 48 -4.46 -56.98 -40.51
C SER D 48 -3.34 -57.72 -39.81
N LEU D 49 -2.77 -57.06 -38.79
CA LEU D 49 -1.79 -57.65 -37.91
C LEU D 49 -2.06 -57.19 -36.48
N ILE D 50 -1.98 -58.13 -35.54
CA ILE D 50 -2.03 -57.80 -34.12
C ILE D 50 -1.02 -58.66 -33.37
N TYR D 51 -0.25 -58.03 -32.51
CA TYR D 51 0.90 -58.64 -31.84
C TYR D 51 0.58 -58.89 -30.37
N ALA D 52 1.58 -59.36 -29.64
CA ALA D 52 1.44 -59.54 -28.20
C ALA D 52 1.31 -58.20 -27.49
N GLY D 53 2.07 -57.20 -27.93
CA GLY D 53 1.93 -55.87 -27.38
C GLY D 53 0.69 -55.17 -27.90
N GLY D 54 0.38 -54.04 -27.27
CA GLY D 54 -0.78 -53.25 -27.67
C GLY D 54 -0.54 -52.40 -28.89
N SER D 55 -0.38 -53.04 -30.05
CA SER D 55 -0.11 -52.33 -31.30
C SER D 55 -0.89 -53.02 -32.42
N THR D 56 -1.72 -52.25 -33.12
CA THR D 56 -2.54 -52.75 -34.21
C THR D 56 -2.12 -52.10 -35.51
N PHE D 57 -1.76 -52.91 -36.50
CA PHE D 57 -1.44 -52.44 -37.84
C PHE D 57 -2.43 -53.05 -38.82
N TYR D 58 -3.04 -52.21 -39.65
CA TYR D 58 -4.05 -52.62 -40.60
C TYR D 58 -3.59 -52.31 -42.02
N ALA D 59 -4.43 -52.67 -42.99
CA ALA D 59 -4.14 -52.37 -44.39
C ALA D 59 -4.34 -50.88 -44.66
N ASP D 60 -3.70 -50.40 -45.74
CA ASP D 60 -3.83 -48.99 -46.11
C ASP D 60 -5.22 -48.69 -46.67
N SER D 61 -5.84 -49.66 -47.33
CA SER D 61 -7.10 -49.41 -48.01
C SER D 61 -8.26 -49.33 -47.01
N VAL D 62 -8.29 -50.21 -46.03
CA VAL D 62 -9.43 -50.30 -45.11
C VAL D 62 -9.16 -49.59 -43.79
N LYS D 63 -7.95 -49.74 -43.22
CA LYS D 63 -7.50 -49.09 -42.00
C LYS D 63 -8.41 -49.35 -40.81
N GLY D 64 -9.33 -48.43 -40.54
CA GLY D 64 -10.12 -48.45 -39.32
C GLY D 64 -11.48 -49.10 -39.42
N ARG D 65 -11.70 -49.93 -40.44
CA ARG D 65 -12.95 -50.65 -40.61
C ARG D 65 -12.89 -52.07 -40.05
N PHE D 66 -11.84 -52.39 -39.30
CA PHE D 66 -11.63 -53.72 -38.73
C PHE D 66 -11.49 -53.61 -37.22
N THR D 67 -11.94 -54.65 -36.51
CA THR D 67 -11.72 -54.75 -35.08
C THR D 67 -11.24 -56.16 -34.76
N ILE D 68 -10.22 -56.27 -33.91
CA ILE D 68 -9.66 -57.57 -33.53
C ILE D 68 -9.42 -57.58 -32.03
N SER D 69 -9.77 -58.70 -31.39
CA SER D 69 -9.54 -58.88 -29.96
C SER D 69 -9.17 -60.34 -29.71
N ARG D 70 -8.42 -60.57 -28.63
CA ARG D 70 -7.92 -61.89 -28.28
C ARG D 70 -8.46 -62.28 -26.91
N HIS D 71 -8.92 -63.53 -26.80
CA HIS D 71 -9.39 -64.04 -25.52
C HIS D 71 -8.22 -64.24 -24.57
N ASN D 72 -8.43 -63.91 -23.30
CA ASN D 72 -7.37 -63.95 -22.29
C ASN D 72 -7.23 -65.30 -21.60
N SER D 73 -8.21 -66.20 -21.76
CA SER D 73 -8.13 -67.54 -21.18
C SER D 73 -7.92 -68.64 -22.22
N ASN D 74 -8.52 -68.51 -23.39
CA ASN D 74 -8.33 -69.45 -24.48
C ASN D 74 -7.69 -68.73 -25.67
N ASN D 75 -7.17 -69.52 -26.60
CA ASN D 75 -6.51 -69.00 -27.79
C ASN D 75 -7.50 -68.82 -28.94
N THR D 76 -8.48 -67.96 -28.71
CA THR D 76 -9.53 -67.63 -29.67
C THR D 76 -9.49 -66.15 -29.98
N LEU D 77 -9.56 -65.80 -31.26
CA LEU D 77 -9.53 -64.43 -31.71
C LEU D 77 -10.90 -64.05 -32.25
N TYR D 78 -11.50 -63.00 -31.70
CA TYR D 78 -12.78 -62.47 -32.16
C TYR D 78 -12.53 -61.25 -33.03
N LEU D 79 -13.07 -61.25 -34.24
CA LEU D 79 -12.85 -60.18 -35.18
C LEU D 79 -14.17 -59.68 -35.77
N GLN D 80 -14.23 -58.38 -35.99
CA GLN D 80 -15.47 -57.65 -36.23
C GLN D 80 -15.30 -56.79 -37.48
N MET D 81 -16.22 -56.96 -38.43
CA MET D 81 -16.27 -56.16 -39.64
C MET D 81 -17.25 -55.02 -39.41
N ASN D 82 -16.76 -53.79 -39.58
CA ASN D 82 -17.56 -52.59 -39.41
C ASN D 82 -17.59 -51.81 -40.71
N SER D 83 -18.76 -51.29 -41.07
CA SER D 83 -19.01 -50.54 -42.31
C SER D 83 -18.63 -51.37 -43.54
N LEU D 84 -19.34 -52.48 -43.68
CA LEU D 84 -19.08 -53.42 -44.76
C LEU D 84 -19.51 -52.84 -46.11
N ARG D 85 -18.95 -53.42 -47.18
CA ARG D 85 -19.23 -53.04 -48.55
C ARG D 85 -19.49 -54.29 -49.37
N PRO D 86 -20.32 -54.19 -50.43
CA PRO D 86 -20.53 -55.38 -51.28
C PRO D 86 -19.28 -55.80 -52.05
N GLU D 87 -18.36 -54.88 -52.31
CA GLU D 87 -17.11 -55.25 -52.97
C GLU D 87 -16.12 -55.97 -52.05
N ASP D 88 -16.41 -56.03 -50.75
CA ASP D 88 -15.56 -56.69 -49.78
C ASP D 88 -15.80 -58.20 -49.69
N THR D 89 -16.42 -58.81 -50.70
CA THR D 89 -16.63 -60.25 -50.71
C THR D 89 -15.30 -60.97 -50.90
N ALA D 90 -14.99 -61.89 -49.99
CA ALA D 90 -13.72 -62.58 -49.93
C ALA D 90 -13.82 -63.72 -48.93
N MET D 91 -13.06 -64.78 -49.17
CA MET D 91 -12.86 -65.80 -48.14
C MET D 91 -11.75 -65.35 -47.19
N TYR D 92 -11.80 -65.88 -45.98
CA TYR D 92 -11.06 -65.36 -44.83
C TYR D 92 -9.98 -66.35 -44.39
N TYR D 93 -8.81 -65.83 -44.04
CA TYR D 93 -7.70 -66.64 -43.54
C TYR D 93 -7.10 -65.99 -42.31
N CYS D 94 -6.99 -66.76 -41.23
CA CYS D 94 -6.30 -66.33 -40.02
C CYS D 94 -5.04 -67.17 -39.84
N ALA D 95 -3.96 -66.54 -39.41
CA ALA D 95 -2.70 -67.28 -39.29
C ALA D 95 -1.88 -66.73 -38.14
N ARG D 96 -0.90 -67.54 -37.72
CA ARG D 96 -0.03 -67.28 -36.58
C ARG D 96 1.41 -67.08 -37.03
N ASP D 97 1.59 -66.30 -38.10
CA ASP D 97 2.87 -66.20 -38.78
C ASP D 97 3.96 -65.52 -37.96
N LEU D 98 4.93 -66.30 -37.51
CA LEU D 98 6.16 -65.77 -36.94
C LEU D 98 7.06 -65.26 -38.05
N LEU D 99 7.90 -64.27 -37.71
CA LEU D 99 8.80 -63.70 -38.71
C LEU D 99 9.83 -64.71 -39.21
N GLU D 100 10.22 -65.67 -38.37
CA GLU D 100 11.21 -66.66 -38.78
C GLU D 100 10.63 -67.62 -39.83
N ALA D 101 9.46 -68.20 -39.57
CA ALA D 101 8.90 -69.21 -40.45
C ALA D 101 7.55 -68.85 -41.03
N GLY D 102 6.60 -68.43 -40.21
CA GLY D 102 5.24 -68.18 -40.68
C GLY D 102 4.52 -69.44 -41.11
N GLY D 103 4.32 -70.36 -40.17
CA GLY D 103 3.84 -71.69 -40.49
C GLY D 103 2.39 -71.94 -40.13
N MET D 104 2.00 -73.21 -40.28
CA MET D 104 0.68 -73.80 -39.98
C MET D 104 -0.50 -72.95 -40.40
N ASP D 105 -0.64 -72.71 -41.71
CA ASP D 105 -1.77 -71.97 -42.24
C ASP D 105 -3.05 -72.80 -42.15
N VAL D 106 -4.18 -72.10 -42.23
CA VAL D 106 -5.50 -72.66 -41.99
C VAL D 106 -6.30 -72.62 -43.28
N TRP D 107 -7.18 -73.61 -43.46
CA TRP D 107 -8.01 -73.68 -44.66
C TRP D 107 -8.95 -72.48 -44.78
N GLY D 108 -9.55 -72.07 -43.67
CA GLY D 108 -10.38 -70.88 -43.66
C GLY D 108 -11.80 -71.09 -44.14
N GLN D 109 -12.76 -70.53 -43.40
CA GLN D 109 -14.16 -70.63 -43.79
C GLN D 109 -14.45 -69.75 -44.99
N GLY D 110 -15.09 -70.32 -46.01
CA GLY D 110 -15.48 -69.57 -47.19
C GLY D 110 -16.59 -68.58 -46.91
N THR D 111 -16.37 -67.31 -47.23
CA THR D 111 -17.31 -66.25 -46.90
C THR D 111 -17.53 -65.36 -48.11
N ALA D 112 -18.67 -64.68 -48.11
CA ALA D 112 -19.02 -63.73 -49.15
C ALA D 112 -19.83 -62.60 -48.55
N VAL D 113 -19.59 -61.37 -49.01
CA VAL D 113 -20.26 -60.18 -48.51
C VAL D 113 -21.09 -59.60 -49.64
N THR D 114 -22.40 -59.50 -49.41
CA THR D 114 -23.34 -58.92 -50.37
C THR D 114 -24.58 -58.47 -49.62
N VAL D 115 -25.55 -57.96 -50.37
CA VAL D 115 -26.80 -57.48 -49.78
C VAL D 115 -27.63 -58.64 -49.23
N GLU E 1 4.39 -51.53 -52.61
CA GLU E 1 5.79 -51.15 -52.53
C GLU E 1 6.64 -52.11 -53.35
N LEU E 2 6.88 -53.30 -52.82
CA LEU E 2 7.66 -54.31 -53.51
C LEU E 2 6.83 -54.92 -54.65
N VAL E 3 7.37 -54.89 -55.86
CA VAL E 3 6.76 -55.55 -57.01
C VAL E 3 7.45 -56.90 -57.20
N LEU E 4 6.65 -57.93 -57.47
CA LEU E 4 7.13 -59.30 -57.58
C LEU E 4 6.39 -59.98 -58.72
N THR E 5 7.02 -60.08 -59.89
CA THR E 5 6.43 -60.80 -61.01
C THR E 5 6.88 -62.25 -60.94
N GLN E 6 5.94 -63.16 -60.71
CA GLN E 6 6.23 -64.56 -60.51
C GLN E 6 6.01 -65.29 -61.83
N SER E 7 7.06 -65.92 -62.35
CA SER E 7 7.03 -66.39 -63.73
C SER E 7 7.36 -67.87 -63.81
N PRO E 8 6.78 -68.60 -64.79
CA PRO E 8 5.79 -68.16 -65.78
C PRO E 8 4.35 -68.41 -65.35
N GLY E 9 3.40 -67.66 -65.92
CA GLY E 9 2.01 -67.81 -65.52
C GLY E 9 1.33 -69.06 -66.04
N THR E 10 1.88 -69.68 -67.09
CA THR E 10 1.35 -70.92 -67.64
C THR E 10 2.45 -71.97 -67.68
N LEU E 11 2.12 -73.19 -67.28
CA LEU E 11 3.06 -74.29 -67.28
C LEU E 11 2.49 -75.46 -68.08
N SER E 12 3.37 -76.17 -68.76
CA SER E 12 3.04 -77.38 -69.51
C SER E 12 3.88 -78.56 -69.04
N LEU E 13 4.03 -78.70 -67.72
CA LEU E 13 4.96 -79.65 -67.14
C LEU E 13 4.36 -81.06 -67.10
N SER E 14 5.09 -81.96 -66.45
CA SER E 14 4.72 -83.35 -66.26
C SER E 14 5.52 -83.87 -65.08
N PRO E 15 4.96 -84.72 -64.23
CA PRO E 15 5.71 -85.16 -63.04
C PRO E 15 6.88 -86.06 -63.41
N GLY E 16 7.94 -85.97 -62.61
CA GLY E 16 9.13 -86.76 -62.83
C GLY E 16 10.20 -86.09 -63.67
N GLU E 17 10.23 -84.75 -63.71
CA GLU E 17 11.23 -84.04 -64.50
C GLU E 17 11.60 -82.75 -63.78
N ARG E 18 12.70 -82.14 -64.22
CA ARG E 18 13.26 -80.97 -63.54
C ARG E 18 12.46 -79.72 -63.87
N ALA E 19 12.18 -78.92 -62.84
CA ALA E 19 11.48 -77.65 -63.01
C ALA E 19 12.13 -76.57 -62.17
N THR E 20 12.29 -75.39 -62.78
CA THR E 20 12.88 -74.22 -62.13
C THR E 20 11.85 -73.09 -62.18
N LEU E 21 11.49 -72.58 -61.00
CA LEU E 21 10.41 -71.61 -60.85
C LEU E 21 10.93 -70.37 -60.16
N SER E 22 10.60 -69.20 -60.70
CA SER E 22 11.24 -67.95 -60.29
C SER E 22 10.22 -66.89 -59.92
N CYS E 23 10.62 -66.00 -59.00
CA CYS E 23 9.88 -64.80 -58.66
C CYS E 23 10.82 -63.60 -58.74
N ARG E 24 10.35 -62.50 -59.33
CA ARG E 24 11.15 -61.32 -59.57
C ARG E 24 10.78 -60.23 -58.57
N ALA E 25 11.76 -59.78 -57.79
CA ALA E 25 11.56 -58.75 -56.79
C ALA E 25 11.82 -57.36 -57.38
N SER E 26 11.78 -56.34 -56.52
CA SER E 26 11.88 -54.96 -56.96
C SER E 26 13.30 -54.41 -56.89
N LEU E 27 13.89 -54.33 -55.69
CA LEU E 27 15.16 -53.64 -55.49
C LEU E 27 16.10 -54.47 -54.61
N SER E 28 16.85 -55.38 -55.23
CA SER E 28 18.04 -56.03 -54.64
C SER E 28 17.73 -56.72 -53.31
N VAL E 29 16.55 -57.33 -53.23
CA VAL E 29 16.01 -57.83 -51.97
C VAL E 29 16.85 -58.99 -51.45
N SER E 30 16.88 -59.16 -50.12
CA SER E 30 17.55 -60.29 -49.50
C SER E 30 16.61 -61.49 -49.41
N SER E 31 17.13 -62.60 -48.89
CA SER E 31 16.37 -63.83 -48.77
C SER E 31 16.29 -64.38 -47.34
N ASN E 32 16.90 -63.70 -46.37
CA ASN E 32 16.90 -64.18 -44.99
C ASN E 32 15.52 -64.14 -44.34
N PHE E 33 14.58 -63.35 -44.86
CA PHE E 33 13.21 -63.35 -44.39
C PHE E 33 12.24 -63.75 -45.50
N LEU E 34 12.75 -64.39 -46.55
CA LEU E 34 11.91 -64.86 -47.64
C LEU E 34 11.11 -66.08 -47.22
N ALA E 35 9.91 -66.20 -47.79
CA ALA E 35 9.00 -67.30 -47.52
C ALA E 35 8.45 -67.84 -48.84
N TRP E 36 8.90 -69.03 -49.23
CA TRP E 36 8.24 -69.81 -50.26
C TRP E 36 7.23 -70.71 -49.56
N TYR E 37 5.99 -70.72 -50.05
CA TYR E 37 5.02 -71.62 -49.44
C TYR E 37 3.95 -72.05 -50.44
N GLN E 38 3.51 -73.30 -50.29
CA GLN E 38 2.58 -73.93 -51.20
C GLN E 38 1.14 -73.51 -50.86
N GLN E 39 0.24 -73.73 -51.82
CA GLN E 39 -1.16 -73.40 -51.65
C GLN E 39 -1.98 -74.27 -52.60
N LYS E 40 -2.97 -74.96 -52.06
CA LYS E 40 -3.93 -75.70 -52.88
C LYS E 40 -5.28 -75.01 -52.77
N PRO E 41 -5.84 -74.51 -53.88
CA PRO E 41 -7.11 -73.78 -53.80
C PRO E 41 -8.26 -74.69 -53.37
N GLY E 42 -9.12 -74.14 -52.51
CA GLY E 42 -10.20 -74.90 -51.93
C GLY E 42 -9.83 -75.67 -50.67
N GLN E 43 -8.57 -75.68 -50.29
CA GLN E 43 -8.12 -76.39 -49.09
C GLN E 43 -7.12 -75.50 -48.36
N ALA E 44 -6.38 -76.10 -47.42
CA ALA E 44 -5.36 -75.54 -46.53
C ALA E 44 -4.01 -75.48 -47.24
N PRO E 45 -3.36 -74.32 -47.24
CA PRO E 45 -2.03 -74.20 -47.83
C PRO E 45 -0.95 -74.75 -46.91
N ARG E 46 0.24 -74.94 -47.47
CA ARG E 46 1.35 -75.54 -46.76
C ARG E 46 2.61 -74.71 -46.95
N LEU E 47 3.61 -74.99 -46.11
CA LEU E 47 4.87 -74.25 -46.09
C LEU E 47 5.97 -75.04 -46.78
N LEU E 48 6.82 -74.33 -47.53
CA LEU E 48 7.91 -74.95 -48.27
C LEU E 48 9.25 -74.78 -47.57
N VAL E 49 9.66 -73.54 -47.32
CA VAL E 49 10.98 -73.25 -46.76
C VAL E 49 10.92 -71.87 -46.14
N TYR E 50 11.65 -71.68 -45.04
CA TYR E 50 11.77 -70.39 -44.39
C TYR E 50 13.20 -69.88 -44.58
N GLY E 51 13.32 -68.64 -45.06
CA GLY E 51 14.62 -68.03 -45.25
C GLY E 51 15.40 -68.56 -46.44
N ALA E 52 14.80 -69.51 -47.18
CA ALA E 52 15.40 -70.16 -48.35
C ALA E 52 16.74 -70.82 -48.05
N SER E 53 16.92 -71.26 -46.80
CA SER E 53 18.17 -71.90 -46.38
C SER E 53 17.96 -73.32 -45.87
N SER E 54 17.00 -73.53 -44.99
CA SER E 54 16.71 -74.86 -44.45
C SER E 54 15.25 -75.18 -44.71
N ARG E 55 14.99 -76.35 -45.31
CA ARG E 55 13.65 -76.71 -45.75
C ARG E 55 12.73 -77.00 -44.56
N ALA E 56 11.44 -76.78 -44.78
CA ALA E 56 10.43 -76.92 -43.73
C ALA E 56 9.96 -78.37 -43.63
N THR E 57 8.87 -78.58 -42.88
CA THR E 57 8.38 -79.90 -42.55
C THR E 57 7.46 -80.45 -43.64
N ASP E 58 7.16 -81.75 -43.51
CA ASP E 58 6.23 -82.51 -44.36
C ASP E 58 6.68 -82.58 -45.81
N ILE E 59 7.95 -82.33 -46.09
CA ILE E 59 8.49 -82.32 -47.44
C ILE E 59 9.73 -83.21 -47.47
N PRO E 60 9.98 -83.97 -48.56
CA PRO E 60 11.24 -84.74 -48.66
C PRO E 60 12.51 -83.89 -48.78
N ASP E 61 12.37 -82.56 -48.82
CA ASP E 61 13.49 -81.61 -48.74
C ASP E 61 14.45 -81.73 -49.91
N ARG E 62 13.92 -81.80 -51.13
CA ARG E 62 14.73 -81.89 -52.34
C ARG E 62 14.78 -80.56 -53.10
N ILE E 63 14.15 -79.51 -52.58
CA ILE E 63 14.04 -78.25 -53.28
C ILE E 63 15.31 -77.44 -53.04
N SER E 64 16.04 -77.13 -54.12
CA SER E 64 17.14 -76.17 -54.04
C SER E 64 16.55 -74.80 -54.33
N GLY E 65 16.04 -74.17 -53.26
CA GLY E 65 15.37 -72.89 -53.40
C GLY E 65 16.07 -71.78 -52.66
N SER E 66 16.57 -70.80 -53.39
CA SER E 66 17.33 -69.70 -52.79
C SER E 66 17.39 -68.54 -53.78
N GLY E 67 18.23 -67.57 -53.47
CA GLY E 67 18.45 -66.45 -54.36
C GLY E 67 18.98 -65.25 -53.59
N SER E 68 19.32 -64.22 -54.36
CA SER E 68 19.75 -62.95 -53.81
C SER E 68 19.46 -61.86 -54.83
N GLY E 69 19.45 -60.62 -54.35
CA GLY E 69 19.16 -59.49 -55.22
C GLY E 69 17.75 -59.54 -55.74
N THR E 70 17.60 -59.47 -57.05
CA THR E 70 16.31 -59.66 -57.69
C THR E 70 16.09 -61.10 -58.15
N ASP E 71 17.07 -61.97 -57.95
CA ASP E 71 17.01 -63.34 -58.48
C ASP E 71 16.64 -64.29 -57.35
N PHE E 72 15.38 -64.71 -57.31
CA PHE E 72 14.92 -65.72 -56.38
C PHE E 72 14.22 -66.83 -57.14
N THR E 73 14.62 -68.07 -56.87
CA THR E 73 14.06 -69.20 -57.60
C THR E 73 14.15 -70.45 -56.74
N LEU E 74 13.47 -71.49 -57.21
CA LEU E 74 13.58 -72.82 -56.64
C LEU E 74 13.71 -73.81 -57.80
N ASN E 75 14.67 -74.72 -57.68
CA ASN E 75 14.82 -75.82 -58.62
C ASN E 75 14.42 -77.09 -57.88
N ILE E 76 13.44 -77.81 -58.42
CA ILE E 76 13.01 -79.07 -57.83
C ILE E 76 13.82 -80.19 -58.47
N SER E 77 14.36 -81.07 -57.62
CA SER E 77 15.17 -82.18 -58.14
C SER E 77 14.31 -83.17 -58.90
N ARG E 78 13.17 -83.55 -58.32
CA ARG E 78 12.25 -84.51 -58.94
C ARG E 78 10.83 -84.05 -58.66
N LEU E 79 10.04 -83.82 -59.71
CA LEU E 79 8.65 -83.47 -59.53
C LEU E 79 7.83 -84.68 -59.07
N GLU E 80 6.70 -84.38 -58.43
CA GLU E 80 5.75 -85.38 -57.97
C GLU E 80 4.35 -84.99 -58.41
N PRO E 81 3.46 -85.96 -58.63
CA PRO E 81 2.07 -85.62 -58.98
C PRO E 81 1.31 -84.95 -57.85
N GLU E 82 1.77 -85.07 -56.60
CA GLU E 82 1.13 -84.39 -55.48
C GLU E 82 1.49 -82.90 -55.40
N ASP E 83 2.45 -82.45 -56.20
CA ASP E 83 2.95 -81.08 -56.13
C ASP E 83 2.20 -80.11 -57.02
N PHE E 84 1.14 -80.56 -57.70
CA PHE E 84 0.39 -79.71 -58.62
C PHE E 84 -0.46 -78.72 -57.81
N ALA E 85 0.21 -77.66 -57.36
CA ALA E 85 -0.40 -76.61 -56.57
C ALA E 85 0.22 -75.28 -56.96
N VAL E 86 -0.25 -74.20 -56.35
CA VAL E 86 0.27 -72.86 -56.64
C VAL E 86 1.24 -72.45 -55.52
N TYR E 87 2.43 -72.01 -55.92
CA TYR E 87 3.46 -71.61 -54.98
C TYR E 87 3.50 -70.10 -54.85
N TYR E 88 3.69 -69.62 -53.63
CA TYR E 88 3.73 -68.19 -53.33
C TYR E 88 5.14 -67.81 -52.87
N CYS E 89 5.70 -66.80 -53.53
CA CYS E 89 6.97 -66.19 -53.17
C CYS E 89 6.68 -64.97 -52.31
N GLN E 90 7.40 -64.83 -51.19
CA GLN E 90 7.09 -63.82 -50.20
C GLN E 90 8.38 -63.28 -49.60
N TYR E 91 8.34 -62.01 -49.17
CA TYR E 91 9.43 -61.47 -48.37
C TYR E 91 8.82 -60.60 -47.29
N SER E 92 9.45 -60.59 -46.12
CA SER E 92 8.94 -59.90 -44.94
C SER E 92 9.93 -58.84 -44.47
N ASP E 93 9.40 -57.74 -43.95
CA ASP E 93 10.21 -56.65 -43.43
C ASP E 93 10.03 -56.40 -41.94
N GLY E 94 8.93 -56.84 -41.34
CA GLY E 94 8.62 -56.57 -39.97
C GLY E 94 7.76 -55.35 -39.74
N SER E 95 7.70 -54.44 -40.70
CA SER E 95 6.82 -53.28 -40.66
C SER E 95 6.09 -53.04 -41.95
N SER E 96 6.52 -53.63 -43.06
CA SER E 96 5.84 -53.54 -44.34
C SER E 96 5.61 -54.96 -44.85
N TRP E 97 4.41 -55.22 -45.36
CA TRP E 97 3.97 -56.57 -45.69
C TRP E 97 3.41 -56.56 -47.10
N THR E 98 4.04 -57.32 -48.00
CA THR E 98 3.63 -57.39 -49.40
C THR E 98 3.53 -58.85 -49.81
N PHE E 99 2.58 -59.12 -50.70
CA PHE E 99 2.34 -60.47 -51.20
C PHE E 99 2.85 -60.61 -52.62
N GLY E 100 2.66 -61.81 -53.17
CA GLY E 100 2.97 -62.08 -54.56
C GLY E 100 1.98 -63.06 -55.15
N GLN E 101 1.37 -62.70 -56.28
CA GLN E 101 0.37 -63.56 -56.90
C GLN E 101 1.03 -64.78 -57.49
N GLY E 102 0.57 -65.96 -57.09
CA GLY E 102 1.24 -67.19 -57.43
C GLY E 102 1.04 -67.61 -58.86
N THR E 103 1.80 -68.64 -59.24
CA THR E 103 1.83 -69.12 -60.61
C THR E 103 1.16 -70.49 -60.74
N ARG E 104 0.48 -70.68 -61.86
CA ARG E 104 -0.36 -71.86 -62.08
C ARG E 104 0.45 -72.95 -62.75
N LEU E 105 0.66 -74.07 -62.05
CA LEU E 105 1.36 -75.23 -62.61
C LEU E 105 0.34 -76.30 -62.98
N GLU E 106 0.05 -76.42 -64.28
CA GLU E 106 -0.76 -77.50 -64.80
C GLU E 106 -0.01 -78.18 -65.93
N ILE E 107 -0.69 -79.08 -66.63
CA ILE E 107 -0.10 -79.77 -67.77
C ILE E 107 -0.56 -79.10 -69.06
N VAL F 1 -53.99 -77.53 2.86
CA VAL F 1 -53.77 -78.62 3.80
C VAL F 1 -52.83 -79.64 3.15
N GLN F 2 -52.66 -79.54 1.83
CA GLN F 2 -51.81 -80.46 1.09
C GLN F 2 -51.09 -79.67 0.00
N LEU F 3 -49.88 -80.11 -0.31
CA LEU F 3 -49.00 -79.40 -1.24
C LEU F 3 -48.51 -80.34 -2.32
N VAL F 4 -48.19 -79.77 -3.49
CA VAL F 4 -47.68 -80.50 -4.63
C VAL F 4 -46.48 -79.74 -5.20
N GLN F 5 -45.45 -80.48 -5.61
CA GLN F 5 -44.27 -79.93 -6.25
C GLN F 5 -44.23 -80.40 -7.70
N SER F 6 -43.99 -79.48 -8.62
CA SER F 6 -44.07 -79.79 -10.05
C SER F 6 -42.90 -79.18 -10.80
N GLY F 7 -42.35 -79.94 -11.74
CA GLY F 7 -41.27 -79.48 -12.59
C GLY F 7 -39.94 -80.17 -12.39
N GLY F 8 -39.83 -81.10 -11.44
CA GLY F 8 -38.55 -81.73 -11.18
C GLY F 8 -38.16 -82.74 -12.23
N GLY F 9 -36.88 -83.09 -12.23
CA GLY F 9 -36.35 -84.06 -13.16
C GLY F 9 -34.91 -84.43 -12.89
N LEU F 10 -34.14 -84.67 -13.95
CA LEU F 10 -32.73 -85.02 -13.82
C LEU F 10 -31.96 -84.19 -14.85
N VAL F 11 -31.06 -83.34 -14.38
CA VAL F 11 -30.25 -82.48 -15.24
C VAL F 11 -28.80 -82.56 -14.82
N GLN F 12 -27.92 -82.16 -15.72
CA GLN F 12 -26.49 -82.21 -15.47
C GLN F 12 -26.07 -81.11 -14.50
N PRO F 13 -24.96 -81.30 -13.77
CA PRO F 13 -24.39 -80.19 -12.99
C PRO F 13 -23.94 -79.06 -13.89
N GLY F 14 -24.13 -77.83 -13.42
CA GLY F 14 -23.82 -76.64 -14.20
C GLY F 14 -25.00 -76.01 -14.90
N GLY F 15 -26.21 -76.51 -14.67
CA GLY F 15 -27.41 -75.96 -15.28
C GLY F 15 -28.39 -75.41 -14.25
N SER F 16 -29.49 -74.88 -14.77
CA SER F 16 -30.53 -74.26 -13.97
C SER F 16 -31.81 -75.07 -14.06
N LEU F 17 -32.39 -75.40 -12.91
CA LEU F 17 -33.59 -76.21 -12.82
C LEU F 17 -34.68 -75.46 -12.06
N ARG F 18 -35.89 -75.46 -12.59
CA ARG F 18 -37.02 -74.74 -12.02
C ARG F 18 -38.00 -75.72 -11.39
N LEU F 19 -38.44 -75.42 -10.16
CA LEU F 19 -39.44 -76.23 -9.47
C LEU F 19 -40.50 -75.32 -8.87
N SER F 20 -41.74 -75.79 -8.89
CA SER F 20 -42.89 -75.05 -8.37
C SER F 20 -43.43 -75.76 -7.13
N CYS F 21 -43.57 -74.98 -6.06
CA CYS F 21 -44.11 -75.44 -4.77
C CYS F 21 -45.48 -74.81 -4.59
N ALA F 22 -46.55 -75.58 -4.77
CA ALA F 22 -47.90 -75.04 -4.76
C ALA F 22 -48.75 -75.81 -3.76
N ALA F 23 -49.33 -75.10 -2.81
CA ALA F 23 -50.17 -75.70 -1.79
C ALA F 23 -51.63 -75.28 -2.00
N SER F 24 -52.54 -76.09 -1.47
CA SER F 24 -53.97 -75.86 -1.60
C SER F 24 -54.58 -75.65 -0.23
N GLY F 25 -55.43 -74.64 -0.11
CA GLY F 25 -56.10 -74.33 1.14
C GLY F 25 -55.36 -73.32 2.00
N ILE F 26 -54.16 -73.68 2.45
CA ILE F 26 -53.35 -72.79 3.28
C ILE F 26 -52.75 -71.70 2.40
N THR F 27 -52.89 -70.45 2.82
CA THR F 27 -52.26 -69.32 2.14
C THR F 27 -50.80 -69.25 2.58
N VAL F 28 -50.00 -70.15 2.00
CA VAL F 28 -48.61 -70.32 2.42
C VAL F 28 -47.71 -69.20 1.97
N SER F 29 -48.15 -68.36 1.02
CA SER F 29 -47.28 -67.34 0.44
C SER F 29 -46.98 -66.21 1.43
N ALA F 30 -47.77 -66.10 2.49
CA ALA F 30 -47.57 -65.10 3.53
C ALA F 30 -47.17 -65.76 4.85
N ASN F 31 -46.27 -66.74 4.77
CA ASN F 31 -45.84 -67.52 5.92
C ASN F 31 -44.32 -67.64 5.90
N TYR F 32 -43.75 -68.03 7.03
CA TYR F 32 -42.34 -68.40 7.09
C TYR F 32 -42.17 -69.74 6.39
N MET F 33 -41.64 -69.75 5.16
CA MET F 33 -41.47 -71.05 4.49
C MET F 33 -40.00 -71.39 4.31
N ASN F 34 -39.73 -72.69 4.20
CA ASN F 34 -38.38 -73.22 4.16
C ASN F 34 -38.21 -74.27 3.08
N TRP F 35 -36.95 -74.45 2.71
CA TRP F 35 -36.51 -75.37 1.67
C TRP F 35 -35.46 -76.31 2.26
N VAL F 36 -35.65 -77.61 2.05
CA VAL F 36 -34.85 -78.67 2.66
C VAL F 36 -34.40 -79.63 1.57
N ARG F 37 -33.14 -80.07 1.67
CA ARG F 37 -32.62 -81.14 0.81
C ARG F 37 -32.31 -82.36 1.67
N GLN F 38 -32.55 -83.55 1.11
CA GLN F 38 -32.38 -84.80 1.84
C GLN F 38 -31.61 -85.78 0.96
N ALA F 39 -30.32 -85.94 1.25
CA ALA F 39 -29.52 -86.89 0.50
C ALA F 39 -29.85 -88.33 0.93
N PRO F 40 -29.79 -89.29 -0.01
CA PRO F 40 -30.03 -90.69 0.36
C PRO F 40 -28.92 -91.22 1.27
N GLY F 41 -29.32 -91.79 2.40
CA GLY F 41 -28.36 -92.19 3.40
C GLY F 41 -27.91 -91.08 4.32
N LYS F 42 -28.57 -89.92 4.25
CA LYS F 42 -28.24 -88.77 5.07
C LYS F 42 -29.52 -88.23 5.70
N GLY F 43 -29.41 -87.81 6.95
CA GLY F 43 -30.57 -87.28 7.66
C GLY F 43 -31.00 -85.93 7.13
N LEU F 44 -32.17 -85.50 7.59
CA LEU F 44 -32.72 -84.21 7.16
C LEU F 44 -31.86 -83.08 7.68
N GLU F 45 -31.69 -82.05 6.85
CA GLU F 45 -30.80 -80.94 7.14
C GLU F 45 -31.37 -79.64 6.59
N TRP F 46 -31.24 -78.57 7.36
CA TRP F 46 -31.78 -77.28 6.96
C TRP F 46 -30.97 -76.68 5.83
N VAL F 47 -31.66 -76.09 4.85
CA VAL F 47 -30.99 -75.50 3.70
C VAL F 47 -31.32 -74.01 3.62
N SER F 48 -32.61 -73.67 3.50
CA SER F 48 -32.95 -72.27 3.27
C SER F 48 -34.23 -71.89 4.00
N LEU F 49 -34.29 -70.64 4.46
CA LEU F 49 -35.52 -69.99 4.88
C LEU F 49 -35.78 -68.80 3.98
N ILE F 50 -37.05 -68.60 3.63
CA ILE F 50 -37.52 -67.37 3.01
C ILE F 50 -38.83 -66.97 3.68
N TYR F 51 -38.99 -65.67 3.93
CA TYR F 51 -40.09 -65.17 4.72
C TYR F 51 -41.24 -64.71 3.82
N ALA F 52 -42.26 -64.13 4.44
CA ALA F 52 -43.23 -63.35 3.70
C ALA F 52 -42.60 -62.05 3.19
N GLY F 53 -41.68 -61.47 3.97
CA GLY F 53 -40.89 -60.35 3.51
C GLY F 53 -39.64 -60.80 2.78
N GLY F 54 -38.90 -59.81 2.28
CA GLY F 54 -37.70 -60.08 1.51
C GLY F 54 -36.48 -60.35 2.37
N SER F 55 -36.45 -61.47 3.07
CA SER F 55 -35.32 -61.86 3.91
C SER F 55 -34.86 -63.25 3.51
N THR F 56 -33.65 -63.33 2.96
CA THR F 56 -33.11 -64.57 2.41
C THR F 56 -32.13 -65.18 3.39
N PHE F 57 -32.38 -66.44 3.77
CA PHE F 57 -31.46 -67.22 4.58
C PHE F 57 -30.98 -68.42 3.78
N TYR F 58 -29.67 -68.62 3.74
CA TYR F 58 -29.07 -69.67 2.94
C TYR F 58 -28.04 -70.42 3.77
N ALA F 59 -27.81 -71.68 3.39
CA ALA F 59 -26.73 -72.46 3.98
C ALA F 59 -25.39 -72.06 3.38
N ASP F 60 -24.31 -72.51 4.01
CA ASP F 60 -22.97 -72.17 3.55
C ASP F 60 -22.63 -72.88 2.24
N SER F 61 -23.08 -74.12 2.08
CA SER F 61 -22.71 -74.90 0.91
C SER F 61 -23.45 -74.43 -0.34
N VAL F 62 -24.75 -74.15 -0.22
CA VAL F 62 -25.55 -73.79 -1.38
C VAL F 62 -25.19 -72.39 -1.87
N LYS F 63 -24.79 -71.51 -0.95
CA LYS F 63 -24.34 -70.12 -1.20
C LYS F 63 -25.47 -69.37 -1.91
N GLY F 64 -25.19 -68.55 -2.92
CA GLY F 64 -26.18 -67.78 -3.64
C GLY F 64 -26.72 -68.46 -4.87
N ARG F 65 -26.43 -69.75 -5.06
CA ARG F 65 -26.91 -70.47 -6.23
C ARG F 65 -28.43 -70.64 -6.19
N PHE F 66 -29.00 -70.80 -5.00
CA PHE F 66 -30.43 -71.03 -4.86
C PHE F 66 -31.20 -69.73 -5.04
N THR F 67 -32.34 -69.81 -5.74
CA THR F 67 -33.18 -68.64 -5.97
C THR F 67 -34.62 -69.00 -5.64
N ILE F 68 -35.32 -68.09 -4.97
CA ILE F 68 -36.70 -68.32 -4.56
C ILE F 68 -37.51 -67.05 -4.82
N SER F 69 -38.73 -67.24 -5.29
CA SER F 69 -39.67 -66.14 -5.50
C SER F 69 -41.09 -66.64 -5.26
N ARG F 70 -41.97 -65.74 -4.86
CA ARG F 70 -43.34 -66.09 -4.51
C ARG F 70 -44.32 -65.44 -5.48
N HIS F 71 -45.29 -66.22 -5.94
CA HIS F 71 -46.35 -65.70 -6.81
C HIS F 71 -47.49 -65.15 -5.97
N ASN F 72 -48.13 -64.10 -6.48
CA ASN F 72 -49.20 -63.43 -5.74
C ASN F 72 -50.59 -63.95 -6.10
N SER F 73 -50.78 -64.47 -7.33
CA SER F 73 -52.09 -64.94 -7.73
C SER F 73 -52.51 -66.19 -6.98
N ASN F 74 -51.58 -67.14 -6.80
CA ASN F 74 -51.85 -68.39 -6.11
C ASN F 74 -50.81 -68.58 -5.00
N ASN F 75 -50.89 -69.72 -4.33
CA ASN F 75 -49.93 -70.10 -3.30
C ASN F 75 -48.76 -70.87 -3.93
N THR F 76 -48.14 -70.24 -4.93
CA THR F 76 -47.13 -70.89 -5.75
C THR F 76 -45.77 -70.25 -5.51
N LEU F 77 -44.75 -71.08 -5.37
CA LEU F 77 -43.37 -70.65 -5.17
C LEU F 77 -42.54 -71.15 -6.34
N TYR F 78 -41.85 -70.24 -7.02
CA TYR F 78 -40.93 -70.58 -8.09
C TYR F 78 -39.50 -70.59 -7.55
N LEU F 79 -38.79 -71.70 -7.70
CA LEU F 79 -37.45 -71.80 -7.18
C LEU F 79 -36.51 -72.37 -8.23
N GLN F 80 -35.31 -71.81 -8.29
CA GLN F 80 -34.34 -72.07 -9.35
C GLN F 80 -33.02 -72.50 -8.75
N MET F 81 -32.47 -73.59 -9.28
CA MET F 81 -31.10 -74.01 -8.96
C MET F 81 -30.17 -73.63 -10.11
N ASN F 82 -29.06 -73.00 -9.78
CA ASN F 82 -28.12 -72.49 -10.76
C ASN F 82 -26.74 -73.07 -10.49
N SER F 83 -26.09 -73.56 -11.54
CA SER F 83 -24.73 -74.13 -11.48
C SER F 83 -24.65 -75.28 -10.46
N LEU F 84 -25.36 -76.34 -10.80
CA LEU F 84 -25.49 -77.49 -9.91
C LEU F 84 -24.14 -78.19 -9.73
N ARG F 85 -24.04 -78.94 -8.63
CA ARG F 85 -22.83 -79.60 -8.19
C ARG F 85 -23.12 -81.07 -7.90
N PRO F 86 -22.11 -81.95 -8.01
CA PRO F 86 -22.34 -83.37 -7.71
C PRO F 86 -22.65 -83.66 -6.25
N GLU F 87 -22.42 -82.71 -5.35
CA GLU F 87 -22.73 -82.89 -3.94
C GLU F 87 -24.19 -82.61 -3.61
N ASP F 88 -25.01 -82.26 -4.60
CA ASP F 88 -26.40 -81.90 -4.39
C ASP F 88 -27.37 -82.98 -4.84
N THR F 89 -26.93 -84.24 -4.90
CA THR F 89 -27.83 -85.33 -5.23
C THR F 89 -28.75 -85.61 -4.05
N ALA F 90 -29.96 -85.07 -4.08
CA ALA F 90 -30.85 -85.15 -2.92
C ALA F 90 -32.30 -85.00 -3.36
N MET F 91 -33.19 -85.50 -2.50
CA MET F 91 -34.62 -85.30 -2.65
C MET F 91 -35.03 -83.94 -2.10
N TYR F 92 -36.03 -83.33 -2.74
CA TYR F 92 -36.47 -81.98 -2.42
C TYR F 92 -37.62 -82.00 -1.43
N TYR F 93 -37.57 -81.10 -0.45
CA TYR F 93 -38.63 -80.87 0.52
C TYR F 93 -38.96 -79.39 0.56
N CYS F 94 -40.23 -79.05 0.39
CA CYS F 94 -40.70 -77.67 0.50
C CYS F 94 -41.73 -77.62 1.61
N ALA F 95 -41.58 -76.68 2.54
CA ALA F 95 -42.50 -76.65 3.67
C ALA F 95 -42.71 -75.20 4.11
N ARG F 96 -43.65 -75.02 5.05
CA ARG F 96 -43.98 -73.72 5.61
C ARG F 96 -43.67 -73.68 7.10
N ASP F 97 -42.52 -74.23 7.49
CA ASP F 97 -42.18 -74.44 8.90
C ASP F 97 -42.02 -73.12 9.66
N LEU F 98 -42.97 -72.82 10.53
CA LEU F 98 -43.01 -71.58 11.29
C LEU F 98 -42.51 -71.83 12.72
N LEU F 99 -42.56 -70.77 13.52
CA LEU F 99 -42.06 -70.83 14.89
C LEU F 99 -43.09 -71.33 15.89
N GLU F 100 -44.36 -71.43 15.50
CA GLU F 100 -45.38 -72.00 16.39
C GLU F 100 -45.25 -73.51 16.49
N ALA F 101 -45.42 -74.20 15.37
CA ALA F 101 -45.30 -75.65 15.32
C ALA F 101 -44.35 -76.15 14.25
N GLY F 102 -44.28 -75.48 13.11
CA GLY F 102 -43.50 -75.99 11.99
C GLY F 102 -44.06 -77.28 11.43
N GLY F 103 -45.38 -77.35 11.27
CA GLY F 103 -46.06 -78.59 10.98
C GLY F 103 -46.44 -78.77 9.51
N MET F 104 -47.04 -79.93 9.24
CA MET F 104 -47.59 -80.32 7.94
C MET F 104 -46.51 -80.26 6.85
N ASP F 105 -45.53 -81.16 7.01
CA ASP F 105 -44.48 -81.32 6.03
C ASP F 105 -45.00 -82.04 4.78
N VAL F 106 -44.18 -82.03 3.73
CA VAL F 106 -44.59 -82.43 2.40
C VAL F 106 -43.74 -83.61 1.95
N TRP F 107 -44.35 -84.51 1.16
CA TRP F 107 -43.64 -85.65 0.60
C TRP F 107 -42.48 -85.20 -0.29
N GLY F 108 -42.75 -84.26 -1.19
CA GLY F 108 -41.70 -83.68 -2.01
C GLY F 108 -41.31 -84.49 -3.23
N GLN F 109 -40.96 -83.78 -4.31
CA GLN F 109 -40.53 -84.44 -5.54
C GLN F 109 -39.16 -85.09 -5.34
N GLY F 110 -39.04 -86.35 -5.77
CA GLY F 110 -37.81 -87.09 -5.63
C GLY F 110 -36.98 -87.04 -6.91
N THR F 111 -35.76 -86.53 -6.77
CA THR F 111 -34.86 -86.37 -7.91
C THR F 111 -33.48 -86.92 -7.53
N ALA F 112 -32.65 -87.08 -8.56
CA ALA F 112 -31.25 -87.48 -8.37
C ALA F 112 -30.39 -86.66 -9.32
N VAL F 113 -29.23 -86.23 -8.84
CA VAL F 113 -28.33 -85.35 -9.60
C VAL F 113 -27.09 -86.15 -9.98
N THR F 114 -26.83 -86.24 -11.28
CA THR F 114 -25.65 -86.91 -11.79
C THR F 114 -25.32 -86.33 -13.16
N VAL F 115 -24.07 -86.52 -13.58
CA VAL F 115 -23.61 -86.02 -14.87
C VAL F 115 -24.19 -86.89 -15.99
N GLU G 1 -24.42 -75.40 14.95
CA GLU G 1 -24.60 -74.70 16.21
C GLU G 1 -24.86 -75.68 17.35
N LEU G 2 -26.11 -76.09 17.50
CA LEU G 2 -26.47 -77.04 18.55
C LEU G 2 -25.96 -78.43 18.21
N VAL G 3 -25.41 -79.11 19.22
CA VAL G 3 -25.00 -80.51 19.10
C VAL G 3 -26.06 -81.36 19.79
N LEU G 4 -26.45 -82.46 19.14
CA LEU G 4 -27.55 -83.30 19.58
C LEU G 4 -27.11 -84.76 19.55
N THR G 5 -27.44 -85.50 20.61
CA THR G 5 -27.15 -86.92 20.67
C THR G 5 -28.43 -87.70 20.88
N GLN G 6 -28.68 -88.68 20.01
CA GLN G 6 -29.86 -89.54 20.09
C GLN G 6 -29.39 -90.99 20.06
N SER G 7 -29.65 -91.72 21.14
CA SER G 7 -29.21 -93.09 21.34
C SER G 7 -30.43 -94.01 21.46
N PRO G 8 -30.28 -95.32 21.16
CA PRO G 8 -29.14 -96.11 20.69
C PRO G 8 -29.07 -96.28 19.18
N GLY G 9 -28.24 -97.22 18.73
CA GLY G 9 -28.17 -97.51 17.29
C GLY G 9 -29.45 -98.15 16.76
N THR G 10 -29.93 -99.17 17.46
CA THR G 10 -31.16 -99.87 17.07
C THR G 10 -32.06 -100.03 18.28
N LEU G 11 -33.37 -100.02 18.03
CA LEU G 11 -34.36 -100.15 19.09
C LEU G 11 -34.69 -101.62 19.36
N SER G 12 -35.54 -101.83 20.36
CA SER G 12 -35.98 -103.15 20.79
C SER G 12 -37.50 -103.19 20.90
N LEU G 13 -38.17 -102.78 19.82
CA LEU G 13 -39.61 -102.66 19.82
C LEU G 13 -40.31 -104.00 20.01
N SER G 14 -41.32 -103.99 20.86
CA SER G 14 -42.27 -105.08 21.06
C SER G 14 -43.58 -104.44 21.52
N PRO G 15 -44.68 -104.67 20.81
CA PRO G 15 -45.91 -103.94 21.10
C PRO G 15 -46.48 -104.28 22.47
N GLY G 16 -47.08 -103.28 23.11
CA GLY G 16 -47.62 -103.45 24.45
C GLY G 16 -46.65 -103.17 25.58
N GLU G 17 -45.56 -102.44 25.33
CA GLU G 17 -44.57 -102.15 26.34
C GLU G 17 -44.28 -100.66 26.39
N ARG G 18 -43.68 -100.23 27.51
CA ARG G 18 -43.29 -98.84 27.70
C ARG G 18 -41.88 -98.63 27.17
N ALA G 19 -41.71 -97.60 26.34
CA ALA G 19 -40.41 -97.30 25.75
C ALA G 19 -40.01 -95.87 26.09
N THR G 20 -38.70 -95.64 26.14
CA THR G 20 -38.13 -94.34 26.51
C THR G 20 -37.13 -93.92 25.44
N LEU G 21 -37.46 -92.85 24.71
CA LEU G 21 -36.57 -92.30 23.70
C LEU G 21 -36.11 -90.93 24.15
N SER G 22 -34.80 -90.75 24.30
CA SER G 22 -34.24 -89.52 24.83
C SER G 22 -33.25 -88.92 23.84
N CYS G 23 -33.29 -87.60 23.71
CA CYS G 23 -32.32 -86.87 22.90
C CYS G 23 -31.74 -85.74 23.74
N ARG G 24 -30.42 -85.55 23.65
CA ARG G 24 -29.70 -84.62 24.50
C ARG G 24 -29.18 -83.45 23.68
N ALA G 25 -29.38 -82.24 24.21
CA ALA G 25 -29.10 -81.00 23.52
C ALA G 25 -27.68 -80.51 23.84
N SER G 26 -27.38 -79.27 23.49
CA SER G 26 -26.00 -78.79 23.52
C SER G 26 -25.62 -78.08 24.82
N LEU G 27 -26.24 -76.93 25.09
CA LEU G 27 -25.88 -76.10 26.26
C LEU G 27 -27.16 -75.67 26.98
N SER G 28 -27.69 -76.56 27.81
CA SER G 28 -28.84 -76.29 28.69
C SER G 28 -30.03 -75.71 27.94
N VAL G 29 -30.25 -76.21 26.72
CA VAL G 29 -31.14 -75.55 25.77
C VAL G 29 -32.60 -75.66 26.24
N SER G 30 -33.39 -74.64 25.90
CA SER G 30 -34.80 -74.59 26.28
C SER G 30 -35.62 -75.54 25.41
N SER G 31 -36.94 -75.55 25.64
CA SER G 31 -37.82 -76.49 24.97
C SER G 31 -39.09 -75.87 24.39
N ASN G 32 -39.34 -74.58 24.60
CA ASN G 32 -40.56 -73.97 24.06
C ASN G 32 -40.49 -73.80 22.54
N PHE G 33 -39.30 -73.86 21.96
CA PHE G 33 -39.13 -73.84 20.51
C PHE G 33 -38.72 -75.21 19.97
N LEU G 34 -38.69 -76.24 20.80
CA LEU G 34 -38.32 -77.57 20.37
C LEU G 34 -39.51 -78.28 19.74
N ALA G 35 -39.25 -79.01 18.66
CA ALA G 35 -40.28 -79.72 17.92
C ALA G 35 -39.85 -81.15 17.68
N TRP G 36 -40.68 -82.10 18.08
CA TRP G 36 -40.52 -83.51 17.72
C TRP G 36 -41.35 -83.80 16.47
N TYR G 37 -40.79 -84.58 15.56
CA TYR G 37 -41.63 -85.10 14.49
C TYR G 37 -41.20 -86.51 14.11
N GLN G 38 -42.20 -87.35 13.83
CA GLN G 38 -42.00 -88.66 13.25
C GLN G 38 -41.55 -88.50 11.79
N GLN G 39 -40.89 -89.53 11.27
CA GLN G 39 -40.39 -89.50 9.91
C GLN G 39 -40.20 -90.93 9.42
N LYS G 40 -40.82 -91.27 8.31
CA LYS G 40 -40.58 -92.52 7.61
C LYS G 40 -40.15 -92.18 6.18
N PRO G 41 -38.98 -92.61 5.73
CA PRO G 41 -38.47 -92.14 4.44
C PRO G 41 -39.28 -92.66 3.26
N GLY G 42 -39.55 -91.76 2.31
CA GLY G 42 -40.30 -92.09 1.10
C GLY G 42 -41.54 -91.26 0.90
N GLN G 43 -42.17 -90.78 1.97
CA GLN G 43 -43.43 -90.03 1.87
C GLN G 43 -43.38 -88.87 2.86
N ALA G 44 -44.54 -88.26 3.09
CA ALA G 44 -44.67 -87.12 4.00
C ALA G 44 -44.60 -87.56 5.46
N PRO G 45 -43.87 -86.83 6.31
CA PRO G 45 -43.73 -87.24 7.71
C PRO G 45 -44.84 -86.71 8.60
N ARG G 46 -44.77 -87.00 9.91
CA ARG G 46 -45.79 -86.65 10.88
C ARG G 46 -45.18 -85.87 12.04
N LEU G 47 -45.95 -84.93 12.58
CA LEU G 47 -45.52 -84.09 13.69
C LEU G 47 -46.02 -84.64 15.02
N LEU G 48 -45.29 -84.34 16.10
CA LEU G 48 -45.61 -84.89 17.42
C LEU G 48 -45.96 -83.82 18.45
N VAL G 49 -45.11 -82.80 18.63
CA VAL G 49 -45.32 -81.82 19.70
C VAL G 49 -44.86 -80.46 19.20
N TYR G 50 -45.47 -79.41 19.74
CA TYR G 50 -45.00 -78.04 19.60
C TYR G 50 -44.89 -77.41 20.97
N GLY G 51 -43.74 -76.81 21.27
CA GLY G 51 -43.52 -76.16 22.55
C GLY G 51 -43.20 -77.08 23.71
N ALA G 52 -43.13 -78.40 23.48
CA ALA G 52 -42.81 -79.44 24.44
C ALA G 52 -43.79 -79.51 25.61
N SER G 53 -44.93 -78.83 25.52
CA SER G 53 -45.95 -78.86 26.56
C SER G 53 -47.24 -79.50 26.06
N SER G 54 -47.78 -79.01 24.96
CA SER G 54 -48.96 -79.58 24.34
C SER G 54 -48.58 -80.24 23.02
N ARG G 55 -48.95 -81.51 22.87
CA ARG G 55 -48.57 -82.26 21.69
C ARG G 55 -49.35 -81.78 20.47
N ALA G 56 -48.85 -82.15 19.28
CA ALA G 56 -49.49 -81.79 18.04
C ALA G 56 -50.73 -82.65 17.82
N THR G 57 -51.50 -82.29 16.79
CA THR G 57 -52.77 -82.95 16.50
C THR G 57 -52.52 -84.29 15.81
N ASP G 58 -53.60 -84.98 15.44
CA ASP G 58 -53.62 -86.29 14.77
C ASP G 58 -52.95 -87.39 15.60
N ILE G 59 -52.75 -87.16 16.90
CA ILE G 59 -52.19 -88.15 17.81
C ILE G 59 -53.07 -88.18 19.05
N PRO G 60 -53.35 -89.36 19.63
CA PRO G 60 -54.09 -89.39 20.91
C PRO G 60 -53.33 -88.78 22.09
N ASP G 61 -52.04 -88.52 21.93
CA ASP G 61 -51.21 -87.80 22.91
C ASP G 61 -51.10 -88.58 24.23
N ARG G 62 -50.79 -89.86 24.12
CA ARG G 62 -50.44 -90.69 25.27
C ARG G 62 -48.95 -90.69 25.56
N ILE G 63 -48.14 -90.10 24.67
CA ILE G 63 -46.70 -90.03 24.88
C ILE G 63 -46.40 -88.83 25.78
N SER G 64 -45.68 -89.08 26.88
CA SER G 64 -45.30 -88.02 27.81
C SER G 64 -43.87 -87.60 27.48
N GLY G 65 -43.73 -86.45 26.83
CA GLY G 65 -42.43 -85.98 26.42
C GLY G 65 -42.08 -84.61 26.96
N SER G 66 -40.98 -84.51 27.69
CA SER G 66 -40.57 -83.25 28.31
C SER G 66 -39.09 -83.34 28.67
N GLY G 67 -38.63 -82.35 29.41
CA GLY G 67 -37.25 -82.32 29.88
C GLY G 67 -36.82 -80.91 30.18
N SER G 68 -35.58 -80.81 30.64
CA SER G 68 -34.97 -79.52 30.97
C SER G 68 -33.46 -79.63 30.81
N GLY G 69 -32.84 -78.47 30.64
CA GLY G 69 -31.39 -78.40 30.50
C GLY G 69 -30.93 -79.12 29.24
N THR G 70 -30.02 -80.07 29.42
CA THR G 70 -29.55 -80.92 28.33
C THR G 70 -30.27 -82.26 28.30
N ASP G 71 -31.29 -82.45 29.13
CA ASP G 71 -31.94 -83.76 29.31
C ASP G 71 -33.37 -83.66 28.80
N PHE G 72 -33.64 -84.24 27.63
CA PHE G 72 -34.97 -84.29 27.05
C PHE G 72 -35.31 -85.71 26.68
N THR G 73 -36.55 -86.13 26.96
CA THR G 73 -36.95 -87.50 26.71
C THR G 73 -38.45 -87.54 26.45
N LEU G 74 -38.90 -88.69 25.94
CA LEU G 74 -40.30 -89.01 25.81
C LEU G 74 -40.50 -90.47 26.21
N ASN G 75 -41.53 -90.72 27.02
CA ASN G 75 -41.93 -92.05 27.41
C ASN G 75 -43.27 -92.37 26.76
N ILE G 76 -43.32 -93.47 26.03
CA ILE G 76 -44.55 -93.95 25.42
C ILE G 76 -45.02 -95.20 26.17
N SER G 77 -46.26 -95.16 26.66
CA SER G 77 -46.78 -96.24 27.49
C SER G 77 -47.28 -97.40 26.65
N ARG G 78 -48.12 -97.10 25.66
CA ARG G 78 -48.73 -98.12 24.81
C ARG G 78 -48.17 -97.99 23.40
N LEU G 79 -47.65 -99.10 22.87
CA LEU G 79 -47.06 -99.11 21.54
C LEU G 79 -48.07 -99.58 20.51
N GLU G 80 -47.96 -99.03 19.31
CA GLU G 80 -48.85 -99.34 18.20
C GLU G 80 -48.01 -99.74 16.99
N PRO G 81 -48.57 -100.57 16.10
CA PRO G 81 -47.81 -100.96 14.89
C PRO G 81 -47.64 -99.84 13.88
N GLU G 82 -48.27 -98.68 14.08
CA GLU G 82 -48.10 -97.53 13.20
C GLU G 82 -46.94 -96.64 13.60
N ASP G 83 -46.18 -97.01 14.63
CA ASP G 83 -45.08 -96.21 15.14
C ASP G 83 -43.72 -96.64 14.58
N PHE G 84 -43.70 -97.41 13.48
CA PHE G 84 -42.46 -97.93 12.92
C PHE G 84 -41.79 -96.86 12.04
N ALA G 85 -41.29 -95.82 12.70
CA ALA G 85 -40.62 -94.72 12.02
C ALA G 85 -39.72 -93.99 13.02
N VAL G 86 -38.77 -93.22 12.50
CA VAL G 86 -37.73 -92.59 13.30
C VAL G 86 -38.17 -91.19 13.73
N TYR G 87 -37.92 -90.85 14.99
CA TYR G 87 -38.38 -89.60 15.58
C TYR G 87 -37.22 -88.63 15.75
N TYR G 88 -37.45 -87.37 15.43
CA TYR G 88 -36.44 -86.32 15.52
C TYR G 88 -36.89 -85.22 16.47
N CYS G 89 -35.92 -84.62 17.16
CA CYS G 89 -36.14 -83.45 18.00
C CYS G 89 -35.25 -82.32 17.49
N GLN G 90 -35.85 -81.14 17.29
CA GLN G 90 -35.13 -79.99 16.75
C GLN G 90 -35.42 -78.75 17.58
N TYR G 91 -34.54 -77.76 17.45
CA TYR G 91 -34.69 -76.48 18.12
C TYR G 91 -34.42 -75.37 17.11
N SER G 92 -35.21 -74.30 17.19
CA SER G 92 -35.14 -73.21 16.22
C SER G 92 -34.98 -71.88 16.94
N ASP G 93 -34.01 -71.09 16.47
CA ASP G 93 -33.80 -69.73 16.97
C ASP G 93 -34.17 -68.66 15.96
N GLY G 94 -34.43 -69.03 14.69
CA GLY G 94 -34.67 -68.08 13.64
C GLY G 94 -33.42 -67.63 12.92
N SER G 95 -32.28 -67.57 13.61
CA SER G 95 -31.00 -67.25 12.98
C SER G 95 -30.01 -68.41 12.99
N SER G 96 -30.24 -69.43 13.81
CA SER G 96 -29.43 -70.64 13.81
C SER G 96 -30.35 -71.85 13.81
N TRP G 97 -29.91 -72.91 13.15
CA TRP G 97 -30.73 -74.09 12.94
C TRP G 97 -29.92 -75.34 13.25
N THR G 98 -30.62 -76.40 13.66
CA THR G 98 -29.97 -77.65 14.01
C THR G 98 -30.85 -78.83 13.61
N PHE G 99 -30.22 -79.97 13.44
CA PHE G 99 -30.88 -81.22 13.10
C PHE G 99 -30.11 -82.37 13.73
N GLY G 100 -30.77 -83.52 13.81
CA GLY G 100 -30.16 -84.68 14.43
C GLY G 100 -30.53 -86.00 13.77
N GLN G 101 -29.55 -86.87 13.59
CA GLN G 101 -29.78 -88.20 13.05
C GLN G 101 -30.38 -89.08 14.13
N GLY G 102 -31.65 -89.46 13.94
CA GLY G 102 -32.38 -90.17 14.96
C GLY G 102 -32.01 -91.64 15.06
N THR G 103 -32.76 -92.34 15.90
CA THR G 103 -32.53 -93.75 16.19
C THR G 103 -33.58 -94.60 15.47
N ARG G 104 -33.12 -95.59 14.72
CA ARG G 104 -34.03 -96.41 13.92
C ARG G 104 -34.84 -97.33 14.83
N LEU G 105 -36.16 -97.33 14.65
CA LEU G 105 -37.07 -98.15 15.46
C LEU G 105 -37.38 -99.44 14.71
N GLU G 106 -36.70 -100.52 15.10
CA GLU G 106 -37.06 -101.87 14.69
C GLU G 106 -36.88 -102.78 15.89
N ILE G 107 -36.92 -104.10 15.66
CA ILE G 107 -36.76 -105.07 16.73
C ILE G 107 -35.27 -105.31 17.02
N VAL H 1 -42.40 -26.71 -73.05
CA VAL H 1 -43.67 -26.57 -73.75
C VAL H 1 -44.79 -27.23 -72.92
N GLN H 2 -44.42 -28.24 -72.14
CA GLN H 2 -45.39 -28.97 -71.33
C GLN H 2 -44.67 -29.55 -70.11
N LEU H 3 -45.45 -29.86 -69.08
CA LEU H 3 -44.92 -30.27 -67.79
C LEU H 3 -45.54 -31.61 -67.39
N VAL H 4 -44.76 -32.40 -66.64
CA VAL H 4 -45.18 -33.70 -66.16
C VAL H 4 -44.86 -33.81 -64.68
N GLN H 5 -45.73 -34.50 -63.95
CA GLN H 5 -45.52 -34.87 -62.55
C GLN H 5 -45.24 -36.35 -62.46
N SER H 6 -44.15 -36.71 -61.78
CA SER H 6 -43.73 -38.10 -61.63
C SER H 6 -43.47 -38.41 -60.16
N GLY H 7 -44.04 -39.51 -59.67
CA GLY H 7 -43.80 -39.92 -58.31
C GLY H 7 -45.05 -40.01 -57.46
N GLY H 8 -46.22 -39.95 -58.09
CA GLY H 8 -47.46 -40.06 -57.36
C GLY H 8 -47.86 -41.50 -57.10
N GLY H 9 -48.60 -41.71 -56.02
CA GLY H 9 -49.08 -43.03 -55.67
C GLY H 9 -49.98 -43.04 -54.46
N LEU H 10 -50.01 -44.17 -53.74
CA LEU H 10 -50.84 -44.32 -52.55
C LEU H 10 -49.93 -44.75 -51.42
N VAL H 11 -49.93 -43.97 -50.33
CA VAL H 11 -49.13 -44.25 -49.15
C VAL H 11 -50.02 -44.02 -47.93
N GLN H 12 -49.67 -44.68 -46.83
CA GLN H 12 -50.37 -44.46 -45.58
C GLN H 12 -50.10 -43.04 -45.07
N PRO H 13 -51.04 -42.44 -44.34
CA PRO H 13 -50.80 -41.11 -43.77
C PRO H 13 -49.64 -41.13 -42.79
N GLY H 14 -48.85 -40.05 -42.81
CA GLY H 14 -47.67 -39.95 -41.98
C GLY H 14 -46.36 -40.24 -42.68
N GLY H 15 -46.40 -40.83 -43.87
CA GLY H 15 -45.20 -41.21 -44.57
C GLY H 15 -44.59 -40.05 -45.35
N SER H 16 -43.43 -40.33 -45.94
CA SER H 16 -42.69 -39.35 -46.74
C SER H 16 -42.94 -39.61 -48.22
N LEU H 17 -43.39 -38.59 -48.93
CA LEU H 17 -43.71 -38.72 -50.35
C LEU H 17 -42.90 -37.71 -51.16
N ARG H 18 -42.36 -38.15 -52.29
CA ARG H 18 -41.58 -37.28 -53.17
C ARG H 18 -42.25 -37.21 -54.53
N LEU H 19 -42.43 -36.00 -55.04
CA LEU H 19 -42.99 -35.78 -56.37
C LEU H 19 -42.07 -34.84 -57.15
N SER H 20 -41.95 -35.10 -58.44
CA SER H 20 -41.12 -34.31 -59.35
C SER H 20 -42.04 -33.62 -60.34
N CYS H 21 -42.07 -32.29 -60.29
CA CYS H 21 -42.88 -31.45 -61.14
C CYS H 21 -41.92 -30.77 -62.13
N ALA H 22 -41.81 -31.30 -63.34
CA ALA H 22 -40.75 -30.91 -64.25
C ALA H 22 -41.30 -30.66 -65.64
N ALA H 23 -40.91 -29.54 -66.24
CA ALA H 23 -41.33 -29.17 -67.58
C ALA H 23 -40.23 -29.46 -68.58
N SER H 24 -40.57 -29.33 -69.86
CA SER H 24 -39.64 -29.53 -70.95
C SER H 24 -39.33 -28.19 -71.62
N GLY H 25 -38.05 -27.83 -71.64
CA GLY H 25 -37.60 -26.62 -72.31
C GLY H 25 -37.74 -25.35 -71.50
N ILE H 26 -38.87 -25.18 -70.83
CA ILE H 26 -39.15 -23.94 -70.10
C ILE H 26 -38.35 -23.91 -68.81
N THR H 27 -37.66 -22.79 -68.58
CA THR H 27 -36.87 -22.59 -67.36
C THR H 27 -37.82 -22.30 -66.21
N VAL H 28 -38.18 -23.36 -65.48
CA VAL H 28 -39.09 -23.23 -64.34
C VAL H 28 -38.35 -22.97 -63.02
N SER H 29 -37.02 -23.03 -63.03
CA SER H 29 -36.26 -22.76 -61.81
C SER H 29 -36.22 -21.27 -61.49
N ALA H 30 -36.30 -20.41 -62.50
CA ALA H 30 -36.26 -18.97 -62.33
C ALA H 30 -37.63 -18.31 -62.34
N ASN H 31 -38.70 -19.10 -62.26
CA ASN H 31 -40.06 -18.59 -62.30
C ASN H 31 -40.80 -19.00 -61.04
N TYR H 32 -41.71 -18.13 -60.60
CA TYR H 32 -42.52 -18.43 -59.41
C TYR H 32 -43.47 -19.58 -59.72
N MET H 33 -43.60 -20.48 -58.75
CA MET H 33 -44.24 -21.78 -58.98
C MET H 33 -45.26 -22.02 -57.87
N ASN H 34 -46.51 -22.29 -58.24
CA ASN H 34 -47.58 -22.44 -57.27
C ASN H 34 -48.08 -23.88 -57.23
N TRP H 35 -48.54 -24.27 -56.04
CA TRP H 35 -49.01 -25.62 -55.72
C TRP H 35 -50.44 -25.49 -55.21
N VAL H 36 -51.39 -26.04 -55.97
CA VAL H 36 -52.82 -25.89 -55.72
C VAL H 36 -53.44 -27.27 -55.58
N ARG H 37 -54.22 -27.45 -54.52
CA ARG H 37 -54.95 -28.69 -54.32
C ARG H 37 -56.38 -28.55 -54.83
N GLN H 38 -56.94 -29.68 -55.26
CA GLN H 38 -58.31 -29.75 -55.77
C GLN H 38 -59.07 -30.78 -54.94
N ALA H 39 -59.84 -30.30 -53.96
CA ALA H 39 -60.63 -31.18 -53.11
C ALA H 39 -61.87 -31.67 -53.83
N PRO H 40 -62.31 -32.91 -53.58
CA PRO H 40 -63.54 -33.40 -54.20
C PRO H 40 -64.77 -32.71 -53.61
N GLY H 41 -65.68 -32.33 -54.50
CA GLY H 41 -66.87 -31.61 -54.07
C GLY H 41 -66.61 -30.22 -53.57
N LYS H 42 -65.50 -29.61 -53.98
CA LYS H 42 -65.09 -28.30 -53.50
C LYS H 42 -64.33 -27.58 -54.60
N GLY H 43 -64.40 -26.26 -54.58
CA GLY H 43 -63.64 -25.45 -55.51
C GLY H 43 -62.15 -25.48 -55.19
N LEU H 44 -61.37 -24.96 -56.14
CA LEU H 44 -59.92 -25.01 -56.00
C LEU H 44 -59.44 -23.93 -55.04
N GLU H 45 -58.43 -24.27 -54.24
CA GLU H 45 -57.92 -23.39 -53.22
C GLU H 45 -56.40 -23.42 -53.23
N TRP H 46 -55.80 -22.23 -53.05
CA TRP H 46 -54.35 -22.10 -53.08
C TRP H 46 -53.72 -22.68 -51.82
N VAL H 47 -52.57 -23.34 -51.99
CA VAL H 47 -51.85 -23.90 -50.85
C VAL H 47 -50.46 -23.29 -50.75
N SER H 48 -49.64 -23.44 -51.79
CA SER H 48 -48.23 -23.10 -51.66
C SER H 48 -47.75 -22.23 -52.81
N LEU H 49 -46.77 -21.38 -52.50
CA LEU H 49 -46.03 -20.60 -53.47
C LEU H 49 -44.55 -20.76 -53.18
N ILE H 50 -43.74 -20.89 -54.23
CA ILE H 50 -42.28 -20.83 -54.10
C ILE H 50 -41.75 -19.85 -55.13
N TYR H 51 -40.91 -18.92 -54.68
CA TYR H 51 -40.33 -17.91 -55.55
C TYR H 51 -38.90 -18.30 -55.92
N ALA H 52 -38.29 -17.49 -56.79
CA ALA H 52 -36.91 -17.74 -57.18
C ALA H 52 -35.95 -17.47 -56.02
N GLY H 53 -36.22 -16.43 -55.24
CA GLY H 53 -35.37 -16.06 -54.13
C GLY H 53 -35.71 -16.84 -52.87
N GLY H 54 -35.09 -16.43 -51.77
CA GLY H 54 -35.30 -17.08 -50.50
C GLY H 54 -36.59 -16.68 -49.81
N SER H 55 -37.72 -17.07 -50.40
CA SER H 55 -39.04 -16.76 -49.84
C SER H 55 -39.89 -18.01 -49.94
N THR H 56 -40.42 -18.47 -48.80
CA THR H 56 -41.26 -19.66 -48.73
C THR H 56 -42.63 -19.25 -48.20
N PHE H 57 -43.67 -19.52 -48.99
CA PHE H 57 -45.05 -19.23 -48.60
C PHE H 57 -45.83 -20.52 -48.57
N TYR H 58 -46.60 -20.73 -47.50
CA TYR H 58 -47.37 -21.94 -47.31
C TYR H 58 -48.78 -21.60 -46.84
N ALA H 59 -49.62 -22.63 -46.74
CA ALA H 59 -50.99 -22.46 -46.30
C ALA H 59 -51.07 -22.43 -44.77
N ASP H 60 -52.26 -22.11 -44.26
CA ASP H 60 -52.43 -21.91 -42.83
C ASP H 60 -52.78 -23.22 -42.11
N SER H 61 -53.66 -24.03 -42.70
CA SER H 61 -54.16 -25.23 -42.03
C SER H 61 -53.18 -26.39 -42.06
N VAL H 62 -52.13 -26.32 -42.88
CA VAL H 62 -51.13 -27.37 -42.98
C VAL H 62 -49.74 -26.89 -42.59
N LYS H 63 -49.39 -25.66 -42.95
CA LYS H 63 -48.17 -24.96 -42.54
C LYS H 63 -46.89 -25.69 -42.91
N GLY H 64 -46.30 -26.44 -41.97
CA GLY H 64 -44.95 -26.93 -42.13
C GLY H 64 -44.80 -28.40 -42.51
N ARG H 65 -45.84 -28.98 -43.10
CA ARG H 65 -45.81 -30.39 -43.48
C ARG H 65 -45.21 -30.62 -44.86
N PHE H 66 -44.74 -29.57 -45.55
CA PHE H 66 -44.30 -29.68 -46.92
C PHE H 66 -42.88 -29.14 -47.07
N THR H 67 -42.15 -29.72 -48.02
CA THR H 67 -40.80 -29.29 -48.34
C THR H 67 -40.70 -29.04 -49.84
N ILE H 68 -40.01 -27.98 -50.23
CA ILE H 68 -39.92 -27.59 -51.63
C ILE H 68 -38.46 -27.35 -51.98
N SER H 69 -38.07 -27.74 -53.20
CA SER H 69 -36.71 -27.48 -53.67
C SER H 69 -36.72 -27.51 -55.20
N ARG H 70 -35.79 -26.77 -55.80
CA ARG H 70 -35.66 -26.71 -57.25
C ARG H 70 -34.26 -27.13 -57.66
N HIS H 71 -34.19 -27.94 -58.72
CA HIS H 71 -32.92 -28.48 -59.19
C HIS H 71 -32.07 -27.40 -59.85
N ASN H 72 -30.77 -27.65 -59.91
CA ASN H 72 -29.80 -26.69 -60.40
C ASN H 72 -29.50 -26.84 -61.89
N SER H 73 -29.25 -28.06 -62.35
CA SER H 73 -28.90 -28.28 -63.75
C SER H 73 -30.09 -28.65 -64.62
N ASN H 74 -31.21 -29.08 -64.04
CA ASN H 74 -32.40 -29.43 -64.78
C ASN H 74 -33.59 -28.65 -64.24
N ASN H 75 -34.59 -28.45 -65.11
CA ASN H 75 -35.82 -27.75 -64.73
C ASN H 75 -36.77 -28.75 -64.08
N THR H 76 -36.53 -29.01 -62.80
CA THR H 76 -37.28 -30.00 -62.05
C THR H 76 -37.60 -29.45 -60.66
N LEU H 77 -38.81 -29.73 -60.19
CA LEU H 77 -39.25 -29.34 -58.85
C LEU H 77 -39.35 -30.60 -58.00
N TYR H 78 -38.58 -30.65 -56.92
CA TYR H 78 -38.66 -31.75 -55.97
C TYR H 78 -39.48 -31.29 -54.77
N LEU H 79 -40.63 -31.92 -54.54
CA LEU H 79 -41.51 -31.52 -53.46
C LEU H 79 -41.86 -32.74 -52.61
N GLN H 80 -41.87 -32.53 -51.29
CA GLN H 80 -41.89 -33.61 -50.31
C GLN H 80 -43.07 -33.42 -49.36
N MET H 81 -43.96 -34.41 -49.33
CA MET H 81 -44.96 -34.55 -48.29
C MET H 81 -44.31 -35.17 -47.06
N ASN H 82 -44.41 -34.48 -45.92
CA ASN H 82 -43.97 -34.99 -44.62
C ASN H 82 -45.17 -35.04 -43.69
N SER H 83 -45.37 -36.20 -43.07
CA SER H 83 -46.45 -36.46 -42.11
C SER H 83 -47.83 -36.19 -42.73
N LEU H 84 -48.17 -37.01 -43.72
CA LEU H 84 -49.45 -36.87 -44.42
C LEU H 84 -50.61 -37.26 -43.51
N ARG H 85 -51.80 -36.80 -43.88
CA ARG H 85 -53.03 -37.04 -43.15
C ARG H 85 -54.09 -37.59 -44.10
N PRO H 86 -55.04 -38.38 -43.60
CA PRO H 86 -56.08 -38.93 -44.49
C PRO H 86 -57.02 -37.89 -45.07
N GLU H 87 -57.08 -36.68 -44.51
CA GLU H 87 -57.93 -35.64 -45.05
C GLU H 87 -57.40 -35.03 -46.33
N ASP H 88 -56.19 -35.39 -46.75
CA ASP H 88 -55.57 -34.86 -47.95
C ASP H 88 -55.91 -35.64 -49.21
N THR H 89 -57.05 -36.34 -49.22
CA THR H 89 -57.49 -37.07 -50.41
C THR H 89 -58.00 -36.10 -51.47
N ALA H 90 -57.11 -35.62 -52.33
CA ALA H 90 -57.45 -34.58 -53.28
C ALA H 90 -56.58 -34.73 -54.52
N MET H 91 -56.67 -33.76 -55.43
CA MET H 91 -55.90 -33.75 -56.66
C MET H 91 -54.77 -32.72 -56.57
N TYR H 92 -53.63 -33.07 -57.16
CA TYR H 92 -52.42 -32.28 -57.08
C TYR H 92 -52.24 -31.44 -58.34
N TYR H 93 -51.96 -30.14 -58.18
CA TYR H 93 -51.67 -29.27 -59.31
C TYR H 93 -50.42 -28.46 -59.00
N CYS H 94 -49.48 -28.41 -59.94
CA CYS H 94 -48.35 -27.49 -59.87
C CYS H 94 -48.28 -26.71 -61.18
N ALA H 95 -47.99 -25.42 -61.08
CA ALA H 95 -47.97 -24.58 -62.27
C ALA H 95 -46.95 -23.47 -62.13
N ARG H 96 -46.55 -22.91 -63.26
CA ARG H 96 -45.53 -21.86 -63.31
C ARG H 96 -46.13 -20.45 -63.25
N ASP H 97 -47.30 -20.33 -62.61
CA ASP H 97 -48.10 -19.10 -62.62
C ASP H 97 -47.38 -17.90 -62.03
N LEU H 98 -47.13 -16.90 -62.88
CA LEU H 98 -46.47 -15.67 -62.47
C LEU H 98 -47.50 -14.57 -62.21
N LEU H 99 -47.02 -13.39 -61.82
CA LEU H 99 -47.91 -12.28 -61.50
C LEU H 99 -48.41 -11.54 -62.73
N GLU H 100 -47.92 -11.88 -63.93
CA GLU H 100 -48.38 -11.23 -65.15
C GLU H 100 -49.61 -11.92 -65.74
N ALA H 101 -49.50 -13.20 -66.04
CA ALA H 101 -50.62 -13.89 -66.67
C ALA H 101 -51.02 -15.17 -65.95
N GLY H 102 -50.05 -15.93 -65.44
CA GLY H 102 -50.35 -17.24 -64.86
C GLY H 102 -50.82 -18.24 -65.88
N GLY H 103 -50.15 -18.31 -67.03
CA GLY H 103 -50.59 -19.15 -68.13
C GLY H 103 -50.01 -20.56 -68.08
N MET H 104 -50.50 -21.38 -69.02
CA MET H 104 -50.02 -22.74 -69.28
C MET H 104 -50.13 -23.63 -68.04
N ASP H 105 -51.39 -23.85 -67.64
CA ASP H 105 -51.67 -24.70 -66.50
C ASP H 105 -51.38 -26.17 -66.83
N VAL H 106 -51.23 -26.97 -65.78
CA VAL H 106 -50.77 -28.35 -65.89
C VAL H 106 -51.87 -29.26 -65.34
N TRP H 107 -52.00 -30.45 -65.93
CA TRP H 107 -52.97 -31.44 -65.47
C TRP H 107 -52.68 -31.89 -64.05
N GLY H 108 -51.45 -32.31 -63.78
CA GLY H 108 -51.10 -32.77 -62.44
C GLY H 108 -51.52 -34.20 -62.16
N GLN H 109 -50.69 -34.93 -61.41
CA GLN H 109 -50.97 -36.34 -61.14
C GLN H 109 -52.14 -36.48 -60.17
N GLY H 110 -53.09 -37.34 -60.53
CA GLY H 110 -54.21 -37.62 -59.64
C GLY H 110 -53.81 -38.63 -58.58
N THR H 111 -54.09 -38.30 -57.33
CA THR H 111 -53.64 -39.10 -56.19
C THR H 111 -54.79 -39.32 -55.22
N ALA H 112 -54.70 -40.41 -54.45
CA ALA H 112 -55.62 -40.70 -53.37
C ALA H 112 -54.81 -41.14 -52.16
N VAL H 113 -55.10 -40.55 -51.00
CA VAL H 113 -54.39 -40.83 -49.76
C VAL H 113 -55.36 -41.48 -48.79
N THR H 114 -54.99 -42.67 -48.30
CA THR H 114 -55.82 -43.42 -47.36
C THR H 114 -54.92 -44.36 -46.57
N VAL H 115 -55.49 -44.98 -45.55
CA VAL H 115 -54.76 -45.93 -44.72
C VAL H 115 -54.73 -47.29 -45.41
N GLU I 1 -60.73 -11.86 -44.75
CA GLU I 1 -60.63 -10.50 -45.27
C GLU I 1 -61.49 -10.31 -46.52
N LEU I 2 -61.28 -11.17 -47.52
CA LEU I 2 -62.00 -11.07 -48.78
C LEU I 2 -62.90 -12.28 -48.96
N VAL I 3 -64.16 -12.02 -49.30
CA VAL I 3 -65.11 -13.06 -49.71
C VAL I 3 -65.49 -12.79 -51.16
N LEU I 4 -65.54 -13.84 -51.96
CA LEU I 4 -65.77 -13.73 -53.40
C LEU I 4 -67.01 -14.54 -53.76
N THR I 5 -67.99 -13.88 -54.39
CA THR I 5 -69.28 -14.50 -54.70
C THR I 5 -69.39 -14.72 -56.21
N GLN I 6 -69.83 -15.92 -56.58
CA GLN I 6 -70.04 -16.28 -57.99
C GLN I 6 -71.40 -16.95 -58.12
N SER I 7 -72.29 -16.33 -58.86
CA SER I 7 -73.69 -16.74 -59.02
C SER I 7 -74.06 -16.64 -60.49
N PRO I 8 -75.09 -17.40 -60.95
CA PRO I 8 -75.98 -18.35 -60.28
C PRO I 8 -75.38 -19.75 -60.13
N GLY I 9 -75.94 -20.55 -59.22
CA GLY I 9 -75.41 -21.89 -59.02
C GLY I 9 -75.61 -22.81 -60.20
N THR I 10 -76.80 -22.79 -60.79
CA THR I 10 -77.14 -23.63 -61.93
C THR I 10 -77.39 -22.77 -63.16
N LEU I 11 -76.67 -23.05 -64.24
CA LEU I 11 -76.81 -22.33 -65.50
C LEU I 11 -77.59 -23.17 -66.51
N SER I 12 -78.13 -22.49 -67.51
CA SER I 12 -78.98 -23.09 -68.53
C SER I 12 -78.53 -22.63 -69.92
N LEU I 13 -77.24 -22.78 -70.20
CA LEU I 13 -76.67 -22.28 -71.45
C LEU I 13 -77.20 -23.06 -72.65
N SER I 14 -77.13 -22.40 -73.80
CA SER I 14 -77.44 -22.94 -75.11
C SER I 14 -76.54 -22.17 -76.06
N PRO I 15 -75.95 -22.83 -77.06
CA PRO I 15 -75.02 -22.13 -77.95
C PRO I 15 -75.73 -21.10 -78.83
N GLY I 16 -75.00 -20.03 -79.15
CA GLY I 16 -75.52 -18.99 -80.01
C GLY I 16 -76.25 -17.88 -79.31
N GLU I 17 -76.09 -17.72 -78.00
CA GLU I 17 -76.75 -16.68 -77.23
C GLU I 17 -75.73 -15.83 -76.50
N ARG I 18 -76.15 -14.62 -76.13
CA ARG I 18 -75.31 -13.73 -75.34
C ARG I 18 -75.44 -14.12 -73.87
N ALA I 19 -74.30 -14.34 -73.22
CA ALA I 19 -74.28 -14.72 -71.81
C ALA I 19 -73.51 -13.69 -71.00
N THR I 20 -73.96 -13.47 -69.76
CA THR I 20 -73.32 -12.54 -68.86
C THR I 20 -72.99 -13.26 -67.56
N LEU I 21 -71.71 -13.21 -67.17
CA LEU I 21 -71.25 -13.83 -65.93
C LEU I 21 -70.55 -12.78 -65.08
N SER I 22 -71.04 -12.57 -63.86
CA SER I 22 -70.52 -11.54 -62.98
C SER I 22 -70.03 -12.19 -61.69
N CYS I 23 -68.79 -11.89 -61.30
CA CYS I 23 -68.23 -12.37 -60.05
C CYS I 23 -67.86 -11.17 -59.19
N ARG I 24 -68.30 -11.18 -57.94
CA ARG I 24 -68.23 -10.01 -57.08
C ARG I 24 -67.19 -10.22 -55.98
N ALA I 25 -66.40 -9.18 -55.74
CA ALA I 25 -65.37 -9.20 -54.71
C ALA I 25 -65.96 -8.72 -53.38
N SER I 26 -65.10 -8.52 -52.38
CA SER I 26 -65.57 -8.17 -51.05
C SER I 26 -65.58 -6.66 -50.81
N LEU I 27 -64.41 -6.02 -50.89
CA LEU I 27 -64.27 -4.60 -50.54
C LEU I 27 -63.60 -3.85 -51.69
N SER I 28 -64.42 -3.49 -52.70
CA SER I 28 -64.08 -2.49 -53.72
C SER I 28 -62.77 -2.80 -54.46
N VAL I 29 -62.53 -4.09 -54.74
CA VAL I 29 -61.24 -4.53 -55.24
C VAL I 29 -61.01 -4.03 -56.67
N SER I 30 -59.76 -3.72 -57.01
CA SER I 30 -59.41 -3.30 -58.36
C SER I 30 -59.36 -4.52 -59.29
N SER I 31 -59.01 -4.29 -60.56
CA SER I 31 -59.03 -5.33 -61.58
C SER I 31 -57.72 -5.45 -62.35
N ASN I 32 -56.61 -4.93 -61.81
CA ASN I 32 -55.36 -4.95 -62.55
C ASN I 32 -54.76 -6.36 -62.62
N PHE I 33 -54.77 -7.11 -61.52
CA PHE I 33 -54.24 -8.47 -61.53
C PHE I 33 -55.31 -9.55 -61.62
N LEU I 34 -56.57 -9.18 -61.87
CA LEU I 34 -57.63 -10.18 -61.93
C LEU I 34 -57.51 -11.01 -63.21
N ALA I 35 -57.60 -12.33 -63.05
CA ALA I 35 -57.44 -13.25 -64.16
C ALA I 35 -58.59 -14.24 -64.18
N TRP I 36 -59.25 -14.37 -65.32
CA TRP I 36 -60.23 -15.42 -65.54
C TRP I 36 -59.54 -16.60 -66.21
N TYR I 37 -59.97 -17.81 -65.85
CA TYR I 37 -59.47 -18.99 -66.54
C TYR I 37 -60.49 -20.13 -66.46
N GLN I 38 -60.57 -20.89 -67.55
CA GLN I 38 -61.52 -21.98 -67.71
C GLN I 38 -60.94 -23.28 -67.13
N GLN I 39 -61.82 -24.21 -66.79
CA GLN I 39 -61.40 -25.53 -66.34
C GLN I 39 -62.55 -26.51 -66.58
N LYS I 40 -62.21 -27.72 -67.00
CA LYS I 40 -63.08 -28.86 -66.94
C LYS I 40 -62.39 -29.93 -66.11
N PRO I 41 -63.08 -30.53 -65.13
CA PRO I 41 -62.41 -31.48 -64.23
C PRO I 41 -61.96 -32.75 -64.96
N GLY I 42 -60.79 -33.24 -64.57
CA GLY I 42 -60.22 -34.46 -65.12
C GLY I 42 -58.98 -34.25 -65.98
N GLN I 43 -58.77 -33.04 -66.50
CA GLN I 43 -57.63 -32.76 -67.37
C GLN I 43 -57.04 -31.42 -66.95
N ALA I 44 -56.12 -30.91 -67.78
CA ALA I 44 -55.49 -29.62 -67.56
C ALA I 44 -56.45 -28.48 -67.89
N PRO I 45 -56.46 -27.42 -67.09
CA PRO I 45 -57.31 -26.26 -67.38
C PRO I 45 -56.66 -25.30 -68.37
N ARG I 46 -57.47 -24.36 -68.85
CA ARG I 46 -57.07 -23.40 -69.87
C ARG I 46 -57.20 -21.99 -69.33
N LEU I 47 -56.61 -21.03 -70.06
CA LEU I 47 -56.58 -19.64 -69.64
C LEU I 47 -57.53 -18.80 -70.49
N LEU I 48 -58.17 -17.81 -69.87
CA LEU I 48 -59.08 -16.92 -70.55
C LEU I 48 -58.48 -15.55 -70.80
N VAL I 49 -58.02 -14.88 -69.75
CA VAL I 49 -57.57 -13.49 -69.87
C VAL I 49 -56.57 -13.21 -68.76
N TYR I 50 -55.65 -12.29 -69.02
CA TYR I 50 -54.75 -11.76 -68.01
C TYR I 50 -55.08 -10.29 -67.78
N GLY I 51 -55.24 -9.90 -66.52
CA GLY I 51 -55.52 -8.52 -66.17
C GLY I 51 -56.92 -8.04 -66.48
N ALA I 52 -57.77 -8.90 -67.07
CA ALA I 52 -59.15 -8.56 -67.48
C ALA I 52 -59.20 -7.36 -68.43
N SER I 53 -58.14 -7.16 -69.21
CA SER I 53 -58.07 -6.03 -70.14
C SER I 53 -57.99 -6.49 -71.59
N SER I 54 -57.02 -7.34 -71.93
CA SER I 54 -56.87 -7.87 -73.28
C SER I 54 -56.82 -9.39 -73.20
N ARG I 55 -57.60 -10.05 -74.06
CA ARG I 55 -57.68 -11.51 -74.03
C ARG I 55 -56.37 -12.12 -74.53
N ALA I 56 -56.02 -13.27 -73.96
CA ALA I 56 -54.80 -13.97 -74.30
C ALA I 56 -54.99 -14.78 -75.58
N THR I 57 -54.04 -15.67 -75.87
CA THR I 57 -54.08 -16.48 -77.07
C THR I 57 -55.04 -17.65 -76.88
N ASP I 58 -55.10 -18.50 -77.92
CA ASP I 58 -55.92 -19.72 -78.02
C ASP I 58 -57.42 -19.47 -78.03
N ILE I 59 -57.86 -18.21 -78.03
CA ILE I 59 -59.27 -17.84 -78.03
C ILE I 59 -59.51 -16.88 -79.20
N PRO I 60 -60.68 -16.90 -79.83
CA PRO I 60 -61.00 -15.87 -80.83
C PRO I 60 -61.20 -14.48 -80.25
N ASP I 61 -61.15 -14.29 -78.93
CA ASP I 61 -61.22 -13.01 -78.25
C ASP I 61 -62.54 -12.28 -78.54
N ARG I 62 -63.64 -12.89 -78.08
CA ARG I 62 -64.96 -12.29 -78.19
C ARG I 62 -65.59 -11.95 -76.84
N ILE I 63 -64.98 -12.33 -75.73
CA ILE I 63 -65.52 -12.05 -74.41
C ILE I 63 -65.08 -10.66 -73.98
N SER I 64 -66.05 -9.79 -73.69
CA SER I 64 -65.76 -8.47 -73.15
C SER I 64 -65.95 -8.56 -71.63
N GLY I 65 -64.85 -8.74 -70.92
CA GLY I 65 -64.90 -8.92 -69.48
C GLY I 65 -64.05 -7.92 -68.73
N SER I 66 -64.67 -7.12 -67.87
CA SER I 66 -63.97 -6.08 -67.14
C SER I 66 -64.81 -5.66 -65.94
N GLY I 67 -64.38 -4.61 -65.28
CA GLY I 67 -65.10 -4.08 -64.14
C GLY I 67 -64.14 -3.44 -63.15
N SER I 68 -64.71 -2.96 -62.06
CA SER I 68 -63.95 -2.36 -60.98
C SER I 68 -64.78 -2.43 -59.70
N GLY I 69 -64.12 -2.20 -58.58
CA GLY I 69 -64.80 -2.20 -57.29
C GLY I 69 -65.34 -3.58 -56.95
N THR I 70 -66.61 -3.64 -56.59
CA THR I 70 -67.28 -4.91 -56.37
C THR I 70 -67.99 -5.41 -57.62
N ASP I 71 -67.82 -4.73 -58.75
CA ASP I 71 -68.56 -5.04 -59.98
C ASP I 71 -67.58 -5.55 -61.03
N PHE I 72 -67.49 -6.87 -61.17
CA PHE I 72 -66.74 -7.50 -62.25
C PHE I 72 -67.68 -8.37 -63.06
N THR I 73 -67.72 -8.14 -64.37
CA THR I 73 -68.63 -8.90 -65.22
C THR I 73 -67.94 -9.24 -66.53
N LEU I 74 -68.55 -10.16 -67.26
CA LEU I 74 -68.11 -10.53 -68.60
C LEU I 74 -69.33 -10.79 -69.46
N ASN I 75 -69.31 -10.26 -70.67
CA ASN I 75 -70.32 -10.50 -71.68
C ASN I 75 -69.68 -11.28 -72.82
N ILE I 76 -70.15 -12.52 -73.03
CA ILE I 76 -69.75 -13.32 -74.17
C ILE I 76 -70.91 -13.31 -75.15
N SER I 77 -70.73 -12.60 -76.27
CA SER I 77 -71.83 -12.42 -77.22
C SER I 77 -72.10 -13.70 -78.01
N ARG I 78 -71.04 -14.42 -78.39
CA ARG I 78 -71.17 -15.63 -79.19
C ARG I 78 -70.66 -16.82 -78.39
N LEU I 79 -71.54 -17.79 -78.15
CA LEU I 79 -71.23 -18.96 -77.35
C LEU I 79 -71.01 -20.19 -78.24
N GLU I 80 -70.28 -21.15 -77.71
CA GLU I 80 -69.99 -22.41 -78.38
C GLU I 80 -70.21 -23.55 -77.40
N PRO I 81 -70.65 -24.72 -77.87
CA PRO I 81 -70.95 -25.83 -76.95
C PRO I 81 -69.72 -26.44 -76.29
N GLU I 82 -68.51 -26.12 -76.75
CA GLU I 82 -67.31 -26.66 -76.10
C GLU I 82 -67.06 -26.01 -74.74
N ASP I 83 -67.58 -24.79 -74.53
CA ASP I 83 -67.28 -24.01 -73.34
C ASP I 83 -68.23 -24.29 -72.18
N PHE I 84 -68.86 -25.47 -72.15
CA PHE I 84 -69.73 -25.88 -71.04
C PHE I 84 -68.85 -26.43 -69.93
N ALA I 85 -68.19 -25.51 -69.22
CA ALA I 85 -67.19 -25.85 -68.22
C ALA I 85 -67.36 -24.89 -67.05
N VAL I 86 -66.35 -24.83 -66.18
CA VAL I 86 -66.40 -23.98 -64.99
C VAL I 86 -65.30 -22.92 -65.09
N TYR I 87 -65.68 -21.66 -64.89
CA TYR I 87 -64.74 -20.56 -64.95
C TYR I 87 -64.37 -20.08 -63.55
N TYR I 88 -63.14 -19.62 -63.39
CA TYR I 88 -62.64 -19.11 -62.12
C TYR I 88 -62.07 -17.71 -62.33
N CYS I 89 -62.47 -16.77 -61.48
CA CYS I 89 -61.89 -15.42 -61.46
C CYS I 89 -61.03 -15.30 -60.20
N GLN I 90 -59.77 -14.92 -60.39
CA GLN I 90 -58.80 -14.81 -59.31
C GLN I 90 -58.22 -13.40 -59.25
N TYR I 91 -57.69 -13.05 -58.08
CA TYR I 91 -57.01 -11.78 -57.91
C TYR I 91 -55.84 -11.98 -56.96
N SER I 92 -54.76 -11.24 -57.21
CA SER I 92 -53.54 -11.33 -56.41
C SER I 92 -53.12 -9.94 -55.98
N ASP I 93 -52.63 -9.84 -54.74
CA ASP I 93 -52.13 -8.58 -54.20
C ASP I 93 -50.62 -8.51 -54.13
N GLY I 94 -49.93 -9.65 -54.06
CA GLY I 94 -48.54 -9.72 -53.71
C GLY I 94 -48.31 -10.17 -52.29
N SER I 95 -49.33 -10.07 -51.43
CA SER I 95 -49.29 -10.60 -50.08
C SER I 95 -50.50 -11.44 -49.73
N SER I 96 -51.59 -11.36 -50.49
CA SER I 96 -52.78 -12.15 -50.26
C SER I 96 -53.26 -12.73 -51.59
N TRP I 97 -53.60 -14.02 -51.58
CA TRP I 97 -54.09 -14.71 -52.76
C TRP I 97 -55.39 -15.43 -52.42
N THR I 98 -56.40 -15.24 -53.27
CA THR I 98 -57.71 -15.82 -53.06
C THR I 98 -58.21 -16.43 -54.37
N PHE I 99 -59.18 -17.33 -54.24
CA PHE I 99 -59.77 -18.03 -55.38
C PHE I 99 -61.27 -17.80 -55.39
N GLY I 100 -61.95 -18.49 -56.31
CA GLY I 100 -63.40 -18.39 -56.41
C GLY I 100 -64.05 -19.72 -56.73
N GLN I 101 -65.01 -20.13 -55.91
CA GLN I 101 -65.73 -21.39 -56.13
C GLN I 101 -66.61 -21.24 -57.35
N GLY I 102 -66.20 -21.83 -58.46
CA GLY I 102 -66.86 -21.62 -59.73
C GLY I 102 -68.23 -22.27 -59.81
N THR I 103 -69.07 -21.65 -60.61
CA THR I 103 -70.43 -22.15 -60.86
C THR I 103 -70.41 -23.19 -61.97
N ARG I 104 -71.31 -24.15 -61.87
CA ARG I 104 -71.42 -25.20 -62.88
C ARG I 104 -72.32 -24.73 -64.01
N LEU I 105 -71.79 -24.76 -65.24
CA LEU I 105 -72.53 -24.30 -66.41
C LEU I 105 -72.96 -25.52 -67.22
N GLU I 106 -74.26 -25.75 -67.29
CA GLU I 106 -74.81 -26.87 -68.03
C GLU I 106 -76.08 -26.38 -68.73
N ILE I 107 -76.89 -27.31 -69.22
CA ILE I 107 -78.13 -26.98 -69.91
C ILE I 107 -79.25 -26.73 -68.89
#